data_4NEE
#
_entry.id   4NEE
#
_cell.length_a   109.558
_cell.length_b   168.034
_cell.length_c   200.204
_cell.angle_alpha   90.00
_cell.angle_beta   90.00
_cell.angle_gamma   90.00
#
_symmetry.space_group_name_H-M   'P 21 21 21'
#
loop_
_entity.id
_entity.type
_entity.pdbx_description
1 polymer 'AP-2 complex subunit sigma'
2 polymer 'AP-2 complex subunit alpha-2'
3 polymer 'Protein Nef'
#
loop_
_entity_poly.entity_id
_entity_poly.type
_entity_poly.pdbx_seq_one_letter_code
_entity_poly.pdbx_strand_id
1 'polypeptide(L)'
;MIRFILIQNRAGKTRLAKWYMQFDDDEKQKLIEEVHAVVTVRDAKHTNFVEFRNFKIIYRRYAGLYFCICVDVNDNNLAY
LEAIHNFVEVLNEYFHNVCELDLVFNFYKVYTVVDEMFLAGEIRETSQTKVLKQLLMLQSLE
;
D,L,F,I
2 'polypeptide(L)'
;GAMPAVSKGEGMRGLAVFISDIRNCKSKEAEIKRINKELANIRSKFKGDKALDGYSKKKYVCKLLFIFLLGHDIDFGHME
AVNLLSSNRYTEKQIGYLFISVLVNSNSELIRLINNAIKNDLASRNPTFMGLALHCIANVGSREMAEAFAGEIPKILVAG
DTMDSVKQSAALCLLRLYRTSPDLVPMGDWTSRVVHLLNDQHLGVVTAATSLITTLAQKNPEEFKTSVSLAVSRLSRIVT
SASTDLQDYTYYFVPAPWLSVKLLRLLQCYPPPEDPAVRGRLTECLETILNKAQEPPKSKKVQHSNAKNAVLFEAISLII
HHDSEPNLLVRACNQLGQFLQHRETNLRYLALESMCTLASSEFSHEAVKTHIETVINALKTERDVSVRQRAVDLLYAM
;
G,B,J,A
3 'polypeptide(L)'
;G(UNK)(UNK)(UNK)(UNK)(UNK)(UNK)(UNK)(UNK)(UNK)(UNK)(UNK)(UNK)(UNK)EEEVGFPVTPQVPL
RPMTYKAAVDLSHFLKEKGGLEGLIHSQRRQDILDLWIYHTQGYFPDWQNYTPGPGVRYPLTFGWCYKLVPVEPDKVEEA
NKGENTSLLHPVSLHGMDDPEREVLEWRFDSRLAFHHVARELHPEYF
;
E,H,K,C
#
# COMPACT_ATOMS: atom_id res chain seq x y z
N MET A 1 -19.35 22.45 -13.57
CA MET A 1 -18.54 21.76 -14.55
C MET A 1 -17.16 21.54 -13.99
N ILE A 2 -16.34 20.77 -14.69
CA ILE A 2 -14.96 20.61 -14.30
C ILE A 2 -14.17 21.73 -14.91
N ARG A 3 -13.57 22.58 -14.10
CA ARG A 3 -12.78 23.65 -14.63
C ARG A 3 -11.45 23.16 -15.20
N PHE A 4 -10.80 22.25 -14.50
CA PHE A 4 -9.59 21.62 -15.01
C PHE A 4 -9.20 20.37 -14.23
N ILE A 5 -8.61 19.42 -14.94
CA ILE A 5 -8.08 18.18 -14.38
C ILE A 5 -6.60 18.32 -14.20
N LEU A 6 -6.06 17.91 -13.06
CA LEU A 6 -4.62 17.98 -12.86
C LEU A 6 -4.02 16.68 -12.39
N ILE A 7 -2.97 16.22 -13.06
CA ILE A 7 -2.21 15.13 -12.49
C ILE A 7 -0.80 15.60 -12.19
N GLN A 8 -0.45 15.62 -10.92
CA GLN A 8 0.79 16.20 -10.45
C GLN A 8 1.49 15.27 -9.50
N ASN A 9 2.80 15.12 -9.62
CA ASN A 9 3.52 14.28 -8.68
C ASN A 9 3.90 15.07 -7.46
N ARG A 10 4.40 14.42 -6.43
CA ARG A 10 4.73 15.12 -5.21
C ARG A 10 5.78 16.17 -5.44
N ALA A 11 6.71 15.89 -6.33
CA ALA A 11 7.75 16.85 -6.62
C ALA A 11 7.19 18.12 -7.21
N GLY A 12 6.09 18.01 -7.94
CA GLY A 12 5.47 19.18 -8.55
C GLY A 12 5.55 19.16 -10.05
N LYS A 13 6.12 18.11 -10.62
CA LYS A 13 6.07 17.91 -12.06
C LYS A 13 4.65 17.55 -12.48
N THR A 14 4.21 18.12 -13.58
CA THR A 14 2.86 17.91 -14.05
C THR A 14 2.79 16.83 -15.08
N ARG A 15 2.18 15.72 -14.70
CA ARG A 15 2.07 14.55 -15.55
C ARG A 15 0.96 14.71 -16.59
N LEU A 16 -0.11 15.37 -16.21
CA LEU A 16 -1.21 15.66 -17.13
C LEU A 16 -1.92 16.93 -16.75
N ALA A 17 -2.50 17.62 -17.72
CA ALA A 17 -3.29 18.78 -17.41
C ALA A 17 -4.32 19.00 -18.50
N LYS A 18 -5.58 19.08 -18.11
CA LYS A 18 -6.64 19.34 -19.04
C LYS A 18 -7.40 20.59 -18.63
N TRP A 19 -7.55 21.55 -19.54
CA TRP A 19 -8.22 22.79 -19.21
C TRP A 19 -9.55 22.84 -19.93
N TYR A 20 -10.63 22.98 -19.18
CA TYR A 20 -11.95 22.98 -19.78
C TYR A 20 -12.55 24.37 -19.73
N MET A 21 -11.68 25.31 -19.39
CA MET A 21 -12.01 26.70 -19.27
C MET A 21 -10.85 27.53 -19.84
N GLN A 22 -11.08 28.78 -20.22
CA GLN A 22 -9.97 29.60 -20.71
C GLN A 22 -9.10 30.15 -19.60
N PHE A 23 -7.81 29.91 -19.71
CA PHE A 23 -6.84 30.48 -18.78
C PHE A 23 -5.66 30.95 -19.60
N ASP A 24 -5.05 32.07 -19.21
CA ASP A 24 -3.83 32.49 -19.88
C ASP A 24 -2.69 31.82 -19.14
N ASP A 25 -1.53 31.70 -19.78
CA ASP A 25 -0.40 31.00 -19.19
C ASP A 25 0.03 31.56 -17.85
N ASP A 26 -0.16 32.85 -17.65
CA ASP A 26 0.16 33.42 -16.36
C ASP A 26 -0.76 32.83 -15.30
N GLU A 27 -2.03 32.67 -15.64
CA GLU A 27 -3.01 32.12 -14.71
C GLU A 27 -2.77 30.64 -14.45
N LYS A 28 -2.50 29.89 -15.52
CA LYS A 28 -2.32 28.47 -15.39
C LYS A 28 -1.18 28.16 -14.46
N GLN A 29 -0.06 28.83 -14.66
CA GLN A 29 1.11 28.59 -13.84
C GLN A 29 0.80 28.96 -12.41
N LYS A 30 0.03 30.02 -12.20
CA LYS A 30 -0.27 30.36 -10.83
C LYS A 30 -1.11 29.25 -10.22
N LEU A 31 -2.05 28.73 -11.00
CA LEU A 31 -2.91 27.63 -10.55
C LEU A 31 -2.16 26.35 -10.25
N ILE A 32 -1.25 25.95 -11.14
CA ILE A 32 -0.52 24.72 -10.95
C ILE A 32 0.22 24.79 -9.65
N GLU A 33 0.87 25.92 -9.40
CA GLU A 33 1.63 26.12 -8.18
C GLU A 33 0.73 26.19 -6.98
N GLU A 34 -0.41 26.85 -7.15
CA GLU A 34 -1.36 27.02 -6.06
C GLU A 34 -1.93 25.67 -5.65
N VAL A 35 -2.26 24.85 -6.63
CA VAL A 35 -2.79 23.52 -6.36
C VAL A 35 -1.77 22.63 -5.68
N HIS A 36 -0.54 22.68 -6.11
CA HIS A 36 0.50 21.87 -5.51
C HIS A 36 0.69 22.21 -4.06
N ALA A 37 0.57 23.48 -3.73
CA ALA A 37 0.81 23.92 -2.37
C ALA A 37 -0.20 23.35 -1.44
N VAL A 38 -1.46 23.38 -1.85
CA VAL A 38 -2.52 22.90 -1.01
C VAL A 38 -2.51 21.40 -0.71
N VAL A 39 -2.28 20.58 -1.72
CA VAL A 39 -2.37 19.15 -1.53
C VAL A 39 -1.16 18.54 -0.82
N THR A 40 0.05 19.03 -1.07
CA THR A 40 1.21 18.41 -0.46
C THR A 40 1.22 18.68 1.02
N VAL A 41 0.86 19.88 1.40
CA VAL A 41 0.79 20.22 2.81
C VAL A 41 -0.36 19.48 3.49
N ARG A 42 -1.46 19.30 2.77
CA ARG A 42 -2.67 18.70 3.34
C ARG A 42 -2.51 17.21 3.60
N ASP A 43 -2.97 16.79 4.76
CA ASP A 43 -2.73 15.44 5.24
C ASP A 43 -3.93 14.48 5.08
N ALA A 44 -3.70 13.25 5.52
CA ALA A 44 -4.73 12.25 5.75
C ALA A 44 -5.85 12.78 6.62
N LYS A 45 -5.47 13.50 7.67
CA LYS A 45 -6.42 13.99 8.66
C LYS A 45 -7.52 14.76 7.96
N HIS A 46 -7.13 15.49 6.93
CA HIS A 46 -8.00 16.39 6.20
C HIS A 46 -8.97 15.62 5.29
N THR A 47 -10.06 16.26 4.90
CA THR A 47 -10.96 15.73 3.89
C THR A 47 -10.33 15.74 2.53
N ASN A 48 -10.91 15.01 1.60
CA ASN A 48 -10.44 15.03 0.23
C ASN A 48 -10.77 16.32 -0.54
N PHE A 49 -11.57 17.19 0.05
CA PHE A 49 -11.93 18.39 -0.68
C PHE A 49 -11.24 19.63 -0.14
N VAL A 50 -10.84 20.53 -1.04
CA VAL A 50 -10.31 21.83 -0.65
C VAL A 50 -11.10 22.93 -1.33
N GLU A 51 -11.50 23.94 -0.55
CA GLU A 51 -12.43 24.97 -0.99
C GLU A 51 -11.77 26.27 -1.47
N PHE A 52 -12.04 26.71 -2.69
CA PHE A 52 -11.56 28.02 -3.18
C PHE A 52 -12.70 29.03 -3.19
N ARG A 53 -12.37 30.32 -3.33
CA ARG A 53 -13.40 31.35 -3.39
C ARG A 53 -14.38 31.03 -4.50
N ASN A 54 -13.87 30.82 -5.70
CA ASN A 54 -14.71 30.47 -6.83
C ASN A 54 -14.85 29.00 -7.16
N PHE A 55 -13.90 28.18 -6.74
CA PHE A 55 -13.84 26.80 -7.23
C PHE A 55 -13.65 25.82 -6.11
N LYS A 56 -13.83 24.54 -6.42
CA LYS A 56 -13.60 23.50 -5.43
C LYS A 56 -12.66 22.46 -5.99
N ILE A 57 -11.81 21.91 -5.13
CA ILE A 57 -10.86 20.87 -5.54
C ILE A 57 -11.15 19.54 -4.93
N ILE A 58 -11.28 18.52 -5.77
CA ILE A 58 -11.43 17.19 -5.26
C ILE A 58 -10.14 16.52 -5.62
N TYR A 59 -9.44 15.91 -4.67
CA TYR A 59 -8.15 15.35 -5.00
C TYR A 59 -7.92 14.08 -4.27
N ARG A 60 -7.15 13.20 -4.88
CA ARG A 60 -6.78 11.97 -4.23
C ARG A 60 -5.36 11.60 -4.60
N ARG A 61 -4.65 10.95 -3.68
CA ARG A 61 -3.25 10.61 -3.87
C ARG A 61 -3.01 9.14 -4.03
N TYR A 62 -2.38 8.79 -5.15
CA TYR A 62 -1.96 7.43 -5.44
C TYR A 62 -0.47 7.45 -5.68
N ALA A 63 0.29 6.64 -4.96
CA ALA A 63 1.73 6.64 -5.10
C ALA A 63 2.29 8.03 -4.91
N GLY A 64 3.05 8.49 -5.88
CA GLY A 64 3.60 9.82 -5.84
C GLY A 64 2.77 10.87 -6.55
N LEU A 65 1.60 10.47 -7.04
CA LEU A 65 0.80 11.32 -7.88
C LEU A 65 -0.43 11.88 -7.21
N TYR A 66 -0.68 13.17 -7.35
CA TYR A 66 -1.91 13.76 -6.87
C TYR A 66 -2.86 13.97 -8.04
N PHE A 67 -4.04 13.40 -7.96
CA PHE A 67 -5.05 13.56 -9.00
C PHE A 67 -6.04 14.58 -8.55
N CYS A 68 -6.13 15.72 -9.23
CA CYS A 68 -6.99 16.79 -8.78
C CYS A 68 -8.00 17.18 -9.81
N ILE A 69 -9.27 17.20 -9.44
CA ILE A 69 -10.32 17.68 -10.31
C ILE A 69 -10.88 18.96 -9.73
N CYS A 70 -10.84 20.03 -10.48
CA CYS A 70 -11.35 21.30 -9.99
C CYS A 70 -12.73 21.61 -10.54
N VAL A 71 -13.68 21.82 -9.65
CA VAL A 71 -15.06 21.96 -10.06
C VAL A 71 -15.69 23.18 -9.45
N ASP A 72 -16.85 23.54 -9.95
CA ASP A 72 -17.64 24.61 -9.38
C ASP A 72 -18.14 24.21 -8.01
N VAL A 73 -18.54 25.18 -7.21
CA VAL A 73 -18.93 24.89 -5.84
C VAL A 73 -20.18 24.03 -5.68
N ASN A 74 -21.13 24.15 -6.59
CA ASN A 74 -22.34 23.35 -6.50
C ASN A 74 -22.15 21.90 -6.88
N ASP A 75 -21.03 21.58 -7.53
CA ASP A 75 -20.80 20.22 -8.03
C ASP A 75 -20.70 19.17 -6.94
N ASN A 76 -20.97 17.93 -7.30
CA ASN A 76 -21.04 16.81 -6.36
C ASN A 76 -19.70 16.34 -5.87
N ASN A 77 -19.38 16.58 -4.61
CA ASN A 77 -18.03 16.28 -4.11
C ASN A 77 -17.65 14.83 -4.21
N LEU A 78 -18.53 13.97 -3.71
CA LEU A 78 -18.27 12.55 -3.67
C LEU A 78 -18.19 11.91 -5.03
N ALA A 79 -19.02 12.36 -5.95
CA ALA A 79 -19.10 11.79 -7.27
C ALA A 79 -17.80 11.93 -8.00
N TYR A 80 -17.24 13.12 -7.93
CA TYR A 80 -15.98 13.40 -8.58
C TYR A 80 -14.85 12.73 -7.85
N LEU A 81 -14.98 12.58 -6.54
CA LEU A 81 -13.99 11.82 -5.82
C LEU A 81 -13.86 10.43 -6.37
N GLU A 82 -14.98 9.78 -6.61
CA GLU A 82 -14.93 8.42 -7.10
C GLU A 82 -14.63 8.34 -8.59
N ALA A 83 -14.94 9.41 -9.31
CA ALA A 83 -14.62 9.51 -10.71
C ALA A 83 -13.13 9.40 -10.92
N ILE A 84 -12.37 9.96 -9.99
CA ILE A 84 -10.93 9.86 -10.01
C ILE A 84 -10.48 8.41 -9.96
N HIS A 85 -11.08 7.62 -9.07
CA HIS A 85 -10.66 6.22 -8.91
C HIS A 85 -11.05 5.42 -10.12
N ASN A 86 -12.23 5.68 -10.64
CA ASN A 86 -12.71 5.03 -11.82
C ASN A 86 -11.70 5.27 -12.93
N PHE A 87 -11.22 6.49 -12.99
CA PHE A 87 -10.18 6.86 -13.95
C PHE A 87 -8.89 6.11 -13.69
N VAL A 88 -8.46 6.02 -12.44
CA VAL A 88 -7.22 5.35 -12.13
C VAL A 88 -7.31 3.90 -12.48
N GLU A 89 -8.46 3.31 -12.16
CA GLU A 89 -8.67 1.90 -12.42
C GLU A 89 -8.67 1.59 -13.90
N VAL A 90 -9.22 2.48 -14.71
CA VAL A 90 -9.17 2.31 -16.16
C VAL A 90 -7.74 2.38 -16.64
N LEU A 91 -6.98 3.33 -16.11
CA LEU A 91 -5.58 3.47 -16.43
C LEU A 91 -4.85 2.22 -15.99
N ASN A 92 -5.21 1.68 -14.84
CA ASN A 92 -4.56 0.48 -14.37
C ASN A 92 -4.72 -0.67 -15.27
N GLU A 93 -5.94 -0.83 -15.75
CA GLU A 93 -6.26 -1.93 -16.61
C GLU A 93 -5.57 -1.74 -17.95
N TYR A 94 -5.53 -0.51 -18.42
CA TYR A 94 -4.98 -0.17 -19.73
C TYR A 94 -3.48 -0.35 -19.87
N PHE A 95 -2.74 0.07 -18.87
CA PHE A 95 -1.30 0.03 -18.93
C PHE A 95 -0.79 -1.23 -18.28
N HIS A 96 -1.70 -1.98 -17.69
CA HIS A 96 -1.35 -3.18 -16.95
C HIS A 96 -0.40 -2.84 -15.84
N ASN A 97 -0.97 -2.68 -14.66
CA ASN A 97 -0.25 -2.28 -13.50
C ASN A 97 0.42 -0.94 -13.66
N VAL A 98 -0.41 0.08 -13.86
CA VAL A 98 0.02 1.43 -14.17
C VAL A 98 0.90 2.09 -13.14
N CYS A 99 1.88 2.86 -13.61
CA CYS A 99 2.74 3.61 -12.71
C CYS A 99 3.05 4.94 -13.33
N GLU A 100 3.65 5.82 -12.56
CA GLU A 100 3.89 7.18 -13.01
C GLU A 100 4.72 7.19 -14.25
N LEU A 101 5.65 6.28 -14.34
CA LEU A 101 6.53 6.23 -15.48
C LEU A 101 5.71 6.01 -16.73
N ASP A 102 4.71 5.16 -16.65
CA ASP A 102 3.86 4.86 -17.80
C ASP A 102 3.19 6.12 -18.30
N LEU A 103 2.82 6.98 -17.36
CA LEU A 103 2.16 8.21 -17.71
C LEU A 103 3.06 9.16 -18.46
N VAL A 104 4.37 9.09 -18.20
CA VAL A 104 5.36 9.89 -18.93
C VAL A 104 5.69 9.41 -20.32
N PHE A 105 6.01 8.13 -20.46
CA PHE A 105 6.36 7.54 -21.76
C PHE A 105 5.21 7.46 -22.75
N ASN A 106 4.01 7.24 -22.26
CA ASN A 106 2.85 7.09 -23.10
C ASN A 106 1.94 8.31 -23.00
N PHE A 107 2.54 9.47 -22.74
CA PHE A 107 1.76 10.67 -22.44
C PHE A 107 0.71 10.96 -23.49
N TYR A 108 1.02 10.73 -24.76
CA TYR A 108 0.07 10.98 -25.82
C TYR A 108 -1.11 10.06 -25.76
N LYS A 109 -1.00 9.00 -24.97
CA LYS A 109 -2.06 8.03 -24.89
C LYS A 109 -2.93 8.36 -23.73
N VAL A 110 -2.34 8.96 -22.71
CA VAL A 110 -3.13 9.36 -21.57
C VAL A 110 -4.17 10.40 -21.99
N TYR A 111 -3.86 11.27 -22.93
CA TYR A 111 -4.87 12.22 -23.39
C TYR A 111 -6.07 11.49 -23.98
N THR A 112 -5.82 10.42 -24.71
CA THR A 112 -6.89 9.66 -25.30
C THR A 112 -7.78 9.14 -24.21
N VAL A 113 -7.18 8.62 -23.15
CA VAL A 113 -7.96 8.04 -22.08
C VAL A 113 -8.80 9.06 -21.39
N VAL A 114 -8.24 10.20 -21.06
CA VAL A 114 -9.01 11.21 -20.38
C VAL A 114 -10.19 11.62 -21.17
N ASP A 115 -10.00 11.80 -22.47
CA ASP A 115 -11.06 12.27 -23.32
C ASP A 115 -12.24 11.30 -23.40
N GLU A 116 -11.98 10.01 -23.31
CA GLU A 116 -13.08 9.04 -23.30
C GLU A 116 -13.90 9.24 -22.05
N MET A 117 -13.21 9.41 -20.94
CA MET A 117 -13.87 9.54 -19.66
C MET A 117 -14.39 10.92 -19.30
N PHE A 118 -13.69 11.98 -19.71
CA PHE A 118 -14.15 13.35 -19.47
C PHE A 118 -14.11 14.22 -20.72
N LEU A 119 -15.16 15.00 -20.97
CA LEU A 119 -15.09 15.93 -22.08
C LEU A 119 -15.90 17.19 -21.78
N ALA A 120 -15.45 18.33 -22.27
CA ALA A 120 -16.17 19.59 -22.16
C ALA A 120 -16.48 19.99 -20.75
N GLY A 121 -15.64 19.60 -19.80
CA GLY A 121 -15.85 19.95 -18.41
C GLY A 121 -16.91 19.11 -17.78
N GLU A 122 -17.15 17.94 -18.37
CA GLU A 122 -18.18 17.03 -17.89
C GLU A 122 -17.72 15.59 -17.91
N ILE A 123 -18.42 14.74 -17.18
CA ILE A 123 -18.18 13.32 -17.23
C ILE A 123 -18.74 12.72 -18.50
N ARG A 124 -17.97 11.90 -19.21
CA ARG A 124 -18.43 11.33 -20.46
C ARG A 124 -18.79 9.85 -20.34
N GLU A 125 -17.78 8.99 -20.23
CA GLU A 125 -18.00 7.56 -20.16
C GLU A 125 -17.60 7.00 -18.83
N THR A 126 -18.53 6.35 -18.14
CA THR A 126 -18.26 5.85 -16.81
C THR A 126 -18.15 4.34 -16.73
N SER A 127 -18.25 3.65 -17.85
CA SER A 127 -18.19 2.19 -17.87
C SER A 127 -16.81 1.72 -18.17
N GLN A 128 -16.17 1.01 -17.25
CA GLN A 128 -14.81 0.61 -17.49
C GLN A 128 -14.75 -0.31 -18.69
N THR A 129 -15.76 -1.13 -18.85
CA THR A 129 -15.78 -2.07 -19.95
C THR A 129 -15.72 -1.37 -21.29
N LYS A 130 -16.59 -0.39 -21.46
CA LYS A 130 -16.64 0.30 -22.73
C LYS A 130 -15.41 1.15 -22.99
N VAL A 131 -14.87 1.83 -21.99
CA VAL A 131 -13.67 2.61 -22.23
C VAL A 131 -12.55 1.71 -22.66
N LEU A 132 -12.40 0.61 -21.93
CA LEU A 132 -11.32 -0.32 -22.21
C LEU A 132 -11.48 -0.98 -23.55
N LYS A 133 -12.72 -1.31 -23.91
CA LYS A 133 -12.93 -1.91 -25.21
C LYS A 133 -12.54 -0.94 -26.30
N GLN A 134 -12.95 0.30 -26.17
CA GLN A 134 -12.61 1.29 -27.16
C GLN A 134 -11.12 1.50 -27.22
N LEU A 135 -10.48 1.56 -26.05
CA LEU A 135 -9.04 1.76 -25.99
C LEU A 135 -8.31 0.64 -26.68
N LEU A 136 -8.80 -0.57 -26.53
CA LEU A 136 -8.21 -1.72 -27.21
C LEU A 136 -8.38 -1.66 -28.71
N MET A 137 -9.56 -1.27 -29.15
CA MET A 137 -9.84 -1.17 -30.57
C MET A 137 -8.89 -0.27 -31.27
N LEU A 138 -8.62 0.85 -30.63
CA LEU A 138 -7.78 1.86 -31.20
C LEU A 138 -6.36 1.38 -31.34
N GLN A 139 -5.91 0.54 -30.43
CA GLN A 139 -4.54 0.06 -30.49
C GLN A 139 -4.30 -0.67 -31.78
N SER A 140 -5.30 -1.41 -32.22
CA SER A 140 -5.18 -2.18 -33.43
C SER A 140 -4.98 -1.29 -34.64
N LEU A 141 -5.60 -0.11 -34.62
CA LEU A 141 -5.55 0.79 -35.76
C LEU A 141 -4.13 1.26 -36.04
N GLU A 142 -3.83 1.52 -37.32
CA GLU A 142 -2.54 2.08 -37.67
C GLU A 142 -2.50 3.55 -37.33
N MET B 1 37.38 -28.37 19.62
CA MET B 1 36.01 -28.53 20.06
C MET B 1 35.30 -27.21 20.07
N ILE B 2 34.00 -27.26 20.32
CA ILE B 2 33.19 -26.05 20.48
C ILE B 2 33.25 -25.61 21.90
N ARG B 3 33.77 -24.41 22.14
CA ARG B 3 33.84 -23.92 23.50
C ARG B 3 32.44 -23.57 23.98
N PHE B 4 31.69 -22.85 23.17
CA PHE B 4 30.30 -22.54 23.51
C PHE B 4 29.48 -21.96 22.37
N ILE B 5 28.19 -22.26 22.39
CA ILE B 5 27.21 -21.75 21.44
C ILE B 5 26.38 -20.62 22.03
N LEU B 6 26.23 -19.52 21.31
CA LEU B 6 25.44 -18.39 21.77
C LEU B 6 24.40 -17.89 20.80
N ILE B 7 23.18 -17.65 21.26
CA ILE B 7 22.20 -16.91 20.46
C ILE B 7 21.78 -15.59 21.11
N GLN B 8 22.04 -14.48 20.45
CA GLN B 8 21.82 -13.17 21.04
C GLN B 8 21.11 -12.18 20.15
N ASN B 9 20.15 -11.43 20.68
CA ASN B 9 19.51 -10.40 19.87
C ASN B 9 20.30 -9.11 19.90
N ARG B 10 19.96 -8.18 19.02
CA ARG B 10 20.73 -6.96 18.92
C ARG B 10 20.73 -6.19 20.23
N ALA B 11 19.62 -6.24 20.93
CA ALA B 11 19.48 -5.54 22.20
C ALA B 11 20.44 -6.07 23.22
N GLY B 12 20.75 -7.36 23.12
CA GLY B 12 21.68 -8.00 24.02
C GLY B 12 21.13 -9.08 24.95
N LYS B 13 19.84 -9.38 24.86
CA LYS B 13 19.34 -10.51 25.61
C LYS B 13 19.88 -11.80 25.05
N THR B 14 20.10 -12.78 25.92
CA THR B 14 20.60 -14.08 25.53
C THR B 14 19.46 -15.04 25.34
N ARG B 15 19.18 -15.41 24.10
CA ARG B 15 18.10 -16.34 23.81
C ARG B 15 18.48 -17.79 24.06
N LEU B 16 19.71 -18.15 23.76
CA LEU B 16 20.19 -19.50 24.07
C LEU B 16 21.66 -19.47 24.36
N ALA B 17 22.09 -20.31 25.29
CA ALA B 17 23.49 -20.43 25.60
C ALA B 17 23.86 -21.85 25.95
N LYS B 18 24.85 -22.39 25.27
CA LYS B 18 25.39 -23.70 25.57
C LYS B 18 26.86 -23.65 25.91
N TRP B 19 27.19 -24.19 27.08
CA TRP B 19 28.56 -24.18 27.54
C TRP B 19 29.10 -25.56 27.53
N TYR B 20 30.12 -25.77 26.73
CA TYR B 20 30.68 -27.09 26.58
C TYR B 20 32.03 -27.18 27.25
N MET B 21 32.34 -26.15 28.01
CA MET B 21 33.61 -26.07 28.69
C MET B 21 33.30 -25.52 30.06
N GLN B 22 34.18 -25.70 31.03
CA GLN B 22 33.89 -25.12 32.33
C GLN B 22 34.13 -23.63 32.28
N PHE B 23 33.10 -22.88 32.65
CA PHE B 23 33.24 -21.44 32.80
C PHE B 23 32.52 -21.09 34.07
N ASP B 24 33.12 -20.18 34.82
CA ASP B 24 32.57 -19.71 36.07
C ASP B 24 31.58 -18.59 35.81
N ASP B 25 30.64 -18.39 36.73
CA ASP B 25 29.50 -17.50 36.48
C ASP B 25 29.74 -16.05 36.12
N ASP B 26 30.75 -15.40 36.67
CA ASP B 26 31.04 -14.05 36.19
C ASP B 26 31.70 -14.05 34.82
N GLU B 27 32.58 -15.00 34.57
CA GLU B 27 33.26 -15.03 33.28
C GLU B 27 32.25 -15.33 32.19
N LYS B 28 31.26 -16.17 32.50
CA LYS B 28 30.23 -16.47 31.50
C LYS B 28 29.63 -15.15 31.12
N GLN B 29 29.32 -14.36 32.12
CA GLN B 29 28.75 -13.05 31.90
C GLN B 29 29.72 -12.20 31.11
N LYS B 30 31.00 -12.33 31.42
CA LYS B 30 32.03 -11.59 30.73
C LYS B 30 32.08 -12.02 29.28
N LEU B 31 31.97 -13.31 29.06
CA LEU B 31 31.98 -13.84 27.71
C LEU B 31 30.80 -13.32 26.94
N ILE B 32 29.64 -13.32 27.57
CA ILE B 32 28.44 -12.82 26.94
C ILE B 32 28.63 -11.40 26.47
N GLU B 33 29.20 -10.56 27.34
CA GLU B 33 29.41 -9.16 27.03
C GLU B 33 30.41 -8.95 25.90
N GLU B 34 31.51 -9.66 25.95
CA GLU B 34 32.54 -9.47 24.96
C GLU B 34 32.05 -9.88 23.60
N VAL B 35 31.33 -10.99 23.53
CA VAL B 35 30.83 -11.44 22.25
C VAL B 35 29.88 -10.42 21.66
N HIS B 36 28.99 -9.90 22.49
CA HIS B 36 27.98 -8.96 22.04
C HIS B 36 28.63 -7.73 21.45
N ALA B 37 29.73 -7.33 22.07
CA ALA B 37 30.48 -6.14 21.68
C ALA B 37 31.18 -6.34 20.34
N VAL B 38 31.81 -7.49 20.17
CA VAL B 38 32.53 -7.80 18.94
C VAL B 38 31.63 -7.94 17.73
N VAL B 39 30.49 -8.60 17.97
CA VAL B 39 29.56 -8.97 16.93
C VAL B 39 28.69 -7.84 16.39
N THR B 40 28.17 -7.00 17.27
CA THR B 40 27.25 -5.94 16.88
C THR B 40 27.88 -4.80 16.08
N VAL B 41 29.10 -4.42 16.42
CA VAL B 41 29.77 -3.35 15.70
C VAL B 41 30.05 -3.76 14.26
N ARG B 42 30.31 -5.04 14.05
CA ARG B 42 30.71 -5.53 12.75
C ARG B 42 29.58 -5.47 11.74
N ASP B 43 29.92 -5.00 10.55
CA ASP B 43 28.99 -4.79 9.47
C ASP B 43 29.15 -5.95 8.48
N ALA B 44 28.39 -5.89 7.39
CA ALA B 44 28.59 -6.74 6.23
C ALA B 44 30.05 -6.77 5.76
N LYS B 45 30.71 -5.63 5.94
CA LYS B 45 32.06 -5.37 5.44
C LYS B 45 33.03 -6.44 5.98
N HIS B 46 32.84 -6.82 7.23
CA HIS B 46 33.69 -7.78 7.91
C HIS B 46 33.40 -9.22 7.48
N THR B 47 34.35 -10.13 7.66
CA THR B 47 34.12 -11.57 7.45
C THR B 47 33.20 -12.11 8.52
N ASN B 48 32.70 -13.33 8.32
CA ASN B 48 31.89 -13.99 9.32
C ASN B 48 32.68 -14.47 10.55
N PHE B 49 34.00 -14.40 10.51
CA PHE B 49 34.82 -14.88 11.62
C PHE B 49 35.49 -13.78 12.43
N VAL B 50 35.55 -13.97 13.74
CA VAL B 50 36.30 -13.09 14.61
C VAL B 50 37.29 -13.88 15.44
N GLU B 51 38.54 -13.46 15.42
CA GLU B 51 39.61 -14.19 16.07
C GLU B 51 40.02 -13.55 17.39
N PHE B 52 40.01 -14.30 18.48
CA PHE B 52 40.46 -13.72 19.74
C PHE B 52 41.95 -13.89 19.85
N ARG B 53 42.47 -14.89 19.14
CA ARG B 53 43.86 -15.35 19.18
C ARG B 53 43.99 -16.28 20.40
N ASN B 54 42.93 -16.28 21.20
CA ASN B 54 42.74 -17.21 22.29
C ASN B 54 41.80 -18.33 21.81
N PHE B 55 40.65 -17.89 21.30
CA PHE B 55 39.52 -18.70 20.87
C PHE B 55 39.08 -18.05 19.57
N LYS B 56 38.20 -18.66 18.80
CA LYS B 56 37.67 -17.92 17.67
C LYS B 56 36.16 -18.04 17.56
N ILE B 57 35.53 -17.00 17.03
CA ILE B 57 34.09 -16.93 16.91
C ILE B 57 33.56 -17.00 15.50
N ILE B 58 32.63 -17.91 15.28
CA ILE B 58 31.94 -17.97 14.03
C ILE B 58 30.52 -17.54 14.31
N TYR B 59 30.03 -16.58 13.54
CA TYR B 59 28.70 -16.02 13.76
C TYR B 59 28.03 -15.70 12.45
N ARG B 60 26.71 -15.72 12.46
CA ARG B 60 25.92 -15.34 11.31
C ARG B 60 24.70 -14.62 11.84
N ARG B 61 24.13 -13.67 11.13
CA ARG B 61 22.96 -12.99 11.69
C ARG B 61 21.67 -13.25 10.91
N TYR B 62 20.64 -13.69 11.61
CA TYR B 62 19.32 -13.88 11.03
C TYR B 62 18.37 -12.98 11.76
N ALA B 63 17.68 -12.12 11.02
CA ALA B 63 16.77 -11.16 11.60
C ALA B 63 17.47 -10.33 12.65
N GLY B 64 16.91 -10.30 13.84
CA GLY B 64 17.49 -9.57 14.94
C GLY B 64 18.39 -10.44 15.78
N LEU B 65 18.58 -11.69 15.36
CA LEU B 65 19.34 -12.65 16.15
C LEU B 65 20.70 -12.97 15.56
N TYR B 66 21.72 -12.97 16.42
CA TYR B 66 23.09 -13.33 16.07
C TYR B 66 23.35 -14.76 16.53
N PHE B 67 23.75 -15.65 15.64
CA PHE B 67 24.06 -17.01 16.06
C PHE B 67 25.56 -17.22 16.16
N CYS B 68 26.08 -17.51 17.34
CA CYS B 68 27.52 -17.58 17.52
C CYS B 68 28.05 -18.90 18.01
N ILE B 69 29.02 -19.45 17.30
CA ILE B 69 29.72 -20.65 17.72
C ILE B 69 31.18 -20.34 18.00
N CYS B 70 31.62 -20.58 19.23
CA CYS B 70 32.99 -20.30 19.60
C CYS B 70 33.82 -21.54 19.61
N VAL B 71 34.88 -21.56 18.83
CA VAL B 71 35.64 -22.78 18.67
C VAL B 71 37.12 -22.58 18.87
N ASP B 72 37.87 -23.66 18.96
CA ASP B 72 39.31 -23.57 19.05
C ASP B 72 39.82 -22.99 17.75
N VAL B 73 41.00 -22.40 17.78
CA VAL B 73 41.49 -21.64 16.64
C VAL B 73 41.74 -22.49 15.40
N ASN B 74 42.14 -23.74 15.58
CA ASN B 74 42.38 -24.64 14.46
C ASN B 74 41.15 -25.20 13.75
N ASP B 75 39.98 -25.13 14.38
CA ASP B 75 38.79 -25.74 13.80
C ASP B 75 38.35 -25.09 12.50
N ASN B 76 37.62 -25.87 11.71
CA ASN B 76 37.21 -25.47 10.37
C ASN B 76 36.12 -24.42 10.32
N ASN B 77 36.48 -23.23 9.88
CA ASN B 77 35.59 -22.09 9.85
C ASN B 77 34.38 -22.33 8.98
N LEU B 78 34.64 -22.79 7.76
CA LEU B 78 33.58 -22.95 6.79
C LEU B 78 32.58 -24.00 7.25
N ALA B 79 33.06 -25.04 7.90
CA ALA B 79 32.19 -26.10 8.37
C ALA B 79 31.24 -25.61 9.43
N TYR B 80 31.76 -24.89 10.41
CA TYR B 80 30.93 -24.38 11.48
C TYR B 80 30.05 -23.26 11.00
N LEU B 81 30.49 -22.52 10.01
CA LEU B 81 29.62 -21.50 9.49
C LEU B 81 28.33 -22.11 8.99
N GLU B 82 28.42 -23.21 8.27
CA GLU B 82 27.22 -23.84 7.73
C GLU B 82 26.45 -24.62 8.76
N ALA B 83 27.13 -25.13 9.77
CA ALA B 83 26.44 -25.81 10.83
C ALA B 83 25.46 -24.86 11.48
N ILE B 84 25.82 -23.59 11.57
CA ILE B 84 24.89 -22.59 12.11
C ILE B 84 23.66 -22.56 11.24
N HIS B 85 23.83 -22.56 9.93
CA HIS B 85 22.68 -22.48 9.06
C HIS B 85 21.89 -23.74 9.09
N ASN B 86 22.58 -24.86 9.15
CA ASN B 86 21.91 -26.14 9.19
C ASN B 86 21.02 -26.22 10.40
N PHE B 87 21.51 -25.69 11.49
CA PHE B 87 20.76 -25.59 12.73
C PHE B 87 19.54 -24.70 12.57
N VAL B 88 19.72 -23.57 11.92
CA VAL B 88 18.62 -22.63 11.77
C VAL B 88 17.54 -23.22 10.89
N GLU B 89 17.96 -23.90 9.85
CA GLU B 89 17.02 -24.51 8.94
C GLU B 89 16.20 -25.60 9.60
N VAL B 90 16.79 -26.36 10.52
CA VAL B 90 16.03 -27.33 11.27
C VAL B 90 15.01 -26.62 12.12
N LEU B 91 15.43 -25.54 12.74
CA LEU B 91 14.55 -24.75 13.59
C LEU B 91 13.37 -24.26 12.80
N ASN B 92 13.60 -23.88 11.55
CA ASN B 92 12.52 -23.38 10.73
C ASN B 92 11.49 -24.46 10.54
N GLU B 93 11.95 -25.66 10.28
CA GLU B 93 11.05 -26.78 10.10
C GLU B 93 10.34 -27.16 11.38
N TYR B 94 11.07 -27.13 12.48
CA TYR B 94 10.51 -27.54 13.74
C TYR B 94 9.46 -26.57 14.21
N PHE B 95 9.75 -25.28 14.09
CA PHE B 95 8.85 -24.27 14.60
C PHE B 95 7.92 -23.71 13.55
N HIS B 96 8.14 -24.09 12.29
CA HIS B 96 7.38 -23.56 11.17
C HIS B 96 7.46 -22.07 11.09
N ASN B 97 8.30 -21.59 10.18
CA ASN B 97 8.56 -20.17 10.04
C ASN B 97 9.04 -19.62 11.34
N VAL B 98 10.17 -20.11 11.80
CA VAL B 98 10.71 -19.76 13.07
C VAL B 98 10.96 -18.27 13.15
N CYS B 99 10.77 -17.72 14.34
CA CYS B 99 11.04 -16.33 14.61
C CYS B 99 11.59 -16.25 16.01
N GLU B 100 12.08 -15.10 16.43
CA GLU B 100 12.69 -14.98 17.74
C GLU B 100 11.70 -15.27 18.83
N LEU B 101 10.46 -14.88 18.62
CA LEU B 101 9.45 -15.06 19.64
C LEU B 101 9.30 -16.51 20.01
N ASP B 102 9.34 -17.38 19.01
CA ASP B 102 9.18 -18.81 19.21
C ASP B 102 10.27 -19.35 20.10
N LEU B 103 11.47 -18.80 19.97
CA LEU B 103 12.61 -19.19 20.77
C LEU B 103 12.47 -18.78 22.23
N VAL B 104 11.74 -17.72 22.50
CA VAL B 104 11.48 -17.30 23.86
C VAL B 104 10.45 -18.15 24.56
N PHE B 105 9.29 -18.34 23.93
CA PHE B 105 8.18 -19.12 24.49
C PHE B 105 8.46 -20.61 24.56
N ASN B 106 9.21 -21.12 23.61
CA ASN B 106 9.50 -22.54 23.57
C ASN B 106 10.94 -22.83 23.96
N PHE B 107 11.50 -22.01 24.84
CA PHE B 107 12.92 -22.08 25.15
C PHE B 107 13.40 -23.44 25.59
N TYR B 108 12.60 -24.12 26.40
CA TYR B 108 12.96 -25.44 26.89
C TYR B 108 12.98 -26.48 25.80
N LYS B 109 12.52 -26.11 24.61
CA LYS B 109 12.53 -27.06 23.52
C LYS B 109 13.73 -26.77 22.65
N VAL B 110 14.14 -25.52 22.62
CA VAL B 110 15.31 -25.14 21.85
C VAL B 110 16.53 -25.88 22.39
N TYR B 111 16.57 -26.15 23.69
CA TYR B 111 17.64 -26.97 24.20
C TYR B 111 17.60 -28.34 23.57
N THR B 112 16.41 -28.89 23.42
CA THR B 112 16.26 -30.21 22.84
C THR B 112 16.84 -30.25 21.46
N VAL B 113 16.55 -29.23 20.68
CA VAL B 113 16.98 -29.10 19.30
C VAL B 113 18.46 -28.92 19.14
N VAL B 114 19.07 -28.08 19.96
CA VAL B 114 20.51 -27.91 19.89
C VAL B 114 21.25 -29.18 20.35
N ASP B 115 20.78 -29.84 21.40
CA ASP B 115 21.45 -31.02 21.93
C ASP B 115 21.46 -32.17 20.95
N GLU B 116 20.47 -32.25 20.09
CA GLU B 116 20.44 -33.23 19.03
C GLU B 116 21.52 -32.93 18.00
N MET B 117 21.66 -31.66 17.67
CA MET B 117 22.57 -31.21 16.63
C MET B 117 24.01 -31.06 17.10
N PHE B 118 24.17 -30.64 18.36
CA PHE B 118 25.49 -30.49 18.95
C PHE B 118 25.55 -31.08 20.34
N LEU B 119 26.59 -31.83 20.63
CA LEU B 119 26.77 -32.35 21.98
C LEU B 119 28.22 -32.46 22.35
N ALA B 120 28.53 -32.24 23.62
CA ALA B 120 29.87 -32.42 24.17
C ALA B 120 30.92 -31.60 23.48
N GLY B 121 30.51 -30.47 22.92
CA GLY B 121 31.40 -29.56 22.24
C GLY B 121 31.78 -30.02 20.88
N GLU B 122 31.00 -30.93 20.33
CA GLU B 122 31.27 -31.46 19.00
C GLU B 122 29.98 -31.50 18.23
N ILE B 123 30.07 -31.61 16.92
CA ILE B 123 28.88 -31.77 16.14
C ILE B 123 28.33 -33.18 16.27
N ARG B 124 27.02 -33.30 16.50
CA ARG B 124 26.38 -34.60 16.68
C ARG B 124 25.59 -35.01 15.45
N GLU B 125 24.41 -34.47 15.23
CA GLU B 125 23.62 -34.94 14.10
C GLU B 125 23.41 -33.87 13.06
N THR B 126 23.86 -34.14 11.84
CA THR B 126 23.83 -33.15 10.80
C THR B 126 22.80 -33.43 9.75
N SER B 127 21.99 -34.46 9.93
CA SER B 127 20.97 -34.74 8.94
C SER B 127 19.67 -34.11 9.38
N GLN B 128 19.19 -33.15 8.61
CA GLN B 128 17.99 -32.46 9.01
C GLN B 128 16.81 -33.41 9.10
N THR B 129 16.77 -34.39 8.20
CA THR B 129 15.66 -35.31 8.21
C THR B 129 15.63 -36.07 9.52
N LYS B 130 16.77 -36.58 9.95
CA LYS B 130 16.82 -37.38 11.13
C LYS B 130 16.55 -36.58 12.38
N VAL B 131 17.04 -35.36 12.46
CA VAL B 131 16.76 -34.54 13.61
C VAL B 131 15.27 -34.25 13.64
N LEU B 132 14.74 -33.90 12.48
CA LEU B 132 13.34 -33.53 12.39
C LEU B 132 12.45 -34.69 12.65
N LYS B 133 12.85 -35.86 12.19
CA LYS B 133 12.06 -37.04 12.40
C LYS B 133 11.98 -37.36 13.89
N GLN B 134 13.13 -37.29 14.56
CA GLN B 134 13.20 -37.54 15.98
C GLN B 134 12.35 -36.56 16.77
N LEU B 135 12.45 -35.29 16.41
CA LEU B 135 11.72 -34.24 17.10
C LEU B 135 10.20 -34.42 17.02
N LEU B 136 9.71 -34.89 15.89
CA LEU B 136 8.29 -35.16 15.76
C LEU B 136 7.91 -36.28 16.70
N MET B 137 8.77 -37.27 16.81
CA MET B 137 8.53 -38.37 17.73
C MET B 137 8.42 -37.87 19.14
N LEU B 138 9.28 -36.95 19.53
CA LEU B 138 9.26 -36.49 20.90
C LEU B 138 8.00 -35.70 21.23
N GLN B 139 7.46 -34.96 20.27
CA GLN B 139 6.21 -34.23 20.51
C GLN B 139 5.07 -35.19 20.77
N SER B 140 5.08 -36.31 20.07
CA SER B 140 4.04 -37.29 20.21
C SER B 140 3.98 -37.83 21.63
N LEU B 141 5.12 -37.95 22.28
CA LEU B 141 5.17 -38.51 23.63
C LEU B 141 4.44 -37.69 24.66
N GLU B 142 3.80 -38.38 25.60
CA GLU B 142 3.17 -37.72 26.72
C GLU B 142 4.22 -37.37 27.78
N MET C 1 -52.89 -27.22 -1.92
CA MET C 1 -54.14 -26.60 -2.31
C MET C 1 -55.03 -26.35 -1.11
N ILE C 2 -56.13 -25.66 -1.33
CA ILE C 2 -57.11 -25.42 -0.29
C ILE C 2 -58.07 -26.58 -0.23
N ARG C 3 -58.16 -27.24 0.91
CA ARG C 3 -59.12 -28.33 1.04
C ARG C 3 -60.58 -27.83 1.14
N PHE C 4 -60.83 -26.82 1.96
CA PHE C 4 -62.17 -26.24 2.06
C PHE C 4 -62.22 -24.89 2.82
N ILE C 5 -63.17 -24.06 2.45
CA ILE C 5 -63.41 -22.79 3.14
C ILE C 5 -64.69 -22.84 4.00
N LEU C 6 -64.61 -22.41 5.25
CA LEU C 6 -65.75 -22.43 6.14
C LEU C 6 -66.01 -21.09 6.80
N ILE C 7 -67.26 -20.66 6.83
CA ILE C 7 -67.59 -19.53 7.65
C ILE C 7 -68.60 -19.94 8.70
N GLN C 8 -68.22 -19.82 9.95
CA GLN C 8 -69.02 -20.33 11.05
C GLN C 8 -69.19 -19.28 12.10
N ASN C 9 -70.40 -19.14 12.63
CA ASN C 9 -70.57 -18.22 13.73
C ASN C 9 -70.24 -18.95 14.99
N ARG C 10 -70.16 -18.22 16.10
CA ARG C 10 -69.78 -18.82 17.36
C ARG C 10 -70.79 -19.88 17.77
N ALA C 11 -72.06 -19.66 17.44
CA ALA C 11 -73.12 -20.61 17.75
C ALA C 11 -72.89 -21.94 17.07
N GLY C 12 -72.25 -21.91 15.91
CA GLY C 12 -71.94 -23.12 15.17
C GLY C 12 -72.68 -23.22 13.85
N LYS C 13 -73.44 -22.19 13.54
CA LYS C 13 -74.10 -22.11 12.25
C LYS C 13 -73.13 -21.94 11.12
N THR C 14 -73.41 -22.60 10.01
CA THR C 14 -72.56 -22.54 8.85
C THR C 14 -73.07 -21.49 7.89
N ARG C 15 -72.36 -20.38 7.78
CA ARG C 15 -72.74 -19.30 6.87
C ARG C 15 -72.26 -19.57 5.45
N LEU C 16 -71.11 -20.20 5.32
CA LEU C 16 -70.61 -20.58 4.02
C LEU C 16 -69.78 -21.84 4.10
N ALA C 17 -69.87 -22.67 3.08
CA ALA C 17 -69.05 -23.85 3.01
C ALA C 17 -68.69 -24.05 1.56
N LYS C 18 -67.41 -24.08 1.28
CA LYS C 18 -66.96 -24.34 -0.05
C LYS C 18 -66.07 -25.56 0.00
N TRP C 19 -66.36 -26.57 -0.80
CA TRP C 19 -65.60 -27.81 -0.79
C TRP C 19 -64.81 -27.99 -2.06
N TYR C 20 -63.50 -28.16 -1.90
CA TYR C 20 -62.62 -28.29 -3.04
C TYR C 20 -62.11 -29.71 -3.15
N MET C 21 -62.71 -30.60 -2.40
CA MET C 21 -62.37 -32.02 -2.40
C MET C 21 -63.63 -32.86 -2.30
N GLN C 22 -63.52 -34.14 -2.60
CA GLN C 22 -64.66 -35.04 -2.38
C GLN C 22 -64.79 -35.38 -0.91
N PHE C 23 -65.98 -35.15 -0.36
CA PHE C 23 -66.31 -35.50 1.01
C PHE C 23 -67.72 -36.08 1.12
N ASP C 24 -67.93 -37.00 2.05
CA ASP C 24 -69.25 -37.55 2.25
C ASP C 24 -70.07 -36.62 3.10
N ASP C 25 -71.39 -36.73 2.96
CA ASP C 25 -72.30 -35.87 3.71
C ASP C 25 -71.98 -36.14 5.17
N ASP C 26 -71.57 -37.38 5.42
CA ASP C 26 -71.13 -37.84 6.72
C ASP C 26 -69.80 -37.21 7.11
N GLU C 27 -68.90 -37.08 6.15
CA GLU C 27 -67.59 -36.50 6.42
C GLU C 27 -67.61 -35.02 6.71
N LYS C 28 -68.38 -34.28 5.92
CA LYS C 28 -68.45 -32.83 6.01
C LYS C 28 -68.90 -32.40 7.37
N GLN C 29 -69.92 -33.07 7.87
CA GLN C 29 -70.47 -32.76 9.17
C GLN C 29 -69.42 -32.96 10.24
N LYS C 30 -68.62 -34.00 10.11
CA LYS C 30 -67.58 -34.25 11.09
C LYS C 30 -66.51 -33.18 11.10
N LEU C 31 -66.16 -32.67 9.92
CA LEU C 31 -65.19 -31.60 9.81
C LEU C 31 -65.71 -30.35 10.47
N ILE C 32 -66.93 -30.01 10.14
CA ILE C 32 -67.58 -28.82 10.63
C ILE C 32 -67.61 -28.85 12.14
N GLU C 33 -67.94 -30.00 12.70
CA GLU C 33 -68.02 -30.13 14.14
C GLU C 33 -66.65 -29.99 14.76
N GLU C 34 -65.65 -30.61 14.15
CA GLU C 34 -64.28 -30.52 14.65
C GLU C 34 -63.70 -29.13 14.48
N VAL C 35 -63.94 -28.52 13.34
CA VAL C 35 -63.44 -27.18 13.11
C VAL C 35 -64.08 -26.20 14.10
N HIS C 36 -65.37 -26.35 14.33
CA HIS C 36 -66.06 -25.50 15.29
C HIS C 36 -65.46 -25.72 16.66
N ALA C 37 -65.07 -26.95 16.94
CA ALA C 37 -64.54 -27.29 18.25
C ALA C 37 -63.21 -26.63 18.57
N VAL C 38 -62.27 -26.70 17.64
CA VAL C 38 -60.95 -26.12 17.82
C VAL C 38 -60.94 -24.60 17.87
N VAL C 39 -61.72 -23.96 17.02
CA VAL C 39 -61.70 -22.51 16.92
C VAL C 39 -62.41 -21.84 18.08
N THR C 40 -63.50 -22.45 18.52
CA THR C 40 -64.33 -21.87 19.56
C THR C 40 -63.66 -21.84 20.93
N VAL C 41 -62.97 -22.93 21.24
CA VAL C 41 -62.22 -23.06 22.48
C VAL C 41 -61.06 -22.10 22.49
N ARG C 42 -60.52 -21.88 21.30
CA ARG C 42 -59.31 -21.13 21.06
C ARG C 42 -59.41 -19.64 21.37
N ASP C 43 -58.24 -19.11 21.65
CA ASP C 43 -58.00 -17.78 22.17
C ASP C 43 -57.86 -16.74 21.03
N ALA C 44 -57.62 -15.43 21.24
CA ALA C 44 -56.86 -14.70 22.29
C ALA C 44 -55.36 -15.09 22.22
N LYS C 45 -54.79 -15.79 23.21
CA LYS C 45 -53.34 -16.10 23.19
C LYS C 45 -52.80 -16.91 21.98
N HIS C 46 -53.57 -17.89 21.50
CA HIS C 46 -53.08 -18.83 20.49
C HIS C 46 -52.87 -18.25 19.08
N THR C 47 -52.03 -18.92 18.30
CA THR C 47 -51.76 -18.54 16.94
C THR C 47 -52.98 -18.76 16.09
N ASN C 48 -53.01 -18.09 14.97
CA ASN C 48 -54.09 -18.21 14.02
C ASN C 48 -54.10 -19.54 13.29
N PHE C 49 -53.07 -20.35 13.49
CA PHE C 49 -52.97 -21.62 12.79
C PHE C 49 -53.20 -22.83 13.67
N VAL C 50 -53.93 -23.83 13.17
CA VAL C 50 -54.09 -25.10 13.87
C VAL C 50 -53.76 -26.31 12.99
N GLU C 51 -52.92 -27.21 13.49
CA GLU C 51 -52.43 -28.36 12.73
C GLU C 51 -53.14 -29.68 12.98
N PHE C 52 -53.62 -30.30 11.92
CA PHE C 52 -54.35 -31.55 12.03
C PHE C 52 -53.61 -32.82 11.70
N ARG C 53 -52.28 -32.79 11.70
CA ARG C 53 -51.49 -33.97 11.33
C ARG C 53 -51.58 -34.19 9.83
N ASN C 54 -52.80 -34.18 9.31
CA ASN C 54 -53.03 -34.32 7.88
C ASN C 54 -53.15 -32.97 7.18
N PHE C 55 -53.76 -32.00 7.86
CA PHE C 55 -54.11 -30.71 7.27
C PHE C 55 -53.77 -29.62 8.27
N LYS C 56 -53.80 -28.36 7.83
CA LYS C 56 -53.66 -27.27 8.77
C LYS C 56 -54.76 -26.24 8.56
N ILE C 57 -55.17 -25.59 9.63
CA ILE C 57 -56.23 -24.60 9.59
C ILE C 57 -55.74 -23.20 9.84
N ILE C 58 -56.05 -22.30 8.94
CA ILE C 58 -55.72 -20.91 9.12
C ILE C 58 -57.01 -20.20 9.34
N TYR C 59 -57.14 -19.42 10.41
CA TYR C 59 -58.42 -18.78 10.63
C TYR C 59 -58.32 -17.44 11.36
N ARG C 60 -59.30 -16.57 11.12
CA ARG C 60 -59.35 -15.31 11.83
C ARG C 60 -60.78 -15.11 12.22
N ARG C 61 -61.02 -14.39 13.30
CA ARG C 61 -62.36 -14.14 13.79
C ARG C 61 -62.78 -12.71 13.57
N TYR C 62 -63.90 -12.52 12.90
CA TYR C 62 -64.47 -11.19 12.74
C TYR C 62 -65.88 -11.20 13.31
N ALA C 63 -66.16 -10.29 14.24
CA ALA C 63 -67.45 -10.20 14.90
C ALA C 63 -67.83 -11.54 15.50
N GLY C 64 -69.02 -12.01 15.15
CA GLY C 64 -69.47 -13.30 15.62
C GLY C 64 -69.14 -14.43 14.67
N LEU C 65 -68.41 -14.12 13.61
CA LEU C 65 -68.13 -15.08 12.54
C LEU C 65 -66.69 -15.58 12.53
N TYR C 66 -66.52 -16.88 12.39
CA TYR C 66 -65.19 -17.44 12.22
C TYR C 66 -64.91 -17.75 10.75
N PHE C 67 -63.82 -17.20 10.22
CA PHE C 67 -63.41 -17.45 8.84
C PHE C 67 -62.26 -18.45 8.81
N CYS C 68 -62.48 -19.61 8.24
CA CYS C 68 -61.49 -20.68 8.29
C CYS C 68 -61.08 -21.19 6.92
N ILE C 69 -59.79 -21.25 6.67
CA ILE C 69 -59.29 -21.84 5.44
C ILE C 69 -58.49 -23.09 5.73
N CYS C 70 -58.86 -24.21 5.15
CA CYS C 70 -58.13 -25.43 5.42
C CYS C 70 -57.20 -25.71 4.28
N VAL C 71 -55.91 -25.86 4.58
CA VAL C 71 -54.93 -26.05 3.52
C VAL C 71 -54.01 -27.21 3.84
N ASP C 72 -53.27 -27.64 2.83
CA ASP C 72 -52.30 -28.70 2.97
C ASP C 72 -51.19 -28.25 3.90
N VAL C 73 -50.47 -29.19 4.48
CA VAL C 73 -49.46 -28.88 5.48
C VAL C 73 -48.30 -28.04 4.96
N ASN C 74 -47.94 -28.23 3.70
CA ASN C 74 -46.86 -27.47 3.10
C ASN C 74 -47.21 -26.02 2.74
N ASP C 75 -48.49 -25.69 2.69
CA ASP C 75 -48.92 -24.37 2.22
C ASP C 75 -48.47 -23.21 3.11
N ASN C 76 -48.40 -22.03 2.52
CA ASN C 76 -47.92 -20.82 3.17
C ASN C 76 -48.95 -20.25 4.14
N ASN C 77 -48.68 -20.32 5.44
CA ASN C 77 -49.67 -19.91 6.43
C ASN C 77 -50.09 -18.47 6.33
N LEU C 78 -49.12 -17.58 6.28
CA LEU C 78 -49.35 -16.16 6.35
C LEU C 78 -50.16 -15.72 5.17
N ALA C 79 -49.89 -16.32 4.03
CA ALA C 79 -50.53 -15.92 2.80
C ALA C 79 -52.01 -16.11 2.87
N TYR C 80 -52.44 -17.24 3.38
CA TYR C 80 -53.86 -17.50 3.47
C TYR C 80 -54.48 -16.68 4.58
N LEU C 81 -53.74 -16.43 5.63
CA LEU C 81 -54.25 -15.58 6.68
C LEU C 81 -54.64 -14.25 6.15
N GLU C 82 -53.80 -13.70 5.27
CA GLU C 82 -54.12 -12.43 4.69
C GLU C 82 -55.16 -12.55 3.61
N ALA C 83 -55.20 -13.71 2.97
CA ALA C 83 -56.21 -13.95 1.96
C ALA C 83 -57.58 -13.82 2.57
N ILE C 84 -57.69 -14.31 3.80
CA ILE C 84 -58.94 -14.22 4.51
C ILE C 84 -59.35 -12.79 4.63
N HIS C 85 -58.41 -11.95 5.02
CA HIS C 85 -58.75 -10.56 5.26
C HIS C 85 -59.06 -9.86 3.96
N ASN C 86 -58.34 -10.20 2.90
CA ASN C 86 -58.62 -9.61 1.60
C ASN C 86 -60.06 -9.90 1.20
N PHE C 87 -60.50 -11.11 1.53
CA PHE C 87 -61.86 -11.51 1.25
C PHE C 87 -62.89 -10.70 1.99
N VAL C 88 -62.68 -10.50 3.28
CA VAL C 88 -63.62 -9.76 4.10
C VAL C 88 -63.67 -8.32 3.65
N GLU C 89 -62.52 -7.76 3.32
CA GLU C 89 -62.47 -6.39 2.89
C GLU C 89 -63.21 -6.21 1.59
N VAL C 90 -63.11 -7.17 0.70
CA VAL C 90 -63.91 -7.14 -0.53
C VAL C 90 -65.38 -7.26 -0.17
N LEU C 91 -65.71 -8.18 0.73
CA LEU C 91 -67.09 -8.36 1.16
C LEU C 91 -67.65 -7.09 1.73
N ASN C 92 -66.82 -6.38 2.46
CA ASN C 92 -67.24 -5.14 3.06
C ASN C 92 -67.60 -4.15 1.97
N GLU C 93 -66.78 -4.08 0.93
CA GLU C 93 -67.04 -3.17 -0.16
C GLU C 93 -68.29 -3.53 -0.93
N TYR C 94 -68.47 -4.82 -1.17
CA TYR C 94 -69.57 -5.29 -1.98
C TYR C 94 -70.91 -5.08 -1.28
N PHE C 95 -70.95 -5.34 0.02
CA PHE C 95 -72.19 -5.25 0.76
C PHE C 95 -72.39 -3.94 1.49
N HIS C 96 -71.36 -3.10 1.49
CA HIS C 96 -71.34 -1.85 2.23
C HIS C 96 -71.54 -2.11 3.70
N ASN C 97 -70.46 -2.10 4.47
CA ASN C 97 -70.53 -2.42 5.88
C ASN C 97 -71.10 -3.79 6.16
N VAL C 98 -70.43 -4.82 5.69
CA VAL C 98 -70.92 -6.17 5.77
C VAL C 98 -71.16 -6.63 7.19
N CYS C 99 -72.17 -7.47 7.37
CA CYS C 99 -72.42 -8.08 8.66
C CYS C 99 -72.90 -9.50 8.41
N GLU C 100 -73.01 -10.29 9.46
CA GLU C 100 -73.39 -11.69 9.30
C GLU C 100 -74.75 -11.80 8.66
N LEU C 101 -75.60 -10.84 8.94
CA LEU C 101 -76.93 -10.86 8.37
C LEU C 101 -76.87 -10.83 6.88
N ASP C 102 -75.96 -10.02 6.34
CA ASP C 102 -75.83 -9.87 4.90
C ASP C 102 -75.50 -11.19 4.25
N LEU C 103 -74.69 -11.97 4.92
CA LEU C 103 -74.30 -13.26 4.41
C LEU C 103 -75.47 -14.24 4.39
N VAL C 104 -76.41 -14.09 5.31
CA VAL C 104 -77.57 -14.98 5.34
C VAL C 104 -78.53 -14.66 4.22
N PHE C 105 -78.92 -13.41 4.08
CA PHE C 105 -79.87 -13.05 3.05
C PHE C 105 -79.28 -13.14 1.67
N ASN C 106 -78.00 -12.86 1.54
CA ASN C 106 -77.39 -12.82 0.23
C ASN C 106 -76.49 -14.00 -0.04
N PHE C 107 -76.81 -15.12 0.58
CA PHE C 107 -75.97 -16.30 0.53
C PHE C 107 -75.64 -16.71 -0.90
N TYR C 108 -76.58 -16.56 -1.82
CA TYR C 108 -76.30 -16.93 -3.20
C TYR C 108 -75.30 -16.02 -3.87
N LYS C 109 -75.16 -14.80 -3.38
CA LYS C 109 -74.20 -13.89 -3.97
C LYS C 109 -72.83 -14.18 -3.41
N VAL C 110 -72.78 -14.66 -2.18
CA VAL C 110 -71.52 -14.97 -1.53
C VAL C 110 -70.73 -16.03 -2.28
N TYR C 111 -71.41 -17.00 -2.88
CA TYR C 111 -70.71 -17.98 -3.70
C TYR C 111 -70.00 -17.28 -4.86
N THR C 112 -70.64 -16.29 -5.45
CA THR C 112 -70.07 -15.55 -6.56
C THR C 112 -68.74 -14.90 -6.18
N VAL C 113 -68.71 -14.29 -5.01
CA VAL C 113 -67.50 -13.61 -4.56
C VAL C 113 -66.37 -14.60 -4.32
N VAL C 114 -66.65 -15.70 -3.65
CA VAL C 114 -65.64 -16.68 -3.36
C VAL C 114 -65.06 -17.24 -4.63
N ASP C 115 -65.94 -17.55 -5.57
CA ASP C 115 -65.50 -18.14 -6.81
C ASP C 115 -64.64 -17.20 -7.58
N GLU C 116 -64.92 -15.91 -7.45
CA GLU C 116 -64.08 -14.93 -8.10
C GLU C 116 -62.69 -14.91 -7.47
N MET C 117 -62.64 -14.92 -6.14
CA MET C 117 -61.38 -14.87 -5.42
C MET C 117 -60.68 -16.20 -5.22
N PHE C 118 -61.44 -17.27 -5.01
CA PHE C 118 -60.85 -18.59 -4.84
C PHE C 118 -61.55 -19.61 -5.72
N LEU C 119 -60.79 -20.44 -6.43
CA LEU C 119 -61.39 -21.53 -7.20
C LEU C 119 -60.48 -22.74 -7.28
N ALA C 120 -61.07 -23.92 -7.33
CA ALA C 120 -60.33 -25.15 -7.54
C ALA C 120 -59.27 -25.39 -6.49
N GLY C 121 -59.49 -24.84 -5.31
CA GLY C 121 -58.57 -25.00 -4.20
C GLY C 121 -57.35 -24.13 -4.25
N GLU C 122 -57.40 -23.09 -5.06
CA GLU C 122 -56.27 -22.19 -5.21
C GLU C 122 -56.78 -20.75 -5.19
N ILE C 123 -55.91 -19.79 -4.91
CA ILE C 123 -56.27 -18.38 -4.95
C ILE C 123 -56.44 -17.92 -6.38
N ARG C 124 -57.52 -17.22 -6.67
CA ARG C 124 -57.77 -16.82 -8.04
C ARG C 124 -57.43 -15.36 -8.25
N GLU C 125 -58.30 -14.47 -7.78
CA GLU C 125 -58.10 -13.06 -8.04
C GLU C 125 -57.83 -12.30 -6.74
N THR C 126 -56.71 -11.61 -6.68
CA THR C 126 -56.30 -10.95 -5.46
C THR C 126 -56.46 -9.44 -5.53
N SER C 127 -56.99 -8.95 -6.64
CA SER C 127 -57.14 -7.53 -6.80
C SER C 127 -58.52 -7.06 -6.41
N GLN C 128 -58.60 -6.27 -5.35
CA GLN C 128 -59.88 -5.82 -4.87
C GLN C 128 -60.56 -4.98 -5.93
N THR C 129 -59.75 -4.21 -6.64
CA THR C 129 -60.27 -3.36 -7.69
C THR C 129 -60.94 -4.18 -8.76
N LYS C 130 -60.28 -5.23 -9.21
CA LYS C 130 -60.89 -6.02 -10.26
C LYS C 130 -62.09 -6.85 -9.81
N VAL C 131 -62.01 -7.46 -8.63
CA VAL C 131 -63.11 -8.28 -8.17
C VAL C 131 -64.36 -7.43 -8.03
N LEU C 132 -64.17 -6.23 -7.48
CA LEU C 132 -65.25 -5.31 -7.22
C LEU C 132 -65.86 -4.78 -8.49
N LYS C 133 -65.05 -4.57 -9.51
CA LYS C 133 -65.57 -4.14 -10.79
C LYS C 133 -66.43 -5.23 -11.39
N GLN C 134 -65.98 -6.48 -11.33
CA GLN C 134 -66.78 -7.57 -11.88
C GLN C 134 -68.08 -7.73 -11.16
N LEU C 135 -68.04 -7.67 -9.85
CA LEU C 135 -69.24 -7.85 -9.07
C LEU C 135 -70.22 -6.78 -9.46
N LEU C 136 -69.70 -5.59 -9.70
CA LEU C 136 -70.53 -4.49 -10.11
C LEU C 136 -71.12 -4.76 -11.49
N MET C 137 -70.29 -5.25 -12.39
CA MET C 137 -70.75 -5.55 -13.74
C MET C 137 -71.85 -6.58 -13.71
N LEU C 138 -71.68 -7.62 -12.92
CA LEU C 138 -72.71 -8.65 -12.84
C LEU C 138 -73.99 -8.08 -12.24
N GLN C 139 -73.85 -7.09 -11.36
CA GLN C 139 -75.01 -6.42 -10.81
C GLN C 139 -75.80 -5.73 -11.92
N SER C 140 -75.09 -5.20 -12.90
CA SER C 140 -75.72 -4.52 -14.02
C SER C 140 -76.59 -5.45 -14.82
N LEU C 141 -76.18 -6.71 -14.87
CA LEU C 141 -76.86 -7.76 -15.61
C LEU C 141 -78.26 -8.07 -15.10
N GLU C 142 -79.14 -8.42 -16.03
CA GLU C 142 -80.50 -8.77 -15.72
C GLU C 142 -80.59 -10.14 -15.08
N MET D 1 49.57 23.33 -15.83
CA MET D 1 48.72 24.50 -15.80
C MET D 1 47.38 24.18 -15.21
N ILE D 2 46.56 25.21 -15.00
CA ILE D 2 45.20 25.02 -14.53
C ILE D 2 44.36 24.80 -15.74
N ARG D 3 43.72 23.65 -15.82
CA ARG D 3 42.84 23.39 -16.94
C ARG D 3 41.54 24.16 -16.77
N PHE D 4 40.97 24.17 -15.58
CA PHE D 4 39.76 24.94 -15.31
C PHE D 4 39.45 25.10 -13.82
N ILE D 5 38.82 26.21 -13.43
CA ILE D 5 38.37 26.42 -12.05
C ILE D 5 36.86 26.32 -11.90
N LEU D 6 36.36 25.60 -10.91
CA LEU D 6 34.92 25.51 -10.66
C LEU D 6 34.52 25.87 -9.24
N ILE D 7 33.49 26.67 -9.10
CA ILE D 7 32.88 26.84 -7.80
C ILE D 7 31.49 26.31 -7.90
N GLN D 8 31.20 25.28 -7.11
CA GLN D 8 29.97 24.52 -7.22
C GLN D 8 29.29 24.27 -5.90
N ASN D 9 27.97 24.39 -5.83
CA ASN D 9 27.32 24.11 -4.57
C ASN D 9 27.03 22.64 -4.46
N ARG D 10 26.62 22.20 -3.29
CA ARG D 10 26.38 20.80 -3.05
C ARG D 10 25.25 20.32 -3.92
N ALA D 11 24.28 21.18 -4.15
CA ALA D 11 23.16 20.86 -5.01
C ALA D 11 23.57 20.59 -6.44
N GLY D 12 24.66 21.19 -6.89
CA GLY D 12 25.13 20.99 -8.25
C GLY D 12 25.09 22.22 -9.13
N LYS D 13 24.63 23.32 -8.57
CA LYS D 13 24.66 24.60 -9.25
C LYS D 13 26.07 25.09 -9.40
N THR D 14 26.39 25.71 -10.53
CA THR D 14 27.72 26.22 -10.75
C THR D 14 27.74 27.70 -10.44
N ARG D 15 28.41 28.10 -9.38
CA ARG D 15 28.48 29.51 -9.06
C ARG D 15 29.50 30.24 -9.91
N LEU D 16 30.59 29.59 -10.27
CA LEU D 16 31.60 30.14 -11.16
C LEU D 16 32.36 29.08 -11.96
N ALA D 17 32.64 29.33 -13.22
CA ALA D 17 33.46 28.41 -13.99
C ALA D 17 34.36 29.17 -14.93
N LYS D 18 35.66 28.94 -14.82
CA LYS D 18 36.63 29.58 -15.68
C LYS D 18 37.34 28.50 -16.47
N TRP D 19 37.32 28.63 -17.79
CA TRP D 19 37.93 27.64 -18.66
C TRP D 19 39.17 28.19 -19.27
N TYR D 20 40.29 27.51 -19.05
CA TYR D 20 41.56 27.98 -19.53
C TYR D 20 42.08 27.14 -20.69
N MET D 21 41.20 26.30 -21.21
CA MET D 21 41.50 25.43 -22.33
C MET D 21 40.34 25.39 -23.30
N GLN D 22 40.59 24.93 -24.51
CA GLN D 22 39.50 24.81 -25.45
C GLN D 22 38.66 23.59 -25.13
N PHE D 23 37.36 23.80 -24.95
CA PHE D 23 36.42 22.70 -24.72
C PHE D 23 35.15 22.89 -25.51
N ASP D 24 34.56 21.80 -25.96
CA ASP D 24 33.30 21.91 -26.67
C ASP D 24 32.21 21.97 -25.61
N ASP D 25 31.05 22.47 -25.99
CA ASP D 25 29.95 22.66 -25.07
C ASP D 25 29.58 21.35 -24.41
N ASP D 26 29.73 20.26 -25.12
CA ASP D 26 29.49 18.94 -24.56
C ASP D 26 30.54 18.51 -23.54
N GLU D 27 31.80 18.82 -23.76
CA GLU D 27 32.85 18.39 -22.85
C GLU D 27 32.69 19.07 -21.51
N LYS D 28 32.34 20.35 -21.53
CA LYS D 28 32.16 21.10 -20.28
C LYS D 28 31.06 20.50 -19.42
N GLN D 29 29.91 20.17 -20.01
CA GLN D 29 28.81 19.58 -19.27
C GLN D 29 29.29 18.29 -18.63
N LYS D 30 30.03 17.50 -19.39
CA LYS D 30 30.53 16.24 -18.90
C LYS D 30 31.52 16.46 -17.78
N LEU D 31 32.40 17.45 -17.93
CA LEU D 31 33.36 17.75 -16.88
C LEU D 31 32.68 18.23 -15.62
N ILE D 32 31.77 19.15 -15.77
CA ILE D 32 31.06 19.68 -14.64
C ILE D 32 30.33 18.57 -13.93
N GLU D 33 29.73 17.68 -14.70
CA GLU D 33 28.99 16.57 -14.11
C GLU D 33 29.89 15.63 -13.36
N GLU D 34 31.06 15.34 -13.91
CA GLU D 34 32.00 14.44 -13.26
C GLU D 34 32.58 15.00 -11.97
N VAL D 35 32.92 16.28 -11.96
CA VAL D 35 33.52 16.87 -10.77
C VAL D 35 32.57 16.83 -9.61
N HIS D 36 31.32 17.17 -9.82
CA HIS D 36 30.34 17.15 -8.76
C HIS D 36 30.19 15.78 -8.19
N ALA D 37 30.25 14.79 -9.07
CA ALA D 37 30.04 13.41 -8.66
C ALA D 37 31.17 12.97 -7.79
N VAL D 38 32.39 13.23 -8.24
CA VAL D 38 33.57 12.85 -7.51
C VAL D 38 33.73 13.56 -6.20
N VAL D 39 33.47 14.83 -6.24
CA VAL D 39 33.72 15.68 -5.10
C VAL D 39 32.69 15.53 -3.98
N THR D 40 31.42 15.46 -4.32
CA THR D 40 30.36 15.39 -3.32
C THR D 40 30.33 14.07 -2.58
N VAL D 41 30.60 13.01 -3.31
CA VAL D 41 30.62 11.65 -2.77
C VAL D 41 31.72 11.44 -1.73
N ARG D 42 32.85 12.12 -1.91
CA ARG D 42 34.02 11.97 -1.04
C ARG D 42 33.76 12.42 0.36
N ASP D 43 34.42 11.73 1.28
CA ASP D 43 34.18 11.85 2.71
C ASP D 43 35.06 12.91 3.33
N ALA D 44 34.87 13.17 4.61
CA ALA D 44 35.79 13.97 5.41
C ALA D 44 37.20 13.44 5.26
N LYS D 45 37.34 12.19 5.68
CA LYS D 45 38.60 11.48 5.78
C LYS D 45 39.49 11.45 4.55
N HIS D 46 38.92 11.49 3.36
CA HIS D 46 39.73 11.37 2.14
C HIS D 46 40.58 12.62 1.93
N THR D 47 41.65 12.51 1.15
CA THR D 47 42.47 13.67 0.83
C THR D 47 41.77 14.69 -0.01
N ASN D 48 42.35 15.87 -0.05
CA ASN D 48 41.84 16.95 -0.87
C ASN D 48 42.10 16.75 -2.36
N PHE D 49 42.90 15.77 -2.70
CA PHE D 49 43.26 15.55 -4.09
C PHE D 49 42.56 14.35 -4.69
N VAL D 50 42.12 14.51 -5.93
CA VAL D 50 41.53 13.45 -6.72
C VAL D 50 42.23 13.30 -8.04
N GLU D 51 42.54 12.07 -8.44
CA GLU D 51 43.34 11.86 -9.65
C GLU D 51 42.40 11.61 -10.81
N PHE D 52 42.14 12.63 -11.61
CA PHE D 52 41.21 12.51 -12.73
C PHE D 52 41.75 12.48 -14.17
N ARG D 53 41.32 11.49 -14.92
CA ARG D 53 41.77 11.31 -16.29
C ARG D 53 43.27 11.59 -16.47
N ASN D 54 43.56 12.62 -17.26
CA ASN D 54 44.92 13.06 -17.48
C ASN D 54 45.28 14.24 -16.60
N PHE D 55 44.45 14.47 -15.59
CA PHE D 55 44.44 15.68 -14.79
C PHE D 55 44.30 15.30 -13.30
N LYS D 56 44.46 16.24 -12.39
CA LYS D 56 44.16 15.96 -10.98
C LYS D 56 43.25 17.03 -10.46
N ILE D 57 42.44 16.70 -9.46
CA ILE D 57 41.56 17.67 -8.86
C ILE D 57 41.97 18.02 -7.45
N ILE D 58 42.17 19.30 -7.21
CA ILE D 58 42.41 19.79 -5.88
C ILE D 58 41.22 20.65 -5.52
N TYR D 59 40.60 20.35 -4.39
CA TYR D 59 39.39 21.02 -4.02
C TYR D 59 39.25 21.25 -2.54
N ARG D 60 38.47 22.25 -2.19
CA ARG D 60 38.17 22.52 -0.81
C ARG D 60 36.72 22.88 -0.73
N ARG D 61 36.11 22.58 0.40
CA ARG D 61 34.72 22.84 0.63
C ARG D 61 34.51 23.87 1.70
N TYR D 62 33.82 24.96 1.37
CA TYR D 62 33.45 25.97 2.35
C TYR D 62 31.95 26.06 2.33
N ALA D 63 31.33 25.89 3.48
CA ALA D 63 29.87 25.92 3.57
C ALA D 63 29.25 24.94 2.59
N GLY D 64 28.37 25.44 1.75
CA GLY D 64 27.76 24.62 0.74
C GLY D 64 28.49 24.65 -0.58
N LEU D 65 29.61 25.32 -0.62
CA LEU D 65 30.30 25.54 -1.88
C LEU D 65 31.54 24.71 -1.96
N TYR D 66 31.74 24.02 -3.06
CA TYR D 66 32.96 23.30 -3.29
C TYR D 66 33.85 24.10 -4.21
N PHE D 67 35.06 24.40 -3.77
CA PHE D 67 35.98 25.16 -4.59
C PHE D 67 36.97 24.21 -5.22
N CYS D 68 36.92 24.05 -6.52
CA CYS D 68 37.74 23.06 -7.22
C CYS D 68 38.63 23.61 -8.31
N ILE D 69 39.92 23.32 -8.23
CA ILE D 69 40.87 23.69 -9.25
C ILE D 69 41.42 22.48 -9.94
N CYS D 70 41.32 22.44 -11.25
CA CYS D 70 41.84 21.32 -12.02
C CYS D 70 43.15 21.62 -12.70
N VAL D 71 44.16 20.81 -12.43
CA VAL D 71 45.52 21.08 -12.90
C VAL D 71 46.15 19.88 -13.57
N ASP D 72 47.25 20.08 -14.28
CA ASP D 72 47.99 18.98 -14.88
C ASP D 72 48.55 18.11 -13.78
N VAL D 73 48.85 16.88 -14.12
CA VAL D 73 49.25 15.87 -13.14
C VAL D 73 50.52 16.24 -12.41
N ASN D 74 51.43 16.92 -13.09
CA ASN D 74 52.68 17.30 -12.48
C ASN D 74 52.61 18.46 -11.49
N ASP D 75 51.54 19.24 -11.52
CA ASP D 75 51.45 20.43 -10.69
C ASP D 75 51.42 20.19 -9.18
N ASN D 76 51.83 21.22 -8.43
CA ASN D 76 52.02 21.15 -7.00
C ASN D 76 50.73 21.12 -6.20
N ASN D 77 50.41 19.98 -5.60
CA ASN D 77 49.13 19.83 -4.93
C ASN D 77 48.93 20.82 -3.80
N LEU D 78 49.91 20.93 -2.93
CA LEU D 78 49.77 21.77 -1.75
C LEU D 78 49.62 23.23 -2.14
N ALA D 79 50.30 23.64 -3.18
CA ALA D 79 50.28 25.03 -3.60
C ALA D 79 48.92 25.49 -4.02
N TYR D 80 48.24 24.69 -4.82
CA TYR D 80 46.91 25.06 -5.30
C TYR D 80 45.85 24.96 -4.24
N LEU D 81 46.03 24.04 -3.31
CA LEU D 81 45.14 23.92 -2.19
C LEU D 81 45.13 25.19 -1.41
N GLU D 82 46.31 25.74 -1.19
CA GLU D 82 46.42 26.95 -0.43
C GLU D 82 45.99 28.15 -1.24
N ALA D 83 46.16 28.08 -2.55
CA ALA D 83 45.74 29.16 -3.42
C ALA D 83 44.25 29.36 -3.34
N ILE D 84 43.51 28.27 -3.22
CA ILE D 84 42.07 28.31 -3.06
C ILE D 84 41.69 29.14 -1.87
N HIS D 85 42.39 28.94 -0.78
CA HIS D 85 42.06 29.62 0.44
C HIS D 85 42.36 31.11 0.37
N ASN D 86 43.49 31.45 -0.23
CA ASN D 86 43.87 32.83 -0.40
C ASN D 86 42.79 33.53 -1.19
N PHE D 87 42.26 32.84 -2.17
CA PHE D 87 41.15 33.28 -2.96
C PHE D 87 39.91 33.51 -2.16
N VAL D 88 39.59 32.58 -1.28
CA VAL D 88 38.39 32.72 -0.48
C VAL D 88 38.58 33.89 0.48
N GLU D 89 39.78 33.99 1.05
CA GLU D 89 40.09 35.03 2.02
C GLU D 89 40.04 36.37 1.38
N VAL D 90 40.43 36.49 0.12
CA VAL D 90 40.26 37.74 -0.59
C VAL D 90 38.79 38.03 -0.77
N LEU D 91 38.02 37.04 -1.16
CA LEU D 91 36.60 37.21 -1.36
C LEU D 91 35.94 37.66 -0.08
N ASN D 92 36.36 37.10 1.03
CA ASN D 92 35.83 37.47 2.32
C ASN D 92 36.09 38.90 2.67
N GLU D 93 37.30 39.33 2.41
CA GLU D 93 37.67 40.69 2.71
C GLU D 93 36.91 41.63 1.79
N TYR D 94 36.74 41.22 0.53
CA TYR D 94 36.03 42.01 -0.49
C TYR D 94 34.52 42.12 -0.36
N PHE D 95 33.83 41.05 -0.03
CA PHE D 95 32.37 41.13 0.02
C PHE D 95 31.89 41.43 1.43
N HIS D 96 32.83 41.39 2.37
CA HIS D 96 32.59 41.51 3.79
C HIS D 96 31.68 40.38 4.26
N ASN D 97 32.29 39.41 4.93
CA ASN D 97 31.62 38.23 5.42
C ASN D 97 30.94 37.47 4.30
N VAL D 98 31.73 37.01 3.35
CA VAL D 98 31.24 36.37 2.13
C VAL D 98 30.40 35.13 2.34
N CYS D 99 29.39 34.95 1.50
CA CYS D 99 28.55 33.77 1.52
C CYS D 99 28.21 33.42 0.10
N GLU D 100 27.59 32.28 -0.13
CA GLU D 100 27.28 31.85 -1.48
C GLU D 100 26.38 32.81 -2.21
N LEU D 101 25.45 33.42 -1.51
CA LEU D 101 24.51 34.33 -2.14
C LEU D 101 25.22 35.51 -2.78
N ASP D 102 26.27 36.01 -2.15
CA ASP D 102 26.99 37.16 -2.65
C ASP D 102 27.57 36.88 -4.03
N LEU D 103 28.01 35.65 -4.21
CA LEU D 103 28.59 35.18 -5.45
C LEU D 103 27.56 35.15 -6.55
N VAL D 104 26.30 34.97 -6.19
CA VAL D 104 25.23 35.01 -7.16
C VAL D 104 24.86 36.41 -7.62
N PHE D 105 24.59 37.30 -6.68
CA PHE D 105 24.18 38.66 -7.02
C PHE D 105 25.32 39.42 -7.64
N ASN D 106 26.54 39.11 -7.24
CA ASN D 106 27.68 39.82 -7.77
C ASN D 106 28.48 38.99 -8.74
N PHE D 107 27.81 38.13 -9.48
CA PHE D 107 28.51 37.18 -10.32
C PHE D 107 29.48 37.82 -11.25
N TYR D 108 29.10 38.94 -11.84
CA TYR D 108 29.95 39.63 -12.79
C TYR D 108 31.19 40.21 -12.15
N LYS D 109 31.21 40.26 -10.83
CA LYS D 109 32.36 40.83 -10.15
C LYS D 109 33.29 39.73 -9.70
N VAL D 110 32.73 38.57 -9.40
CA VAL D 110 33.52 37.47 -8.98
C VAL D 110 34.50 37.13 -10.07
N TYR D 111 34.10 37.31 -11.32
CA TYR D 111 35.00 37.10 -12.44
C TYR D 111 36.22 38.00 -12.37
N THR D 112 36.00 39.24 -11.97
CA THR D 112 37.09 40.17 -11.82
C THR D 112 38.08 39.69 -10.76
N VAL D 113 37.56 39.21 -9.66
CA VAL D 113 38.42 38.75 -8.59
C VAL D 113 39.20 37.54 -9.05
N VAL D 114 38.55 36.59 -9.71
CA VAL D 114 39.28 35.42 -10.17
C VAL D 114 40.32 35.79 -11.18
N ASP D 115 39.95 36.63 -12.14
CA ASP D 115 40.90 36.98 -13.16
C ASP D 115 42.10 37.71 -12.60
N GLU D 116 41.93 38.42 -11.51
CA GLU D 116 43.05 39.12 -10.92
C GLU D 116 44.09 38.14 -10.35
N MET D 117 43.60 37.12 -9.66
CA MET D 117 44.43 36.11 -9.00
C MET D 117 44.93 34.97 -9.89
N PHE D 118 44.13 34.55 -10.87
CA PHE D 118 44.52 33.50 -11.83
C PHE D 118 44.30 33.93 -13.27
N LEU D 119 45.26 33.72 -14.15
CA LEU D 119 45.01 34.04 -15.53
C LEU D 119 45.74 33.11 -16.47
N ALA D 120 45.12 32.78 -17.60
CA ALA D 120 45.76 31.98 -18.62
C ALA D 120 46.21 30.63 -18.09
N GLY D 121 45.49 30.13 -17.10
CA GLY D 121 45.81 28.84 -16.50
C GLY D 121 46.97 28.87 -15.54
N GLU D 122 47.27 30.04 -15.03
CA GLU D 122 48.38 30.20 -14.09
C GLU D 122 48.00 31.11 -12.96
N ILE D 123 48.76 31.03 -11.89
CA ILE D 123 48.61 31.93 -10.77
C ILE D 123 49.17 33.27 -11.16
N ARG D 124 48.44 34.34 -10.86
CA ARG D 124 48.88 35.68 -11.20
C ARG D 124 49.34 36.45 -9.96
N GLU D 125 48.41 36.92 -9.17
CA GLU D 125 48.72 37.75 -8.02
C GLU D 125 48.34 37.04 -6.74
N THR D 126 49.30 36.85 -5.84
CA THR D 126 49.04 36.12 -4.62
C THR D 126 49.02 36.99 -3.37
N SER D 127 49.15 38.30 -3.53
CA SER D 127 49.17 39.19 -2.38
C SER D 127 47.80 39.71 -2.11
N GLN D 128 47.25 39.41 -0.95
CA GLN D 128 45.91 39.84 -0.67
C GLN D 128 45.83 41.34 -0.65
N THR D 129 46.85 41.97 -0.11
CA THR D 129 46.84 43.42 -0.02
C THR D 129 46.80 44.07 -1.38
N LYS D 130 47.64 43.63 -2.31
CA LYS D 130 47.62 44.27 -3.61
C LYS D 130 46.31 43.95 -4.32
N VAL D 131 45.80 42.74 -4.20
CA VAL D 131 44.57 42.40 -4.90
C VAL D 131 43.39 43.21 -4.43
N LEU D 132 43.24 43.33 -3.12
CA LEU D 132 42.13 44.05 -2.56
C LEU D 132 42.19 45.51 -2.88
N LYS D 133 43.39 46.02 -2.91
CA LYS D 133 43.60 47.43 -3.22
C LYS D 133 43.11 47.76 -4.59
N GLN D 134 43.44 46.92 -5.56
CA GLN D 134 43.00 47.11 -6.93
C GLN D 134 41.49 47.04 -7.02
N LEU D 135 40.89 46.08 -6.33
CA LEU D 135 39.45 45.92 -6.36
C LEU D 135 38.70 47.13 -5.83
N LEU D 136 39.25 47.72 -4.78
CA LEU D 136 38.70 48.93 -4.17
C LEU D 136 38.82 50.10 -5.12
N MET D 137 39.96 50.19 -5.80
CA MET D 137 40.16 51.23 -6.78
C MET D 137 39.13 51.15 -7.88
N LEU D 138 38.86 49.94 -8.36
CA LEU D 138 37.94 49.73 -9.45
C LEU D 138 36.49 50.06 -9.12
N GLN D 139 36.10 49.95 -7.86
CA GLN D 139 34.75 50.33 -7.50
C GLN D 139 34.51 51.82 -7.74
N SER D 140 35.51 52.63 -7.44
CA SER D 140 35.42 54.07 -7.56
C SER D 140 35.19 54.51 -8.99
N LEU D 141 35.75 53.75 -9.92
CA LEU D 141 35.62 54.05 -11.32
C LEU D 141 34.19 54.01 -11.73
N GLU D 142 33.79 54.85 -12.67
CA GLU D 142 32.43 54.76 -13.13
C GLU D 142 32.29 53.54 -14.01
N GLY E 11 25.02 49.79 -7.13
CA GLY E 11 24.94 48.87 -8.24
C GLY E 11 23.72 49.08 -9.11
N MET E 12 23.32 48.05 -9.84
CA MET E 12 22.19 48.14 -10.76
C MET E 12 20.97 47.40 -10.30
N ARG E 13 19.95 48.13 -9.86
CA ARG E 13 18.81 47.51 -9.21
C ARG E 13 18.06 46.56 -10.09
N GLY E 14 17.83 46.95 -11.33
CA GLY E 14 17.01 46.13 -12.20
C GLY E 14 17.56 44.74 -12.34
N LEU E 15 18.88 44.62 -12.43
CA LEU E 15 19.53 43.31 -12.53
C LEU E 15 19.32 42.55 -11.25
N ALA E 16 19.44 43.26 -10.14
CA ALA E 16 19.25 42.62 -8.85
C ALA E 16 17.85 42.06 -8.76
N VAL E 17 16.88 42.86 -9.14
CA VAL E 17 15.50 42.42 -9.10
C VAL E 17 15.31 41.25 -10.02
N PHE E 18 15.98 41.26 -11.15
CA PHE E 18 15.82 40.13 -12.05
C PHE E 18 16.35 38.88 -11.38
N ILE E 19 17.56 38.95 -10.87
CA ILE E 19 18.16 37.80 -10.23
C ILE E 19 17.28 37.22 -9.14
N SER E 20 16.69 38.06 -8.31
CA SER E 20 15.83 37.58 -7.25
C SER E 20 14.57 36.95 -7.80
N ASP E 21 13.98 37.52 -8.83
CA ASP E 21 12.77 36.95 -9.41
C ASP E 21 13.02 35.53 -9.89
N ILE E 22 14.18 35.34 -10.49
CA ILE E 22 14.58 34.03 -10.95
C ILE E 22 14.72 33.10 -9.78
N ARG E 23 15.26 33.59 -8.69
CA ARG E 23 15.43 32.76 -7.52
C ARG E 23 14.10 32.31 -6.97
N ASN E 24 13.17 33.24 -6.92
CA ASN E 24 11.87 32.98 -6.33
C ASN E 24 11.03 32.01 -7.11
N CYS E 25 11.45 31.68 -8.32
CA CYS E 25 10.73 30.73 -9.15
C CYS E 25 10.67 29.37 -8.50
N LYS E 26 9.48 28.79 -8.54
CA LYS E 26 9.15 27.55 -7.84
C LYS E 26 9.56 26.31 -8.61
N SER E 27 9.64 26.45 -9.92
CA SER E 27 9.86 25.32 -10.79
C SER E 27 10.76 25.68 -11.93
N LYS E 28 11.28 24.68 -12.60
CA LYS E 28 12.08 24.89 -13.78
C LYS E 28 11.23 25.54 -14.86
N GLU E 29 9.97 25.17 -14.94
CA GLU E 29 9.08 25.72 -15.95
C GLU E 29 8.84 27.20 -15.75
N ALA E 30 8.63 27.58 -14.51
CA ALA E 30 8.38 28.97 -14.17
C ALA E 30 9.57 29.82 -14.50
N GLU E 31 10.75 29.27 -14.28
CA GLU E 31 11.97 29.98 -14.58
C GLU E 31 12.05 30.26 -16.06
N ILE E 32 11.70 29.29 -16.87
CA ILE E 32 11.72 29.47 -18.30
C ILE E 32 10.78 30.57 -18.71
N LYS E 33 9.60 30.58 -18.12
CA LYS E 33 8.63 31.59 -18.51
C LYS E 33 9.11 32.97 -18.08
N ARG E 34 9.70 33.06 -16.90
CA ARG E 34 10.22 34.33 -16.44
C ARG E 34 11.37 34.79 -17.31
N ILE E 35 12.22 33.85 -17.68
CA ILE E 35 13.37 34.18 -18.52
C ILE E 35 12.97 34.66 -19.92
N ASN E 36 12.01 33.98 -20.52
CA ASN E 36 11.56 34.35 -21.85
C ASN E 36 10.91 35.73 -21.85
N LYS E 37 10.23 36.07 -20.76
CA LYS E 37 9.69 37.43 -20.64
C LYS E 37 10.81 38.44 -20.60
N GLU E 38 11.87 38.13 -19.88
CA GLU E 38 12.99 39.06 -19.81
C GLU E 38 13.67 39.14 -21.15
N LEU E 39 13.83 38.00 -21.81
CA LEU E 39 14.46 37.96 -23.11
C LEU E 39 13.70 38.80 -24.07
N ALA E 40 12.39 38.59 -24.12
CA ALA E 40 11.51 39.37 -24.96
C ALA E 40 11.54 40.85 -24.66
N ASN E 41 11.56 41.22 -23.40
CA ASN E 41 11.58 42.61 -23.02
C ASN E 41 12.80 43.35 -23.51
N ILE E 42 13.95 42.73 -23.34
CA ILE E 42 15.19 43.34 -23.75
C ILE E 42 15.27 43.46 -25.25
N ARG E 43 14.87 42.40 -25.93
CA ARG E 43 14.92 42.38 -27.38
C ARG E 43 14.13 43.56 -27.92
N SER E 44 13.01 43.86 -27.26
CA SER E 44 12.20 44.99 -27.68
C SER E 44 12.94 46.31 -27.52
N LYS E 45 13.61 46.47 -26.40
CA LYS E 45 14.31 47.70 -26.09
C LYS E 45 15.51 47.87 -27.01
N PHE E 46 16.20 46.79 -27.32
CA PHE E 46 17.38 46.88 -28.16
C PHE E 46 17.03 47.32 -29.56
N LYS E 47 15.97 46.75 -30.11
CA LYS E 47 15.55 47.14 -31.44
C LYS E 47 14.93 48.52 -31.30
N GLY E 48 14.38 48.76 -30.10
CA GLY E 48 13.73 50.00 -29.73
C GLY E 48 14.09 51.26 -30.46
N ASP E 49 13.07 52.10 -30.67
CA ASP E 49 13.26 53.31 -31.46
C ASP E 49 14.27 54.21 -30.78
N LYS E 50 14.15 54.35 -29.47
CA LYS E 50 15.06 55.16 -28.69
C LYS E 50 16.33 54.36 -28.38
N ALA E 51 17.49 54.96 -28.61
CA ALA E 51 18.77 54.35 -28.27
C ALA E 51 18.98 54.39 -26.76
N LEU E 52 19.61 53.36 -26.22
CA LEU E 52 19.79 53.22 -24.78
C LEU E 52 20.99 53.92 -24.23
N ASP E 53 20.84 54.54 -23.08
CA ASP E 53 21.96 55.17 -22.43
C ASP E 53 22.93 54.13 -21.95
N GLY E 54 24.13 54.54 -21.62
CA GLY E 54 25.16 53.59 -21.26
C GLY E 54 24.81 52.69 -20.09
N TYR E 55 24.18 53.26 -19.06
CA TYR E 55 23.88 52.47 -17.87
C TYR E 55 22.89 51.37 -18.15
N SER E 56 21.84 51.66 -18.88
CA SER E 56 20.82 50.66 -19.15
C SER E 56 21.33 49.55 -20.04
N LYS E 57 22.14 49.89 -21.02
CA LYS E 57 22.66 48.89 -21.92
C LYS E 57 23.51 47.94 -21.13
N LYS E 58 24.34 48.47 -20.25
CA LYS E 58 25.18 47.62 -19.44
C LYS E 58 24.34 46.71 -18.57
N LYS E 59 23.28 47.26 -18.00
CA LYS E 59 22.39 46.50 -17.16
C LYS E 59 21.70 45.37 -17.93
N TYR E 60 21.27 45.67 -19.14
CA TYR E 60 20.59 44.66 -19.95
C TYR E 60 21.51 43.58 -20.49
N VAL E 61 22.74 43.94 -20.84
CA VAL E 61 23.69 42.94 -21.28
C VAL E 61 24.01 42.01 -20.12
N CYS E 62 24.02 42.55 -18.91
CA CYS E 62 24.24 41.74 -17.73
C CYS E 62 23.20 40.70 -17.53
N LYS E 63 21.95 41.09 -17.71
CA LYS E 63 20.87 40.16 -17.58
C LYS E 63 21.02 39.06 -18.59
N LEU E 64 21.44 39.41 -19.79
CA LEU E 64 21.62 38.42 -20.81
C LEU E 64 22.69 37.44 -20.40
N LEU E 65 23.74 37.94 -19.78
CA LEU E 65 24.81 37.08 -19.35
C LEU E 65 24.32 36.13 -18.30
N PHE E 66 23.47 36.62 -17.41
CA PHE E 66 22.93 35.79 -16.38
C PHE E 66 22.12 34.67 -16.98
N ILE E 67 21.32 34.98 -17.99
CA ILE E 67 20.50 33.99 -18.65
C ILE E 67 21.36 32.94 -19.30
N PHE E 68 22.44 33.36 -19.91
CA PHE E 68 23.37 32.43 -20.53
C PHE E 68 24.02 31.55 -19.49
N LEU E 69 24.43 32.14 -18.38
CA LEU E 69 25.07 31.35 -17.33
C LEU E 69 24.10 30.34 -16.74
N LEU E 70 22.82 30.67 -16.77
CA LEU E 70 21.75 29.78 -16.34
C LEU E 70 21.56 28.54 -17.19
N GLY E 71 22.11 28.54 -18.39
CA GLY E 71 22.03 27.37 -19.24
C GLY E 71 21.12 27.55 -20.42
N HIS E 72 20.57 28.74 -20.56
CA HIS E 72 19.70 29.08 -21.67
C HIS E 72 20.41 29.67 -22.86
N ASP E 73 20.02 29.26 -24.05
CA ASP E 73 20.67 29.74 -25.24
C ASP E 73 20.36 31.20 -25.48
N ILE E 74 21.35 31.93 -25.96
CA ILE E 74 21.21 33.35 -26.21
C ILE E 74 21.47 33.64 -27.67
N ASP E 75 20.48 34.16 -28.39
CA ASP E 75 20.67 34.34 -29.81
C ASP E 75 20.94 35.78 -30.17
N PHE E 76 21.04 36.65 -29.19
CA PHE E 76 21.27 38.05 -29.47
C PHE E 76 22.05 38.74 -28.37
N GLY E 77 22.32 40.01 -28.55
CA GLY E 77 22.99 40.79 -27.52
C GLY E 77 24.48 40.93 -27.69
N HIS E 78 25.04 40.31 -28.72
CA HIS E 78 26.44 40.50 -28.96
C HIS E 78 26.77 41.91 -29.43
N MET E 79 25.93 42.48 -30.28
CA MET E 79 26.25 43.80 -30.79
C MET E 79 26.21 44.85 -29.72
N GLU E 80 25.19 44.80 -28.88
CA GLU E 80 25.10 45.79 -27.83
C GLU E 80 26.31 45.64 -26.96
N ALA E 81 26.73 44.40 -26.78
CA ALA E 81 27.90 44.09 -26.00
C ALA E 81 29.14 44.70 -26.59
N VAL E 82 29.29 44.60 -27.90
CA VAL E 82 30.44 45.16 -28.58
C VAL E 82 30.42 46.66 -28.50
N ASN E 83 29.24 47.24 -28.61
CA ASN E 83 29.13 48.67 -28.50
C ASN E 83 29.59 49.14 -27.13
N LEU E 84 29.33 48.34 -26.10
CA LEU E 84 29.79 48.65 -24.75
C LEU E 84 31.29 48.71 -24.63
N LEU E 85 32.00 47.97 -25.46
CA LEU E 85 33.45 48.02 -25.45
C LEU E 85 34.00 49.42 -25.69
N SER E 86 33.29 50.18 -26.52
CA SER E 86 33.70 51.53 -26.91
C SER E 86 33.60 52.61 -25.82
N SER E 87 32.73 52.42 -24.85
CA SER E 87 32.47 53.43 -23.84
C SER E 87 33.67 53.81 -23.01
N ASN E 88 33.77 55.07 -22.64
CA ASN E 88 34.86 55.53 -21.81
C ASN E 88 34.64 55.25 -20.35
N ARG E 89 33.44 54.79 -20.02
CA ARG E 89 33.14 54.37 -18.66
C ARG E 89 33.62 52.96 -18.40
N TYR E 90 34.32 52.76 -17.28
CA TYR E 90 34.88 51.44 -16.97
C TYR E 90 33.86 50.36 -16.74
N THR E 91 32.80 50.67 -16.00
CA THR E 91 31.79 49.67 -15.66
C THR E 91 31.12 49.19 -16.91
N GLU E 92 30.87 50.10 -17.84
CA GLU E 92 30.28 49.74 -19.11
C GLU E 92 31.25 48.88 -19.92
N LYS E 93 32.53 49.18 -19.84
CA LYS E 93 33.52 48.43 -20.60
C LYS E 93 33.79 47.07 -20.02
N GLN E 94 33.79 46.97 -18.70
CA GLN E 94 34.07 45.68 -18.08
C GLN E 94 32.99 44.68 -18.40
N ILE E 95 31.75 45.13 -18.41
CA ILE E 95 30.64 44.25 -18.72
C ILE E 95 30.69 43.75 -20.14
N GLY E 96 31.04 44.60 -21.09
CA GLY E 96 31.13 44.19 -22.46
C GLY E 96 32.20 43.16 -22.75
N TYR E 97 33.39 43.39 -22.21
CA TYR E 97 34.49 42.46 -22.40
C TYR E 97 34.18 41.16 -21.74
N LEU E 98 33.42 41.20 -20.65
CA LEU E 98 32.99 39.97 -20.01
C LEU E 98 32.08 39.14 -20.89
N PHE E 99 31.06 39.78 -21.42
CA PHE E 99 30.06 39.10 -22.19
C PHE E 99 30.68 38.43 -23.40
N ILE E 100 31.48 39.15 -24.16
CA ILE E 100 32.06 38.58 -25.34
C ILE E 100 33.07 37.50 -24.99
N SER E 101 33.63 37.59 -23.80
CA SER E 101 34.54 36.56 -23.33
C SER E 101 33.80 35.27 -23.00
N VAL E 102 32.64 35.36 -22.38
CA VAL E 102 31.87 34.17 -22.05
C VAL E 102 31.18 33.56 -23.24
N LEU E 103 30.57 34.39 -24.07
CA LEU E 103 29.83 33.90 -25.21
C LEU E 103 30.61 34.12 -26.48
N VAL E 104 31.39 33.14 -26.89
CA VAL E 104 32.31 33.39 -27.98
C VAL E 104 31.66 33.19 -29.34
N ASN E 105 31.74 34.21 -30.17
CA ASN E 105 31.07 34.14 -31.45
C ASN E 105 32.01 33.86 -32.61
N SER E 106 31.51 33.05 -33.54
CA SER E 106 32.19 32.77 -34.79
C SER E 106 32.00 33.87 -35.83
N ASN E 107 31.07 34.80 -35.62
CA ASN E 107 30.73 35.77 -36.66
C ASN E 107 31.90 36.63 -37.08
N SER E 108 32.17 36.60 -38.38
CA SER E 108 33.33 37.23 -38.97
C SER E 108 33.31 38.75 -38.78
N GLU E 109 32.15 39.35 -38.99
CA GLU E 109 31.99 40.81 -38.83
C GLU E 109 32.27 41.21 -37.40
N LEU E 110 31.77 40.43 -36.46
CA LEU E 110 31.92 40.70 -35.05
C LEU E 110 33.36 40.63 -34.58
N ILE E 111 34.07 39.61 -35.01
CA ILE E 111 35.43 39.43 -34.56
C ILE E 111 36.29 40.63 -34.89
N ARG E 112 36.07 41.21 -36.06
CA ARG E 112 36.83 42.40 -36.44
C ARG E 112 36.48 43.56 -35.55
N LEU E 113 35.21 43.74 -35.24
CA LEU E 113 34.82 44.83 -34.37
C LEU E 113 35.49 44.68 -33.03
N ILE E 114 35.49 43.46 -32.52
CA ILE E 114 36.11 43.18 -31.26
C ILE E 114 37.59 43.49 -31.29
N ASN E 115 38.30 42.96 -32.28
CA ASN E 115 39.73 43.17 -32.39
C ASN E 115 40.09 44.61 -32.52
N ASN E 116 39.26 45.36 -33.23
CA ASN E 116 39.49 46.78 -33.35
C ASN E 116 39.28 47.45 -32.03
N ALA E 117 38.25 47.01 -31.31
CA ALA E 117 37.98 47.55 -30.00
C ALA E 117 39.13 47.30 -29.06
N ILE E 118 39.68 46.10 -29.13
CA ILE E 118 40.81 45.76 -28.28
C ILE E 118 42.01 46.62 -28.59
N LYS E 119 42.23 46.86 -29.88
CA LYS E 119 43.39 47.61 -30.34
C LYS E 119 43.38 49.01 -29.77
N ASN E 120 42.23 49.65 -29.77
CA ASN E 120 42.12 50.98 -29.20
C ASN E 120 42.48 51.00 -27.74
N ASP E 121 42.04 49.97 -27.03
CA ASP E 121 42.30 49.83 -25.63
C ASP E 121 43.77 49.62 -25.33
N LEU E 122 44.42 48.80 -26.12
CA LEU E 122 45.85 48.59 -25.94
C LEU E 122 46.64 49.87 -26.20
N ALA E 123 46.21 50.61 -27.21
CA ALA E 123 46.88 51.86 -27.56
C ALA E 123 46.69 52.94 -26.52
N SER E 124 45.50 53.03 -25.96
CA SER E 124 45.25 54.01 -24.92
C SER E 124 46.13 53.66 -23.76
N ARG E 125 46.79 54.64 -23.18
CA ARG E 125 47.76 54.28 -22.18
C ARG E 125 47.12 54.00 -20.83
N ASN E 126 45.79 54.08 -20.73
CA ASN E 126 45.13 53.76 -19.47
C ASN E 126 45.32 52.29 -19.15
N PRO E 127 45.89 51.99 -18.00
CA PRO E 127 46.19 50.63 -17.56
C PRO E 127 44.91 49.83 -17.42
N THR E 128 44.04 50.16 -16.50
CA THR E 128 42.75 49.50 -16.35
C THR E 128 42.14 49.09 -17.67
N PHE E 129 42.13 50.02 -18.62
CA PHE E 129 41.65 49.74 -19.95
C PHE E 129 42.52 48.71 -20.67
N MET E 130 43.83 48.80 -20.51
CA MET E 130 44.70 47.82 -21.14
C MET E 130 44.49 46.43 -20.58
N GLY E 131 44.33 46.34 -19.27
CA GLY E 131 44.21 45.04 -18.67
C GLY E 131 42.91 44.37 -19.03
N LEU E 132 41.92 45.18 -19.37
CA LEU E 132 40.63 44.61 -19.71
C LEU E 132 40.80 43.90 -21.00
N ALA E 133 41.46 44.56 -21.93
CA ALA E 133 41.68 44.03 -23.25
C ALA E 133 42.61 42.85 -23.20
N LEU E 134 43.68 42.95 -22.40
CA LEU E 134 44.62 41.85 -22.31
C LEU E 134 43.97 40.60 -21.75
N HIS E 135 43.15 40.77 -20.72
CA HIS E 135 42.48 39.66 -20.11
C HIS E 135 41.52 39.02 -21.10
N CYS E 136 40.92 39.83 -21.95
CA CYS E 136 40.04 39.31 -22.98
C CYS E 136 40.82 38.40 -23.92
N ILE E 137 42.02 38.80 -24.29
CA ILE E 137 42.83 37.97 -25.16
C ILE E 137 43.17 36.66 -24.51
N ALA E 138 43.52 36.68 -23.24
CA ALA E 138 43.87 35.45 -22.53
C ALA E 138 42.67 34.54 -22.37
N ASN E 139 41.55 35.10 -21.98
CA ASN E 139 40.36 34.31 -21.74
C ASN E 139 39.78 33.73 -23.01
N VAL E 140 39.63 34.54 -24.03
CA VAL E 140 39.12 34.00 -25.27
C VAL E 140 40.17 33.16 -25.96
N GLY E 141 41.37 33.69 -26.11
CA GLY E 141 42.48 32.97 -26.71
C GLY E 141 42.26 32.46 -28.11
N SER E 142 41.49 33.18 -28.90
CA SER E 142 41.17 32.76 -30.25
C SER E 142 42.37 32.89 -31.18
N ARG E 143 42.35 32.13 -32.27
CA ARG E 143 43.35 32.20 -33.31
C ARG E 143 43.39 33.57 -33.94
N GLU E 144 42.21 34.13 -34.16
CA GLU E 144 42.09 35.42 -34.83
C GLU E 144 42.77 36.49 -34.01
N MET E 145 42.61 36.38 -32.71
CA MET E 145 43.20 37.31 -31.78
C MET E 145 44.69 37.22 -31.77
N ALA E 146 45.20 36.00 -31.89
CA ALA E 146 46.62 35.80 -31.93
C ALA E 146 47.18 36.48 -33.16
N GLU E 147 46.55 36.23 -34.30
CA GLU E 147 46.99 36.79 -35.57
C GLU E 147 47.09 38.29 -35.43
N ALA E 148 46.10 38.86 -34.77
CA ALA E 148 46.06 40.29 -34.59
C ALA E 148 47.15 40.75 -33.65
N PHE E 149 47.30 40.06 -32.54
CA PHE E 149 48.09 40.62 -31.46
C PHE E 149 49.26 39.83 -31.00
N ALA E 150 49.58 38.74 -31.67
CA ALA E 150 50.71 37.96 -31.24
C ALA E 150 51.96 38.83 -31.27
N GLY E 151 52.01 39.71 -32.26
CA GLY E 151 53.09 40.68 -32.41
C GLY E 151 53.15 41.79 -31.38
N GLU E 152 52.01 42.39 -31.07
CA GLU E 152 51.96 43.53 -30.17
C GLU E 152 52.28 43.19 -28.71
N ILE E 153 51.79 42.06 -28.23
CA ILE E 153 51.86 41.76 -26.80
C ILE E 153 53.27 41.72 -26.22
N PRO E 154 54.22 41.08 -26.92
CA PRO E 154 55.56 41.11 -26.35
C PRO E 154 56.14 42.52 -26.20
N LYS E 155 55.80 43.43 -27.10
CA LYS E 155 56.26 44.80 -27.01
C LYS E 155 55.71 45.47 -25.77
N ILE E 156 54.46 45.18 -25.44
CA ILE E 156 53.83 45.74 -24.26
C ILE E 156 54.51 45.27 -23.02
N LEU E 157 54.88 44.01 -23.04
CA LEU E 157 55.46 43.34 -21.90
C LEU E 157 56.84 43.87 -21.53
N VAL E 158 57.72 44.04 -22.51
CA VAL E 158 59.09 44.42 -22.23
C VAL E 158 59.36 45.92 -22.12
N ALA E 159 58.43 46.73 -22.63
CA ALA E 159 58.61 48.17 -22.69
C ALA E 159 58.65 48.79 -21.33
N GLY E 160 59.75 49.45 -21.00
CA GLY E 160 59.88 50.23 -19.77
C GLY E 160 58.64 50.84 -19.16
N ASP E 161 58.15 51.91 -19.78
CA ASP E 161 56.90 52.58 -19.39
C ASP E 161 55.69 51.73 -18.99
N THR E 162 55.78 50.41 -19.10
CA THR E 162 54.64 49.54 -18.80
C THR E 162 54.41 49.35 -17.30
N MET E 163 53.17 49.54 -16.88
CA MET E 163 52.81 49.45 -15.49
C MET E 163 52.96 48.05 -14.93
N ASP E 164 53.10 47.91 -13.62
CA ASP E 164 53.34 46.59 -13.04
C ASP E 164 52.18 45.67 -13.29
N SER E 165 50.97 46.19 -13.15
CA SER E 165 49.78 45.40 -13.34
C SER E 165 49.68 44.92 -14.75
N VAL E 166 49.99 45.81 -15.68
CA VAL E 166 49.96 45.46 -17.08
C VAL E 166 51.02 44.42 -17.41
N LYS E 167 52.19 44.55 -16.81
CA LYS E 167 53.26 43.60 -17.02
C LYS E 167 52.84 42.21 -16.63
N GLN E 168 52.11 42.08 -15.52
CA GLN E 168 51.65 40.77 -15.09
C GLN E 168 50.71 40.17 -16.10
N SER E 169 49.70 40.92 -16.47
CA SER E 169 48.70 40.41 -17.36
C SER E 169 49.26 40.15 -18.72
N ALA E 170 50.17 40.99 -19.18
CA ALA E 170 50.74 40.82 -20.51
C ALA E 170 51.47 39.51 -20.64
N ALA E 171 52.27 39.19 -19.64
CA ALA E 171 53.08 37.99 -19.62
C ALA E 171 52.24 36.74 -19.68
N LEU E 172 51.22 36.71 -18.84
CA LEU E 172 50.34 35.57 -18.76
C LEU E 172 49.51 35.48 -20.04
N CYS E 173 49.14 36.63 -20.58
CA CYS E 173 48.42 36.65 -21.84
C CYS E 173 49.22 36.08 -22.99
N LEU E 174 50.50 36.42 -23.06
CA LEU E 174 51.40 35.90 -24.06
C LEU E 174 51.59 34.40 -23.89
N LEU E 175 51.55 33.96 -22.65
CA LEU E 175 51.68 32.56 -22.32
C LEU E 175 50.54 31.78 -22.94
N ARG E 176 49.35 32.34 -22.84
CA ARG E 176 48.16 31.72 -23.40
C ARG E 176 48.35 31.67 -24.90
N LEU E 177 48.83 32.76 -25.46
CA LEU E 177 49.06 32.82 -26.90
C LEU E 177 50.12 31.85 -27.32
N TYR E 178 51.20 31.79 -26.58
CA TYR E 178 52.30 30.90 -26.92
C TYR E 178 51.89 29.44 -26.86
N ARG E 179 51.02 29.08 -25.94
CA ARG E 179 50.53 27.72 -25.86
C ARG E 179 49.58 27.41 -26.97
N THR E 180 48.64 28.30 -27.20
CA THR E 180 47.63 28.11 -28.21
C THR E 180 48.21 28.17 -29.60
N SER E 181 49.02 29.18 -29.86
CA SER E 181 49.53 29.43 -31.20
C SER E 181 51.00 29.79 -31.25
N PRO E 182 51.89 28.82 -31.06
CA PRO E 182 53.32 29.10 -31.04
C PRO E 182 53.82 29.68 -32.35
N ASP E 183 53.22 29.26 -33.45
CA ASP E 183 53.63 29.69 -34.78
C ASP E 183 53.42 31.17 -35.00
N LEU E 184 52.30 31.66 -34.52
CA LEU E 184 51.91 33.05 -34.59
C LEU E 184 52.75 33.94 -33.69
N VAL E 185 53.40 33.35 -32.70
CA VAL E 185 54.21 34.12 -31.78
C VAL E 185 55.67 34.04 -32.16
N PRO E 186 56.20 35.13 -32.73
CA PRO E 186 57.58 35.07 -33.18
C PRO E 186 58.57 35.42 -32.11
N MET E 187 59.66 34.67 -32.06
CA MET E 187 60.72 34.95 -31.11
C MET E 187 61.55 36.10 -31.65
N GLY E 188 61.97 37.00 -30.78
CA GLY E 188 62.66 38.18 -31.24
C GLY E 188 63.67 38.62 -30.21
N ASP E 189 63.68 39.91 -29.91
CA ASP E 189 64.60 40.42 -28.92
C ASP E 189 64.00 40.44 -27.55
N TRP E 190 62.69 40.39 -27.50
CA TRP E 190 62.02 40.48 -26.23
C TRP E 190 62.42 39.30 -25.37
N THR E 191 62.82 38.21 -26.04
CA THR E 191 63.17 36.99 -25.35
C THR E 191 64.25 37.25 -24.36
N SER E 192 65.22 38.02 -24.78
CA SER E 192 66.30 38.41 -23.91
C SER E 192 65.81 39.33 -22.80
N ARG E 193 64.95 40.27 -23.16
CA ARG E 193 64.44 41.25 -22.22
C ARG E 193 63.53 40.68 -21.16
N VAL E 194 62.76 39.67 -21.53
CA VAL E 194 61.83 39.04 -20.60
C VAL E 194 62.48 38.44 -19.38
N VAL E 195 63.60 37.76 -19.57
CA VAL E 195 64.25 37.07 -18.48
C VAL E 195 64.55 38.03 -17.36
N HIS E 196 64.92 39.25 -17.69
CA HIS E 196 65.26 40.22 -16.67
C HIS E 196 64.07 40.68 -15.86
N LEU E 197 62.89 40.26 -16.26
CA LEU E 197 61.68 40.56 -15.50
C LEU E 197 61.76 39.88 -14.15
N LEU E 198 62.62 38.88 -14.05
CA LEU E 198 62.83 38.17 -12.80
C LEU E 198 63.43 39.02 -11.69
N ASN E 199 64.05 40.11 -12.05
CA ASN E 199 64.68 40.96 -11.06
C ASN E 199 63.78 42.04 -10.48
N ASP E 200 62.54 42.08 -10.93
CA ASP E 200 61.63 43.16 -10.58
C ASP E 200 61.30 43.15 -9.09
N GLN E 201 61.07 44.34 -8.56
CA GLN E 201 60.71 44.53 -7.17
C GLN E 201 59.36 43.94 -6.85
N HIS E 202 58.45 44.05 -7.80
CA HIS E 202 57.09 43.59 -7.61
C HIS E 202 57.04 42.10 -7.85
N LEU E 203 56.84 41.35 -6.78
CA LEU E 203 56.93 39.91 -6.85
C LEU E 203 55.86 39.30 -7.74
N GLY E 204 54.75 40.00 -7.90
CA GLY E 204 53.68 39.55 -8.76
C GLY E 204 54.13 39.48 -10.19
N VAL E 205 54.92 40.46 -10.58
CA VAL E 205 55.48 40.50 -11.90
C VAL E 205 56.42 39.33 -12.03
N VAL E 206 57.21 39.11 -11.01
CA VAL E 206 58.17 38.02 -11.02
C VAL E 206 57.45 36.71 -11.13
N THR E 207 56.32 36.59 -10.44
CA THR E 207 55.51 35.39 -10.54
C THR E 207 54.99 35.15 -11.93
N ALA E 208 54.38 36.16 -12.51
CA ALA E 208 53.82 36.06 -13.84
C ALA E 208 54.90 35.86 -14.86
N ALA E 209 56.02 36.51 -14.68
CA ALA E 209 57.07 36.34 -15.66
C ALA E 209 57.55 34.91 -15.60
N THR E 210 57.64 34.35 -14.40
CA THR E 210 58.20 33.03 -14.22
C THR E 210 57.38 31.94 -14.86
N SER E 211 56.07 32.08 -14.87
CA SER E 211 55.23 31.10 -15.51
C SER E 211 55.53 31.12 -16.98
N LEU E 212 55.66 32.31 -17.53
CA LEU E 212 55.95 32.47 -18.94
C LEU E 212 57.27 31.84 -19.31
N ILE E 213 58.30 32.15 -18.53
CA ILE E 213 59.64 31.66 -18.78
C ILE E 213 59.74 30.16 -18.67
N THR E 214 59.10 29.59 -17.66
CA THR E 214 59.16 28.17 -17.39
C THR E 214 58.67 27.43 -18.60
N THR E 215 57.57 27.90 -19.16
CA THR E 215 57.01 27.35 -20.37
C THR E 215 57.94 27.55 -21.54
N LEU E 216 58.54 28.72 -21.61
CA LEU E 216 59.46 29.03 -22.68
C LEU E 216 60.67 28.12 -22.61
N ALA E 217 61.18 27.92 -21.41
CA ALA E 217 62.37 27.11 -21.23
C ALA E 217 62.14 25.68 -21.65
N GLN E 218 60.90 25.21 -21.59
CA GLN E 218 60.63 23.82 -21.95
C GLN E 218 60.93 23.56 -23.40
N LYS E 219 60.40 24.37 -24.30
CA LYS E 219 60.66 24.15 -25.71
C LYS E 219 62.06 24.56 -26.13
N ASN E 220 62.50 25.71 -25.66
CA ASN E 220 63.78 26.20 -26.09
C ASN E 220 64.64 26.60 -24.91
N PRO E 221 65.20 25.62 -24.23
CA PRO E 221 65.93 25.79 -22.97
C PRO E 221 67.19 26.61 -23.11
N GLU E 222 67.88 26.41 -24.22
CA GLU E 222 69.19 26.99 -24.41
C GLU E 222 69.08 28.49 -24.32
N GLU E 223 68.00 29.01 -24.86
CA GLU E 223 67.80 30.44 -24.98
C GLU E 223 67.68 31.16 -23.64
N PHE E 224 67.11 30.50 -22.65
CA PHE E 224 66.82 31.15 -21.39
C PHE E 224 67.68 30.62 -20.26
N LYS E 225 68.90 30.22 -20.57
CA LYS E 225 69.81 29.76 -19.54
C LYS E 225 70.13 30.83 -18.54
N THR E 226 69.98 32.10 -18.93
CA THR E 226 70.31 33.19 -18.04
C THR E 226 69.40 33.21 -16.85
N SER E 227 68.20 32.67 -17.03
CA SER E 227 67.20 32.64 -15.98
C SER E 227 67.62 31.86 -14.76
N VAL E 228 68.41 30.82 -14.95
CA VAL E 228 68.80 29.96 -13.84
C VAL E 228 69.48 30.74 -12.74
N SER E 229 70.44 31.57 -13.11
CA SER E 229 71.18 32.36 -12.14
C SER E 229 70.28 33.35 -11.42
N LEU E 230 69.40 34.00 -12.16
CA LEU E 230 68.48 34.96 -11.60
C LEU E 230 67.54 34.30 -10.62
N ALA E 231 66.99 33.15 -11.00
CA ALA E 231 66.01 32.47 -10.18
C ALA E 231 66.63 31.98 -8.89
N VAL E 232 67.85 31.47 -8.99
CA VAL E 232 68.57 30.99 -7.83
C VAL E 232 68.78 32.12 -6.84
N SER E 233 69.13 33.29 -7.36
CA SER E 233 69.38 34.44 -6.51
C SER E 233 68.13 34.91 -5.79
N ARG E 234 67.02 35.09 -6.48
CA ARG E 234 65.81 35.52 -5.81
C ARG E 234 65.34 34.53 -4.79
N LEU E 235 65.47 33.26 -5.11
CA LEU E 235 65.03 32.24 -4.20
C LEU E 235 65.76 32.32 -2.88
N SER E 236 67.07 32.47 -2.95
CA SER E 236 67.88 32.50 -1.74
C SER E 236 67.50 33.66 -0.87
N ARG E 237 67.19 34.77 -1.50
CA ARG E 237 66.80 35.95 -0.76
C ARG E 237 65.43 35.75 -0.11
N ILE E 238 64.54 35.08 -0.81
CA ILE E 238 63.19 34.86 -0.31
C ILE E 238 63.13 33.97 0.92
N VAL E 239 63.80 32.82 0.87
CA VAL E 239 63.77 31.87 1.98
C VAL E 239 64.43 32.37 3.26
N THR E 240 65.48 33.19 3.11
CA THR E 240 66.23 33.73 4.22
C THR E 240 65.47 34.86 4.93
N SER E 241 64.44 35.37 4.27
CA SER E 241 63.76 36.60 4.66
C SER E 241 64.72 37.75 4.53
N ALA E 242 65.72 37.57 3.67
CA ALA E 242 66.71 38.60 3.39
C ALA E 242 66.12 39.63 2.44
N SER E 243 65.28 39.18 1.51
CA SER E 243 64.71 40.07 0.50
C SER E 243 63.80 41.13 1.12
N THR E 244 63.89 42.33 0.58
CA THR E 244 63.12 43.50 0.98
C THR E 244 61.63 43.51 0.59
N ASP E 245 61.33 42.89 -0.54
CA ASP E 245 60.01 42.97 -1.15
C ASP E 245 58.88 42.23 -0.39
N LEU E 246 59.24 41.12 0.24
CA LEU E 246 58.33 40.20 0.95
C LEU E 246 57.11 40.65 1.74
N GLN E 247 57.17 41.80 2.41
CA GLN E 247 56.10 42.14 3.34
C GLN E 247 54.68 42.04 2.76
N ASP E 248 54.49 42.49 1.53
CA ASP E 248 53.19 42.34 0.88
C ASP E 248 52.94 40.85 0.60
N TYR E 249 54.00 40.09 0.39
CA TYR E 249 53.82 38.72 -0.05
C TYR E 249 54.06 37.66 1.01
N THR E 250 54.07 38.03 2.28
CA THR E 250 54.16 37.01 3.32
C THR E 250 52.79 36.46 3.67
N TYR E 251 52.64 35.16 3.54
CA TYR E 251 51.37 34.50 3.77
C TYR E 251 51.44 33.59 4.99
N TYR E 252 50.81 34.00 6.07
CA TYR E 252 50.81 33.21 7.30
C TYR E 252 52.21 32.80 7.69
N PHE E 253 53.11 33.77 7.73
CA PHE E 253 54.46 33.59 8.22
C PHE E 253 55.31 32.85 7.23
N VAL E 254 54.77 32.60 6.05
CA VAL E 254 55.56 32.02 4.98
C VAL E 254 55.71 33.05 3.90
N PRO E 255 56.95 33.25 3.45
CA PRO E 255 57.31 34.26 2.46
C PRO E 255 57.25 33.80 1.03
N ALA E 256 56.36 34.40 0.25
CA ALA E 256 56.23 34.15 -1.18
C ALA E 256 56.23 32.68 -1.51
N PRO E 257 55.28 31.92 -0.95
CA PRO E 257 55.26 30.49 -1.17
C PRO E 257 55.04 30.11 -2.62
N TRP E 258 54.13 30.80 -3.28
CA TRP E 258 53.82 30.47 -4.64
C TRP E 258 54.93 30.80 -5.61
N LEU E 259 55.58 31.93 -5.42
CA LEU E 259 56.77 32.27 -6.20
C LEU E 259 57.90 31.34 -5.90
N SER E 260 58.03 30.94 -4.65
CA SER E 260 59.04 30.00 -4.27
C SER E 260 58.80 28.70 -4.96
N VAL E 261 57.56 28.28 -5.04
CA VAL E 261 57.22 27.07 -5.75
C VAL E 261 57.51 27.26 -7.22
N LYS E 262 57.10 28.40 -7.73
CA LYS E 262 57.21 28.70 -9.14
C LYS E 262 58.64 28.82 -9.61
N LEU E 263 59.53 29.26 -8.74
CA LEU E 263 60.95 29.37 -9.09
C LEU E 263 61.64 28.04 -9.00
N LEU E 264 61.25 27.21 -8.04
CA LEU E 264 61.78 25.87 -7.94
C LEU E 264 61.39 25.04 -9.15
N ARG E 265 60.16 25.20 -9.60
CA ARG E 265 59.75 24.46 -10.78
C ARG E 265 60.54 24.91 -11.99
N LEU E 266 60.85 26.19 -12.07
CA LEU E 266 61.63 26.69 -13.18
C LEU E 266 63.02 26.08 -13.20
N LEU E 267 63.64 25.95 -12.04
CA LEU E 267 64.97 25.40 -11.94
C LEU E 267 65.04 23.97 -12.46
N GLN E 268 63.92 23.28 -12.38
CA GLN E 268 63.79 21.90 -12.84
C GLN E 268 63.90 21.75 -14.34
N CYS E 269 63.71 22.82 -15.08
CA CYS E 269 63.92 22.79 -16.52
C CYS E 269 65.37 22.54 -16.89
N TYR E 270 66.28 23.09 -16.10
CA TYR E 270 67.69 22.96 -16.37
C TYR E 270 68.36 21.94 -15.45
N PRO E 271 69.54 21.46 -15.85
CA PRO E 271 70.42 20.64 -15.01
C PRO E 271 71.02 21.49 -13.92
N PRO E 272 71.96 20.95 -13.12
CA PRO E 272 72.60 21.86 -12.17
C PRO E 272 73.30 23.02 -12.87
N PRO E 273 73.31 24.20 -12.23
CA PRO E 273 73.82 25.44 -12.80
C PRO E 273 75.27 25.30 -13.24
N GLU E 274 75.62 25.89 -14.39
CA GLU E 274 76.98 25.72 -14.88
C GLU E 274 77.98 26.42 -13.96
N ASP E 275 77.66 27.62 -13.49
CA ASP E 275 78.56 28.36 -12.62
C ASP E 275 78.50 27.77 -11.23
N PRO E 276 79.65 27.32 -10.72
CA PRO E 276 79.78 26.68 -9.41
C PRO E 276 79.32 27.56 -8.26
N ALA E 277 79.53 28.87 -8.39
CA ALA E 277 79.11 29.80 -7.35
C ALA E 277 77.61 29.83 -7.21
N VAL E 278 76.90 29.82 -8.33
CA VAL E 278 75.45 29.82 -8.26
C VAL E 278 75.00 28.51 -7.71
N ARG E 279 75.57 27.44 -8.21
CA ARG E 279 75.17 26.12 -7.79
C ARG E 279 75.37 25.96 -6.30
N GLY E 280 76.36 26.62 -5.75
CA GLY E 280 76.56 26.61 -4.32
C GLY E 280 75.44 27.34 -3.59
N ARG E 281 75.03 28.47 -4.14
CA ARG E 281 73.98 29.27 -3.52
C ARG E 281 72.71 28.46 -3.47
N LEU E 282 72.48 27.72 -4.54
CA LEU E 282 71.30 26.87 -4.64
C LEU E 282 71.34 25.79 -3.59
N THR E 283 72.47 25.14 -3.44
CA THR E 283 72.57 24.05 -2.47
C THR E 283 72.46 24.54 -1.03
N GLU E 284 73.01 25.70 -0.73
CA GLU E 284 72.80 26.26 0.60
C GLU E 284 71.36 26.64 0.73
N CYS E 285 70.76 27.05 -0.39
CA CYS E 285 69.35 27.40 -0.38
C CYS E 285 68.46 26.24 -0.03
N LEU E 286 68.67 25.12 -0.69
CA LEU E 286 67.87 23.92 -0.48
C LEU E 286 68.04 23.41 0.93
N GLU E 287 69.25 23.46 1.46
CA GLU E 287 69.50 23.03 2.83
C GLU E 287 68.70 23.84 3.83
N THR E 288 68.58 25.13 3.57
CA THR E 288 67.84 25.99 4.46
C THR E 288 66.37 25.58 4.49
N ILE E 289 65.82 25.25 3.34
CA ILE E 289 64.43 24.82 3.29
C ILE E 289 64.27 23.56 4.10
N LEU E 290 65.21 22.64 3.97
CA LEU E 290 65.16 21.41 4.73
C LEU E 290 65.31 21.68 6.21
N ASN E 291 66.14 22.65 6.58
CA ASN E 291 66.27 22.98 7.99
C ASN E 291 64.98 23.55 8.57
N LYS E 292 64.35 24.46 7.84
CA LYS E 292 63.11 25.07 8.29
C LYS E 292 62.04 24.00 8.46
N ALA E 293 62.15 22.94 7.68
CA ALA E 293 61.23 21.82 7.75
C ALA E 293 61.32 21.17 9.11
N GLN E 294 62.54 20.99 9.59
CA GLN E 294 62.77 20.41 10.89
C GLN E 294 62.48 21.41 12.02
N GLU E 295 62.60 22.70 11.73
CA GLU E 295 62.32 23.72 12.72
C GLU E 295 60.85 23.72 13.10
N PRO E 296 60.54 24.03 14.36
CA PRO E 296 59.16 24.09 14.85
C PRO E 296 58.33 25.17 14.20
N PRO E 297 57.06 24.87 13.90
CA PRO E 297 56.18 25.77 13.18
C PRO E 297 55.92 27.04 13.96
N LYS E 298 56.04 28.20 13.30
CA LYS E 298 55.75 29.49 13.93
C LYS E 298 54.28 29.61 14.25
N SER E 299 53.43 29.04 13.41
CA SER E 299 51.98 29.14 13.58
C SER E 299 51.29 27.80 13.63
N LYS E 300 50.28 27.69 14.47
CA LYS E 300 49.51 26.47 14.54
C LYS E 300 48.57 26.28 13.36
N LYS E 301 48.20 27.37 12.68
CA LYS E 301 47.17 27.26 11.64
C LYS E 301 47.61 26.44 10.45
N VAL E 302 46.66 25.73 9.86
CA VAL E 302 46.95 24.82 8.79
C VAL E 302 47.46 25.50 7.53
N GLN E 303 47.04 26.74 7.29
CA GLN E 303 47.44 27.46 6.10
C GLN E 303 48.93 27.68 6.08
N HIS E 304 49.51 27.87 7.26
CA HIS E 304 50.95 28.01 7.40
C HIS E 304 51.63 26.71 7.07
N SER E 305 51.06 25.62 7.57
CA SER E 305 51.63 24.33 7.31
C SER E 305 51.57 24.00 5.84
N ASN E 306 50.42 24.21 5.22
CA ASN E 306 50.25 23.89 3.81
C ASN E 306 51.14 24.75 2.93
N ALA E 307 51.21 26.01 3.25
CA ALA E 307 52.05 26.91 2.49
C ALA E 307 53.53 26.62 2.66
N LYS E 308 53.97 26.40 3.88
CA LYS E 308 55.36 26.12 4.13
C LYS E 308 55.76 24.84 3.44
N ASN E 309 54.92 23.83 3.55
CA ASN E 309 55.19 22.53 2.96
C ASN E 309 55.16 22.48 1.47
N ALA E 310 54.34 23.32 0.86
CA ALA E 310 54.24 23.34 -0.59
C ALA E 310 55.59 23.62 -1.20
N VAL E 311 56.34 24.52 -0.59
CA VAL E 311 57.69 24.80 -1.00
C VAL E 311 58.59 23.61 -0.74
N LEU E 312 58.41 22.96 0.40
CA LEU E 312 59.30 21.88 0.79
C LEU E 312 59.19 20.74 -0.18
N PHE E 313 57.98 20.37 -0.54
CA PHE E 313 57.77 19.27 -1.46
C PHE E 313 58.28 19.61 -2.82
N GLU E 314 58.20 20.87 -3.20
CA GLU E 314 58.78 21.31 -4.46
C GLU E 314 60.30 21.29 -4.42
N ALA E 315 60.88 21.65 -3.29
CA ALA E 315 62.34 21.64 -3.17
C ALA E 315 62.86 20.22 -3.33
N ILE E 316 62.15 19.27 -2.73
CA ILE E 316 62.44 17.85 -2.84
C ILE E 316 62.33 17.39 -4.28
N SER E 317 61.39 17.96 -5.02
CA SER E 317 61.23 17.65 -6.43
C SER E 317 62.44 18.06 -7.25
N LEU E 318 63.02 19.19 -6.92
CA LEU E 318 64.22 19.66 -7.58
C LEU E 318 65.42 18.82 -7.19
N ILE E 319 65.51 18.47 -5.92
CA ILE E 319 66.63 17.69 -5.43
C ILE E 319 66.71 16.37 -6.19
N ILE E 320 65.57 15.75 -6.38
CA ILE E 320 65.46 14.50 -7.12
C ILE E 320 65.81 14.67 -8.58
N HIS E 321 65.37 15.78 -9.18
CA HIS E 321 65.59 16.02 -10.60
C HIS E 321 67.06 16.07 -10.93
N HIS E 322 67.81 16.85 -10.17
CA HIS E 322 69.25 16.98 -10.39
C HIS E 322 70.02 15.72 -10.07
N ASP E 323 69.63 15.04 -8.99
CA ASP E 323 70.31 13.84 -8.55
C ASP E 323 71.75 14.10 -8.18
N SER E 324 72.10 15.36 -7.96
CA SER E 324 73.50 15.72 -7.81
C SER E 324 74.06 15.54 -6.41
N GLU E 325 73.32 15.94 -5.39
CA GLU E 325 73.91 16.07 -4.06
C GLU E 325 73.49 14.98 -3.10
N PRO E 326 74.47 14.24 -2.58
CA PRO E 326 74.30 13.10 -1.68
C PRO E 326 73.57 13.49 -0.42
N ASN E 327 74.02 14.55 0.23
CA ASN E 327 73.40 14.98 1.45
C ASN E 327 71.96 15.37 1.24
N LEU E 328 71.71 16.06 0.14
CA LEU E 328 70.37 16.52 -0.14
C LEU E 328 69.45 15.36 -0.42
N LEU E 329 69.88 14.41 -1.23
CA LEU E 329 69.04 13.28 -1.55
C LEU E 329 68.69 12.51 -0.30
N VAL E 330 69.64 12.35 0.59
CA VAL E 330 69.36 11.66 1.84
C VAL E 330 68.45 12.47 2.74
N ARG E 331 68.73 13.76 2.88
CA ARG E 331 67.95 14.61 3.77
C ARG E 331 66.48 14.59 3.38
N ALA E 332 66.23 14.56 2.08
CA ALA E 332 64.90 14.50 1.55
C ALA E 332 64.26 13.22 2.01
N CYS E 333 65.01 12.14 1.92
CA CYS E 333 64.51 10.85 2.33
C CYS E 333 64.12 10.82 3.80
N ASN E 334 64.89 11.48 4.64
CA ASN E 334 64.56 11.52 6.06
C ASN E 334 63.26 12.23 6.27
N GLN E 335 63.12 13.36 5.61
CA GLN E 335 61.95 14.19 5.78
C GLN E 335 60.71 13.51 5.27
N LEU E 336 60.79 12.91 4.10
CA LEU E 336 59.63 12.25 3.56
C LEU E 336 59.22 11.13 4.49
N GLY E 337 60.20 10.46 5.07
CA GLY E 337 59.93 9.39 6.00
C GLY E 337 59.19 9.86 7.22
N GLN E 338 59.53 11.06 7.67
CA GLN E 338 58.86 11.65 8.82
C GLN E 338 57.39 11.97 8.52
N PHE E 339 57.11 12.38 7.29
CA PHE E 339 55.75 12.72 6.86
C PHE E 339 54.87 11.49 6.82
N LEU E 340 55.47 10.33 6.62
CA LEU E 340 54.73 9.09 6.61
C LEU E 340 54.03 8.92 7.94
N GLN E 341 54.66 9.40 8.99
CA GLN E 341 54.09 9.33 10.33
C GLN E 341 53.09 10.43 10.60
N HIS E 342 53.04 11.42 9.73
CA HIS E 342 52.23 12.61 9.96
C HIS E 342 50.76 12.29 10.04
N ARG E 343 50.04 13.05 10.86
CA ARG E 343 48.59 12.90 11.00
C ARG E 343 47.77 13.30 9.84
N GLU E 344 48.28 14.18 9.00
CA GLU E 344 47.46 14.67 7.93
C GLU E 344 47.53 13.73 6.77
N THR E 345 46.38 13.32 6.28
CA THR E 345 46.31 12.37 5.19
C THR E 345 46.96 12.99 3.98
N ASN E 346 46.81 14.30 3.82
CA ASN E 346 47.35 15.00 2.68
C ASN E 346 48.84 14.84 2.56
N LEU E 347 49.54 14.95 3.68
CA LEU E 347 50.99 14.85 3.68
C LEU E 347 51.49 13.44 3.44
N ARG E 348 50.82 12.45 4.00
CA ARG E 348 51.23 11.07 3.76
C ARG E 348 51.10 10.73 2.31
N TYR E 349 50.02 11.16 1.69
CA TYR E 349 49.80 10.93 0.28
C TYR E 349 50.93 11.52 -0.53
N LEU E 350 51.27 12.76 -0.24
CA LEU E 350 52.31 13.42 -0.95
C LEU E 350 53.67 12.84 -0.62
N ALA E 351 53.88 12.46 0.63
CA ALA E 351 55.14 11.90 1.03
C ALA E 351 55.39 10.62 0.28
N LEU E 352 54.35 9.82 0.19
CA LEU E 352 54.43 8.56 -0.52
C LEU E 352 54.70 8.76 -1.99
N GLU E 353 54.08 9.77 -2.57
CA GLU E 353 54.27 10.04 -3.97
C GLU E 353 55.70 10.45 -4.27
N SER E 354 56.26 11.36 -3.49
CA SER E 354 57.63 11.80 -3.73
C SER E 354 58.62 10.71 -3.50
N MET E 355 58.41 9.93 -2.45
CA MET E 355 59.32 8.88 -2.11
C MET E 355 59.43 7.90 -3.24
N CYS E 356 58.34 7.70 -3.96
CA CYS E 356 58.33 6.79 -5.07
C CYS E 356 59.33 7.20 -6.13
N THR E 357 59.37 8.49 -6.42
CA THR E 357 60.29 8.99 -7.41
C THR E 357 61.71 8.88 -6.91
N LEU E 358 61.87 9.14 -5.62
CA LEU E 358 63.18 9.15 -5.00
C LEU E 358 63.83 7.79 -5.18
N ALA E 359 63.03 6.75 -5.17
CA ALA E 359 63.52 5.39 -5.29
C ALA E 359 64.27 5.18 -6.59
N SER E 360 63.87 5.90 -7.63
CA SER E 360 64.49 5.77 -8.92
C SER E 360 65.93 6.24 -8.89
N SER E 361 66.24 7.14 -7.96
CA SER E 361 67.62 7.54 -7.79
C SER E 361 68.41 6.35 -7.34
N GLU E 362 69.47 6.03 -8.06
CA GLU E 362 70.28 4.85 -7.75
C GLU E 362 70.95 4.99 -6.40
N PHE E 363 71.41 6.18 -6.09
CA PHE E 363 72.09 6.42 -4.83
C PHE E 363 71.16 6.29 -3.64
N SER E 364 69.95 6.81 -3.78
CA SER E 364 69.07 6.96 -2.64
C SER E 364 68.23 5.72 -2.43
N HIS E 365 68.38 4.77 -3.34
CA HIS E 365 67.49 3.61 -3.36
C HIS E 365 67.60 2.83 -2.08
N GLU E 366 68.82 2.62 -1.61
CA GLU E 366 69.05 1.86 -0.40
C GLU E 366 68.52 2.58 0.82
N ALA E 367 68.57 3.91 0.81
CA ALA E 367 68.01 4.71 1.89
C ALA E 367 66.49 4.63 1.98
N VAL E 368 65.85 4.58 0.82
CA VAL E 368 64.40 4.47 0.74
C VAL E 368 63.91 3.16 1.32
N LYS E 369 64.65 2.09 1.05
CA LYS E 369 64.26 0.75 1.44
C LYS E 369 64.14 0.61 2.94
N THR E 370 64.70 1.56 3.68
CA THR E 370 64.59 1.53 5.12
C THR E 370 63.16 1.59 5.58
N HIS E 371 62.35 2.31 4.83
CA HIS E 371 61.01 2.63 5.29
C HIS E 371 60.01 1.56 4.89
N ILE E 372 60.50 0.43 4.42
CA ILE E 372 59.63 -0.60 3.88
C ILE E 372 58.62 -1.13 4.90
N GLU E 373 59.04 -1.27 6.15
CA GLU E 373 58.13 -1.75 7.17
C GLU E 373 57.05 -0.72 7.43
N THR E 374 57.46 0.55 7.48
CA THR E 374 56.55 1.66 7.71
C THR E 374 55.52 1.76 6.60
N VAL E 375 55.94 1.50 5.38
CA VAL E 375 55.01 1.49 4.27
C VAL E 375 54.02 0.37 4.49
N ILE E 376 54.53 -0.80 4.83
CA ILE E 376 53.66 -1.93 5.10
C ILE E 376 52.78 -1.69 6.32
N ASN E 377 53.36 -1.20 7.40
CA ASN E 377 52.57 -0.89 8.59
C ASN E 377 51.51 0.13 8.26
N ALA E 378 51.87 1.09 7.43
CA ALA E 378 50.89 2.07 7.00
C ALA E 378 49.87 1.40 6.12
N LEU E 379 50.34 0.49 5.28
CA LEU E 379 49.48 -0.16 4.30
C LEU E 379 48.33 -0.95 4.89
N LYS E 380 48.57 -1.57 6.03
CA LYS E 380 47.50 -2.28 6.70
C LYS E 380 46.54 -1.32 7.39
N THR E 381 47.04 -0.16 7.80
CA THR E 381 46.25 0.73 8.62
C THR E 381 45.65 1.93 7.88
N GLU E 382 45.94 2.09 6.59
CA GLU E 382 45.49 3.27 5.86
C GLU E 382 44.05 3.17 5.37
N ARG E 383 43.20 4.07 5.84
CA ARG E 383 41.78 4.01 5.52
C ARG E 383 41.47 4.50 4.09
N ASP E 384 42.25 5.45 3.58
CA ASP E 384 42.02 5.96 2.24
C ASP E 384 42.61 5.15 1.11
N VAL E 385 41.81 4.87 0.09
CA VAL E 385 42.24 4.02 -1.02
C VAL E 385 43.31 4.65 -1.91
N SER E 386 43.17 5.93 -2.20
CA SER E 386 44.12 6.60 -3.06
C SER E 386 45.50 6.55 -2.44
N VAL E 387 45.56 6.64 -1.12
CA VAL E 387 46.82 6.54 -0.43
C VAL E 387 47.42 5.15 -0.50
N ARG E 388 46.59 4.13 -0.46
CA ARG E 388 47.09 2.76 -0.51
C ARG E 388 47.73 2.53 -1.85
N GLN E 389 47.11 3.06 -2.89
CA GLN E 389 47.62 2.88 -4.22
C GLN E 389 49.00 3.49 -4.28
N ARG E 390 49.12 4.66 -3.68
CA ARG E 390 50.39 5.35 -3.64
C ARG E 390 51.25 4.80 -2.53
N ALA E 391 51.14 3.51 -2.26
CA ALA E 391 51.92 2.86 -1.24
C ALA E 391 52.33 1.56 -1.85
N VAL E 392 51.41 1.02 -2.62
CA VAL E 392 51.66 -0.11 -3.48
C VAL E 392 52.68 0.29 -4.52
N ASP E 393 52.55 1.51 -5.02
CA ASP E 393 53.46 2.02 -6.00
C ASP E 393 54.85 2.13 -5.43
N LEU E 394 54.93 2.57 -4.19
CA LEU E 394 56.21 2.66 -3.50
C LEU E 394 56.83 1.29 -3.31
N LEU E 395 56.02 0.28 -3.03
CA LEU E 395 56.53 -1.05 -2.81
C LEU E 395 57.24 -1.59 -4.03
N TYR E 396 56.61 -1.47 -5.19
CA TYR E 396 57.22 -1.94 -6.42
C TYR E 396 58.51 -1.25 -6.80
N ALA E 397 58.64 0.01 -6.45
CA ALA E 397 59.87 0.70 -6.79
C ALA E 397 61.07 0.12 -6.06
N MET E 398 60.89 -0.13 -4.76
CA MET E 398 61.97 -0.65 -3.95
C MET E 398 61.98 -2.17 -3.91
N GLY F 11 5.35 0.61 -31.46
CA GLY F 11 5.25 2.04 -31.26
C GLY F 11 6.39 2.79 -31.91
N MET F 12 6.69 3.98 -31.42
CA MET F 12 7.76 4.78 -32.00
C MET F 12 8.98 4.82 -31.12
N ARG F 13 10.03 4.12 -31.50
CA ARG F 13 11.21 3.96 -30.67
C ARG F 13 11.93 5.26 -30.43
N GLY F 14 12.04 6.06 -31.49
CA GLY F 14 12.76 7.32 -31.43
C GLY F 14 12.23 8.25 -30.38
N LEU F 15 10.91 8.26 -30.20
CA LEU F 15 10.29 9.08 -29.17
C LEU F 15 10.65 8.57 -27.79
N ALA F 16 10.66 7.26 -27.63
CA ALA F 16 10.97 6.68 -26.36
C ALA F 16 12.37 7.06 -25.96
N VAL F 17 13.28 6.98 -26.91
CA VAL F 17 14.68 7.32 -26.62
C VAL F 17 14.86 8.77 -26.22
N PHE F 18 14.14 9.68 -26.87
CA PHE F 18 14.24 11.08 -26.52
C PHE F 18 13.68 11.38 -25.16
N ILE F 19 12.79 10.53 -24.68
CA ILE F 19 12.20 10.78 -23.37
C ILE F 19 13.14 10.23 -22.33
N SER F 20 13.75 9.10 -22.63
CA SER F 20 14.71 8.52 -21.73
C SER F 20 15.89 9.47 -21.53
N ASP F 21 16.31 10.08 -22.63
CA ASP F 21 17.42 11.00 -22.59
C ASP F 21 17.14 12.19 -21.69
N ILE F 22 15.92 12.70 -21.75
CA ILE F 22 15.49 13.79 -20.90
C ILE F 22 15.47 13.36 -19.45
N ARG F 23 15.04 12.15 -19.19
CA ARG F 23 15.01 11.66 -17.82
C ARG F 23 16.40 11.53 -17.30
N ASN F 24 17.29 11.02 -18.15
CA ASN F 24 18.65 10.74 -17.76
C ASN F 24 19.45 11.99 -17.47
N CYS F 25 18.94 13.16 -17.87
CA CYS F 25 19.61 14.41 -17.60
C CYS F 25 19.72 14.69 -16.11
N LYS F 26 20.92 15.09 -15.68
CA LYS F 26 21.21 15.29 -14.28
C LYS F 26 20.87 16.68 -13.77
N SER F 27 20.77 17.64 -14.68
CA SER F 27 20.59 19.03 -14.30
C SER F 27 19.61 19.73 -15.21
N LYS F 28 19.07 20.85 -14.78
CA LYS F 28 18.15 21.62 -15.59
C LYS F 28 18.84 22.04 -16.86
N GLU F 29 20.12 22.38 -16.72
CA GLU F 29 20.90 22.87 -17.84
C GLU F 29 21.13 21.80 -18.88
N ALA F 30 21.46 20.60 -18.45
CA ALA F 30 21.68 19.49 -19.37
C ALA F 30 20.40 19.21 -20.12
N GLU F 31 19.29 19.39 -19.43
CA GLU F 31 17.99 19.17 -20.03
C GLU F 31 17.76 20.16 -21.17
N ILE F 32 18.11 21.41 -20.94
CA ILE F 32 17.97 22.43 -21.95
C ILE F 32 18.84 22.14 -23.15
N LYS F 33 20.05 21.67 -22.91
CA LYS F 33 20.99 21.44 -23.98
C LYS F 33 20.48 20.34 -24.89
N ARG F 34 19.98 19.27 -24.28
CA ARG F 34 19.46 18.14 -25.04
C ARG F 34 18.24 18.53 -25.81
N ILE F 35 17.41 19.33 -25.19
CA ILE F 35 16.18 19.78 -25.79
C ILE F 35 16.43 20.67 -27.02
N ASN F 36 17.37 21.61 -26.89
CA ASN F 36 17.71 22.49 -27.99
C ASN F 36 18.31 21.70 -29.12
N LYS F 37 19.04 20.65 -28.81
CA LYS F 37 19.60 19.80 -29.84
C LYS F 37 18.51 19.18 -30.65
N GLU F 38 17.48 18.72 -29.97
CA GLU F 38 16.38 18.07 -30.64
C GLU F 38 15.61 19.05 -31.48
N LEU F 39 15.39 20.24 -30.95
CA LEU F 39 14.65 21.24 -31.68
C LEU F 39 15.34 21.56 -32.99
N ALA F 40 16.64 21.70 -32.94
CA ALA F 40 17.44 21.94 -34.13
C ALA F 40 17.44 20.77 -35.08
N ASN F 41 17.52 19.56 -34.55
CA ASN F 41 17.52 18.38 -35.41
C ASN F 41 16.19 18.32 -36.14
N ILE F 42 15.10 18.59 -35.43
CA ILE F 42 13.79 18.54 -36.04
C ILE F 42 13.58 19.63 -37.09
N ARG F 43 13.99 20.86 -36.76
CA ARG F 43 13.80 22.01 -37.65
C ARG F 43 14.54 21.71 -38.94
N SER F 44 15.65 21.01 -38.79
CA SER F 44 16.46 20.63 -39.92
C SER F 44 15.67 19.73 -40.84
N LYS F 45 14.94 18.78 -40.29
CA LYS F 45 14.15 17.87 -41.11
C LYS F 45 12.97 18.53 -41.79
N PHE F 46 12.28 19.40 -41.09
CA PHE F 46 11.06 19.98 -41.66
C PHE F 46 11.36 20.87 -42.86
N LYS F 47 12.31 21.78 -42.71
CA LYS F 47 12.81 22.58 -43.84
C LYS F 47 13.85 21.77 -44.59
N GLY F 48 13.68 20.45 -44.56
CA GLY F 48 14.58 19.50 -45.18
C GLY F 48 14.16 19.04 -46.55
N ASP F 49 15.15 18.69 -47.37
CA ASP F 49 14.91 18.30 -48.76
C ASP F 49 13.96 17.11 -48.88
N LYS F 50 14.10 16.15 -47.98
CA LYS F 50 13.25 14.97 -48.02
C LYS F 50 11.85 15.24 -47.54
N ALA F 51 10.88 14.75 -48.29
CA ALA F 51 9.52 14.76 -47.81
C ALA F 51 9.51 13.65 -46.77
N LEU F 52 8.82 13.88 -45.67
CA LEU F 52 8.86 12.96 -44.54
C LEU F 52 7.79 11.88 -44.61
N ASP F 53 8.17 10.66 -44.29
CA ASP F 53 7.22 9.58 -44.26
C ASP F 53 6.22 9.80 -43.15
N GLY F 54 5.12 9.08 -43.18
CA GLY F 54 4.08 9.28 -42.19
C GLY F 54 4.52 9.08 -40.76
N TYR F 55 5.34 8.05 -40.54
CA TYR F 55 5.82 7.71 -39.20
C TYR F 55 6.73 8.75 -38.60
N SER F 56 7.70 9.21 -39.36
CA SER F 56 8.63 10.17 -38.80
C SER F 56 7.96 11.49 -38.52
N LYS F 57 7.07 11.92 -39.40
CA LYS F 57 6.41 13.19 -39.19
C LYS F 57 5.60 13.06 -37.91
N LYS F 58 4.89 11.95 -37.75
CA LYS F 58 4.12 11.72 -36.53
C LYS F 58 5.03 11.63 -35.32
N LYS F 59 6.14 10.95 -35.45
CA LYS F 59 7.09 10.82 -34.37
C LYS F 59 7.71 12.14 -33.96
N TYR F 60 8.10 12.97 -34.92
CA TYR F 60 8.73 14.23 -34.57
C TYR F 60 7.76 15.22 -33.96
N VAL F 61 6.55 15.25 -34.48
CA VAL F 61 5.54 16.14 -33.93
C VAL F 61 5.24 15.77 -32.49
N CYS F 62 5.31 14.47 -32.21
CA CYS F 62 5.14 13.98 -30.86
C CYS F 62 6.25 14.47 -29.96
N LYS F 63 7.48 14.42 -30.44
CA LYS F 63 8.60 14.93 -29.67
C LYS F 63 8.44 16.40 -29.38
N LEU F 64 7.97 17.16 -30.35
CA LEU F 64 7.80 18.58 -30.14
C LEU F 64 6.82 18.84 -29.04
N LEU F 65 5.76 18.04 -29.00
CA LEU F 65 4.74 18.18 -27.99
C LEU F 65 5.31 17.89 -26.63
N PHE F 66 6.17 16.89 -26.54
CA PHE F 66 6.76 16.54 -25.26
C PHE F 66 7.54 17.69 -24.75
N ILE F 67 8.29 18.32 -25.64
CA ILE F 67 9.08 19.46 -25.29
C ILE F 67 8.18 20.58 -24.81
N PHE F 68 7.04 20.75 -25.45
CA PHE F 68 6.13 21.81 -25.05
C PHE F 68 5.60 21.58 -23.68
N LEU F 69 5.24 20.35 -23.40
CA LEU F 69 4.70 19.99 -22.11
C LEU F 69 5.75 20.16 -21.05
N LEU F 70 7.01 19.99 -21.43
CA LEU F 70 8.15 20.19 -20.55
C LEU F 70 8.28 21.63 -20.10
N GLY F 71 7.60 22.54 -20.79
CA GLY F 71 7.59 23.93 -20.40
C GLY F 71 8.35 24.86 -21.30
N HIS F 72 8.93 24.31 -22.35
CA HIS F 72 9.64 25.10 -23.35
C HIS F 72 8.72 25.49 -24.48
N ASP F 73 8.71 26.76 -24.88
CA ASP F 73 7.81 27.20 -25.93
C ASP F 73 8.29 26.64 -27.26
N ILE F 74 7.34 26.40 -28.15
CA ILE F 74 7.63 25.82 -29.45
C ILE F 74 7.27 26.80 -30.54
N ASP F 75 8.23 27.12 -31.40
CA ASP F 75 8.01 28.16 -32.38
C ASP F 75 7.68 27.60 -33.74
N PHE F 76 7.59 26.28 -33.86
CA PHE F 76 7.31 25.69 -35.15
C PHE F 76 6.61 24.35 -35.06
N GLY F 77 6.30 23.75 -36.20
CA GLY F 77 5.71 22.43 -36.22
C GLY F 77 4.20 22.37 -36.34
N HIS F 78 3.58 23.53 -36.38
CA HIS F 78 2.14 23.63 -36.54
C HIS F 78 1.69 23.18 -37.89
N MET F 79 2.48 23.46 -38.91
CA MET F 79 2.11 23.10 -40.27
C MET F 79 2.09 21.61 -40.42
N GLU F 80 3.11 20.96 -39.87
CA GLU F 80 3.27 19.52 -39.96
C GLU F 80 2.12 18.80 -39.31
N ALA F 81 1.68 19.37 -38.20
CA ALA F 81 0.54 18.84 -37.47
C ALA F 81 -0.67 18.86 -38.37
N VAL F 82 -0.87 19.95 -39.10
CA VAL F 82 -2.00 20.01 -39.98
C VAL F 82 -1.88 18.96 -41.04
N ASN F 83 -0.67 18.72 -41.52
CA ASN F 83 -0.52 17.69 -42.53
C ASN F 83 -0.90 16.32 -41.97
N LEU F 84 -0.56 16.07 -40.72
CA LEU F 84 -0.92 14.80 -40.09
C LEU F 84 -2.42 14.63 -39.99
N LEU F 85 -3.13 15.74 -39.85
CA LEU F 85 -4.58 15.71 -39.78
C LEU F 85 -5.18 15.08 -41.00
N SER F 86 -4.56 15.29 -42.15
CA SER F 86 -5.04 14.71 -43.40
C SER F 86 -4.84 13.22 -43.47
N SER F 87 -3.91 12.70 -42.70
CA SER F 87 -3.53 11.30 -42.81
C SER F 87 -4.69 10.37 -42.56
N ASN F 88 -4.74 9.29 -43.31
CA ASN F 88 -5.77 8.28 -43.12
C ASN F 88 -5.41 7.25 -42.08
N ARG F 89 -4.19 7.31 -41.59
CA ARG F 89 -3.78 6.43 -40.51
C ARG F 89 -4.21 7.06 -39.19
N TYR F 90 -4.85 6.31 -38.30
CA TYR F 90 -5.36 6.88 -37.07
C TYR F 90 -4.29 7.44 -36.17
N THR F 91 -3.18 6.75 -36.03
CA THR F 91 -2.14 7.22 -35.11
C THR F 91 -1.61 8.57 -35.55
N GLU F 92 -1.45 8.76 -36.84
CA GLU F 92 -0.99 10.02 -37.38
C GLU F 92 -2.03 11.09 -37.13
N LYS F 93 -3.30 10.74 -37.27
CA LYS F 93 -4.36 11.71 -37.13
C LYS F 93 -4.54 12.14 -35.69
N GLN F 94 -4.38 11.21 -34.77
CA GLN F 94 -4.50 11.47 -33.34
C GLN F 94 -3.41 12.39 -32.81
N ILE F 95 -2.18 12.20 -33.24
CA ILE F 95 -1.08 13.05 -32.83
C ILE F 95 -1.24 14.46 -33.35
N GLY F 96 -1.68 14.61 -34.59
CA GLY F 96 -1.84 15.93 -35.12
C GLY F 96 -2.90 16.70 -34.37
N TYR F 97 -4.05 16.08 -34.18
CA TYR F 97 -5.16 16.69 -33.50
C TYR F 97 -4.84 17.00 -32.05
N LEU F 98 -4.00 16.16 -31.46
CA LEU F 98 -3.56 16.42 -30.12
C LEU F 98 -2.77 17.71 -30.15
N PHE F 99 -1.89 17.81 -31.12
CA PHE F 99 -0.99 18.94 -31.21
C PHE F 99 -1.69 20.28 -31.37
N ILE F 100 -2.62 20.40 -32.29
CA ILE F 100 -3.27 21.68 -32.45
C ILE F 100 -4.13 21.99 -31.24
N SER F 101 -4.55 20.97 -30.52
CA SER F 101 -5.35 21.14 -29.31
C SER F 101 -4.56 21.75 -28.17
N VAL F 102 -3.34 21.27 -27.99
CA VAL F 102 -2.47 21.81 -26.95
C VAL F 102 -1.90 23.17 -27.29
N LEU F 103 -1.43 23.33 -28.52
CA LEU F 103 -0.83 24.58 -28.93
C LEU F 103 -1.74 25.34 -29.89
N VAL F 104 -2.63 26.18 -29.38
CA VAL F 104 -3.63 26.82 -30.24
C VAL F 104 -3.18 28.15 -30.82
N ASN F 105 -3.31 28.29 -32.13
CA ASN F 105 -2.88 29.52 -32.81
C ASN F 105 -3.97 30.49 -33.17
N SER F 106 -3.64 31.76 -33.02
CA SER F 106 -4.49 32.84 -33.48
C SER F 106 -4.32 32.99 -34.99
N ASN F 107 -3.30 32.34 -35.54
CA ASN F 107 -3.01 32.52 -36.95
C ASN F 107 -4.13 32.02 -37.85
N SER F 108 -4.65 32.93 -38.66
CA SER F 108 -5.82 32.67 -39.48
C SER F 108 -5.57 31.61 -40.54
N GLU F 109 -4.40 31.63 -41.14
CA GLU F 109 -4.06 30.70 -42.22
C GLU F 109 -4.20 29.30 -41.70
N LEU F 110 -3.67 29.07 -40.49
CA LEU F 110 -3.76 27.77 -39.85
C LEU F 110 -5.17 27.39 -39.53
N ILE F 111 -5.93 28.35 -39.02
CA ILE F 111 -7.31 28.07 -38.62
C ILE F 111 -8.16 27.59 -39.78
N ARG F 112 -7.99 28.19 -40.96
CA ARG F 112 -8.76 27.78 -42.12
C ARG F 112 -8.36 26.37 -42.53
N LEU F 113 -7.07 26.07 -42.46
CA LEU F 113 -6.58 24.74 -42.77
C LEU F 113 -7.10 23.70 -41.80
N ILE F 114 -7.09 24.02 -40.51
CA ILE F 114 -7.58 23.12 -39.49
C ILE F 114 -9.06 22.84 -39.67
N ASN F 115 -9.83 23.90 -39.86
CA ASN F 115 -11.26 23.78 -40.03
C ASN F 115 -11.63 22.93 -41.22
N ASN F 116 -10.84 23.01 -42.28
CA ASN F 116 -11.06 22.16 -43.42
C ASN F 116 -10.78 20.72 -43.07
N ALA F 117 -9.74 20.49 -42.29
CA ALA F 117 -9.37 19.15 -41.86
C ALA F 117 -10.49 18.55 -41.04
N ILE F 118 -11.06 19.33 -40.15
CA ILE F 118 -12.14 18.87 -39.34
C ILE F 118 -13.35 18.56 -40.18
N LYS F 119 -13.62 19.41 -41.16
CA LYS F 119 -14.77 19.24 -42.04
C LYS F 119 -14.69 17.93 -42.77
N ASN F 120 -13.50 17.60 -43.25
CA ASN F 120 -13.32 16.36 -43.94
C ASN F 120 -13.62 15.18 -43.04
N ASP F 121 -13.19 15.25 -41.79
CA ASP F 121 -13.42 14.15 -40.88
C ASP F 121 -14.88 13.97 -40.48
N LEU F 122 -15.58 15.05 -40.22
CA LEU F 122 -16.98 14.93 -39.89
C LEU F 122 -17.74 14.37 -41.09
N ALA F 123 -17.33 14.75 -42.27
CA ALA F 123 -17.95 14.26 -43.48
C ALA F 123 -17.72 12.77 -43.68
N SER F 124 -16.52 12.31 -43.35
CA SER F 124 -16.17 10.90 -43.45
C SER F 124 -17.04 10.06 -42.55
N ARG F 125 -17.44 8.89 -43.00
CA ARG F 125 -18.39 8.13 -42.22
C ARG F 125 -17.74 7.37 -41.09
N ASN F 126 -16.41 7.37 -41.04
CA ASN F 126 -15.68 6.65 -39.98
C ASN F 126 -15.91 7.28 -38.64
N PRO F 127 -16.41 6.52 -37.67
CA PRO F 127 -16.70 7.07 -36.35
C PRO F 127 -15.47 7.47 -35.58
N THR F 128 -14.34 6.87 -35.86
CA THR F 128 -13.14 7.16 -35.11
C THR F 128 -12.59 8.53 -35.48
N PHE F 129 -12.58 8.82 -36.77
CA PHE F 129 -12.18 10.11 -37.27
C PHE F 129 -13.13 11.17 -36.81
N MET F 130 -14.41 10.84 -36.76
CA MET F 130 -15.40 11.79 -36.29
C MET F 130 -15.11 12.14 -34.85
N GLY F 131 -14.77 11.15 -34.04
CA GLY F 131 -14.55 11.44 -32.64
C GLY F 131 -13.31 12.27 -32.43
N LEU F 132 -12.36 12.18 -33.34
CA LEU F 132 -11.15 12.96 -33.21
C LEU F 132 -11.52 14.40 -33.50
N ALA F 133 -12.29 14.57 -34.55
CA ALA F 133 -12.74 15.89 -34.97
C ALA F 133 -13.63 16.52 -33.95
N LEU F 134 -14.55 15.74 -33.42
CA LEU F 134 -15.48 16.22 -32.44
C LEU F 134 -14.78 16.65 -31.17
N HIS F 135 -13.84 15.85 -30.71
CA HIS F 135 -13.11 16.17 -29.49
C HIS F 135 -12.32 17.42 -29.63
N CYS F 136 -11.72 17.57 -30.82
CA CYS F 136 -10.86 18.69 -31.08
C CYS F 136 -11.61 19.98 -30.90
N ILE F 137 -12.82 20.03 -31.43
CA ILE F 137 -13.66 21.20 -31.31
C ILE F 137 -13.96 21.47 -29.87
N ALA F 138 -14.23 20.41 -29.13
CA ALA F 138 -14.54 20.54 -27.71
C ALA F 138 -13.33 21.03 -26.92
N ASN F 139 -12.18 20.45 -27.18
CA ASN F 139 -11.00 20.84 -26.44
C ASN F 139 -10.61 22.27 -26.74
N VAL F 140 -10.54 22.62 -28.01
CA VAL F 140 -10.19 23.99 -28.38
C VAL F 140 -11.31 24.95 -28.05
N GLY F 141 -12.53 24.62 -28.48
CA GLY F 141 -13.70 25.40 -28.15
C GLY F 141 -13.61 26.85 -28.51
N SER F 142 -12.86 27.16 -29.55
CA SER F 142 -12.65 28.54 -29.94
C SER F 142 -13.89 29.12 -30.57
N ARG F 143 -14.04 30.44 -30.44
CA ARG F 143 -15.12 31.17 -31.08
C ARG F 143 -15.09 30.98 -32.57
N GLU F 144 -13.90 30.98 -33.14
CA GLU F 144 -13.77 30.80 -34.56
C GLU F 144 -14.30 29.41 -34.93
N MET F 145 -13.95 28.43 -34.11
CA MET F 145 -14.37 27.07 -34.34
C MET F 145 -15.87 26.91 -34.18
N ALA F 146 -16.43 27.64 -33.23
CA ALA F 146 -17.86 27.59 -33.01
C ALA F 146 -18.57 28.02 -34.26
N GLU F 147 -18.12 29.13 -34.83
CA GLU F 147 -18.70 29.69 -36.03
C GLU F 147 -18.75 28.67 -37.13
N ALA F 148 -17.71 27.86 -37.20
CA ALA F 148 -17.64 26.88 -38.27
C ALA F 148 -18.67 25.77 -38.11
N PHE F 149 -18.85 25.24 -36.91
CA PHE F 149 -19.60 24.01 -36.74
C PHE F 149 -20.80 24.02 -35.82
N ALA F 150 -21.12 25.16 -35.23
CA ALA F 150 -22.24 25.20 -34.29
C ALA F 150 -23.51 24.74 -34.95
N GLY F 151 -23.65 25.07 -36.23
CA GLY F 151 -24.78 24.64 -37.02
C GLY F 151 -24.77 23.16 -37.31
N GLU F 152 -23.61 22.64 -37.66
CA GLU F 152 -23.48 21.22 -38.03
C GLU F 152 -23.60 20.21 -36.90
N ILE F 153 -23.04 20.51 -35.75
CA ILE F 153 -22.96 19.48 -34.72
C ILE F 153 -24.33 18.96 -34.27
N PRO F 154 -25.34 19.82 -34.06
CA PRO F 154 -26.60 19.25 -33.59
C PRO F 154 -27.17 18.23 -34.53
N LYS F 155 -26.96 18.43 -35.83
CA LYS F 155 -27.48 17.52 -36.82
C LYS F 155 -26.91 16.14 -36.64
N ILE F 156 -25.63 16.08 -36.30
CA ILE F 156 -24.93 14.82 -36.09
C ILE F 156 -25.42 14.10 -34.85
N LEU F 157 -25.69 14.90 -33.82
CA LEU F 157 -26.15 14.43 -32.54
C LEU F 157 -27.53 13.85 -32.66
N VAL F 158 -28.37 14.60 -33.35
CA VAL F 158 -29.77 14.31 -33.33
C VAL F 158 -30.14 13.24 -34.31
N ALA F 159 -29.29 13.02 -35.30
CA ALA F 159 -29.61 12.08 -36.34
C ALA F 159 -29.60 10.71 -35.76
N GLY F 160 -30.52 9.87 -36.20
CA GLY F 160 -30.44 8.47 -35.84
C GLY F 160 -29.34 8.05 -36.77
N ASP F 161 -28.92 6.80 -36.73
CA ASP F 161 -27.90 6.27 -37.64
C ASP F 161 -26.51 6.78 -37.27
N THR F 162 -26.42 7.73 -36.34
CA THR F 162 -25.15 8.20 -35.78
C THR F 162 -24.72 7.24 -34.69
N MET F 163 -23.44 6.87 -34.68
CA MET F 163 -22.96 5.90 -33.71
C MET F 163 -23.02 6.42 -32.30
N ASP F 164 -23.08 5.50 -31.33
CA ASP F 164 -23.28 5.90 -29.95
C ASP F 164 -22.13 6.75 -29.49
N SER F 165 -20.92 6.32 -29.77
CA SER F 165 -19.74 7.02 -29.33
C SER F 165 -19.69 8.40 -29.93
N VAL F 166 -20.07 8.50 -31.19
CA VAL F 166 -20.14 9.79 -31.82
C VAL F 166 -21.21 10.60 -31.13
N LYS F 167 -22.31 9.95 -30.76
CA LYS F 167 -23.38 10.63 -30.08
C LYS F 167 -22.90 11.23 -28.77
N GLN F 168 -22.12 10.49 -28.00
CA GLN F 168 -21.65 10.97 -26.70
C GLN F 168 -20.84 12.24 -26.84
N SER F 169 -19.84 12.19 -27.70
CA SER F 169 -18.95 13.31 -27.90
C SER F 169 -19.72 14.47 -28.53
N ALA F 170 -20.67 14.12 -29.38
CA ALA F 170 -21.48 15.13 -30.05
C ALA F 170 -22.25 15.95 -29.05
N ALA F 171 -22.84 15.28 -28.07
CA ALA F 171 -23.63 15.97 -27.07
C ALA F 171 -22.78 16.90 -26.25
N LEU F 172 -21.63 16.43 -25.83
CA LEU F 172 -20.75 17.24 -25.03
C LEU F 172 -20.12 18.36 -25.83
N CYS F 173 -19.78 18.08 -27.07
CA CYS F 173 -19.16 19.09 -27.93
C CYS F 173 -20.05 20.29 -28.17
N LEU F 174 -21.33 20.03 -28.38
CA LEU F 174 -22.31 21.07 -28.54
C LEU F 174 -22.43 21.88 -27.26
N LEU F 175 -22.25 21.21 -26.14
CA LEU F 175 -22.32 21.88 -24.85
C LEU F 175 -21.26 22.94 -24.77
N ARG F 176 -20.08 22.61 -25.26
CA ARG F 176 -18.97 23.53 -25.26
C ARG F 176 -19.28 24.70 -26.12
N LEU F 177 -19.86 24.43 -27.27
CA LEU F 177 -20.20 25.48 -28.20
C LEU F 177 -21.19 26.41 -27.56
N TYR F 178 -22.19 25.84 -26.92
CA TYR F 178 -23.22 26.61 -26.25
C TYR F 178 -22.69 27.46 -25.12
N ARG F 179 -21.70 26.94 -24.40
CA ARG F 179 -21.12 27.69 -23.32
C ARG F 179 -20.27 28.84 -23.82
N THR F 180 -19.46 28.55 -24.82
CA THR F 180 -18.57 29.51 -25.45
C THR F 180 -19.30 30.54 -26.27
N SER F 181 -20.25 30.09 -27.08
CA SER F 181 -20.94 30.96 -28.01
C SER F 181 -22.41 30.68 -27.97
N PRO F 182 -23.06 31.08 -26.90
CA PRO F 182 -24.45 30.73 -26.67
C PRO F 182 -25.32 31.22 -27.79
N ASP F 183 -24.95 32.36 -28.35
CA ASP F 183 -25.72 32.98 -29.42
C ASP F 183 -25.78 32.15 -30.69
N LEU F 184 -24.69 31.51 -31.08
CA LEU F 184 -24.72 30.65 -32.26
C LEU F 184 -25.57 29.40 -32.07
N VAL F 185 -25.82 29.01 -30.83
CA VAL F 185 -26.69 27.87 -30.61
C VAL F 185 -28.07 28.29 -30.12
N PRO F 186 -29.03 28.35 -31.04
CA PRO F 186 -30.43 28.69 -30.77
C PRO F 186 -31.24 27.42 -30.56
N MET F 187 -32.29 27.47 -29.76
CA MET F 187 -33.12 26.30 -29.59
C MET F 187 -33.86 26.09 -30.89
N GLY F 188 -34.05 24.84 -31.31
CA GLY F 188 -34.66 24.60 -32.59
C GLY F 188 -35.45 23.31 -32.57
N ASP F 189 -35.31 22.49 -33.60
CA ASP F 189 -36.01 21.20 -33.61
C ASP F 189 -35.19 20.07 -33.07
N TRP F 190 -33.89 20.26 -33.03
CA TRP F 190 -33.03 19.23 -32.51
C TRP F 190 -33.38 19.03 -31.04
N THR F 191 -33.97 20.04 -30.43
CA THR F 191 -34.28 20.00 -29.01
C THR F 191 -35.19 18.85 -28.62
N SER F 192 -36.23 18.60 -29.40
CA SER F 192 -37.13 17.52 -29.09
C SER F 192 -36.45 16.18 -29.15
N ARG F 193 -35.63 15.99 -30.17
CA ARG F 193 -34.99 14.72 -30.37
C ARG F 193 -33.94 14.50 -29.28
N VAL F 194 -33.29 15.58 -28.86
CA VAL F 194 -32.30 15.48 -27.79
C VAL F 194 -32.94 14.99 -26.52
N VAL F 195 -34.14 15.45 -26.23
CA VAL F 195 -34.80 15.01 -25.03
C VAL F 195 -35.03 13.52 -25.09
N HIS F 196 -35.45 13.01 -26.23
CA HIS F 196 -35.71 11.57 -26.32
C HIS F 196 -34.42 10.77 -26.34
N LEU F 197 -33.30 11.47 -26.45
CA LEU F 197 -32.00 10.83 -26.38
C LEU F 197 -31.82 10.28 -24.96
N LEU F 198 -32.56 10.82 -24.03
CA LEU F 198 -32.57 10.34 -22.66
C LEU F 198 -33.04 8.90 -22.54
N ASN F 199 -33.77 8.45 -23.56
CA ASN F 199 -34.30 7.10 -23.60
C ASN F 199 -33.40 6.08 -24.26
N ASP F 200 -32.22 6.52 -24.68
CA ASP F 200 -31.36 5.69 -25.49
C ASP F 200 -30.92 4.46 -24.69
N GLN F 201 -30.72 3.35 -25.39
CA GLN F 201 -30.33 2.09 -24.78
C GLN F 201 -28.96 2.21 -24.14
N HIS F 202 -28.09 2.95 -24.81
CA HIS F 202 -26.72 3.11 -24.37
C HIS F 202 -26.61 4.17 -23.28
N LEU F 203 -26.27 3.74 -22.07
CA LEU F 203 -26.23 4.66 -20.94
C LEU F 203 -25.17 5.74 -21.10
N GLY F 204 -24.14 5.45 -21.87
CA GLY F 204 -23.11 6.43 -22.13
C GLY F 204 -23.68 7.62 -22.86
N VAL F 205 -24.60 7.36 -23.76
CA VAL F 205 -25.25 8.44 -24.47
C VAL F 205 -26.08 9.24 -23.49
N VAL F 206 -26.83 8.53 -22.66
CA VAL F 206 -27.74 9.17 -21.74
C VAL F 206 -26.97 10.05 -20.80
N THR F 207 -25.80 9.58 -20.39
CA THR F 207 -24.96 10.35 -19.49
C THR F 207 -24.53 11.66 -20.10
N ALA F 208 -24.07 11.60 -21.33
CA ALA F 208 -23.66 12.80 -22.03
C ALA F 208 -24.84 13.71 -22.32
N ALA F 209 -25.97 13.13 -22.70
CA ALA F 209 -27.13 13.92 -23.09
C ALA F 209 -27.67 14.71 -21.93
N THR F 210 -27.63 14.11 -20.76
CA THR F 210 -28.16 14.74 -19.58
C THR F 210 -27.40 16.00 -19.22
N SER F 211 -26.10 16.02 -19.46
CA SER F 211 -25.33 17.23 -19.20
C SER F 211 -25.74 18.34 -20.14
N LEU F 212 -25.91 18.02 -21.41
CA LEU F 212 -26.32 19.00 -22.38
C LEU F 212 -27.64 19.56 -21.96
N ILE F 213 -28.56 18.68 -21.62
CA ILE F 213 -29.89 19.11 -21.26
C ILE F 213 -29.88 19.99 -20.02
N THR F 214 -29.12 19.61 -19.01
CA THR F 214 -29.13 20.39 -17.78
C THR F 214 -28.67 21.80 -18.00
N THR F 215 -27.62 22.00 -18.77
CA THR F 215 -27.16 23.34 -19.07
C THR F 215 -28.17 24.12 -19.92
N LEU F 216 -28.74 23.45 -20.90
CA LEU F 216 -29.68 24.12 -21.76
C LEU F 216 -30.90 24.55 -20.99
N ALA F 217 -31.38 23.67 -20.12
CA ALA F 217 -32.59 23.95 -19.37
C ALA F 217 -32.44 25.15 -18.48
N GLN F 218 -31.21 25.47 -18.07
CA GLN F 218 -31.04 26.60 -17.19
C GLN F 218 -31.44 27.91 -17.86
N LYS F 219 -30.93 28.19 -19.05
CA LYS F 219 -31.35 29.42 -19.74
C LYS F 219 -32.78 29.28 -20.26
N ASN F 220 -33.10 28.13 -20.83
CA ASN F 220 -34.42 27.93 -21.41
C ASN F 220 -35.18 26.71 -20.94
N PRO F 221 -35.76 26.80 -19.74
CA PRO F 221 -36.42 25.69 -19.05
C PRO F 221 -37.63 25.17 -19.79
N GLU F 222 -38.38 26.09 -20.36
CA GLU F 222 -39.64 25.79 -20.99
C GLU F 222 -39.48 24.78 -22.12
N GLU F 223 -38.40 24.88 -22.86
CA GLU F 223 -38.23 24.02 -24.01
C GLU F 223 -38.11 22.57 -23.58
N PHE F 224 -37.47 22.31 -22.45
CA PHE F 224 -37.13 20.94 -22.11
C PHE F 224 -37.85 20.36 -20.90
N LYS F 225 -39.06 20.77 -20.59
CA LYS F 225 -39.75 20.15 -19.46
C LYS F 225 -40.08 18.70 -19.76
N THR F 226 -40.06 18.31 -21.01
CA THR F 226 -40.40 16.94 -21.37
C THR F 226 -39.38 15.99 -20.76
N SER F 227 -38.18 16.48 -20.54
CA SER F 227 -37.08 15.74 -19.93
C SER F 227 -37.41 15.29 -18.53
N VAL F 228 -38.17 16.09 -17.83
CA VAL F 228 -38.48 15.80 -16.46
C VAL F 228 -39.10 14.43 -16.33
N SER F 229 -40.13 14.18 -17.12
CA SER F 229 -40.84 12.91 -17.07
C SER F 229 -39.97 11.75 -17.46
N LEU F 230 -39.18 11.95 -18.50
CA LEU F 230 -38.27 10.93 -18.98
C LEU F 230 -37.20 10.57 -17.97
N ALA F 231 -36.63 11.56 -17.32
CA ALA F 231 -35.54 11.31 -16.39
C ALA F 231 -36.01 10.55 -15.17
N VAL F 232 -37.17 10.94 -14.67
CA VAL F 232 -37.76 10.30 -13.51
C VAL F 232 -37.98 8.82 -13.81
N SER F 233 -38.41 8.51 -15.01
CA SER F 233 -38.62 7.13 -15.37
C SER F 233 -37.30 6.36 -15.39
N ARG F 234 -36.28 6.89 -16.07
CA ARG F 234 -34.98 6.23 -16.08
C ARG F 234 -34.33 6.15 -14.72
N LEU F 235 -34.47 7.20 -13.92
CA LEU F 235 -33.89 7.17 -12.59
C LEU F 235 -34.45 6.04 -11.77
N SER F 236 -35.76 5.88 -11.80
CA SER F 236 -36.41 4.86 -11.00
C SER F 236 -35.97 3.49 -11.46
N ARG F 237 -35.86 3.32 -12.76
CA ARG F 237 -35.44 2.07 -13.34
C ARG F 237 -34.02 1.73 -12.93
N ILE F 238 -33.16 2.73 -12.93
CA ILE F 238 -31.77 2.52 -12.63
C ILE F 238 -31.52 2.12 -11.20
N VAL F 239 -32.15 2.81 -10.25
CA VAL F 239 -31.87 2.48 -8.86
C VAL F 239 -32.34 1.09 -8.47
N THR F 240 -33.47 0.63 -9.00
CA THR F 240 -33.99 -0.70 -8.69
C THR F 240 -33.27 -1.77 -9.51
N SER F 241 -32.45 -1.34 -10.45
CA SER F 241 -31.84 -2.25 -11.41
C SER F 241 -30.92 -3.29 -10.78
N ALA F 242 -31.06 -4.51 -11.23
CA ALA F 242 -30.23 -5.61 -10.77
C ALA F 242 -28.84 -5.61 -11.42
N SER F 243 -27.86 -6.21 -10.75
CA SER F 243 -26.49 -6.21 -11.24
C SER F 243 -26.30 -6.94 -12.57
N THR F 244 -27.07 -7.98 -12.81
CA THR F 244 -26.96 -8.71 -14.06
C THR F 244 -27.51 -7.89 -15.23
N ASP F 245 -28.52 -7.07 -14.99
CA ASP F 245 -29.15 -6.29 -16.05
C ASP F 245 -28.27 -5.14 -16.56
N LEU F 246 -27.48 -4.56 -15.66
CA LEU F 246 -26.60 -3.43 -15.99
C LEU F 246 -25.14 -3.73 -15.78
N GLN F 247 -24.71 -4.95 -16.09
CA GLN F 247 -23.37 -5.38 -15.72
C GLN F 247 -22.31 -4.37 -16.11
N ASP F 248 -22.44 -3.79 -17.29
CA ASP F 248 -21.45 -2.85 -17.77
C ASP F 248 -21.40 -1.55 -16.99
N TYR F 249 -22.53 -1.07 -16.51
CA TYR F 249 -22.52 0.22 -15.85
C TYR F 249 -22.68 0.14 -14.34
N THR F 250 -22.56 -1.05 -13.78
CA THR F 250 -22.56 -1.23 -12.34
C THR F 250 -21.18 -1.08 -11.75
N TYR F 251 -21.02 -0.14 -10.82
CA TYR F 251 -19.73 0.17 -10.25
C TYR F 251 -19.72 -0.25 -8.81
N TYR F 252 -19.00 -1.32 -8.50
CA TYR F 252 -18.90 -1.84 -7.14
C TYR F 252 -20.27 -2.02 -6.52
N PHE F 253 -21.15 -2.65 -7.28
CA PHE F 253 -22.48 -3.05 -6.85
C PHE F 253 -23.40 -1.86 -6.77
N VAL F 254 -22.94 -0.73 -7.27
CA VAL F 254 -23.80 0.44 -7.35
C VAL F 254 -24.13 0.66 -8.79
N PRO F 255 -25.41 0.80 -9.10
CA PRO F 255 -25.77 0.90 -10.50
C PRO F 255 -25.69 2.30 -11.01
N ALA F 256 -24.82 2.56 -11.98
CA ALA F 256 -24.78 3.85 -12.64
C ALA F 256 -24.84 5.00 -11.68
N PRO F 257 -23.87 5.09 -10.77
CA PRO F 257 -23.90 6.12 -9.74
C PRO F 257 -23.85 7.49 -10.34
N TRP F 258 -23.02 7.66 -11.35
CA TRP F 258 -22.82 8.95 -12.00
C TRP F 258 -23.97 9.41 -12.88
N LEU F 259 -24.59 8.51 -13.62
CA LEU F 259 -25.79 8.87 -14.35
C LEU F 259 -26.92 9.22 -13.42
N SER F 260 -27.05 8.48 -12.33
CA SER F 260 -28.08 8.77 -11.34
C SER F 260 -27.89 10.14 -10.71
N VAL F 261 -26.65 10.52 -10.44
CA VAL F 261 -26.35 11.81 -9.86
C VAL F 261 -26.79 12.89 -10.81
N LYS F 262 -26.47 12.68 -12.08
CA LYS F 262 -26.70 13.66 -13.14
C LYS F 262 -28.19 13.86 -13.40
N LEU F 263 -28.98 12.81 -13.26
CA LEU F 263 -30.40 12.92 -13.49
C LEU F 263 -31.04 13.65 -12.34
N LEU F 264 -30.56 13.41 -11.14
CA LEU F 264 -31.07 14.13 -9.99
C LEU F 264 -30.75 15.62 -10.08
N ARG F 265 -29.56 15.98 -10.54
CA ARG F 265 -29.23 17.39 -10.70
C ARG F 265 -30.08 18.01 -11.80
N LEU F 266 -30.40 17.27 -12.84
CA LEU F 266 -31.27 17.81 -13.86
C LEU F 266 -32.63 18.12 -13.27
N LEU F 267 -33.10 17.22 -12.43
CA LEU F 267 -34.39 17.37 -11.80
C LEU F 267 -34.43 18.61 -10.93
N GLN F 268 -33.28 19.02 -10.41
CA GLN F 268 -33.20 20.21 -9.58
C GLN F 268 -33.45 21.51 -10.31
N CYS F 269 -33.34 21.50 -11.64
CA CYS F 269 -33.69 22.69 -12.41
C CYS F 269 -35.16 23.01 -12.33
N TYR F 270 -35.98 21.98 -12.34
CA TYR F 270 -37.40 22.15 -12.35
C TYR F 270 -38.03 22.00 -10.99
N PRO F 271 -39.24 22.52 -10.84
CA PRO F 271 -40.06 22.30 -9.65
C PRO F 271 -40.56 20.87 -9.67
N PRO F 272 -41.37 20.44 -8.69
CA PRO F 272 -41.88 19.08 -8.81
C PRO F 272 -42.66 18.87 -10.07
N PRO F 273 -42.59 17.67 -10.65
CA PRO F 273 -43.14 17.32 -11.96
C PRO F 273 -44.62 17.62 -11.97
N GLU F 274 -45.15 18.17 -13.05
CA GLU F 274 -46.57 18.55 -13.06
C GLU F 274 -47.52 17.35 -12.97
N ASP F 275 -47.23 16.27 -13.71
CA ASP F 275 -48.08 15.09 -13.69
C ASP F 275 -47.87 14.31 -12.40
N PRO F 276 -48.93 14.14 -11.61
CA PRO F 276 -48.89 13.47 -10.31
C PRO F 276 -48.34 12.05 -10.40
N ALA F 277 -48.61 11.38 -11.50
CA ALA F 277 -48.13 10.03 -11.67
C ALA F 277 -46.62 10.03 -11.67
N VAL F 278 -46.05 11.02 -12.34
CA VAL F 278 -44.60 11.18 -12.38
C VAL F 278 -44.08 11.57 -11.02
N ARG F 279 -44.77 12.51 -10.38
CA ARG F 279 -44.40 12.94 -9.04
C ARG F 279 -44.40 11.79 -8.04
N GLY F 280 -45.31 10.86 -8.20
CA GLY F 280 -45.34 9.69 -7.34
C GLY F 280 -44.17 8.78 -7.59
N ARG F 281 -43.85 8.57 -8.85
CA ARG F 281 -42.76 7.70 -9.23
C ARG F 281 -41.48 8.24 -8.67
N LEU F 282 -41.34 9.57 -8.73
CA LEU F 282 -40.16 10.23 -8.22
C LEU F 282 -40.03 10.07 -6.71
N THR F 283 -41.11 10.26 -5.99
CA THR F 283 -41.05 10.18 -4.55
C THR F 283 -40.73 8.79 -4.07
N GLU F 284 -41.28 7.79 -4.74
CA GLU F 284 -41.00 6.41 -4.41
C GLU F 284 -39.54 6.10 -4.69
N CYS F 285 -39.01 6.73 -5.72
CA CYS F 285 -37.61 6.55 -6.06
C CYS F 285 -36.72 7.12 -4.95
N LEU F 286 -37.02 8.32 -4.51
CA LEU F 286 -36.25 8.98 -3.45
C LEU F 286 -36.36 8.21 -2.16
N GLU F 287 -37.54 7.65 -1.91
CA GLU F 287 -37.72 6.82 -0.73
C GLU F 287 -36.84 5.59 -0.80
N THR F 288 -36.72 5.04 -1.98
CA THR F 288 -35.92 3.86 -2.18
C THR F 288 -34.46 4.15 -1.92
N ILE F 289 -34.01 5.28 -2.43
CA ILE F 289 -32.63 5.68 -2.33
C ILE F 289 -32.25 5.82 -0.88
N LEU F 290 -33.15 6.42 -0.11
CA LEU F 290 -32.94 6.61 1.30
C LEU F 290 -32.92 5.29 2.04
N ASN F 291 -33.74 4.34 1.62
CA ASN F 291 -33.75 3.04 2.24
C ASN F 291 -32.45 2.31 2.01
N LYS F 292 -31.94 2.39 0.79
CA LYS F 292 -30.72 1.69 0.44
C LYS F 292 -29.57 2.11 1.31
N ALA F 293 -29.63 3.33 1.82
CA ALA F 293 -28.57 3.81 2.68
C ALA F 293 -28.43 2.97 3.93
N GLN F 294 -29.55 2.67 4.54
CA GLN F 294 -29.59 1.90 5.75
C GLN F 294 -29.44 0.39 5.57
N GLU F 295 -29.66 -0.11 4.36
CA GLU F 295 -29.51 -1.53 4.10
C GLU F 295 -28.10 -1.98 4.41
N PRO F 296 -27.93 -3.23 4.86
CA PRO F 296 -26.57 -3.69 5.10
C PRO F 296 -25.79 -3.66 3.80
N PRO F 297 -24.55 -3.16 3.86
CA PRO F 297 -23.68 -2.93 2.70
C PRO F 297 -23.27 -4.19 1.98
N LYS F 298 -23.43 -4.20 0.67
CA LYS F 298 -23.04 -5.33 -0.15
C LYS F 298 -21.54 -5.51 -0.15
N SER F 299 -20.82 -4.39 -0.14
CA SER F 299 -19.37 -4.44 -0.16
C SER F 299 -18.76 -3.60 0.95
N LYS F 300 -17.70 -4.10 1.54
CA LYS F 300 -16.99 -3.40 2.60
C LYS F 300 -16.13 -2.28 2.04
N LYS F 301 -15.83 -2.34 0.75
CA LYS F 301 -14.93 -1.39 0.12
C LYS F 301 -15.48 0.01 0.02
N VAL F 302 -14.59 0.98 0.14
CA VAL F 302 -14.95 2.38 0.15
C VAL F 302 -15.51 2.84 -1.19
N GLN F 303 -15.09 2.21 -2.28
CA GLN F 303 -15.60 2.61 -3.57
C GLN F 303 -17.09 2.40 -3.61
N HIS F 304 -17.57 1.37 -2.95
CA HIS F 304 -18.99 1.12 -2.91
C HIS F 304 -19.71 2.22 -2.19
N SER F 305 -19.20 2.60 -1.03
CA SER F 305 -19.84 3.63 -0.26
C SER F 305 -19.84 4.96 -0.97
N ASN F 306 -18.70 5.36 -1.51
CA ASN F 306 -18.62 6.64 -2.17
C ASN F 306 -19.53 6.71 -3.37
N ALA F 307 -19.66 5.62 -4.09
CA ALA F 307 -20.56 5.58 -5.21
C ALA F 307 -21.97 5.64 -4.71
N LYS F 308 -22.28 4.85 -3.71
CA LYS F 308 -23.62 4.82 -3.18
C LYS F 308 -24.03 6.13 -2.54
N ASN F 309 -23.15 6.70 -1.72
CA ASN F 309 -23.49 7.94 -1.02
C ASN F 309 -23.57 9.15 -1.91
N ALA F 310 -22.79 9.17 -2.97
CA ALA F 310 -22.81 10.28 -3.90
C ALA F 310 -24.18 10.45 -4.47
N VAL F 311 -24.83 9.34 -4.78
CA VAL F 311 -26.20 9.37 -5.24
C VAL F 311 -27.10 9.89 -4.14
N LEU F 312 -26.88 9.43 -2.92
CA LEU F 312 -27.77 9.80 -1.82
C LEU F 312 -27.75 11.26 -1.56
N PHE F 313 -26.56 11.82 -1.51
CA PHE F 313 -26.39 13.23 -1.25
C PHE F 313 -26.96 14.07 -2.36
N GLU F 314 -26.92 13.56 -3.59
CA GLU F 314 -27.60 14.30 -4.65
C GLU F 314 -29.10 14.21 -4.47
N ALA F 315 -29.61 13.05 -4.10
CA ALA F 315 -31.04 12.91 -3.89
C ALA F 315 -31.53 13.79 -2.75
N ILE F 316 -30.73 13.87 -1.70
CA ILE F 316 -31.06 14.73 -0.58
C ILE F 316 -31.09 16.15 -1.04
N SER F 317 -30.21 16.48 -1.97
CA SER F 317 -30.12 17.83 -2.51
C SER F 317 -31.38 18.21 -3.28
N LEU F 318 -31.96 17.23 -3.95
CA LEU F 318 -33.21 17.41 -4.67
C LEU F 318 -34.37 17.60 -3.72
N ILE F 319 -34.38 16.82 -2.65
CA ILE F 319 -35.43 16.87 -1.64
C ILE F 319 -35.49 18.23 -1.02
N ILE F 320 -34.33 18.77 -0.69
CA ILE F 320 -34.20 20.06 -0.07
C ILE F 320 -34.59 21.15 -1.03
N HIS F 321 -34.24 20.97 -2.30
CA HIS F 321 -34.53 21.95 -3.32
C HIS F 321 -36.01 22.18 -3.46
N HIS F 322 -36.73 21.08 -3.62
CA HIS F 322 -38.16 21.14 -3.82
C HIS F 322 -38.88 21.61 -2.58
N ASP F 323 -38.43 21.18 -1.41
CA ASP F 323 -39.09 21.54 -0.17
C ASP F 323 -40.50 21.02 -0.26
N SER F 324 -40.70 20.05 -1.15
CA SER F 324 -42.01 19.58 -1.50
C SER F 324 -42.56 18.55 -0.55
N GLU F 325 -41.79 17.53 -0.21
CA GLU F 325 -42.37 16.40 0.51
C GLU F 325 -41.87 16.35 1.94
N PRO F 326 -42.79 16.52 2.89
CA PRO F 326 -42.49 16.59 4.32
C PRO F 326 -41.85 15.34 4.85
N ASN F 327 -42.42 14.21 4.50
CA ASN F 327 -41.90 12.95 5.02
C ASN F 327 -40.45 12.77 4.58
N LEU F 328 -40.16 13.14 3.34
CA LEU F 328 -38.82 13.06 2.78
C LEU F 328 -37.87 14.03 3.44
N LEU F 329 -38.35 15.23 3.67
CA LEU F 329 -37.53 16.23 4.32
C LEU F 329 -37.17 15.73 5.69
N VAL F 330 -38.13 15.09 6.34
CA VAL F 330 -37.89 14.57 7.67
C VAL F 330 -36.86 13.45 7.64
N ARG F 331 -37.00 12.53 6.71
CA ARG F 331 -36.04 11.45 6.59
C ARG F 331 -34.68 12.00 6.26
N ALA F 332 -34.68 13.01 5.41
CA ALA F 332 -33.43 13.58 4.99
C ALA F 332 -32.70 14.12 6.19
N CYS F 333 -33.41 14.84 7.04
CA CYS F 333 -32.80 15.40 8.22
C CYS F 333 -32.23 14.32 9.06
N ASN F 334 -32.92 13.20 9.12
CA ASN F 334 -32.50 12.08 9.93
C ASN F 334 -31.19 11.46 9.50
N GLN F 335 -31.06 11.21 8.21
CA GLN F 335 -29.87 10.59 7.68
C GLN F 335 -28.65 11.46 7.87
N LEU F 336 -28.82 12.75 7.64
CA LEU F 336 -27.72 13.69 7.81
C LEU F 336 -27.26 13.70 9.25
N GLY F 337 -28.22 13.62 10.16
CA GLY F 337 -27.89 13.58 11.58
C GLY F 337 -27.07 12.37 11.92
N GLN F 338 -27.37 11.27 11.27
CA GLN F 338 -26.63 10.04 11.49
C GLN F 338 -25.22 10.21 10.99
N PHE F 339 -25.05 10.96 9.91
CA PHE F 339 -23.72 11.18 9.36
C PHE F 339 -22.80 12.05 10.21
N LEU F 340 -23.37 12.90 11.06
CA LEU F 340 -22.55 13.74 11.93
C LEU F 340 -21.64 12.89 12.81
N GLN F 341 -22.12 11.71 13.18
CA GLN F 341 -21.38 10.78 14.01
C GLN F 341 -20.37 9.90 13.26
N HIS F 342 -20.43 9.88 11.94
CA HIS F 342 -19.68 8.94 11.13
C HIS F 342 -18.17 9.04 11.29
N ARG F 343 -17.44 7.92 11.21
CA ARG F 343 -16.01 8.00 11.40
C ARG F 343 -15.27 8.69 10.31
N GLU F 344 -15.86 8.82 9.13
CA GLU F 344 -15.12 9.40 8.03
C GLU F 344 -15.24 10.89 7.96
N THR F 345 -14.11 11.58 7.92
CA THR F 345 -14.11 13.02 7.99
C THR F 345 -14.87 13.59 6.82
N ASN F 346 -14.75 12.94 5.68
CA ASN F 346 -15.42 13.38 4.48
C ASN F 346 -16.94 13.46 4.62
N LEU F 347 -17.54 12.45 5.22
CA LEU F 347 -18.98 12.40 5.32
C LEU F 347 -19.54 13.44 6.27
N ARG F 348 -18.86 13.68 7.38
CA ARG F 348 -19.29 14.66 8.36
C ARG F 348 -19.30 16.06 7.77
N TYR F 349 -18.27 16.37 7.01
CA TYR F 349 -18.17 17.63 6.29
C TYR F 349 -19.37 17.85 5.39
N LEU F 350 -19.70 16.86 4.57
CA LEU F 350 -20.79 16.98 3.62
C LEU F 350 -22.14 17.06 4.29
N ALA F 351 -22.30 16.32 5.38
CA ALA F 351 -23.56 16.35 6.12
C ALA F 351 -23.78 17.70 6.72
N LEU F 352 -22.73 18.28 7.29
CA LEU F 352 -22.84 19.59 7.90
C LEU F 352 -23.24 20.63 6.88
N GLU F 353 -22.72 20.51 5.67
CA GLU F 353 -23.06 21.40 4.57
C GLU F 353 -24.54 21.29 4.19
N SER F 354 -25.00 20.08 3.97
CA SER F 354 -26.36 19.84 3.52
C SER F 354 -27.38 20.24 4.54
N MET F 355 -27.10 19.91 5.80
CA MET F 355 -28.01 20.25 6.86
C MET F 355 -28.15 21.74 6.96
N CYS F 356 -27.05 22.42 6.69
CA CYS F 356 -26.98 23.86 6.75
C CYS F 356 -27.98 24.46 5.77
N THR F 357 -28.07 23.87 4.60
CA THR F 357 -29.05 24.28 3.60
C THR F 357 -30.44 23.95 4.08
N LEU F 358 -30.55 22.78 4.69
CA LEU F 358 -31.84 22.28 5.14
C LEU F 358 -32.48 23.21 6.17
N ALA F 359 -31.64 23.87 6.94
CA ALA F 359 -32.11 24.75 7.99
C ALA F 359 -32.98 25.85 7.45
N SER F 360 -32.72 26.25 6.21
CA SER F 360 -33.46 27.31 5.58
C SER F 360 -34.92 26.96 5.32
N SER F 361 -35.21 25.68 5.14
CA SER F 361 -36.59 25.23 4.93
C SER F 361 -37.43 25.48 6.18
N GLU F 362 -38.56 26.15 6.01
CA GLU F 362 -39.40 26.50 7.15
C GLU F 362 -40.00 25.29 7.81
N PHE F 363 -40.41 24.33 7.01
CA PHE F 363 -41.05 23.16 7.56
C PHE F 363 -40.07 22.37 8.41
N SER F 364 -38.84 22.22 7.94
CA SER F 364 -37.89 21.32 8.57
C SER F 364 -37.05 21.95 9.65
N HIS F 365 -37.24 23.24 9.88
CA HIS F 365 -36.31 23.97 10.72
C HIS F 365 -36.19 23.36 12.10
N GLU F 366 -37.31 23.01 12.70
CA GLU F 366 -37.31 22.45 14.05
C GLU F 366 -36.62 21.11 14.16
N ALA F 367 -36.66 20.31 13.10
CA ALA F 367 -35.98 19.03 13.09
C ALA F 367 -34.47 19.21 13.13
N VAL F 368 -33.98 20.21 12.43
CA VAL F 368 -32.56 20.50 12.39
C VAL F 368 -32.01 20.94 13.74
N LYS F 369 -32.82 21.70 14.47
CA LYS F 369 -32.41 22.20 15.78
C LYS F 369 -32.18 21.07 16.77
N THR F 370 -32.65 19.90 16.45
CA THR F 370 -32.44 18.75 17.31
C THR F 370 -30.97 18.44 17.48
N HIS F 371 -30.21 18.64 16.43
CA HIS F 371 -28.84 18.18 16.41
C HIS F 371 -27.87 19.21 16.91
N ILE F 372 -28.37 20.28 17.49
CA ILE F 372 -27.49 21.37 17.88
C ILE F 372 -26.42 20.89 18.86
N GLU F 373 -26.79 19.99 19.75
CA GLU F 373 -25.82 19.47 20.69
C GLU F 373 -24.79 18.65 19.97
N THR F 374 -25.23 17.83 19.04
CA THR F 374 -24.30 16.97 18.34
C THR F 374 -23.27 17.81 17.65
N VAL F 375 -23.71 18.91 17.08
CA VAL F 375 -22.85 19.83 16.38
C VAL F 375 -21.84 20.46 17.29
N ILE F 376 -22.31 20.94 18.43
CA ILE F 376 -21.46 21.59 19.39
C ILE F 376 -20.46 20.58 19.89
N ASN F 377 -20.90 19.36 20.14
CA ASN F 377 -19.96 18.33 20.57
C ASN F 377 -18.85 18.16 19.56
N ALA F 378 -19.19 18.24 18.28
CA ALA F 378 -18.17 18.11 17.26
C ALA F 378 -17.20 19.26 17.39
N LEU F 379 -17.74 20.42 17.69
CA LEU F 379 -16.96 21.64 17.71
C LEU F 379 -15.84 21.50 18.73
N LYS F 380 -16.11 20.75 19.78
CA LYS F 380 -15.11 20.46 20.80
C LYS F 380 -14.06 19.44 20.37
N THR F 381 -14.47 18.45 19.56
CA THR F 381 -13.57 17.35 19.23
C THR F 381 -13.02 17.27 17.80
N GLU F 382 -13.46 18.16 16.93
CA GLU F 382 -13.13 18.04 15.51
C GLU F 382 -11.74 18.57 15.14
N ARG F 383 -10.88 17.69 14.64
CA ARG F 383 -9.52 18.07 14.26
C ARG F 383 -9.45 18.85 12.97
N ASP F 384 -10.36 18.60 12.05
CA ASP F 384 -10.25 19.24 10.78
C ASP F 384 -10.80 20.65 10.81
N VAL F 385 -10.01 21.59 10.33
CA VAL F 385 -10.37 23.00 10.40
C VAL F 385 -11.54 23.31 9.48
N SER F 386 -11.55 22.68 8.32
CA SER F 386 -12.63 22.91 7.37
C SER F 386 -13.98 22.48 7.93
N VAL F 387 -13.99 21.35 8.62
CA VAL F 387 -15.21 20.82 9.22
C VAL F 387 -15.71 21.70 10.34
N ARG F 388 -14.79 22.29 11.07
CA ARG F 388 -15.13 23.18 12.15
C ARG F 388 -15.88 24.38 11.62
N GLN F 389 -15.48 24.88 10.46
CA GLN F 389 -16.18 26.01 9.87
C GLN F 389 -17.59 25.65 9.48
N ARG F 390 -17.77 24.46 8.92
CA ARG F 390 -19.09 24.05 8.43
C ARG F 390 -19.96 23.69 9.58
N ALA F 391 -19.41 23.72 10.79
CA ALA F 391 -20.19 23.38 11.95
C ALA F 391 -20.58 24.66 12.62
N VAL F 392 -19.64 25.60 12.64
CA VAL F 392 -19.94 26.93 13.12
C VAL F 392 -21.00 27.52 12.21
N ASP F 393 -20.91 27.23 10.93
CA ASP F 393 -21.89 27.73 9.98
C ASP F 393 -23.27 27.18 10.28
N LEU F 394 -23.36 25.93 10.66
CA LEU F 394 -24.64 25.32 11.01
C LEU F 394 -25.26 25.99 12.22
N LEU F 395 -24.43 26.34 13.19
CA LEU F 395 -24.92 26.96 14.41
C LEU F 395 -25.61 28.27 14.12
N TYR F 396 -24.98 29.13 13.32
CA TYR F 396 -25.61 30.39 13.00
C TYR F 396 -26.88 30.19 12.23
N ALA F 397 -26.95 29.10 11.47
CA ALA F 397 -28.14 28.81 10.69
C ALA F 397 -29.34 28.60 11.60
N MET F 398 -29.12 28.00 12.75
CA MET F 398 -30.21 27.73 13.68
C MET F 398 -30.51 28.94 14.53
N GLY G 11 0.70 -27.71 25.30
CA GLY G 11 1.75 -27.25 26.19
C GLY G 11 1.24 -26.76 27.52
N MET G 12 2.03 -25.92 28.19
CA MET G 12 1.67 -25.42 29.50
C MET G 12 1.28 -23.95 29.49
N ARG G 13 -0.02 -23.70 29.64
CA ARG G 13 -0.58 -22.37 29.48
C ARG G 13 -0.01 -21.42 30.51
N GLY G 14 0.11 -21.90 31.75
CA GLY G 14 0.54 -21.06 32.84
C GLY G 14 1.91 -20.46 32.62
N LEU G 15 2.80 -21.24 32.03
CA LEU G 15 4.14 -20.74 31.77
C LEU G 15 4.07 -19.63 30.73
N ALA G 16 3.24 -19.83 29.71
CA ALA G 16 3.13 -18.86 28.65
C ALA G 16 2.65 -17.53 29.18
N VAL G 17 1.64 -17.57 30.02
CA VAL G 17 1.06 -16.37 30.58
C VAL G 17 2.11 -15.63 31.38
N PHE G 18 2.92 -16.39 32.10
CA PHE G 18 3.99 -15.81 32.87
C PHE G 18 5.01 -15.16 31.95
N ILE G 19 5.46 -15.89 30.94
CA ILE G 19 6.43 -15.34 30.00
C ILE G 19 5.88 -14.08 29.33
N SER G 20 4.62 -14.14 28.92
CA SER G 20 4.03 -12.99 28.30
C SER G 20 4.00 -11.83 29.26
N ASP G 21 3.66 -12.13 30.52
CA ASP G 21 3.59 -11.10 31.53
C ASP G 21 4.93 -10.41 31.67
N ILE G 22 5.99 -11.18 31.54
CA ILE G 22 7.31 -10.60 31.59
C ILE G 22 7.59 -9.67 30.42
N ARG G 23 7.12 -10.02 29.23
CA ARG G 23 7.42 -9.19 28.07
C ARG G 23 6.78 -7.80 28.12
N ASN G 24 5.55 -7.71 28.59
CA ASN G 24 4.82 -6.45 28.64
C ASN G 24 5.35 -5.45 29.63
N CYS G 25 6.27 -5.88 30.49
CA CYS G 25 6.81 -5.01 31.51
C CYS G 25 7.47 -3.78 30.91
N LYS G 26 7.18 -2.62 31.51
CA LYS G 26 7.63 -1.37 30.95
C LYS G 26 9.09 -1.12 31.29
N SER G 27 9.54 -1.72 32.38
CA SER G 27 10.88 -1.45 32.90
C SER G 27 11.53 -2.68 33.50
N LYS G 28 12.85 -2.64 33.65
CA LYS G 28 13.53 -3.74 34.33
C LYS G 28 13.04 -3.82 35.77
N GLU G 29 12.71 -2.67 36.37
CA GLU G 29 12.22 -2.71 37.74
C GLU G 29 10.91 -3.47 37.79
N ALA G 30 10.03 -3.23 36.83
CA ALA G 30 8.75 -3.90 36.80
C ALA G 30 8.97 -5.39 36.68
N GLU G 31 10.00 -5.72 35.92
CA GLU G 31 10.37 -7.11 35.68
C GLU G 31 10.75 -7.80 36.96
N ILE G 32 11.50 -7.14 37.81
CA ILE G 32 11.86 -7.77 39.07
C ILE G 32 10.65 -8.05 39.91
N LYS G 33 9.77 -7.07 40.04
CA LYS G 33 8.65 -7.22 40.94
C LYS G 33 7.70 -8.33 40.50
N ARG G 34 7.49 -8.48 39.20
CA ARG G 34 6.65 -9.56 38.73
C ARG G 34 7.27 -10.92 39.03
N ILE G 35 8.58 -11.00 38.87
CA ILE G 35 9.29 -12.25 39.10
C ILE G 35 9.16 -12.67 40.56
N ASN G 36 9.28 -11.71 41.47
CA ASN G 36 9.20 -11.99 42.88
C ASN G 36 7.83 -12.56 43.25
N LYS G 37 6.79 -12.07 42.60
CA LYS G 37 5.46 -12.59 42.83
C LYS G 37 5.36 -14.04 42.42
N GLU G 38 5.93 -14.38 41.27
CA GLU G 38 5.86 -15.75 40.80
C GLU G 38 6.65 -16.62 41.72
N LEU G 39 7.79 -16.11 42.16
CA LEU G 39 8.64 -16.84 43.06
C LEU G 39 7.82 -17.13 44.29
N ALA G 40 7.28 -16.06 44.86
CA ALA G 40 6.42 -16.20 46.01
C ALA G 40 5.30 -17.19 45.75
N ASN G 41 4.71 -17.12 44.58
CA ASN G 41 3.64 -18.05 44.23
C ASN G 41 4.12 -19.49 44.18
N ILE G 42 5.26 -19.68 43.55
CA ILE G 42 5.79 -21.01 43.36
C ILE G 42 6.20 -21.66 44.65
N ARG G 43 6.89 -20.92 45.50
CA ARG G 43 7.38 -21.49 46.75
C ARG G 43 6.25 -22.03 47.63
N SER G 44 5.13 -21.31 47.66
CA SER G 44 3.99 -21.73 48.46
C SER G 44 3.45 -23.06 47.98
N LYS G 45 3.46 -23.23 46.67
CA LYS G 45 2.92 -24.43 46.07
C LYS G 45 3.81 -25.56 46.50
N PHE G 46 5.11 -25.30 46.53
CA PHE G 46 6.09 -26.31 46.91
C PHE G 46 5.97 -26.72 48.36
N LYS G 47 5.80 -25.76 49.26
CA LYS G 47 5.64 -26.07 50.67
C LYS G 47 4.29 -26.68 50.89
N GLY G 48 3.28 -26.13 50.21
CA GLY G 48 1.91 -26.62 50.26
C GLY G 48 1.83 -28.12 50.53
N ASP G 49 0.96 -28.52 51.43
CA ASP G 49 0.84 -29.92 51.81
C ASP G 49 0.36 -30.77 50.65
N LYS G 50 -0.54 -30.21 49.86
CA LYS G 50 -1.17 -30.97 48.78
C LYS G 50 -0.11 -31.28 47.74
N ALA G 51 -0.07 -32.54 47.32
CA ALA G 51 0.90 -32.98 46.35
C ALA G 51 0.60 -32.42 44.97
N LEU G 52 1.65 -32.02 44.28
CA LEU G 52 1.49 -31.44 42.96
C LEU G 52 1.55 -32.54 41.94
N ASP G 53 0.65 -32.51 40.98
CA ASP G 53 0.70 -33.46 39.89
C ASP G 53 1.87 -33.14 38.99
N GLY G 54 2.23 -34.06 38.12
CA GLY G 54 3.38 -33.89 37.27
C GLY G 54 3.33 -32.65 36.42
N TYR G 55 2.15 -32.31 35.91
CA TYR G 55 2.04 -31.15 35.04
C TYR G 55 2.40 -29.92 35.83
N SER G 56 1.83 -29.79 37.02
CA SER G 56 2.08 -28.61 37.83
C SER G 56 3.51 -28.55 38.34
N LYS G 57 4.07 -29.68 38.72
CA LYS G 57 5.43 -29.69 39.23
C LYS G 57 6.37 -29.26 38.14
N LYS G 58 6.17 -29.85 36.98
CA LYS G 58 6.95 -29.55 35.78
C LYS G 58 6.77 -28.12 35.31
N LYS G 59 5.54 -27.65 35.37
CA LYS G 59 5.22 -26.30 34.92
C LYS G 59 5.98 -25.28 35.75
N TYR G 60 6.05 -25.50 37.07
CA TYR G 60 6.74 -24.57 37.95
C TYR G 60 8.25 -24.62 37.81
N VAL G 61 8.81 -25.81 37.63
CA VAL G 61 10.25 -25.94 37.44
C VAL G 61 10.66 -25.20 36.17
N CYS G 62 9.77 -25.13 35.21
CA CYS G 62 10.00 -24.35 34.02
C CYS G 62 10.07 -22.86 34.28
N LYS G 63 9.16 -22.37 35.10
CA LYS G 63 9.15 -20.97 35.43
C LYS G 63 10.43 -20.59 36.15
N LEU G 64 10.87 -21.43 37.07
CA LEU G 64 12.10 -21.16 37.80
C LEU G 64 13.24 -21.15 36.81
N LEU G 65 13.21 -22.08 35.89
CA LEU G 65 14.27 -22.17 34.90
C LEU G 65 14.29 -20.92 34.05
N PHE G 66 13.11 -20.43 33.67
CA PHE G 66 13.01 -19.21 32.90
C PHE G 66 13.56 -18.06 33.70
N ILE G 67 13.22 -18.03 34.97
CA ILE G 67 13.71 -16.97 35.84
C ILE G 67 15.22 -16.99 35.90
N PHE G 68 15.80 -18.18 35.93
CA PHE G 68 17.24 -18.27 35.98
C PHE G 68 17.82 -17.75 34.69
N LEU G 69 17.21 -18.13 33.59
CA LEU G 69 17.70 -17.71 32.28
C LEU G 69 17.58 -16.20 32.10
N LEU G 70 16.63 -15.59 32.78
CA LEU G 70 16.53 -14.15 32.76
C LEU G 70 17.72 -13.49 33.41
N GLY G 71 18.45 -14.23 34.23
CA GLY G 71 19.64 -13.74 34.89
C GLY G 71 19.49 -13.48 36.37
N HIS G 72 18.30 -13.78 36.89
CA HIS G 72 18.00 -13.63 38.31
C HIS G 72 18.31 -14.93 39.02
N ASP G 73 18.92 -14.83 40.19
CA ASP G 73 19.38 -16.01 40.91
C ASP G 73 18.26 -16.88 41.46
N ILE G 74 18.48 -18.18 41.46
CA ILE G 74 17.49 -19.13 41.98
C ILE G 74 18.07 -20.05 43.04
N ASP G 75 17.51 -20.00 44.24
CA ASP G 75 18.08 -20.77 45.34
C ASP G 75 17.27 -21.99 45.73
N PHE G 76 16.19 -22.29 45.01
CA PHE G 76 15.39 -23.44 45.38
C PHE G 76 14.69 -24.19 44.24
N GLY G 77 14.04 -25.29 44.55
CA GLY G 77 13.32 -26.02 43.53
C GLY G 77 14.15 -27.13 42.92
N HIS G 78 15.39 -27.26 43.37
CA HIS G 78 16.27 -28.30 42.86
C HIS G 78 15.70 -29.64 43.20
N MET G 79 15.14 -29.73 44.40
CA MET G 79 14.66 -30.99 44.86
C MET G 79 13.51 -31.44 44.02
N GLU G 80 12.60 -30.51 43.75
CA GLU G 80 11.43 -30.80 42.97
C GLU G 80 11.87 -31.26 41.59
N ALA G 81 12.94 -30.63 41.11
CA ALA G 81 13.51 -30.98 39.82
C ALA G 81 13.93 -32.42 39.83
N VAL G 82 14.57 -32.84 40.91
CA VAL G 82 15.04 -34.20 41.04
C VAL G 82 13.86 -35.18 41.05
N ASN G 83 12.75 -34.75 41.65
CA ASN G 83 11.56 -35.57 41.67
C ASN G 83 11.09 -35.89 40.27
N LEU G 84 11.23 -34.92 39.39
CA LEU G 84 10.81 -35.08 38.01
C LEU G 84 11.58 -36.14 37.24
N LEU G 85 12.84 -36.31 37.57
CA LEU G 85 13.69 -37.29 36.89
C LEU G 85 13.12 -38.70 36.96
N SER G 86 12.47 -38.98 38.07
CA SER G 86 11.86 -40.27 38.30
C SER G 86 10.60 -40.50 37.46
N SER G 87 9.97 -39.42 37.01
CA SER G 87 8.69 -39.53 36.33
C SER G 87 8.70 -40.35 35.07
N ASN G 88 7.60 -41.06 34.85
CA ASN G 88 7.44 -41.93 33.70
C ASN G 88 7.05 -41.20 32.44
N ARG G 89 6.63 -39.95 32.58
CA ARG G 89 6.29 -39.13 31.43
C ARG G 89 7.51 -38.46 30.84
N TYR G 90 7.67 -38.50 29.52
CA TYR G 90 8.85 -37.93 28.92
C TYR G 90 8.93 -36.45 29.18
N THR G 91 7.82 -35.75 29.04
CA THR G 91 7.84 -34.31 29.18
C THR G 91 8.20 -33.88 30.59
N GLU G 92 7.68 -34.57 31.58
CA GLU G 92 8.00 -34.27 32.97
C GLU G 92 9.44 -34.57 33.26
N LYS G 93 9.88 -35.67 32.73
CA LYS G 93 11.19 -36.17 33.01
C LYS G 93 12.23 -35.37 32.27
N GLN G 94 11.88 -34.88 31.09
CA GLN G 94 12.77 -34.04 30.32
C GLN G 94 13.05 -32.70 30.96
N ILE G 95 12.02 -32.08 31.52
CA ILE G 95 12.16 -30.78 32.15
C ILE G 95 13.07 -30.84 33.38
N GLY G 96 12.98 -31.89 34.15
CA GLY G 96 13.86 -32.02 35.30
C GLY G 96 15.32 -32.10 34.93
N TYR G 97 15.63 -32.89 33.91
CA TYR G 97 17.01 -33.03 33.50
C TYR G 97 17.60 -31.76 32.99
N LEU G 98 16.76 -30.93 32.39
CA LEU G 98 17.21 -29.65 31.92
C LEU G 98 17.60 -28.77 33.08
N PHE G 99 16.75 -28.73 34.09
CA PHE G 99 16.94 -27.84 35.21
C PHE G 99 18.25 -28.13 35.94
N ILE G 100 18.50 -29.38 36.25
CA ILE G 100 19.72 -29.71 36.96
C ILE G 100 20.92 -29.55 36.04
N SER G 101 20.71 -29.61 34.74
CA SER G 101 21.78 -29.35 33.79
C SER G 101 22.18 -27.87 33.76
N VAL G 102 21.20 -26.98 33.77
CA VAL G 102 21.51 -25.57 33.79
C VAL G 102 22.01 -25.16 35.17
N LEU G 103 21.33 -25.67 36.19
CA LEU G 103 21.66 -25.35 37.57
C LEU G 103 22.29 -26.54 38.30
N VAL G 104 23.61 -26.55 38.36
CA VAL G 104 24.36 -27.69 38.84
C VAL G 104 24.41 -27.71 40.37
N ASN G 105 24.23 -28.88 40.96
CA ASN G 105 24.10 -28.94 42.40
C ASN G 105 25.43 -29.11 43.08
N SER G 106 25.66 -28.27 44.07
CA SER G 106 26.79 -28.39 44.94
C SER G 106 26.46 -29.33 46.09
N ASN G 107 25.17 -29.50 46.33
CA ASN G 107 24.67 -30.29 47.45
C ASN G 107 24.98 -31.75 47.20
N SER G 108 25.66 -32.38 48.14
CA SER G 108 26.14 -33.75 47.93
C SER G 108 25.02 -34.73 47.75
N GLU G 109 24.00 -34.63 48.59
CA GLU G 109 22.90 -35.56 48.55
C GLU G 109 22.18 -35.53 47.22
N LEU G 110 22.00 -34.31 46.71
CA LEU G 110 21.35 -34.09 45.43
C LEU G 110 22.18 -34.72 44.35
N ILE G 111 23.49 -34.57 44.47
CA ILE G 111 24.37 -35.17 43.51
C ILE G 111 24.18 -36.67 43.51
N ARG G 112 23.97 -37.26 44.67
CA ARG G 112 23.72 -38.70 44.67
C ARG G 112 22.40 -39.06 44.02
N LEU G 113 21.34 -38.33 44.40
CA LEU G 113 20.00 -38.62 43.93
C LEU G 113 19.92 -38.50 42.44
N ILE G 114 20.53 -37.46 41.90
CA ILE G 114 20.60 -37.28 40.46
C ILE G 114 21.33 -38.46 39.83
N ASN G 115 22.48 -38.83 40.39
CA ASN G 115 23.20 -39.99 39.88
C ASN G 115 22.41 -41.25 40.01
N ASN G 116 21.64 -41.39 41.08
CA ASN G 116 20.80 -42.56 41.18
C ASN G 116 19.72 -42.57 40.15
N ALA G 117 19.13 -41.41 39.93
CA ALA G 117 18.09 -41.31 38.91
C ALA G 117 18.64 -41.66 37.55
N ILE G 118 19.85 -41.23 37.28
CA ILE G 118 20.47 -41.50 35.99
C ILE G 118 20.69 -42.99 35.79
N LYS G 119 21.08 -43.70 36.84
CA LYS G 119 21.34 -45.13 36.71
C LYS G 119 20.05 -45.78 36.28
N ASN G 120 18.96 -45.38 36.90
CA ASN G 120 17.66 -45.94 36.57
C ASN G 120 17.28 -45.71 35.11
N ASP G 121 17.54 -44.51 34.61
CA ASP G 121 17.22 -44.15 33.25
C ASP G 121 18.06 -44.92 32.26
N LEU G 122 19.33 -45.05 32.58
CA LEU G 122 20.26 -45.79 31.79
C LEU G 122 19.91 -47.28 31.77
N ALA G 123 19.49 -47.78 32.93
CA ALA G 123 19.13 -49.19 33.04
C ALA G 123 17.87 -49.51 32.26
N SER G 124 16.91 -48.62 32.28
CA SER G 124 15.74 -48.82 31.46
C SER G 124 16.26 -48.76 30.07
N ARG G 125 15.84 -49.70 29.26
CA ARG G 125 16.38 -49.83 27.94
C ARG G 125 15.71 -48.90 26.95
N ASN G 126 14.85 -48.05 27.47
CA ASN G 126 14.15 -47.09 26.64
C ASN G 126 15.14 -46.14 26.01
N PRO G 127 15.16 -46.07 24.69
CA PRO G 127 16.14 -45.25 24.00
C PRO G 127 15.95 -43.75 24.24
N THR G 128 14.79 -43.35 24.71
CA THR G 128 14.55 -41.96 24.99
C THR G 128 15.01 -41.61 26.37
N PHE G 129 14.71 -42.47 27.33
CA PHE G 129 15.16 -42.28 28.69
C PHE G 129 16.67 -42.37 28.80
N MET G 130 17.26 -43.29 28.06
CA MET G 130 18.69 -43.42 28.06
C MET G 130 19.32 -42.18 27.50
N GLY G 131 18.73 -41.67 26.43
CA GLY G 131 19.29 -40.50 25.79
C GLY G 131 19.20 -39.27 26.65
N LEU G 132 18.24 -39.21 27.56
CA LEU G 132 18.11 -38.05 28.43
C LEU G 132 19.22 -38.05 29.43
N ALA G 133 19.49 -39.21 29.99
CA ALA G 133 20.53 -39.39 30.99
C ALA G 133 21.89 -39.19 30.38
N LEU G 134 22.08 -39.73 29.19
CA LEU G 134 23.34 -39.60 28.52
C LEU G 134 23.64 -38.13 28.25
N HIS G 135 22.64 -37.37 27.83
CA HIS G 135 22.83 -35.98 27.56
C HIS G 135 23.16 -35.24 28.83
N CYS G 136 22.50 -35.61 29.91
CA CYS G 136 22.77 -34.96 31.18
C CYS G 136 24.21 -35.15 31.60
N ILE G 137 24.74 -36.35 31.46
CA ILE G 137 26.11 -36.57 31.82
C ILE G 137 26.99 -35.73 30.95
N ALA G 138 26.67 -35.66 29.66
CA ALA G 138 27.47 -34.88 28.74
C ALA G 138 27.39 -33.40 29.06
N ASN G 139 26.21 -32.89 29.32
CA ASN G 139 26.10 -31.47 29.58
C ASN G 139 26.77 -31.06 30.88
N VAL G 140 26.50 -31.78 31.96
CA VAL G 140 27.13 -31.50 33.23
C VAL G 140 28.60 -31.88 33.32
N GLY G 141 28.92 -33.10 32.92
CA GLY G 141 30.30 -33.57 32.92
C GLY G 141 30.99 -33.57 34.28
N SER G 142 30.24 -33.84 35.33
CA SER G 142 30.74 -33.77 36.69
C SER G 142 31.74 -34.88 37.00
N ARG G 143 32.68 -34.63 37.91
CA ARG G 143 33.59 -35.69 38.33
C ARG G 143 32.83 -36.78 39.05
N GLU G 144 31.86 -36.39 39.87
CA GLU G 144 31.08 -37.36 40.62
C GLU G 144 30.41 -38.29 39.65
N MET G 145 29.94 -37.72 38.55
CA MET G 145 29.28 -38.48 37.51
C MET G 145 30.23 -39.42 36.81
N ALA G 146 31.46 -39.02 36.64
CA ALA G 146 32.42 -39.88 35.98
C ALA G 146 32.58 -41.16 36.78
N GLU G 147 32.77 -41.03 38.09
CA GLU G 147 32.97 -42.19 38.96
C GLU G 147 31.83 -43.16 38.80
N ALA G 148 30.63 -42.61 38.73
CA ALA G 148 29.42 -43.37 38.66
C ALA G 148 29.27 -44.07 37.32
N PHE G 149 29.58 -43.37 36.24
CA PHE G 149 29.23 -43.91 34.94
C PHE G 149 30.34 -44.05 33.92
N ALA G 150 31.57 -43.66 34.23
CA ALA G 150 32.64 -43.74 33.26
C ALA G 150 32.90 -45.17 32.81
N GLY G 151 32.74 -46.12 33.72
CA GLY G 151 32.88 -47.51 33.37
C GLY G 151 31.75 -47.97 32.48
N GLU G 152 30.55 -47.54 32.84
CA GLU G 152 29.34 -48.02 32.21
C GLU G 152 29.17 -47.55 30.77
N ILE G 153 29.54 -46.31 30.46
CA ILE G 153 29.24 -45.74 29.15
C ILE G 153 29.85 -46.51 27.99
N PRO G 154 31.13 -46.89 28.07
CA PRO G 154 31.67 -47.62 26.92
C PRO G 154 30.95 -48.93 26.63
N LYS G 155 30.45 -49.57 27.67
CA LYS G 155 29.72 -50.81 27.49
C LYS G 155 28.48 -50.57 26.66
N ILE G 156 27.81 -49.44 26.88
CA ILE G 156 26.63 -49.09 26.12
C ILE G 156 26.95 -48.84 24.66
N LEU G 157 28.09 -48.21 24.44
CA LEU G 157 28.50 -47.84 23.10
C LEU G 157 28.83 -49.07 22.26
N VAL G 158 29.54 -50.02 22.84
CA VAL G 158 30.00 -51.17 22.06
C VAL G 158 28.94 -52.23 21.93
N ALA G 159 27.90 -52.13 22.73
CA ALA G 159 26.87 -53.14 22.74
C ALA G 159 26.18 -53.14 21.40
N GLY G 160 25.75 -54.31 20.94
CA GLY G 160 25.03 -54.39 19.68
C GLY G 160 23.53 -54.26 19.79
N ASP G 161 23.03 -54.27 21.02
CA ASP G 161 21.61 -54.10 21.26
C ASP G 161 21.21 -52.62 21.34
N THR G 162 22.20 -51.75 21.33
CA THR G 162 22.00 -50.31 21.47
C THR G 162 21.55 -49.63 20.19
N MET G 163 20.49 -48.83 20.29
CA MET G 163 19.94 -48.15 19.12
C MET G 163 20.86 -47.05 18.64
N ASP G 164 20.74 -46.63 17.39
CA ASP G 164 21.69 -45.69 16.83
C ASP G 164 21.75 -44.36 17.52
N SER G 165 20.59 -43.79 17.82
CA SER G 165 20.55 -42.48 18.44
C SER G 165 21.24 -42.51 19.77
N VAL G 166 21.05 -43.59 20.50
CA VAL G 166 21.74 -43.78 21.76
C VAL G 166 23.24 -43.94 21.56
N LYS G 167 23.64 -44.64 20.52
CA LYS G 167 25.05 -44.83 20.26
C LYS G 167 25.77 -43.51 20.04
N GLN G 168 25.15 -42.60 19.30
CA GLN G 168 25.77 -41.32 19.00
C GLN G 168 26.05 -40.58 20.28
N SER G 169 25.02 -40.47 21.10
CA SER G 169 25.09 -39.72 22.31
C SER G 169 26.05 -40.34 23.30
N ALA G 170 26.09 -41.66 23.34
CA ALA G 170 26.99 -42.36 24.24
C ALA G 170 28.41 -42.04 23.88
N ALA G 171 28.71 -42.02 22.59
CA ALA G 171 30.07 -41.75 22.17
C ALA G 171 30.55 -40.38 22.58
N LEU G 172 29.70 -39.38 22.33
CA LEU G 172 29.99 -37.99 22.62
C LEU G 172 30.05 -37.79 24.12
N CYS G 173 29.15 -38.47 24.82
CA CYS G 173 29.16 -38.43 26.26
C CYS G 173 30.44 -39.02 26.77
N LEU G 174 30.92 -40.08 26.12
CA LEU G 174 32.19 -40.66 26.50
C LEU G 174 33.34 -39.70 26.29
N LEU G 175 33.24 -38.88 25.26
CA LEU G 175 34.23 -37.88 24.96
C LEU G 175 34.35 -36.87 26.09
N ARG G 176 33.20 -36.48 26.61
CA ARG G 176 33.15 -35.50 27.68
C ARG G 176 33.87 -35.96 28.92
N LEU G 177 33.65 -37.21 29.27
CA LEU G 177 34.28 -37.80 30.43
C LEU G 177 35.77 -37.87 30.26
N TYR G 178 36.22 -38.25 29.07
CA TYR G 178 37.64 -38.40 28.79
C TYR G 178 38.32 -37.06 28.91
N ARG G 179 37.64 -35.99 28.54
CA ARG G 179 38.20 -34.66 28.69
C ARG G 179 38.28 -34.29 30.15
N THR G 180 37.20 -34.58 30.85
CA THR G 180 37.11 -34.30 32.26
C THR G 180 38.03 -35.19 33.10
N SER G 181 37.99 -36.49 32.85
CA SER G 181 38.71 -37.44 33.68
C SER G 181 39.35 -38.56 32.88
N PRO G 182 40.46 -38.29 32.19
CA PRO G 182 41.09 -39.31 31.36
C PRO G 182 41.48 -40.53 32.17
N ASP G 183 41.85 -40.32 33.43
CA ASP G 183 42.29 -41.39 34.29
C ASP G 183 41.18 -42.41 34.51
N LEU G 184 39.96 -41.92 34.70
CA LEU G 184 38.78 -42.74 34.93
C LEU G 184 38.35 -43.53 33.72
N VAL G 185 38.78 -43.11 32.54
CA VAL G 185 38.51 -43.87 31.34
C VAL G 185 39.73 -44.64 30.85
N PRO G 186 39.78 -45.95 31.13
CA PRO G 186 40.95 -46.68 30.65
C PRO G 186 40.71 -47.25 29.27
N MET G 187 41.72 -47.19 28.42
CA MET G 187 41.59 -47.81 27.12
C MET G 187 41.87 -49.31 27.23
N GLY G 188 41.08 -50.10 26.54
CA GLY G 188 41.10 -51.54 26.73
C GLY G 188 40.72 -52.32 25.51
N ASP G 189 39.69 -53.13 25.66
CA ASP G 189 39.18 -53.90 24.55
C ASP G 189 38.09 -53.16 23.82
N TRP G 190 37.41 -52.22 24.48
CA TRP G 190 36.34 -51.50 23.80
C TRP G 190 36.93 -50.59 22.73
N THR G 191 38.19 -50.22 22.90
CA THR G 191 38.82 -49.33 21.95
C THR G 191 38.87 -49.94 20.58
N SER G 192 39.17 -51.22 20.55
CA SER G 192 39.23 -51.92 19.28
C SER G 192 37.88 -51.89 18.58
N ARG G 193 36.82 -52.16 19.33
CA ARG G 193 35.49 -52.15 18.73
C ARG G 193 35.04 -50.73 18.36
N VAL G 194 35.44 -49.73 19.12
CA VAL G 194 35.08 -48.35 18.78
C VAL G 194 35.69 -47.96 17.45
N VAL G 195 36.92 -48.38 17.19
CA VAL G 195 37.55 -48.01 15.95
C VAL G 195 36.75 -48.52 14.78
N HIS G 196 36.24 -49.74 14.90
CA HIS G 196 35.48 -50.31 13.81
C HIS G 196 34.12 -49.68 13.67
N LEU G 197 33.76 -48.84 14.63
CA LEU G 197 32.49 -48.14 14.60
C LEU G 197 32.42 -47.16 13.41
N LEU G 198 33.58 -46.86 12.85
CA LEU G 198 33.71 -46.06 11.64
C LEU G 198 33.02 -46.67 10.43
N ASN G 199 32.77 -47.97 10.47
CA ASN G 199 32.16 -48.66 9.34
C ASN G 199 30.65 -48.67 9.33
N ASP G 200 30.02 -48.03 10.32
CA ASP G 200 28.59 -48.08 10.52
C ASP G 200 27.79 -47.43 9.40
N GLN G 201 26.59 -47.96 9.16
CA GLN G 201 25.69 -47.50 8.09
C GLN G 201 25.21 -46.11 8.38
N HIS G 202 24.99 -45.85 9.66
CA HIS G 202 24.44 -44.59 10.09
C HIS G 202 25.57 -43.57 10.18
N LEU G 203 25.53 -42.61 9.27
CA LEU G 203 26.58 -41.60 9.19
C LEU G 203 26.57 -40.68 10.40
N GLY G 204 25.44 -40.58 11.07
CA GLY G 204 25.41 -39.80 12.29
C GLY G 204 26.33 -40.43 13.31
N VAL G 205 26.32 -41.76 13.36
CA VAL G 205 27.15 -42.54 14.26
C VAL G 205 28.63 -42.39 13.94
N VAL G 206 28.94 -42.49 12.66
CA VAL G 206 30.30 -42.39 12.22
C VAL G 206 30.88 -41.06 12.60
N THR G 207 30.04 -40.04 12.48
CA THR G 207 30.41 -38.69 12.84
C THR G 207 30.72 -38.58 14.31
N ALA G 208 29.82 -39.06 15.14
CA ALA G 208 30.02 -39.00 16.57
C ALA G 208 31.22 -39.81 16.96
N ALA G 209 31.41 -40.96 16.32
CA ALA G 209 32.54 -41.80 16.65
C ALA G 209 33.88 -41.16 16.29
N THR G 210 33.92 -40.47 15.16
CA THR G 210 35.16 -39.92 14.66
C THR G 210 35.69 -38.86 15.59
N SER G 211 34.78 -38.13 16.20
CA SER G 211 35.16 -37.11 17.13
C SER G 211 35.83 -37.76 18.30
N LEU G 212 35.21 -38.84 18.78
CA LEU G 212 35.74 -39.56 19.91
C LEU G 212 37.09 -40.09 19.62
N ILE G 213 37.22 -40.71 18.47
CA ILE G 213 38.45 -41.33 18.09
C ILE G 213 39.54 -40.29 17.97
N THR G 214 39.19 -39.15 17.39
CA THR G 214 40.16 -38.12 17.14
C THR G 214 40.80 -37.65 18.41
N THR G 215 40.00 -37.37 19.41
CA THR G 215 40.53 -36.95 20.68
C THR G 215 41.34 -38.05 21.33
N LEU G 216 40.82 -39.26 21.30
CA LEU G 216 41.52 -40.37 21.90
C LEU G 216 42.85 -40.56 21.17
N ALA G 217 42.81 -40.47 19.85
CA ALA G 217 43.99 -40.72 19.04
C ALA G 217 45.13 -39.76 19.32
N GLN G 218 44.82 -38.56 19.78
CA GLN G 218 45.89 -37.59 20.03
C GLN G 218 46.84 -37.95 21.17
N LYS G 219 46.29 -38.26 22.33
CA LYS G 219 47.14 -38.65 23.44
C LYS G 219 47.66 -40.08 23.23
N ASN G 220 46.83 -40.98 22.69
CA ASN G 220 47.26 -42.36 22.52
C ASN G 220 47.16 -42.83 21.08
N PRO G 221 48.04 -42.35 20.22
CA PRO G 221 47.96 -42.61 18.78
C PRO G 221 48.14 -44.08 18.44
N GLU G 222 49.02 -44.78 19.15
CA GLU G 222 49.32 -46.17 18.82
C GLU G 222 48.08 -47.04 18.83
N GLU G 223 47.19 -46.78 19.76
CA GLU G 223 46.01 -47.60 19.95
C GLU G 223 45.04 -47.55 18.79
N PHE G 224 44.93 -46.40 18.14
CA PHE G 224 43.88 -46.22 17.16
C PHE G 224 44.34 -46.08 15.73
N LYS G 225 45.48 -46.66 15.37
CA LYS G 225 45.87 -46.59 13.98
C LYS G 225 44.95 -47.39 13.07
N THR G 226 44.23 -48.36 13.59
CA THR G 226 43.40 -49.15 12.71
C THR G 226 42.37 -48.23 12.06
N SER G 227 42.07 -47.13 12.74
CA SER G 227 41.13 -46.13 12.23
C SER G 227 41.59 -45.50 10.93
N VAL G 228 42.89 -45.33 10.75
CA VAL G 228 43.38 -44.70 9.55
C VAL G 228 42.94 -45.41 8.31
N SER G 229 43.12 -46.73 8.29
CA SER G 229 42.78 -47.49 7.11
C SER G 229 41.31 -47.38 6.80
N LEU G 230 40.49 -47.49 7.83
CA LEU G 230 39.05 -47.41 7.70
C LEU G 230 38.58 -46.05 7.27
N ALA G 231 39.20 -45.03 7.82
CA ALA G 231 38.79 -43.67 7.55
C ALA G 231 39.02 -43.31 6.11
N VAL G 232 40.16 -43.71 5.59
CA VAL G 232 40.48 -43.42 4.21
C VAL G 232 39.45 -44.08 3.31
N SER G 233 39.07 -45.29 3.66
CA SER G 233 38.11 -46.03 2.87
C SER G 233 36.75 -45.37 2.87
N ARG G 234 36.30 -44.93 4.03
CA ARG G 234 35.01 -44.30 4.15
C ARG G 234 34.91 -43.01 3.37
N LEU G 235 35.98 -42.22 3.43
CA LEU G 235 36.02 -40.96 2.73
C LEU G 235 35.95 -41.14 1.22
N SER G 236 36.70 -42.09 0.67
CA SER G 236 36.69 -42.31 -0.77
C SER G 236 35.31 -42.71 -1.20
N ARG G 237 34.64 -43.48 -0.35
CA ARG G 237 33.28 -43.88 -0.61
C ARG G 237 32.34 -42.71 -0.58
N ILE G 238 32.56 -41.79 0.35
CA ILE G 238 31.70 -40.61 0.45
C ILE G 238 31.86 -39.61 -0.70
N VAL G 239 33.09 -39.21 -0.99
CA VAL G 239 33.29 -38.21 -2.02
C VAL G 239 32.89 -38.71 -3.40
N THR G 240 33.00 -40.01 -3.63
CA THR G 240 32.63 -40.62 -4.90
C THR G 240 31.12 -40.78 -5.06
N SER G 241 30.45 -41.13 -3.97
CA SER G 241 29.00 -41.36 -3.91
C SER G 241 28.20 -40.54 -4.91
N ALA G 242 27.37 -41.16 -5.73
CA ALA G 242 26.59 -40.37 -6.69
C ALA G 242 25.41 -39.66 -6.07
N SER G 243 24.47 -39.28 -6.92
CA SER G 243 23.30 -38.51 -6.53
C SER G 243 22.38 -39.32 -5.61
N THR G 244 22.13 -40.56 -6.01
CA THR G 244 21.25 -41.46 -5.30
C THR G 244 21.74 -41.98 -3.93
N ASP G 245 23.06 -42.13 -3.74
CA ASP G 245 23.57 -42.88 -2.58
C ASP G 245 23.42 -42.36 -1.13
N LEU G 246 23.55 -41.05 -0.90
CA LEU G 246 23.52 -40.57 0.48
C LEU G 246 22.43 -39.55 0.75
N GLN G 247 21.26 -39.74 0.15
CA GLN G 247 20.27 -38.68 0.17
C GLN G 247 19.99 -38.06 1.55
N ASP G 248 19.98 -38.86 2.60
CA ASP G 248 19.72 -38.32 3.93
C ASP G 248 20.80 -37.38 4.42
N TYR G 249 22.06 -37.63 4.04
CA TYR G 249 23.15 -36.78 4.51
C TYR G 249 23.72 -35.91 3.43
N THR G 250 23.03 -35.84 2.29
CA THR G 250 23.46 -34.96 1.24
C THR G 250 22.94 -33.55 1.49
N TYR G 251 23.86 -32.60 1.61
CA TYR G 251 23.50 -31.24 1.96
C TYR G 251 23.74 -30.27 0.82
N TYR G 252 22.66 -29.78 0.23
CA TYR G 252 22.76 -28.84 -0.88
C TYR G 252 23.76 -29.36 -1.89
N PHE G 253 23.56 -30.61 -2.24
CA PHE G 253 24.26 -31.30 -3.30
C PHE G 253 25.68 -31.63 -2.90
N VAL G 254 26.00 -31.45 -1.63
CA VAL G 254 27.30 -31.89 -1.13
C VAL G 254 27.13 -33.06 -0.18
N PRO G 255 27.87 -34.12 -0.40
CA PRO G 255 27.72 -35.35 0.38
C PRO G 255 28.54 -35.36 1.65
N ALA G 256 27.87 -35.45 2.79
CA ALA G 256 28.51 -35.58 4.09
C ALA G 256 29.63 -34.59 4.30
N PRO G 257 29.33 -33.30 4.22
CA PRO G 257 30.35 -32.27 4.36
C PRO G 257 31.01 -32.26 5.71
N TRP G 258 30.23 -32.36 6.77
CA TRP G 258 30.79 -32.32 8.10
C TRP G 258 31.55 -33.59 8.44
N LEU G 259 31.00 -34.73 8.04
CA LEU G 259 31.72 -35.97 8.21
C LEU G 259 32.99 -36.02 7.37
N SER G 260 32.95 -35.51 6.15
CA SER G 260 34.16 -35.52 5.35
C SER G 260 35.21 -34.70 6.04
N VAL G 261 34.80 -33.59 6.60
CA VAL G 261 35.71 -32.74 7.32
C VAL G 261 36.25 -33.51 8.49
N LYS G 262 35.36 -34.19 9.20
CA LYS G 262 35.75 -34.90 10.41
C LYS G 262 36.70 -36.04 10.13
N LEU G 263 36.60 -36.64 8.96
CA LEU G 263 37.48 -37.72 8.64
C LEU G 263 38.82 -37.16 8.26
N LEU G 264 38.78 -36.03 7.55
CA LEU G 264 40.00 -35.36 7.18
C LEU G 264 40.74 -34.83 8.39
N ARG G 265 40.02 -34.32 9.37
CA ARG G 265 40.66 -33.84 10.57
C ARG G 265 41.27 -35.03 11.29
N LEU G 266 40.58 -36.17 11.27
CA LEU G 266 41.10 -37.36 11.93
C LEU G 266 42.39 -37.85 11.32
N LEU G 267 42.44 -37.90 10.00
CA LEU G 267 43.61 -38.39 9.30
C LEU G 267 44.84 -37.56 9.60
N GLN G 268 44.61 -36.31 9.93
CA GLN G 268 45.69 -35.40 10.29
C GLN G 268 46.38 -35.80 11.58
N CYS G 269 45.75 -36.63 12.39
CA CYS G 269 46.42 -37.12 13.58
C CYS G 269 47.63 -37.98 13.26
N TYR G 270 47.53 -38.78 12.21
CA TYR G 270 48.61 -39.68 11.86
C TYR G 270 49.47 -39.17 10.70
N PRO G 271 50.67 -39.73 10.55
CA PRO G 271 51.44 -39.38 9.35
C PRO G 271 50.79 -40.04 8.15
N PRO G 272 51.36 -39.92 6.96
CA PRO G 272 50.73 -40.67 5.88
C PRO G 272 50.66 -42.15 6.17
N PRO G 273 49.63 -42.82 5.66
CA PRO G 273 49.36 -44.23 5.92
C PRO G 273 50.55 -45.05 5.57
N GLU G 274 50.85 -46.03 6.42
CA GLU G 274 52.02 -46.86 6.22
C GLU G 274 51.82 -47.76 5.03
N ASP G 275 50.61 -48.30 4.94
CA ASP G 275 50.26 -49.22 3.88
C ASP G 275 50.05 -48.44 2.60
N PRO G 276 50.88 -48.74 1.60
CA PRO G 276 50.90 -48.06 0.31
C PRO G 276 49.58 -48.13 -0.42
N ALA G 277 48.88 -49.24 -0.29
CA ALA G 277 47.60 -49.36 -0.96
C ALA G 277 46.66 -48.32 -0.40
N VAL G 278 46.71 -48.13 0.91
CA VAL G 278 45.89 -47.13 1.57
C VAL G 278 46.33 -45.72 1.25
N ARG G 279 47.64 -45.50 1.30
CA ARG G 279 48.23 -44.20 1.01
C ARG G 279 47.87 -43.74 -0.39
N GLY G 280 47.78 -44.69 -1.30
CA GLY G 280 47.36 -44.40 -2.65
C GLY G 280 45.90 -44.05 -2.75
N ARG G 281 45.05 -44.79 -2.05
CA ARG G 281 43.62 -44.56 -2.12
C ARG G 281 43.31 -43.19 -1.62
N LEU G 282 44.04 -42.79 -0.58
CA LEU G 282 43.89 -41.46 -0.02
C LEU G 282 44.24 -40.42 -1.05
N THR G 283 45.35 -40.61 -1.73
CA THR G 283 45.83 -39.66 -2.73
C THR G 283 44.86 -39.56 -3.89
N GLU G 284 44.22 -40.65 -4.27
CA GLU G 284 43.19 -40.55 -5.30
C GLU G 284 42.04 -39.75 -4.77
N CYS G 285 41.75 -39.93 -3.49
CA CYS G 285 40.64 -39.23 -2.88
C CYS G 285 40.89 -37.74 -2.86
N LEU G 286 42.09 -37.35 -2.48
CA LEU G 286 42.43 -35.94 -2.46
C LEU G 286 42.41 -35.38 -3.86
N GLU G 287 42.92 -36.14 -4.81
CA GLU G 287 42.92 -35.69 -6.19
C GLU G 287 41.46 -35.46 -6.60
N THR G 288 40.60 -36.34 -6.15
CA THR G 288 39.17 -36.28 -6.46
C THR G 288 38.50 -35.07 -5.84
N ILE G 289 38.84 -34.78 -4.59
CA ILE G 289 38.23 -33.63 -3.92
C ILE G 289 38.57 -32.34 -4.63
N LEU G 290 39.84 -32.18 -4.98
CA LEU G 290 40.28 -30.99 -5.69
C LEU G 290 39.62 -30.88 -7.04
N ASN G 291 39.43 -32.01 -7.71
CA ASN G 291 38.77 -32.02 -9.00
C ASN G 291 37.31 -31.59 -8.90
N LYS G 292 36.61 -32.11 -7.90
CA LYS G 292 35.20 -31.78 -7.71
C LYS G 292 35.06 -30.31 -7.38
N ALA G 293 36.08 -29.75 -6.75
CA ALA G 293 36.10 -28.34 -6.41
C ALA G 293 36.08 -27.44 -7.63
N GLN G 294 36.92 -27.78 -8.59
CA GLN G 294 37.02 -26.98 -9.80
C GLN G 294 35.87 -27.20 -10.73
N GLU G 295 35.14 -28.29 -10.52
CA GLU G 295 33.99 -28.62 -11.36
C GLU G 295 32.97 -27.51 -11.25
N PRO G 296 32.19 -27.28 -12.33
CA PRO G 296 31.18 -26.22 -12.28
C PRO G 296 30.16 -26.43 -11.19
N PRO G 297 29.78 -25.35 -10.50
CA PRO G 297 28.94 -25.41 -9.30
C PRO G 297 27.60 -26.02 -9.56
N LYS G 298 27.21 -27.00 -8.75
CA LYS G 298 25.91 -27.63 -8.83
C LYS G 298 24.78 -26.71 -8.45
N SER G 299 25.04 -25.82 -7.49
CA SER G 299 24.03 -24.88 -7.02
C SER G 299 24.51 -23.46 -7.06
N LYS G 300 23.61 -22.54 -7.37
CA LYS G 300 23.92 -21.13 -7.36
C LYS G 300 24.06 -20.64 -5.92
N LYS G 301 23.43 -21.36 -5.00
CA LYS G 301 23.32 -20.96 -3.60
C LYS G 301 24.62 -20.99 -2.80
N VAL G 302 24.72 -20.09 -1.83
CA VAL G 302 25.91 -19.99 -1.01
C VAL G 302 26.13 -21.18 -0.09
N GLN G 303 25.05 -21.81 0.37
CA GLN G 303 25.17 -22.95 1.27
C GLN G 303 25.91 -24.08 0.60
N HIS G 304 25.69 -24.24 -0.68
CA HIS G 304 26.40 -25.24 -1.46
C HIS G 304 27.86 -24.92 -1.55
N SER G 305 28.18 -23.66 -1.84
CA SER G 305 29.56 -23.26 -1.98
C SER G 305 30.33 -23.39 -0.68
N ASN G 306 29.75 -22.91 0.41
CA ASN G 306 30.42 -23.00 1.69
C ASN G 306 30.62 -24.41 2.14
N ALA G 307 29.61 -25.24 1.92
CA ALA G 307 29.70 -26.64 2.31
C ALA G 307 30.73 -27.34 1.48
N LYS G 308 30.70 -27.08 0.18
CA LYS G 308 31.63 -27.71 -0.73
C LYS G 308 33.04 -27.24 -0.42
N ASN G 309 33.19 -25.96 -0.14
CA ASN G 309 34.50 -25.39 0.17
C ASN G 309 35.07 -25.82 1.50
N ALA G 310 34.20 -26.10 2.47
CA ALA G 310 34.65 -26.52 3.78
C ALA G 310 35.43 -27.80 3.71
N VAL G 311 34.95 -28.73 2.89
CA VAL G 311 35.63 -29.98 2.70
C VAL G 311 36.96 -29.74 2.06
N LEU G 312 36.96 -28.89 1.07
CA LEU G 312 38.16 -28.62 0.30
C LEU G 312 39.26 -28.01 1.14
N PHE G 313 38.92 -27.08 2.00
CA PHE G 313 39.92 -26.45 2.85
C PHE G 313 40.52 -27.40 3.86
N GLU G 314 39.76 -28.37 4.35
CA GLU G 314 40.35 -29.39 5.20
C GLU G 314 41.26 -30.28 4.40
N ALA G 315 40.84 -30.62 3.18
CA ALA G 315 41.65 -31.49 2.35
C ALA G 315 42.98 -30.85 2.07
N ILE G 316 42.96 -29.56 1.81
CA ILE G 316 44.17 -28.79 1.58
C ILE G 316 44.99 -28.75 2.85
N SER G 317 44.30 -28.68 3.99
CA SER G 317 44.98 -28.64 5.26
C SER G 317 45.72 -29.92 5.54
N LEU G 318 45.17 -31.03 5.05
CA LEU G 318 45.80 -32.33 5.19
C LEU G 318 47.04 -32.44 4.34
N ILE G 319 46.94 -31.97 3.10
CA ILE G 319 48.05 -32.00 2.16
C ILE G 319 49.21 -31.20 2.70
N ILE G 320 48.91 -30.04 3.28
CA ILE G 320 49.90 -29.16 3.86
C ILE G 320 50.57 -29.77 5.07
N HIS G 321 49.78 -30.41 5.92
CA HIS G 321 50.30 -31.04 7.12
C HIS G 321 51.31 -32.13 6.80
N HIS G 322 50.94 -33.01 5.90
CA HIS G 322 51.79 -34.11 5.52
C HIS G 322 53.03 -33.69 4.75
N ASP G 323 52.89 -32.76 3.83
CA ASP G 323 54.01 -32.30 3.00
C ASP G 323 54.61 -33.45 2.21
N SER G 324 53.87 -34.53 2.05
CA SER G 324 54.45 -35.71 1.45
C SER G 324 54.41 -35.69 -0.06
N GLU G 325 53.27 -35.33 -0.64
CA GLU G 325 53.10 -35.57 -2.05
C GLU G 325 53.19 -34.28 -2.86
N PRO G 326 54.20 -34.18 -3.73
CA PRO G 326 54.43 -32.98 -4.54
C PRO G 326 53.28 -32.63 -5.43
N ASN G 327 52.72 -33.60 -6.14
CA ASN G 327 51.63 -33.31 -7.05
C ASN G 327 50.46 -32.68 -6.33
N LEU G 328 50.22 -33.13 -5.11
CA LEU G 328 49.14 -32.58 -4.32
C LEU G 328 49.43 -31.16 -3.85
N LEU G 329 50.66 -30.90 -3.42
CA LEU G 329 51.05 -29.58 -2.95
C LEU G 329 50.91 -28.56 -4.04
N VAL G 330 51.20 -28.97 -5.27
CA VAL G 330 51.07 -28.11 -6.43
C VAL G 330 49.63 -27.72 -6.67
N ARG G 331 48.75 -28.71 -6.61
CA ARG G 331 47.33 -28.49 -6.82
C ARG G 331 46.80 -27.56 -5.75
N ALA G 332 47.25 -27.78 -4.52
CA ALA G 332 46.80 -27.01 -3.39
C ALA G 332 47.17 -25.55 -3.49
N CYS G 333 48.43 -25.28 -3.82
CA CYS G 333 48.87 -23.91 -3.95
C CYS G 333 48.11 -23.24 -5.08
N ASN G 334 47.81 -23.99 -6.12
CA ASN G 334 47.07 -23.44 -7.24
C ASN G 334 45.65 -23.03 -6.86
N GLN G 335 44.97 -23.87 -6.12
CA GLN G 335 43.61 -23.56 -5.70
C GLN G 335 43.59 -22.36 -4.79
N LEU G 336 44.53 -22.33 -3.86
CA LEU G 336 44.59 -21.24 -2.91
C LEU G 336 44.80 -19.92 -3.62
N GLY G 337 45.60 -19.92 -4.68
CA GLY G 337 45.83 -18.71 -5.42
C GLY G 337 44.59 -18.14 -6.04
N GLN G 338 43.73 -19.01 -6.54
CA GLN G 338 42.49 -18.61 -7.18
C GLN G 338 41.48 -18.00 -6.21
N PHE G 339 41.47 -18.49 -4.98
CA PHE G 339 40.60 -17.96 -3.96
C PHE G 339 40.92 -16.53 -3.59
N LEU G 340 42.16 -16.13 -3.81
CA LEU G 340 42.58 -14.76 -3.55
C LEU G 340 41.82 -13.78 -4.43
N GLN G 341 41.52 -14.21 -5.64
CA GLN G 341 40.77 -13.41 -6.58
C GLN G 341 39.27 -13.50 -6.34
N HIS G 342 38.85 -14.45 -5.50
CA HIS G 342 37.43 -14.76 -5.28
C HIS G 342 36.65 -13.59 -4.70
N ARG G 343 35.40 -13.41 -5.10
CA ARG G 343 34.67 -12.28 -4.55
C ARG G 343 34.33 -12.38 -3.09
N GLU G 344 34.41 -13.57 -2.50
CA GLU G 344 33.95 -13.69 -1.12
C GLU G 344 35.06 -13.42 -0.15
N THR G 345 34.79 -12.49 0.75
CA THR G 345 35.79 -12.08 1.71
C THR G 345 36.18 -13.25 2.60
N ASN G 346 35.21 -14.09 2.93
CA ASN G 346 35.49 -15.24 3.77
C ASN G 346 36.55 -16.13 3.18
N LEU G 347 36.43 -16.39 1.90
CA LEU G 347 37.33 -17.32 1.24
C LEU G 347 38.71 -16.72 1.12
N ARG G 348 38.76 -15.44 0.82
CA ARG G 348 40.03 -14.75 0.70
C ARG G 348 40.74 -14.76 2.02
N TYR G 349 40.00 -14.55 3.08
CA TYR G 349 40.54 -14.60 4.42
C TYR G 349 41.15 -15.96 4.69
N LEU G 350 40.40 -16.99 4.36
CA LEU G 350 40.83 -18.35 4.58
C LEU G 350 42.00 -18.76 3.68
N ALA G 351 41.95 -18.32 2.45
CA ALA G 351 43.00 -18.65 1.49
C ALA G 351 44.32 -18.06 1.93
N LEU G 352 44.27 -16.86 2.48
CA LEU G 352 45.47 -16.21 2.95
C LEU G 352 46.10 -16.96 4.11
N GLU G 353 45.28 -17.48 5.01
CA GLU G 353 45.82 -18.27 6.12
C GLU G 353 46.47 -19.53 5.61
N SER G 354 45.81 -20.19 4.69
CA SER G 354 46.29 -21.44 4.18
C SER G 354 47.61 -21.24 3.47
N MET G 355 47.70 -20.15 2.71
CA MET G 355 48.91 -19.81 2.00
C MET G 355 50.05 -19.54 2.95
N CYS G 356 49.73 -19.00 4.12
CA CYS G 356 50.76 -18.69 5.11
C CYS G 356 51.54 -19.91 5.52
N THR G 357 50.83 -21.00 5.79
CA THR G 357 51.47 -22.23 6.21
C THR G 357 52.24 -22.86 5.09
N LEU G 358 51.71 -22.80 3.89
CA LEU G 358 52.34 -23.42 2.75
C LEU G 358 53.73 -22.84 2.55
N ALA G 359 53.91 -21.59 2.92
CA ALA G 359 55.19 -20.94 2.74
C ALA G 359 56.29 -21.68 3.47
N SER G 360 55.95 -22.35 4.55
CA SER G 360 56.93 -23.12 5.31
C SER G 360 57.45 -24.34 4.57
N SER G 361 56.63 -24.87 3.68
CA SER G 361 57.01 -26.03 2.89
C SER G 361 58.17 -25.72 1.96
N GLU G 362 59.22 -26.53 2.04
CA GLU G 362 60.42 -26.29 1.29
C GLU G 362 60.07 -26.41 -0.18
N PHE G 363 59.23 -27.38 -0.51
CA PHE G 363 58.83 -27.59 -1.90
C PHE G 363 57.93 -26.49 -2.45
N SER G 364 56.93 -26.07 -1.69
CA SER G 364 55.92 -25.17 -2.25
C SER G 364 56.25 -23.71 -2.05
N HIS G 365 57.34 -23.42 -1.36
CA HIS G 365 57.61 -22.04 -0.97
C HIS G 365 57.76 -21.10 -2.17
N GLU G 366 58.49 -21.54 -3.17
CA GLU G 366 58.70 -20.73 -4.35
C GLU G 366 57.44 -20.51 -5.12
N ALA G 367 56.57 -21.50 -5.09
CA ALA G 367 55.28 -21.40 -5.74
C ALA G 367 54.41 -20.35 -5.10
N VAL G 368 54.50 -20.21 -3.78
CA VAL G 368 53.73 -19.21 -3.07
C VAL G 368 54.16 -17.80 -3.43
N LYS G 369 55.47 -17.60 -3.59
CA LYS G 369 56.00 -16.28 -3.88
C LYS G 369 55.48 -15.76 -5.21
N THR G 370 54.92 -16.66 -6.01
CA THR G 370 54.34 -16.28 -7.29
C THR G 370 53.19 -15.30 -7.10
N HIS G 371 52.44 -15.47 -6.04
CA HIS G 371 51.22 -14.70 -5.87
C HIS G 371 51.45 -13.39 -5.14
N ILE G 372 52.71 -13.03 -4.96
CA ILE G 372 53.02 -11.86 -4.17
C ILE G 372 52.39 -10.61 -4.76
N GLU G 373 52.38 -10.50 -6.06
CA GLU G 373 51.78 -9.34 -6.67
C GLU G 373 50.29 -9.34 -6.39
N THR G 374 49.68 -10.50 -6.50
CA THR G 374 48.26 -10.62 -6.25
C THR G 374 47.94 -10.22 -4.82
N VAL G 375 48.82 -10.59 -3.90
CA VAL G 375 48.66 -10.21 -2.51
C VAL G 375 48.77 -8.71 -2.34
N ILE G 376 49.78 -8.12 -2.97
CA ILE G 376 49.96 -6.69 -2.85
C ILE G 376 48.79 -5.94 -3.47
N ASN G 377 48.36 -6.35 -4.64
CA ASN G 377 47.22 -5.71 -5.28
C ASN G 377 45.99 -5.76 -4.39
N ALA G 378 45.79 -6.88 -3.70
CA ALA G 378 44.68 -7.02 -2.79
C ALA G 378 44.83 -6.06 -1.62
N LEU G 379 46.05 -5.89 -1.15
CA LEU G 379 46.31 -5.08 0.02
C LEU G 379 45.86 -3.66 -0.25
N LYS G 380 45.90 -3.28 -1.52
CA LYS G 380 45.43 -1.97 -1.97
C LYS G 380 43.93 -1.87 -1.94
N THR G 381 43.28 -2.96 -2.28
CA THR G 381 41.84 -2.96 -2.46
C THR G 381 41.08 -3.63 -1.33
N GLU G 382 41.79 -4.15 -0.34
CA GLU G 382 41.12 -4.92 0.68
C GLU G 382 40.47 -4.07 1.75
N ARG G 383 39.17 -4.19 1.84
CA ARG G 383 38.35 -3.37 2.71
C ARG G 383 38.42 -3.77 4.17
N ASP G 384 38.53 -5.07 4.43
CA ASP G 384 38.51 -5.64 5.78
C ASP G 384 39.86 -5.59 6.47
N VAL G 385 39.86 -5.18 7.74
CA VAL G 385 41.12 -5.04 8.46
C VAL G 385 41.81 -6.37 8.74
N SER G 386 41.07 -7.37 9.14
CA SER G 386 41.67 -8.65 9.45
C SER G 386 42.28 -9.26 8.21
N VAL G 387 41.62 -9.11 7.08
CA VAL G 387 42.15 -9.65 5.85
C VAL G 387 43.43 -8.97 5.45
N ARG G 388 43.54 -7.68 5.72
CA ARG G 388 44.77 -6.97 5.42
C ARG G 388 45.90 -7.53 6.27
N GLN G 389 45.62 -7.89 7.51
CA GLN G 389 46.64 -8.45 8.37
C GLN G 389 47.17 -9.76 7.81
N ARG G 390 46.28 -10.60 7.30
CA ARG G 390 46.70 -11.89 6.80
C ARG G 390 47.43 -11.78 5.50
N ALA G 391 47.51 -10.59 4.97
CA ALA G 391 48.17 -10.41 3.72
C ALA G 391 49.51 -9.88 4.07
N VAL G 392 49.53 -9.01 5.06
CA VAL G 392 50.79 -8.52 5.55
C VAL G 392 51.59 -9.70 6.08
N ASP G 393 50.91 -10.58 6.79
CA ASP G 393 51.55 -11.77 7.35
C ASP G 393 52.07 -12.70 6.28
N LEU G 394 51.32 -12.84 5.21
CA LEU G 394 51.75 -13.68 4.10
C LEU G 394 53.01 -13.10 3.48
N LEU G 395 53.09 -11.77 3.38
CA LEU G 395 54.24 -11.14 2.76
C LEU G 395 55.55 -11.45 3.49
N TYR G 396 55.56 -11.29 4.81
CA TYR G 396 56.76 -11.59 5.59
C TYR G 396 57.13 -13.05 5.54
N ALA G 397 56.13 -13.91 5.45
CA ALA G 397 56.36 -15.35 5.40
C ALA G 397 57.09 -15.79 4.16
N MET G 398 56.75 -15.19 3.03
CA MET G 398 57.41 -15.54 1.78
C MET G 398 58.64 -14.69 1.61
N GLY H 11 -84.16 -6.72 -5.83
CA GLY H 11 -83.93 -8.14 -5.73
C GLY H 11 -85.19 -8.97 -5.85
N MET H 12 -85.16 -10.17 -5.28
CA MET H 12 -86.29 -11.08 -5.28
C MET H 12 -86.92 -11.18 -3.87
N ARG H 13 -88.08 -10.54 -3.71
CA ARG H 13 -88.73 -10.35 -2.42
C ARG H 13 -89.15 -11.61 -1.71
N GLY H 14 -89.73 -12.54 -2.45
CA GLY H 14 -90.26 -13.76 -1.87
C GLY H 14 -89.21 -14.55 -1.14
N LEU H 15 -88.00 -14.58 -1.68
CA LEU H 15 -86.92 -15.29 -1.04
C LEU H 15 -86.59 -14.65 0.28
N ALA H 16 -86.62 -13.33 0.30
CA ALA H 16 -86.30 -12.62 1.51
C ALA H 16 -87.28 -13.01 2.60
N VAL H 17 -88.55 -13.05 2.24
CA VAL H 17 -89.61 -13.36 3.19
C VAL H 17 -89.45 -14.74 3.78
N PHE H 18 -89.10 -15.70 2.96
CA PHE H 18 -88.92 -17.05 3.47
C PHE H 18 -87.75 -17.15 4.42
N ILE H 19 -86.81 -16.22 4.31
CA ILE H 19 -85.64 -16.31 5.17
C ILE H 19 -85.89 -15.67 6.50
N SER H 20 -86.57 -14.54 6.50
CA SER H 20 -86.88 -13.88 7.76
C SER H 20 -87.75 -14.80 8.58
N ASP H 21 -88.68 -15.48 7.92
CA ASP H 21 -89.58 -16.38 8.60
C ASP H 21 -88.81 -17.49 9.30
N ILE H 22 -87.76 -17.98 8.67
CA ILE H 22 -86.95 -19.01 9.29
C ILE H 22 -86.23 -18.46 10.51
N ARG H 23 -85.78 -17.23 10.41
CA ARG H 23 -85.08 -16.57 11.50
C ARG H 23 -86.00 -16.38 12.70
N ASN H 24 -87.25 -16.00 12.43
CA ASN H 24 -88.21 -15.71 13.49
C ASN H 24 -88.57 -16.93 14.31
N CYS H 25 -88.23 -18.10 13.81
CA CYS H 25 -88.52 -19.33 14.53
C CYS H 25 -87.81 -19.41 15.86
N LYS H 26 -88.57 -19.72 16.89
CA LYS H 26 -88.06 -19.78 18.24
C LYS H 26 -87.51 -21.17 18.58
N SER H 27 -87.91 -22.16 17.80
CA SER H 27 -87.56 -23.54 18.09
C SER H 27 -87.13 -24.28 16.83
N LYS H 28 -86.42 -25.39 17.02
CA LYS H 28 -85.98 -26.22 15.93
C LYS H 28 -87.15 -26.85 15.18
N GLU H 29 -88.15 -27.26 15.96
CA GLU H 29 -89.32 -27.93 15.40
C GLU H 29 -90.14 -27.01 14.52
N ALA H 30 -90.31 -25.77 14.97
CA ALA H 30 -91.07 -24.80 14.20
C ALA H 30 -90.37 -24.54 12.87
N GLU H 31 -89.05 -24.57 12.92
CA GLU H 31 -88.24 -24.34 11.74
C GLU H 31 -88.52 -25.40 10.69
N ILE H 32 -88.64 -26.65 11.12
CA ILE H 32 -88.96 -27.71 10.18
C ILE H 32 -90.34 -27.50 9.59
N LYS H 33 -91.31 -27.15 10.42
CA LYS H 33 -92.66 -26.98 9.90
C LYS H 33 -92.77 -25.79 8.96
N ARG H 34 -92.09 -24.68 9.25
CA ARG H 34 -92.13 -23.57 8.32
C ARG H 34 -91.50 -23.96 7.00
N ILE H 35 -90.44 -24.76 7.07
CA ILE H 35 -89.75 -25.21 5.88
C ILE H 35 -90.66 -26.06 5.01
N ASN H 36 -91.34 -27.00 5.66
CA ASN H 36 -92.24 -27.94 5.00
C ASN H 36 -93.42 -27.25 4.36
N LYS H 37 -93.87 -26.17 4.97
CA LYS H 37 -94.97 -25.42 4.39
C LYS H 37 -94.55 -24.86 3.05
N GLU H 38 -93.36 -24.27 3.01
CA GLU H 38 -92.82 -23.70 1.78
C GLU H 38 -92.42 -24.78 0.80
N LEU H 39 -91.75 -25.80 1.33
CA LEU H 39 -91.23 -26.90 0.52
C LEU H 39 -92.35 -27.67 -0.18
N ALA H 40 -93.52 -27.71 0.44
CA ALA H 40 -94.66 -28.35 -0.18
C ALA H 40 -95.20 -27.46 -1.28
N ASN H 41 -95.23 -26.16 -1.03
CA ASN H 41 -95.72 -25.21 -2.00
C ASN H 41 -94.91 -25.23 -3.27
N ILE H 42 -93.60 -25.39 -3.13
CA ILE H 42 -92.73 -25.38 -4.30
C ILE H 42 -93.06 -26.56 -5.19
N ARG H 43 -93.17 -27.73 -4.57
CA ARG H 43 -93.49 -28.93 -5.32
C ARG H 43 -94.84 -28.72 -5.97
N SER H 44 -95.71 -28.03 -5.25
CA SER H 44 -97.03 -27.70 -5.75
C SER H 44 -96.97 -26.75 -6.94
N LYS H 45 -96.10 -25.76 -6.86
CA LYS H 45 -95.95 -24.74 -7.91
C LYS H 45 -95.42 -25.27 -9.22
N PHE H 46 -94.46 -26.18 -9.15
CA PHE H 46 -93.82 -26.65 -10.35
C PHE H 46 -94.75 -27.41 -11.28
N LYS H 47 -95.47 -28.36 -10.71
CA LYS H 47 -96.43 -29.15 -11.44
C LYS H 47 -97.80 -28.46 -11.56
N GLY H 48 -98.42 -28.57 -12.73
CA GLY H 48 -99.71 -27.93 -12.97
C GLY H 48 -99.65 -26.42 -12.87
N LEU H 52 -94.36 -21.60 -15.84
CA LEU H 52 -93.72 -20.67 -14.90
C LEU H 52 -92.85 -19.66 -15.61
N ASP H 53 -92.96 -18.39 -15.22
CA ASP H 53 -92.09 -17.38 -15.78
C ASP H 53 -90.70 -17.63 -15.25
N GLY H 54 -89.69 -17.02 -15.87
CA GLY H 54 -88.32 -17.27 -15.47
C GLY H 54 -88.05 -16.88 -14.04
N TYR H 55 -88.56 -15.72 -13.64
CA TYR H 55 -88.29 -15.16 -12.32
C TYR H 55 -88.79 -16.02 -11.16
N SER H 56 -90.00 -16.54 -11.25
CA SER H 56 -90.53 -17.32 -10.15
C SER H 56 -89.71 -18.59 -10.00
N LYS H 57 -89.31 -19.15 -11.13
CA LYS H 57 -88.60 -20.41 -11.13
C LYS H 57 -87.28 -20.24 -10.42
N LYS H 58 -86.59 -19.17 -10.75
CA LYS H 58 -85.32 -18.89 -10.13
C LYS H 58 -85.50 -18.69 -8.64
N LYS H 59 -86.54 -17.95 -8.29
CA LYS H 59 -86.84 -17.63 -6.90
C LYS H 59 -87.11 -18.88 -6.11
N TYR H 60 -87.85 -19.79 -6.71
CA TYR H 60 -88.18 -21.02 -6.03
C TYR H 60 -86.95 -21.92 -5.90
N VAL H 61 -86.12 -21.94 -6.92
CA VAL H 61 -84.91 -22.75 -6.89
C VAL H 61 -83.96 -22.29 -5.78
N CYS H 62 -83.97 -20.99 -5.54
CA CYS H 62 -83.17 -20.41 -4.46
C CYS H 62 -83.59 -20.91 -3.10
N LYS H 63 -84.90 -20.96 -2.90
CA LYS H 63 -85.44 -21.42 -1.64
C LYS H 63 -85.02 -22.86 -1.38
N LEU H 64 -85.05 -23.66 -2.43
CA LEU H 64 -84.67 -25.06 -2.31
C LEU H 64 -83.24 -25.15 -1.87
N LEU H 65 -82.41 -24.29 -2.44
CA LEU H 65 -81.01 -24.29 -2.12
C LEU H 65 -80.79 -23.90 -0.68
N PHE H 66 -81.54 -22.91 -0.22
CA PHE H 66 -81.41 -22.44 1.15
C PHE H 66 -81.72 -23.56 2.13
N ILE H 67 -82.77 -24.30 1.82
CA ILE H 67 -83.21 -25.40 2.65
C ILE H 67 -82.15 -26.48 2.76
N PHE H 68 -81.49 -26.75 1.64
CA PHE H 68 -80.43 -27.72 1.65
C PHE H 68 -79.29 -27.28 2.52
N LEU H 69 -78.94 -26.02 2.41
CA LEU H 69 -77.84 -25.44 3.14
C LEU H 69 -78.13 -25.47 4.62
N LEU H 70 -79.40 -25.36 4.96
CA LEU H 70 -79.83 -25.44 6.35
C LEU H 70 -79.54 -26.80 6.95
N GLY H 71 -79.32 -27.77 6.08
CA GLY H 71 -79.00 -29.12 6.50
C GLY H 71 -80.12 -30.10 6.19
N HIS H 72 -81.19 -29.60 5.58
CA HIS H 72 -82.31 -30.45 5.18
C HIS H 72 -82.16 -30.97 3.77
N ASP H 73 -82.46 -32.25 3.58
CA ASP H 73 -82.29 -32.88 2.29
C ASP H 73 -83.29 -32.41 1.26
N ILE H 74 -82.82 -32.29 0.03
CA ILE H 74 -83.65 -31.90 -1.09
C ILE H 74 -83.56 -32.98 -2.16
N ASP H 75 -84.70 -33.61 -2.45
CA ASP H 75 -84.73 -34.72 -3.40
C ASP H 75 -85.34 -34.33 -4.74
N PHE H 76 -85.63 -33.05 -4.94
CA PHE H 76 -86.20 -32.65 -6.23
C PHE H 76 -85.78 -31.24 -6.63
N GLY H 77 -86.21 -30.83 -7.81
CA GLY H 77 -85.99 -29.48 -8.31
C GLY H 77 -84.76 -29.34 -9.18
N HIS H 78 -84.02 -30.42 -9.34
CA HIS H 78 -82.82 -30.40 -10.14
C HIS H 78 -83.12 -30.04 -11.58
N MET H 79 -84.24 -30.53 -12.09
CA MET H 79 -84.57 -30.31 -13.48
C MET H 79 -84.80 -28.83 -13.77
N GLU H 80 -85.50 -28.15 -12.87
CA GLU H 80 -85.76 -26.74 -13.04
C GLU H 80 -84.44 -26.00 -13.06
N ALA H 81 -83.50 -26.49 -12.27
CA ALA H 81 -82.17 -25.91 -12.22
C ALA H 81 -81.55 -25.98 -13.59
N VAL H 82 -81.69 -27.12 -14.24
CA VAL H 82 -81.13 -27.32 -15.57
C VAL H 82 -81.80 -26.42 -16.58
N ASN H 83 -83.10 -26.24 -16.45
CA ASN H 83 -83.80 -25.36 -17.37
C ASN H 83 -83.30 -23.93 -17.27
N LEU H 84 -82.92 -23.52 -16.07
CA LEU H 84 -82.39 -22.19 -15.84
C LEU H 84 -81.09 -21.97 -16.62
N LEU H 85 -80.32 -23.04 -16.79
CA LEU H 85 -79.07 -22.99 -17.51
C LEU H 85 -79.28 -22.51 -18.92
N SER H 86 -80.41 -22.87 -19.50
CA SER H 86 -80.73 -22.49 -20.87
C SER H 86 -81.05 -21.00 -21.06
N SER H 87 -81.47 -20.34 -19.99
CA SER H 87 -81.93 -18.95 -20.06
C SER H 87 -80.90 -17.93 -20.51
N ASN H 88 -81.34 -16.92 -21.25
CA ASN H 88 -80.44 -15.85 -21.69
C ASN H 88 -80.19 -14.78 -20.64
N ARG H 89 -80.96 -14.80 -19.56
CA ARG H 89 -80.75 -13.88 -18.45
C ARG H 89 -79.67 -14.40 -17.51
N TYR H 90 -78.72 -13.56 -17.16
CA TYR H 90 -77.59 -13.98 -16.33
C TYR H 90 -77.99 -14.44 -14.95
N THR H 91 -78.88 -13.69 -14.31
CA THR H 91 -79.24 -13.98 -12.94
C THR H 91 -79.85 -15.35 -12.84
N GLU H 92 -80.69 -15.70 -13.80
CA GLU H 92 -81.32 -17.02 -13.79
C GLU H 92 -80.32 -18.13 -14.00
N LYS H 93 -79.38 -17.91 -14.90
CA LYS H 93 -78.47 -18.95 -15.29
C LYS H 93 -77.49 -19.21 -14.17
N GLN H 94 -77.10 -18.15 -13.48
CA GLN H 94 -76.15 -18.28 -12.40
C GLN H 94 -76.71 -19.10 -11.25
N ILE H 95 -77.97 -18.89 -10.93
CA ILE H 95 -78.63 -19.64 -9.86
C ILE H 95 -78.71 -21.10 -10.17
N GLY H 96 -79.02 -21.43 -11.41
CA GLY H 96 -79.11 -22.81 -11.82
C GLY H 96 -77.78 -23.53 -11.72
N TYR H 97 -76.74 -22.88 -12.22
CA TYR H 97 -75.41 -23.46 -12.17
C TYR H 97 -74.99 -23.62 -10.73
N LEU H 98 -75.44 -22.72 -9.87
CA LEU H 98 -75.19 -22.85 -8.45
C LEU H 98 -75.87 -24.05 -7.83
N PHE H 99 -77.14 -24.25 -8.16
CA PHE H 99 -77.89 -25.33 -7.55
C PHE H 99 -77.23 -26.65 -7.89
N ILE H 100 -76.92 -26.87 -9.15
CA ILE H 100 -76.34 -28.13 -9.53
C ILE H 100 -74.93 -28.28 -9.02
N SER H 101 -74.24 -27.17 -8.82
CA SER H 101 -72.88 -27.21 -8.33
C SER H 101 -72.81 -27.70 -6.90
N VAL H 102 -73.72 -27.21 -6.07
CA VAL H 102 -73.79 -27.60 -4.67
C VAL H 102 -74.39 -28.98 -4.48
N LEU H 103 -75.44 -29.30 -5.22
CA LEU H 103 -76.10 -30.58 -5.06
C LEU H 103 -75.71 -31.46 -6.22
N VAL H 104 -74.67 -32.26 -6.01
CA VAL H 104 -74.06 -33.00 -7.10
C VAL H 104 -74.82 -34.28 -7.35
N ASN H 105 -75.24 -34.50 -8.59
CA ASN H 105 -76.04 -35.68 -8.91
C ASN H 105 -75.26 -36.80 -9.58
N SER H 106 -75.55 -38.04 -9.17
CA SER H 106 -75.04 -39.23 -9.83
C SER H 106 -75.84 -39.61 -11.08
N ASN H 107 -77.04 -39.05 -11.22
CA ASN H 107 -77.94 -39.40 -12.31
C ASN H 107 -77.38 -39.06 -13.66
N SER H 108 -77.27 -40.08 -14.50
CA SER H 108 -76.63 -39.95 -15.79
C SER H 108 -77.39 -39.01 -16.74
N GLU H 109 -78.71 -39.09 -16.77
CA GLU H 109 -79.50 -38.25 -17.66
C GLU H 109 -79.35 -36.77 -17.41
N LEU H 110 -79.31 -36.39 -16.14
CA LEU H 110 -79.12 -34.99 -15.77
C LEU H 110 -77.75 -34.52 -16.17
N ILE H 111 -76.76 -35.37 -15.94
CA ILE H 111 -75.38 -35.05 -16.24
C ILE H 111 -75.19 -34.70 -17.70
N ARG H 112 -75.88 -35.40 -18.59
CA ARG H 112 -75.78 -35.11 -20.01
C ARG H 112 -76.35 -33.74 -20.36
N LEU H 113 -77.52 -33.45 -19.82
CA LEU H 113 -78.20 -32.19 -20.08
C LEU H 113 -77.34 -31.05 -19.63
N ILE H 114 -76.74 -31.22 -18.46
CA ILE H 114 -75.86 -30.21 -17.92
C ILE H 114 -74.71 -30.01 -18.87
N ASN H 115 -74.08 -31.11 -19.26
CA ASN H 115 -72.93 -31.03 -20.14
C ASN H 115 -73.29 -30.36 -21.46
N ASN H 116 -74.49 -30.61 -21.95
CA ASN H 116 -74.96 -29.95 -23.14
C ASN H 116 -75.21 -28.47 -22.84
N ALA H 117 -75.76 -28.20 -21.67
CA ALA H 117 -75.98 -26.82 -21.22
C ALA H 117 -74.65 -26.11 -21.07
N ILE H 118 -73.68 -26.81 -20.51
CA ILE H 118 -72.37 -26.24 -20.34
C ILE H 118 -71.78 -25.94 -21.70
N LYS H 119 -71.98 -26.86 -22.62
CA LYS H 119 -71.42 -26.72 -23.96
C LYS H 119 -71.96 -25.49 -24.67
N ASN H 120 -73.26 -25.27 -24.59
CA ASN H 120 -73.83 -24.11 -25.27
C ASN H 120 -73.28 -22.81 -24.77
N ASP H 121 -73.09 -22.72 -23.45
CA ASP H 121 -72.57 -21.52 -22.85
C ASP H 121 -71.17 -21.25 -23.34
N LEU H 122 -70.38 -22.32 -23.39
CA LEU H 122 -69.01 -22.24 -23.85
C LEU H 122 -68.98 -21.80 -25.29
N ALA H 123 -69.96 -22.29 -26.04
CA ALA H 123 -70.09 -21.94 -27.44
C ALA H 123 -70.42 -20.49 -27.56
N SER H 124 -71.26 -20.01 -26.65
CA SER H 124 -71.59 -18.60 -26.66
C SER H 124 -70.34 -17.85 -26.39
N ARG H 125 -70.13 -16.80 -27.16
CA ARG H 125 -68.88 -16.10 -27.14
C ARG H 125 -68.88 -15.15 -25.97
N ASN H 126 -70.05 -15.04 -25.35
CA ASN H 126 -70.25 -14.17 -24.22
C ASN H 126 -69.47 -14.63 -23.02
N PRO H 127 -68.65 -13.74 -22.44
CA PRO H 127 -67.98 -14.14 -21.22
C PRO H 127 -69.04 -14.31 -20.16
N THR H 128 -68.66 -14.38 -18.90
CA THR H 128 -69.63 -14.55 -17.83
C THR H 128 -70.41 -15.85 -18.01
N PHE H 129 -70.93 -16.06 -19.22
CA PHE H 129 -71.56 -17.33 -19.55
C PHE H 129 -70.48 -18.39 -19.57
N MET H 130 -69.34 -18.03 -20.15
CA MET H 130 -68.23 -18.95 -20.17
C MET H 130 -67.77 -19.20 -18.75
N GLY H 131 -67.71 -18.13 -17.96
CA GLY H 131 -67.22 -18.29 -16.61
C GLY H 131 -68.15 -19.05 -15.70
N LEU H 132 -69.44 -19.00 -15.99
CA LEU H 132 -70.38 -19.71 -15.15
C LEU H 132 -70.16 -21.17 -15.38
N ALA H 133 -70.03 -21.50 -16.66
CA ALA H 133 -69.86 -22.88 -17.09
C ALA H 133 -68.57 -23.46 -16.58
N LEU H 134 -67.51 -22.68 -16.72
CA LEU H 134 -66.20 -23.12 -16.29
C LEU H 134 -66.20 -23.35 -14.79
N HIS H 135 -66.81 -22.42 -14.05
CA HIS H 135 -66.87 -22.52 -12.61
C HIS H 135 -67.64 -23.74 -12.22
N CYS H 136 -68.70 -24.01 -12.96
CA CYS H 136 -69.53 -25.18 -12.72
C CYS H 136 -68.70 -26.44 -12.85
N ILE H 137 -67.91 -26.50 -13.91
CA ILE H 137 -67.06 -27.66 -14.15
C ILE H 137 -66.05 -27.82 -13.03
N ALA H 138 -65.45 -26.70 -12.62
CA ALA H 138 -64.44 -26.72 -11.60
C ALA H 138 -64.97 -27.17 -10.26
N ASN H 139 -66.10 -26.59 -9.87
CA ASN H 139 -66.70 -26.90 -8.59
C ASN H 139 -67.18 -28.34 -8.53
N VAL H 140 -67.84 -28.78 -9.60
CA VAL H 140 -68.27 -30.16 -9.67
C VAL H 140 -67.10 -31.10 -9.88
N GLY H 141 -66.25 -30.79 -10.84
CA GLY H 141 -65.04 -31.57 -11.09
C GLY H 141 -65.18 -33.05 -11.41
N SER H 142 -66.28 -33.42 -12.05
CA SER H 142 -66.62 -34.81 -12.32
C SER H 142 -65.78 -35.51 -13.37
N ARG H 143 -65.66 -36.82 -13.22
CA ARG H 143 -65.02 -37.68 -14.21
C ARG H 143 -65.76 -37.60 -15.51
N GLU H 144 -67.08 -37.55 -15.39
CA GLU H 144 -67.93 -37.45 -16.55
C GLU H 144 -67.66 -36.11 -17.21
N MET H 145 -67.52 -35.07 -16.40
CA MET H 145 -67.24 -33.74 -16.90
C MET H 145 -65.87 -33.68 -17.51
N ALA H 146 -64.94 -34.40 -16.93
CA ALA H 146 -63.59 -34.39 -17.43
C ALA H 146 -63.57 -34.88 -18.85
N GLU H 147 -64.23 -35.99 -19.10
CA GLU H 147 -64.26 -36.60 -20.43
C GLU H 147 -64.72 -35.62 -21.48
N ALA H 148 -65.74 -34.84 -21.13
CA ALA H 148 -66.35 -33.93 -22.06
C ALA H 148 -65.46 -32.77 -22.48
N PHE H 149 -64.77 -32.18 -21.51
CA PHE H 149 -64.13 -30.91 -21.76
C PHE H 149 -62.64 -30.92 -21.52
N ALA H 150 -62.08 -32.09 -21.24
CA ALA H 150 -60.65 -32.15 -21.00
C ALA H 150 -59.90 -31.65 -22.21
N GLY H 151 -60.42 -31.94 -23.39
CA GLY H 151 -59.85 -31.43 -24.62
C GLY H 151 -60.10 -29.96 -24.87
N GLU H 152 -61.34 -29.54 -24.67
CA GLU H 152 -61.75 -28.19 -25.03
C GLU H 152 -61.13 -27.10 -24.17
N ILE H 153 -61.05 -27.33 -22.87
CA ILE H 153 -60.61 -26.30 -21.94
C ILE H 153 -59.21 -25.78 -22.26
N PRO H 154 -58.24 -26.68 -22.52
CA PRO H 154 -56.92 -26.15 -22.84
C PRO H 154 -56.89 -25.27 -24.07
N LYS H 155 -57.71 -25.60 -25.05
CA LYS H 155 -57.76 -24.78 -26.26
C LYS H 155 -58.25 -23.39 -25.92
N ILE H 156 -59.18 -23.31 -24.98
CA ILE H 156 -59.74 -22.05 -24.50
C ILE H 156 -58.71 -21.20 -23.76
N LEU H 157 -57.86 -21.87 -22.99
CA LEU H 157 -56.89 -21.18 -22.17
C LEU H 157 -55.84 -20.44 -22.97
N VAL H 158 -55.26 -21.13 -23.93
CA VAL H 158 -54.14 -20.61 -24.70
C VAL H 158 -54.57 -19.82 -25.92
N ALA H 159 -55.86 -19.77 -26.19
CA ALA H 159 -56.36 -19.28 -27.47
C ALA H 159 -55.96 -17.86 -27.84
N GLY H 160 -56.15 -16.90 -26.96
CA GLY H 160 -55.65 -15.57 -27.27
C GLY H 160 -56.76 -14.66 -27.76
N ASP H 161 -57.85 -15.25 -28.23
CA ASP H 161 -59.01 -14.45 -28.57
C ASP H 161 -59.89 -14.42 -27.35
N THR H 162 -59.49 -15.23 -26.37
CA THR H 162 -60.22 -15.37 -25.13
C THR H 162 -59.86 -14.28 -24.13
N MET H 163 -60.88 -13.68 -23.53
CA MET H 163 -60.68 -12.60 -22.57
C MET H 163 -60.00 -13.09 -21.33
N ASP H 164 -59.38 -12.15 -20.62
CA ASP H 164 -58.56 -12.46 -19.46
C ASP H 164 -59.35 -13.15 -18.34
N SER H 165 -60.56 -12.70 -18.05
CA SER H 165 -61.31 -13.28 -16.95
C SER H 165 -61.57 -14.75 -17.22
N VAL H 166 -61.89 -15.08 -18.46
CA VAL H 166 -62.08 -16.47 -18.86
C VAL H 166 -60.77 -17.22 -18.82
N LYS H 167 -59.69 -16.52 -19.16
CA LYS H 167 -58.37 -17.12 -19.15
C LYS H 167 -58.04 -17.62 -17.76
N GLN H 168 -58.34 -16.82 -16.76
CA GLN H 168 -58.07 -17.16 -15.37
C GLN H 168 -58.80 -18.41 -14.95
N SER H 169 -60.09 -18.40 -15.21
CA SER H 169 -60.96 -19.46 -14.78
C SER H 169 -60.56 -20.74 -15.45
N ALA H 170 -60.17 -20.63 -16.70
CA ALA H 170 -59.82 -21.80 -17.46
C ALA H 170 -58.67 -22.54 -16.82
N ALA H 171 -57.66 -21.79 -16.40
CA ALA H 171 -56.46 -22.39 -15.86
C ALA H 171 -56.75 -23.20 -14.63
N LEU H 172 -57.51 -22.61 -13.73
CA LEU H 172 -57.87 -23.24 -12.48
C LEU H 172 -58.86 -24.37 -12.74
N CYS H 173 -59.75 -24.15 -13.70
CA CYS H 173 -60.70 -25.18 -14.11
C CYS H 173 -60.01 -26.40 -14.68
N LEU H 174 -58.98 -26.16 -15.48
CA LEU H 174 -58.15 -27.21 -16.03
C LEU H 174 -57.40 -27.94 -14.94
N LEU H 175 -57.01 -27.19 -13.93
CA LEU H 175 -56.29 -27.74 -12.80
C LEU H 175 -57.09 -28.78 -12.06
N ARG H 176 -58.36 -28.49 -11.83
CA ARG H 176 -59.21 -29.39 -11.12
C ARG H 176 -59.32 -30.67 -11.93
N LEU H 177 -59.45 -30.50 -13.24
CA LEU H 177 -59.54 -31.62 -14.18
C LEU H 177 -58.28 -32.46 -14.13
N TYR H 178 -57.12 -31.82 -14.12
CA TYR H 178 -55.87 -32.56 -14.05
C TYR H 178 -55.83 -33.34 -12.78
N ARG H 179 -56.42 -32.77 -11.74
CA ARG H 179 -56.39 -33.44 -10.45
C ARG H 179 -57.22 -34.69 -10.41
N THR H 180 -58.45 -34.65 -10.93
CA THR H 180 -59.28 -35.84 -10.92
C THR H 180 -58.83 -36.87 -11.96
N SER H 181 -58.47 -36.39 -13.15
CA SER H 181 -58.22 -37.24 -14.29
C SER H 181 -56.96 -36.83 -15.01
N PRO H 182 -55.81 -37.10 -14.39
CA PRO H 182 -54.56 -36.66 -15.00
C PRO H 182 -54.35 -37.30 -16.36
N ASP H 183 -54.78 -38.55 -16.51
CA ASP H 183 -54.57 -39.29 -17.74
C ASP H 183 -55.30 -38.62 -18.90
N LEU H 184 -56.50 -38.11 -18.61
CA LEU H 184 -57.32 -37.43 -19.60
C LEU H 184 -56.69 -36.13 -20.06
N VAL H 185 -55.76 -35.61 -19.26
CA VAL H 185 -55.01 -34.43 -19.67
C VAL H 185 -53.63 -34.85 -20.12
N PRO H 186 -53.43 -34.90 -21.44
CA PRO H 186 -52.16 -35.31 -22.01
C PRO H 186 -51.26 -34.11 -22.21
N MET H 187 -49.95 -34.28 -22.03
CA MET H 187 -49.06 -33.17 -22.28
C MET H 187 -48.96 -33.00 -23.79
N GLY H 188 -48.98 -31.75 -24.24
CA GLY H 188 -49.02 -31.52 -25.67
C GLY H 188 -48.34 -30.24 -26.06
N ASP H 189 -49.02 -29.47 -26.92
CA ASP H 189 -48.46 -28.21 -27.38
C ASP H 189 -48.88 -27.02 -26.56
N TRP H 190 -50.04 -27.13 -25.91
CA TRP H 190 -50.56 -26.05 -25.12
C TRP H 190 -49.66 -25.80 -23.92
N THR H 191 -48.91 -26.82 -23.55
CA THR H 191 -48.03 -26.73 -22.40
C THR H 191 -47.05 -25.60 -22.55
N SER H 192 -46.53 -25.41 -23.75
CA SER H 192 -45.60 -24.32 -24.00
C SER H 192 -46.28 -22.97 -23.82
N ARG H 193 -47.49 -22.84 -24.36
CA ARG H 193 -48.24 -21.59 -24.29
C ARG H 193 -48.70 -21.20 -22.90
N VAL H 194 -49.02 -22.15 -22.04
CA VAL H 194 -49.39 -21.80 -20.68
C VAL H 194 -48.18 -21.18 -19.99
N VAL H 195 -46.98 -21.68 -20.27
CA VAL H 195 -45.83 -21.10 -19.64
C VAL H 195 -45.70 -19.67 -20.07
N HIS H 196 -45.92 -19.40 -21.34
CA HIS H 196 -45.77 -18.03 -21.79
C HIS H 196 -46.91 -17.18 -21.29
N LEU H 197 -47.92 -17.81 -20.72
CA LEU H 197 -48.97 -17.07 -20.06
C LEU H 197 -48.39 -16.37 -18.86
N LEU H 198 -47.30 -16.89 -18.34
CA LEU H 198 -46.66 -16.31 -17.19
C LEU H 198 -46.24 -14.89 -17.52
N ASN H 199 -46.14 -14.58 -18.80
CA ASN H 199 -45.75 -13.27 -19.23
C ASN H 199 -46.91 -12.30 -19.36
N ASP H 200 -48.13 -12.73 -19.07
CA ASP H 200 -49.29 -11.90 -19.38
C ASP H 200 -49.30 -10.63 -18.56
N GLN H 201 -49.89 -9.60 -19.14
CA GLN H 201 -49.97 -8.27 -18.56
C GLN H 201 -50.81 -8.26 -17.31
N HIS H 202 -51.89 -9.04 -17.35
CA HIS H 202 -52.85 -9.11 -16.28
C HIS H 202 -52.34 -10.04 -15.20
N LEU H 203 -52.03 -9.51 -14.04
CA LEU H 203 -51.43 -10.31 -12.96
C LEU H 203 -52.36 -11.38 -12.41
N GLY H 204 -53.66 -11.19 -12.58
CA GLY H 204 -54.59 -12.22 -12.16
C GLY H 204 -54.36 -13.49 -12.96
N VAL H 205 -54.04 -13.31 -14.23
CA VAL H 205 -53.77 -14.42 -15.11
C VAL H 205 -52.56 -15.22 -14.68
N VAL H 206 -51.47 -14.54 -14.39
CA VAL H 206 -50.25 -15.19 -13.98
C VAL H 206 -50.48 -15.95 -12.69
N THR H 207 -51.27 -15.36 -11.81
CA THR H 207 -51.59 -15.95 -10.54
C THR H 207 -52.29 -17.27 -10.74
N ALA H 208 -53.29 -17.25 -11.61
CA ALA H 208 -54.01 -18.47 -11.92
C ALA H 208 -53.10 -19.44 -12.66
N ALA H 209 -52.31 -18.90 -13.58
CA ALA H 209 -51.44 -19.70 -14.40
C ALA H 209 -50.37 -20.38 -13.58
N THR H 210 -49.83 -19.68 -12.61
CA THR H 210 -48.75 -20.21 -11.82
C THR H 210 -49.18 -21.40 -10.98
N SER H 211 -50.43 -21.40 -10.53
CA SER H 211 -50.92 -22.55 -9.80
C SER H 211 -51.01 -23.77 -10.67
N LEU H 212 -51.54 -23.59 -11.87
CA LEU H 212 -51.67 -24.70 -12.81
C LEU H 212 -50.35 -25.32 -13.11
N ILE H 213 -49.40 -24.48 -13.48
CA ILE H 213 -48.09 -24.92 -13.88
C ILE H 213 -47.42 -25.65 -12.75
N THR H 214 -47.62 -25.13 -11.54
CA THR H 214 -46.99 -25.70 -10.37
C THR H 214 -47.40 -27.13 -10.16
N THR H 215 -48.69 -27.38 -10.27
CA THR H 215 -49.21 -28.73 -10.09
C THR H 215 -48.74 -29.63 -11.22
N LEU H 216 -48.76 -29.12 -12.44
CA LEU H 216 -48.34 -29.89 -13.60
C LEU H 216 -46.89 -30.28 -13.53
N ALA H 217 -46.07 -29.32 -13.11
CA ALA H 217 -44.63 -29.51 -13.04
C ALA H 217 -44.25 -30.60 -12.07
N GLN H 218 -45.14 -30.92 -11.14
CA GLN H 218 -44.85 -31.91 -10.12
C GLN H 218 -44.58 -33.26 -10.73
N LYS H 219 -45.52 -33.74 -11.52
CA LYS H 219 -45.40 -34.99 -12.25
C LYS H 219 -44.48 -34.88 -13.45
N ASN H 220 -44.58 -33.77 -14.17
CA ASN H 220 -43.89 -33.61 -15.43
C ASN H 220 -42.97 -32.40 -15.45
N PRO H 221 -41.85 -32.46 -14.73
CA PRO H 221 -40.97 -31.30 -14.58
C PRO H 221 -40.31 -30.87 -15.86
N GLU H 222 -39.87 -31.84 -16.65
CA GLU H 222 -39.06 -31.59 -17.82
C GLU H 222 -39.81 -30.70 -18.78
N GLU H 223 -41.12 -30.93 -18.85
CA GLU H 223 -41.97 -30.24 -19.81
C GLU H 223 -42.05 -28.75 -19.54
N PHE H 224 -41.98 -28.37 -18.26
CA PHE H 224 -42.17 -26.98 -17.88
C PHE H 224 -40.98 -26.23 -17.27
N LYS H 225 -39.76 -26.63 -17.61
CA LYS H 225 -38.59 -25.90 -17.13
C LYS H 225 -38.51 -24.48 -17.68
N THR H 226 -39.16 -24.23 -18.81
CA THR H 226 -39.07 -22.92 -19.43
C THR H 226 -39.69 -21.92 -18.48
N SER H 227 -40.58 -22.41 -17.63
CA SER H 227 -41.21 -21.59 -16.62
C SER H 227 -40.25 -20.98 -15.62
N VAL H 228 -39.18 -21.66 -15.26
CA VAL H 228 -38.27 -21.15 -14.24
C VAL H 228 -37.70 -19.80 -14.59
N SER H 229 -37.12 -19.70 -15.77
CA SER H 229 -36.47 -18.48 -16.15
C SER H 229 -37.50 -17.37 -16.24
N LEU H 230 -38.66 -17.69 -16.79
CA LEU H 230 -39.74 -16.72 -16.90
C LEU H 230 -40.23 -16.28 -15.54
N ALA H 231 -40.39 -17.24 -14.63
CA ALA H 231 -40.91 -16.93 -13.32
C ALA H 231 -39.97 -16.05 -12.57
N VAL H 232 -38.69 -16.38 -12.62
CA VAL H 232 -37.68 -15.61 -11.93
C VAL H 232 -37.69 -14.17 -12.38
N SER H 233 -37.85 -13.97 -13.68
CA SER H 233 -37.85 -12.64 -14.24
C SER H 233 -39.03 -11.81 -13.77
N ARG H 234 -40.23 -12.37 -13.81
CA ARG H 234 -41.42 -11.64 -13.38
C ARG H 234 -41.38 -11.32 -11.91
N LEU H 235 -40.87 -12.25 -11.13
CA LEU H 235 -40.79 -12.06 -9.70
C LEU H 235 -39.95 -10.86 -9.40
N SER H 236 -38.81 -10.74 -10.07
CA SER H 236 -37.89 -9.66 -9.83
C SER H 236 -38.51 -8.32 -10.14
N ARG H 237 -39.31 -8.27 -11.19
CA ARG H 237 -40.03 -7.07 -11.57
C ARG H 237 -41.03 -6.71 -10.50
N ILE H 238 -41.67 -7.71 -9.94
CA ILE H 238 -42.67 -7.48 -8.93
C ILE H 238 -42.09 -6.95 -7.63
N VAL H 239 -41.04 -7.56 -7.10
CA VAL H 239 -40.50 -7.11 -5.83
C VAL H 239 -39.96 -5.68 -5.90
N THR H 240 -39.42 -5.28 -7.03
CA THR H 240 -38.94 -3.92 -7.21
C THR H 240 -40.08 -2.96 -7.51
N SER H 241 -41.20 -3.50 -7.96
CA SER H 241 -42.26 -2.68 -8.54
C SER H 241 -42.75 -1.54 -7.68
N ALA H 242 -42.93 -0.38 -8.31
CA ALA H 242 -43.42 0.80 -7.62
C ALA H 242 -44.93 0.77 -7.43
N SER H 243 -45.39 1.36 -6.34
CA SER H 243 -46.81 1.35 -5.99
C SER H 243 -47.67 2.03 -7.02
N THR H 244 -47.11 2.99 -7.72
CA THR H 244 -47.87 3.67 -8.76
C THR H 244 -48.06 2.73 -9.95
N ASP H 245 -47.07 1.90 -10.22
CA ASP H 245 -47.10 1.01 -11.37
C ASP H 245 -48.10 -0.13 -11.21
N LEU H 246 -48.32 -0.58 -9.98
CA LEU H 246 -49.21 -1.70 -9.76
C LEU H 246 -50.44 -1.39 -8.94
N GLN H 247 -51.00 -0.20 -9.11
CA GLN H 247 -52.05 0.27 -8.22
C GLN H 247 -53.15 -0.75 -7.97
N ASP H 248 -53.47 -1.50 -9.01
CA ASP H 248 -54.50 -2.52 -8.91
C ASP H 248 -54.07 -3.72 -8.06
N TYR H 249 -52.80 -4.10 -8.10
CA TYR H 249 -52.37 -5.29 -7.39
C TYR H 249 -51.50 -4.98 -6.18
N THR H 250 -51.41 -3.72 -5.81
CA THR H 250 -50.69 -3.33 -4.61
C THR H 250 -51.55 -3.41 -3.36
N TYR H 251 -51.12 -4.23 -2.41
CA TYR H 251 -51.90 -4.47 -1.22
C TYR H 251 -51.27 -3.91 0.04
N TYR H 252 -51.82 -2.80 0.52
CA TYR H 252 -51.32 -2.15 1.71
C TYR H 252 -49.83 -1.98 1.57
N PHE H 253 -49.43 -1.46 0.42
CA PHE H 253 -48.05 -1.09 0.09
C PHE H 253 -47.16 -2.27 -0.17
N VAL H 254 -47.75 -3.45 -0.26
CA VAL H 254 -46.99 -4.62 -0.65
C VAL H 254 -47.39 -4.99 -2.06
N PRO H 255 -46.39 -5.15 -2.93
CA PRO H 255 -46.65 -5.42 -4.33
C PRO H 255 -46.81 -6.90 -4.62
N ALA H 256 -48.01 -7.26 -5.03
CA ALA H 256 -48.34 -8.62 -5.47
C ALA H 256 -47.82 -9.69 -4.54
N PRO H 257 -48.27 -9.68 -3.28
CA PRO H 257 -47.84 -10.62 -2.24
C PRO H 257 -48.16 -12.08 -2.54
N TRP H 258 -49.36 -12.32 -3.02
CA TRP H 258 -49.81 -13.65 -3.31
C TRP H 258 -49.17 -14.21 -4.56
N LEU H 259 -49.02 -13.37 -5.57
CA LEU H 259 -48.34 -13.79 -6.77
C LEU H 259 -46.90 -14.08 -6.49
N SER H 260 -46.30 -13.27 -5.66
CA SER H 260 -44.92 -13.49 -5.28
C SER H 260 -44.78 -14.85 -4.62
N VAL H 261 -45.75 -15.20 -3.77
CA VAL H 261 -45.69 -16.47 -3.07
C VAL H 261 -45.81 -17.61 -4.05
N LYS H 262 -46.72 -17.47 -4.98
CA LYS H 262 -46.97 -18.53 -5.93
C LYS H 262 -45.76 -18.77 -6.82
N LEU H 263 -44.99 -17.73 -7.11
CA LEU H 263 -43.81 -17.86 -7.94
C LEU H 263 -42.63 -18.40 -7.16
N LEU H 264 -42.51 -18.03 -5.90
CA LEU H 264 -41.48 -18.60 -5.07
C LEU H 264 -41.76 -20.07 -4.84
N ARG H 265 -43.03 -20.42 -4.71
CA ARG H 265 -43.42 -21.79 -4.51
C ARG H 265 -43.14 -22.62 -5.75
N LEU H 266 -43.38 -22.05 -6.93
CA LEU H 266 -43.10 -22.77 -8.19
C LEU H 266 -41.63 -23.08 -8.35
N LEU H 267 -40.80 -22.14 -7.97
CA LEU H 267 -39.37 -22.31 -8.08
C LEU H 267 -38.91 -23.47 -7.20
N GLN H 268 -39.66 -23.76 -6.14
CA GLN H 268 -39.29 -24.84 -5.27
C GLN H 268 -39.37 -26.21 -5.90
N CYS H 269 -40.14 -26.33 -6.98
CA CYS H 269 -40.21 -27.59 -7.71
C CYS H 269 -38.91 -27.97 -8.39
N TYR H 270 -38.23 -26.96 -8.91
CA TYR H 270 -37.00 -27.16 -9.66
C TYR H 270 -35.74 -26.86 -8.86
N PRO H 271 -34.60 -27.34 -9.33
CA PRO H 271 -33.32 -27.01 -8.70
C PRO H 271 -32.95 -25.56 -8.94
N PRO H 272 -31.79 -25.13 -8.47
CA PRO H 272 -31.40 -23.76 -8.84
C PRO H 272 -31.28 -23.66 -10.33
N PRO H 273 -31.59 -22.50 -10.89
CA PRO H 273 -31.59 -22.33 -12.35
C PRO H 273 -30.24 -22.70 -12.94
N GLU H 274 -30.26 -23.37 -14.09
CA GLU H 274 -29.05 -23.82 -14.75
C GLU H 274 -28.22 -22.64 -15.25
N ASP H 275 -28.90 -21.66 -15.81
CA ASP H 275 -28.24 -20.49 -16.38
C ASP H 275 -27.76 -19.55 -15.29
N PRO H 276 -26.46 -19.27 -15.27
CA PRO H 276 -25.84 -18.41 -14.25
C PRO H 276 -26.46 -17.04 -14.21
N ALA H 277 -26.89 -16.55 -15.36
CA ALA H 277 -27.51 -15.25 -15.43
C ALA H 277 -28.83 -15.21 -14.68
N VAL H 278 -29.63 -16.27 -14.84
CA VAL H 278 -30.89 -16.38 -14.11
C VAL H 278 -30.67 -16.68 -12.64
N ARG H 279 -29.76 -17.59 -12.37
CA ARG H 279 -29.42 -17.97 -11.03
C ARG H 279 -28.94 -16.73 -10.32
N GLY H 280 -28.25 -15.87 -11.05
CA GLY H 280 -27.82 -14.60 -10.53
C GLY H 280 -28.99 -13.66 -10.34
N ARG H 281 -29.89 -13.63 -11.31
CA ARG H 281 -31.05 -12.75 -11.25
C ARG H 281 -31.93 -13.11 -10.07
N LEU H 282 -32.07 -14.40 -9.84
CA LEU H 282 -32.87 -14.89 -8.73
C LEU H 282 -32.27 -14.51 -7.40
N THR H 283 -30.98 -14.72 -7.25
CA THR H 283 -30.30 -14.51 -5.99
C THR H 283 -30.36 -13.04 -5.59
N GLU H 284 -30.27 -12.18 -6.57
CA GLU H 284 -30.44 -10.76 -6.36
C GLU H 284 -31.85 -10.48 -5.91
N CYS H 285 -32.79 -11.23 -6.45
CA CYS H 285 -34.18 -11.04 -6.11
C CYS H 285 -34.48 -11.38 -4.66
N LEU H 286 -33.97 -12.51 -4.21
CA LEU H 286 -34.17 -12.95 -2.85
C LEU H 286 -33.52 -11.99 -1.91
N GLU H 287 -32.33 -11.55 -2.30
CA GLU H 287 -31.54 -10.64 -1.50
C GLU H 287 -32.32 -9.37 -1.25
N THR H 288 -33.07 -8.93 -2.24
CA THR H 288 -33.91 -7.75 -2.07
C THR H 288 -34.98 -8.00 -1.03
N ILE H 289 -35.57 -9.17 -1.09
CA ILE H 289 -36.65 -9.54 -0.20
C ILE H 289 -36.15 -9.54 1.22
N LEU H 290 -34.98 -10.09 1.42
CA LEU H 290 -34.40 -10.13 2.75
C LEU H 290 -34.10 -8.74 3.26
N ASN H 291 -33.69 -7.83 2.37
CA ASN H 291 -33.43 -6.46 2.78
C ASN H 291 -34.67 -5.73 3.24
N LYS H 292 -35.76 -5.88 2.51
CA LYS H 292 -36.99 -5.20 2.84
C LYS H 292 -37.49 -5.58 4.23
N ALA H 293 -37.06 -6.72 4.72
CA ALA H 293 -37.39 -7.12 6.09
C ALA H 293 -36.80 -6.13 7.08
N GLN H 294 -35.54 -5.74 6.87
CA GLN H 294 -34.87 -4.78 7.73
C GLN H 294 -35.24 -3.32 7.51
N GLU H 295 -35.82 -3.01 6.36
CA GLU H 295 -36.24 -1.65 6.05
C GLU H 295 -37.32 -1.17 6.98
N PRO H 296 -37.36 0.14 7.23
CA PRO H 296 -38.44 0.68 8.07
C PRO H 296 -39.80 0.48 7.42
N PRO H 297 -40.80 0.05 8.19
CA PRO H 297 -42.12 -0.29 7.68
C PRO H 297 -42.85 0.90 7.10
N LYS H 298 -43.37 0.71 5.89
CA LYS H 298 -44.16 1.71 5.20
C LYS H 298 -45.48 1.93 5.94
N SER H 299 -46.00 0.87 6.52
CA SER H 299 -47.25 0.92 7.25
C SER H 299 -47.13 0.28 8.64
N LYS H 300 -47.79 0.86 9.63
CA LYS H 300 -47.83 0.26 10.96
C LYS H 300 -48.82 -0.91 10.99
N LYS H 301 -49.73 -0.96 10.03
CA LYS H 301 -50.84 -1.89 10.04
C LYS H 301 -50.40 -3.33 9.95
N VAL H 302 -51.15 -4.23 10.58
CA VAL H 302 -50.80 -5.64 10.60
C VAL H 302 -50.97 -6.27 9.22
N GLN H 303 -51.85 -5.72 8.40
CA GLN H 303 -52.05 -6.24 7.07
C GLN H 303 -50.81 -6.10 6.20
N HIS H 304 -50.10 -4.99 6.36
CA HIS H 304 -48.92 -4.75 5.57
C HIS H 304 -47.82 -5.74 5.90
N SER H 305 -47.59 -5.96 7.19
CA SER H 305 -46.54 -6.86 7.61
C SER H 305 -46.81 -8.29 7.21
N ASN H 306 -48.03 -8.77 7.43
CA ASN H 306 -48.34 -10.17 7.13
C ASN H 306 -48.20 -10.44 5.64
N ALA H 307 -48.61 -9.49 4.82
CA ALA H 307 -48.44 -9.65 3.39
C ALA H 307 -46.97 -9.61 3.04
N LYS H 308 -46.24 -8.67 3.62
CA LYS H 308 -44.82 -8.56 3.37
C LYS H 308 -44.12 -9.81 3.90
N ASN H 309 -44.49 -10.24 5.10
CA ASN H 309 -43.87 -11.41 5.70
C ASN H 309 -44.21 -12.71 5.00
N ALA H 310 -45.39 -12.78 4.39
CA ALA H 310 -45.76 -13.97 3.67
C ALA H 310 -44.79 -14.24 2.54
N VAL H 311 -44.39 -13.18 1.85
CA VAL H 311 -43.40 -13.25 0.78
C VAL H 311 -42.06 -13.63 1.31
N LEU H 312 -41.69 -13.08 2.44
CA LEU H 312 -40.37 -13.34 2.98
C LEU H 312 -40.24 -14.80 3.37
N PHE H 313 -41.25 -15.35 4.00
CA PHE H 313 -41.18 -16.74 4.40
C PHE H 313 -41.19 -17.72 3.27
N GLU H 314 -41.89 -17.40 2.20
CA GLU H 314 -41.83 -18.26 1.04
C GLU H 314 -40.46 -18.20 0.45
N ALA H 315 -39.87 -17.02 0.47
CA ALA H 315 -38.53 -16.86 -0.05
C ALA H 315 -37.56 -17.66 0.76
N ILE H 316 -37.75 -17.66 2.06
CA ILE H 316 -36.88 -18.40 2.94
C ILE H 316 -36.98 -19.90 2.70
N SER H 317 -38.18 -20.40 2.41
CA SER H 317 -38.32 -21.83 2.12
C SER H 317 -37.58 -22.18 0.86
N LEU H 318 -37.60 -21.30 -0.12
CA LEU H 318 -36.88 -21.52 -1.36
C LEU H 318 -35.41 -21.54 -1.09
N ILE H 319 -34.95 -20.63 -0.24
CA ILE H 319 -33.56 -20.58 0.10
C ILE H 319 -33.15 -21.86 0.79
N ILE H 320 -33.95 -22.30 1.75
CA ILE H 320 -33.66 -23.51 2.49
C ILE H 320 -33.75 -24.77 1.63
N HIS H 321 -34.73 -24.81 0.75
CA HIS H 321 -34.94 -25.99 -0.08
C HIS H 321 -33.74 -26.26 -0.98
N HIS H 322 -33.26 -25.25 -1.68
CA HIS H 322 -32.13 -25.43 -2.59
C HIS H 322 -30.83 -25.78 -1.88
N ASP H 323 -30.60 -25.20 -0.71
CA ASP H 323 -29.35 -25.41 0.03
C ASP H 323 -28.15 -24.90 -0.78
N SER H 324 -28.44 -23.99 -1.72
CA SER H 324 -27.45 -23.53 -2.68
C SER H 324 -26.53 -22.41 -2.22
N GLU H 325 -27.09 -21.35 -1.66
CA GLU H 325 -26.33 -20.14 -1.39
C GLU H 325 -26.01 -19.91 0.06
N PRO H 326 -24.72 -19.91 0.40
CA PRO H 326 -24.27 -19.73 1.76
C PRO H 326 -24.66 -18.40 2.36
N ASN H 327 -24.45 -17.29 1.68
CA ASN H 327 -24.81 -16.01 2.26
C ASN H 327 -26.30 -15.92 2.52
N LEU H 328 -27.09 -16.45 1.60
CA LEU H 328 -28.52 -16.42 1.75
C LEU H 328 -28.95 -17.26 2.92
N LEU H 329 -28.34 -18.42 3.07
CA LEU H 329 -28.67 -19.29 4.17
C LEU H 329 -28.34 -18.62 5.49
N VAL H 330 -27.21 -17.93 5.55
CA VAL H 330 -26.84 -17.26 6.76
C VAL H 330 -27.81 -16.14 7.06
N ARG H 331 -28.12 -15.36 6.06
CA ARG H 331 -29.01 -14.22 6.22
C ARG H 331 -30.35 -14.70 6.71
N ALA H 332 -30.80 -15.80 6.12
CA ALA H 332 -32.08 -16.39 6.46
C ALA H 332 -32.05 -16.87 7.89
N CYS H 333 -30.97 -17.53 8.26
CA CYS H 333 -30.86 -18.00 9.60
C CYS H 333 -30.90 -16.84 10.57
N ASN H 334 -30.27 -15.73 10.20
CA ASN H 334 -30.26 -14.56 11.07
C ASN H 334 -31.64 -13.99 11.24
N GLN H 335 -32.36 -13.87 10.13
CA GLN H 335 -33.68 -13.27 10.14
C GLN H 335 -34.62 -14.07 10.99
N LEU H 336 -34.58 -15.38 10.83
CA LEU H 336 -35.47 -16.25 11.58
C LEU H 336 -35.20 -16.09 13.04
N GLY H 337 -33.94 -15.90 13.39
CA GLY H 337 -33.54 -15.69 14.77
C GLY H 337 -34.14 -14.44 15.36
N GLN H 338 -34.26 -13.40 14.54
CA GLN H 338 -34.84 -12.17 15.00
C GLN H 338 -36.31 -12.34 15.31
N PHE H 339 -36.99 -13.20 14.57
CA PHE H 339 -38.40 -13.44 14.81
C PHE H 339 -38.68 -14.17 16.13
N LEU H 340 -37.73 -14.92 16.65
CA LEU H 340 -37.94 -15.58 17.93
C LEU H 340 -38.24 -14.57 19.01
N GLN H 341 -37.68 -13.39 18.87
CA GLN H 341 -37.87 -12.29 19.80
C GLN H 341 -39.19 -11.56 19.59
N HIS H 342 -39.84 -11.79 18.46
CA HIS H 342 -40.97 -10.97 18.04
C HIS H 342 -42.19 -11.04 18.96
N ARG H 343 -42.87 -9.92 19.11
CA ARG H 343 -44.04 -9.91 19.96
C ARG H 343 -45.22 -10.68 19.41
N GLU H 344 -45.24 -10.93 18.11
CA GLU H 344 -46.39 -11.63 17.56
C GLU H 344 -46.17 -13.13 17.60
N THR H 345 -47.10 -13.84 18.21
CA THR H 345 -46.95 -15.27 18.39
C THR H 345 -46.92 -15.95 17.05
N ASN H 346 -47.66 -15.43 16.08
CA ASN H 346 -47.69 -16.02 14.77
C ASN H 346 -46.30 -16.11 14.16
N LEU H 347 -45.52 -15.05 14.26
CA LEU H 347 -44.21 -15.03 13.64
C LEU H 347 -43.24 -15.95 14.36
N ARG H 348 -43.33 -16.00 15.67
CA ARG H 348 -42.48 -16.89 16.42
C ARG H 348 -42.73 -18.35 16.09
N TYR H 349 -43.99 -18.71 16.00
CA TYR H 349 -44.36 -20.07 15.65
C TYR H 349 -43.78 -20.42 14.29
N LEU H 350 -43.97 -19.55 13.33
CA LEU H 350 -43.49 -19.78 11.98
C LEU H 350 -41.98 -19.82 11.91
N ALA H 351 -41.34 -18.98 12.70
CA ALA H 351 -39.90 -18.94 12.72
C ALA H 351 -39.31 -20.23 13.23
N LEU H 352 -39.87 -20.78 14.28
CA LEU H 352 -39.36 -22.03 14.82
C LEU H 352 -39.47 -23.17 13.85
N GLU H 353 -40.56 -23.24 13.10
CA GLU H 353 -40.71 -24.33 12.14
C GLU H 353 -39.64 -24.25 11.08
N SER H 354 -39.48 -23.06 10.56
CA SER H 354 -38.57 -22.80 9.46
C SER H 354 -37.15 -23.04 9.89
N MET H 355 -36.84 -22.60 11.10
CA MET H 355 -35.52 -22.77 11.67
C MET H 355 -35.25 -24.24 11.87
N CYS H 356 -36.31 -24.95 12.20
CA CYS H 356 -36.22 -26.37 12.44
C CYS H 356 -35.77 -27.07 11.18
N THR H 357 -36.33 -26.64 10.06
CA THR H 357 -35.97 -27.22 8.79
C THR H 357 -34.54 -26.91 8.43
N LEU H 358 -34.14 -25.68 8.68
CA LEU H 358 -32.81 -25.24 8.34
C LEU H 358 -31.77 -26.05 9.07
N ALA H 359 -32.13 -26.52 10.25
CA ALA H 359 -31.21 -27.28 11.08
C ALA H 359 -30.67 -28.51 10.37
N SER H 360 -31.45 -29.06 9.45
CA SER H 360 -31.05 -30.24 8.72
C SER H 360 -29.86 -30.01 7.80
N SER H 361 -29.71 -28.81 7.26
CA SER H 361 -28.58 -28.50 6.38
C SER H 361 -27.23 -28.58 7.09
N GLU H 362 -26.30 -29.34 6.55
CA GLU H 362 -25.01 -29.51 7.21
C GLU H 362 -24.26 -28.21 7.26
N PHE H 363 -24.33 -27.44 6.19
CA PHE H 363 -23.58 -26.22 6.12
C PHE H 363 -24.05 -25.25 7.17
N SER H 364 -25.37 -25.16 7.33
CA SER H 364 -25.97 -24.11 8.13
C SER H 364 -26.16 -24.48 9.57
N HIS H 365 -25.86 -25.72 9.91
CA HIS H 365 -26.23 -26.24 11.22
C HIS H 365 -25.64 -25.48 12.37
N GLU H 366 -24.36 -25.15 12.28
CA GLU H 366 -23.71 -24.44 13.35
C GLU H 366 -24.30 -23.05 13.50
N ALA H 367 -24.70 -22.48 12.38
CA ALA H 367 -25.29 -21.16 12.38
C ALA H 367 -26.61 -21.12 13.13
N VAL H 368 -27.40 -22.17 12.99
CA VAL H 368 -28.64 -22.27 13.72
C VAL H 368 -28.35 -22.42 15.20
N LYS H 369 -27.29 -23.14 15.52
CA LYS H 369 -26.89 -23.36 16.91
C LYS H 369 -26.53 -22.10 17.68
N THR H 370 -26.23 -21.02 16.98
CA THR H 370 -25.91 -19.76 17.64
C THR H 370 -27.09 -19.26 18.44
N HIS H 371 -28.29 -19.53 17.95
CA HIS H 371 -29.50 -18.98 18.53
C HIS H 371 -30.09 -19.81 19.66
N ILE H 372 -29.35 -20.79 20.15
CA ILE H 372 -29.87 -21.70 21.16
C ILE H 372 -30.34 -21.02 22.45
N GLU H 373 -29.59 -20.03 22.91
CA GLU H 373 -29.91 -19.34 24.12
C GLU H 373 -31.20 -18.57 23.90
N THR H 374 -31.32 -17.96 22.72
CA THR H 374 -32.51 -17.21 22.38
C THR H 374 -33.71 -18.13 22.37
N VAL H 375 -33.53 -19.35 21.89
CA VAL H 375 -34.58 -20.34 21.89
C VAL H 375 -35.01 -20.73 23.31
N ILE H 376 -34.04 -21.01 24.15
CA ILE H 376 -34.34 -21.39 25.52
C ILE H 376 -35.00 -20.23 26.26
N ASN H 377 -34.48 -19.03 26.09
CA ASN H 377 -35.05 -17.87 26.74
C ASN H 377 -36.48 -17.66 26.33
N ALA H 378 -36.75 -17.92 25.07
CA ALA H 378 -38.10 -17.80 24.58
C ALA H 378 -38.95 -18.83 25.28
N LEU H 379 -38.38 -19.99 25.50
CA LEU H 379 -39.09 -21.12 26.07
C LEU H 379 -39.65 -20.90 27.48
N LYS H 380 -38.98 -20.12 28.32
CA LYS H 380 -39.51 -19.86 29.65
C LYS H 380 -40.69 -18.92 29.60
N THR H 381 -40.71 -18.01 28.64
CA THR H 381 -41.70 -16.93 28.62
C THR H 381 -42.82 -17.18 27.64
N GLU H 382 -42.77 -18.31 26.95
CA GLU H 382 -43.73 -18.58 25.90
C GLU H 382 -45.05 -19.08 26.41
N ARG H 383 -46.08 -18.32 26.12
CA ARG H 383 -47.43 -18.63 26.53
C ARG H 383 -48.14 -19.69 25.70
N ASP H 384 -47.87 -19.73 24.39
CA ASP H 384 -48.58 -20.66 23.54
C ASP H 384 -47.98 -22.05 23.57
N VAL H 385 -48.80 -23.06 23.76
CA VAL H 385 -48.31 -24.42 23.87
C VAL H 385 -47.73 -24.95 22.58
N SER H 386 -48.39 -24.66 21.46
CA SER H 386 -47.94 -25.15 20.18
C SER H 386 -46.55 -24.59 19.90
N VAL H 387 -46.34 -23.35 20.28
CA VAL H 387 -45.04 -22.76 20.12
C VAL H 387 -44.06 -23.44 21.04
N ARG H 388 -44.50 -23.83 22.21
CA ARG H 388 -43.58 -24.46 23.13
C ARG H 388 -43.07 -25.75 22.59
N GLN H 389 -43.94 -26.50 21.93
CA GLN H 389 -43.56 -27.77 21.35
C GLN H 389 -42.50 -27.60 20.30
N ARG H 390 -42.65 -26.56 19.49
CA ARG H 390 -41.74 -26.38 18.39
C ARG H 390 -40.40 -25.80 18.79
N ALA H 391 -40.27 -25.47 20.06
CA ALA H 391 -39.04 -24.84 20.55
C ALA H 391 -38.26 -25.94 21.20
N VAL H 392 -39.00 -26.82 21.84
CA VAL H 392 -38.43 -28.05 22.35
C VAL H 392 -37.93 -28.86 21.18
N ASP H 393 -38.69 -28.84 20.09
CA ASP H 393 -38.32 -29.58 18.88
C ASP H 393 -37.03 -29.07 18.32
N LEU H 394 -36.86 -27.76 18.34
CA LEU H 394 -35.64 -27.15 17.85
C LEU H 394 -34.46 -27.56 18.72
N LEU H 395 -34.67 -27.68 20.02
CA LEU H 395 -33.59 -28.02 20.91
C LEU H 395 -33.00 -29.40 20.61
N TYR H 396 -33.85 -30.40 20.46
CA TYR H 396 -33.34 -31.73 20.11
C TYR H 396 -32.74 -31.82 18.74
N ALA H 397 -33.26 -31.05 17.79
CA ALA H 397 -32.77 -31.11 16.43
C ALA H 397 -31.32 -30.70 16.31
N MET H 398 -30.94 -29.66 17.02
CA MET H 398 -29.57 -29.19 16.97
C MET H 398 -28.73 -29.84 18.06
N UNK I 8 -67.52 14.28 17.33
CA UNK I 8 -67.01 13.81 18.62
C UNK I 8 -65.64 13.15 18.48
N UNK I 9 -64.60 13.98 18.47
CA UNK I 9 -63.20 13.59 18.30
C UNK I 9 -62.86 12.63 17.17
N UNK I 10 -62.75 11.34 17.47
CA UNK I 10 -62.42 10.35 16.45
C UNK I 10 -63.53 10.26 15.43
N UNK I 11 -64.77 10.48 15.88
CA UNK I 11 -65.89 10.56 14.96
C UNK I 11 -65.72 11.79 14.07
N UNK I 12 -65.25 12.88 14.68
CA UNK I 12 -65.00 14.12 13.97
C UNK I 12 -63.85 14.03 12.97
N UNK I 13 -62.74 13.41 13.38
CA UNK I 13 -61.62 13.25 12.48
C UNK I 13 -62.01 12.34 11.33
N UNK I 14 -62.73 11.27 11.63
CA UNK I 14 -63.16 10.32 10.61
C UNK I 14 -64.26 10.91 9.74
N PRO I 24 -49.84 18.18 5.14
CA PRO I 24 -49.24 18.74 6.36
C PRO I 24 -49.14 20.24 6.29
N GLN I 25 -50.23 20.94 6.55
CA GLN I 25 -50.26 22.40 6.44
C GLN I 25 -49.29 23.17 7.35
N VAL I 26 -49.19 22.79 8.61
CA VAL I 26 -48.41 23.59 9.56
C VAL I 26 -46.97 23.10 9.78
N PRO I 27 -46.05 24.04 10.06
CA PRO I 27 -44.63 23.74 10.24
C PRO I 27 -44.39 22.78 11.36
N LEU I 28 -43.33 22.00 11.21
CA LEU I 28 -43.05 20.92 12.11
C LEU I 28 -42.78 21.46 13.47
N ARG I 29 -43.17 20.71 14.48
CA ARG I 29 -42.95 21.06 15.88
C ARG I 29 -42.44 19.86 16.66
N PRO I 30 -41.49 20.07 17.57
CA PRO I 30 -41.04 18.94 18.38
C PRO I 30 -42.08 18.60 19.43
N MET I 31 -42.07 17.38 19.93
CA MET I 31 -43.03 16.96 20.92
C MET I 31 -42.44 17.16 22.30
N THR I 32 -43.14 17.92 23.14
CA THR I 32 -42.63 18.21 24.46
C THR I 32 -43.68 17.90 25.45
N TYR I 33 -43.30 17.91 26.72
CA TYR I 33 -44.22 17.55 27.79
C TYR I 33 -45.40 18.47 27.81
N LYS I 34 -45.16 19.77 27.65
CA LYS I 34 -46.26 20.73 27.62
C LYS I 34 -47.18 20.49 26.44
N ALA I 35 -46.61 20.15 25.30
CA ALA I 35 -47.43 19.95 24.14
C ALA I 35 -48.39 18.80 24.34
N ALA I 36 -47.88 17.67 24.82
CA ALA I 36 -48.70 16.48 25.01
C ALA I 36 -49.76 16.68 26.08
N VAL I 37 -49.42 17.40 27.14
CA VAL I 37 -50.39 17.66 28.17
C VAL I 37 -51.46 18.57 27.62
N ASP I 38 -51.03 19.58 26.87
CA ASP I 38 -51.96 20.50 26.25
C ASP I 38 -52.82 19.78 25.26
N LEU I 39 -52.15 18.91 24.50
CA LEU I 39 -52.79 18.11 23.47
C LEU I 39 -53.77 17.16 24.11
N SER I 40 -53.37 16.56 25.21
CA SER I 40 -54.21 15.60 25.88
C SER I 40 -55.52 16.26 26.24
N HIS I 41 -55.42 17.43 26.86
CA HIS I 41 -56.60 18.13 27.28
C HIS I 41 -57.40 18.64 26.11
N PHE I 42 -56.72 19.01 25.05
CA PHE I 42 -57.45 19.47 23.91
C PHE I 42 -58.39 18.41 23.40
N LEU I 43 -57.94 17.18 23.35
CA LEU I 43 -58.80 16.11 22.92
C LEU I 43 -59.91 15.85 23.92
N LYS I 44 -59.60 15.94 25.21
CA LYS I 44 -60.60 15.73 26.24
C LYS I 44 -61.65 16.83 26.21
N GLU I 45 -61.23 18.07 25.98
CA GLU I 45 -62.19 19.15 25.84
C GLU I 45 -62.98 18.99 24.55
N LYS I 46 -62.35 18.41 23.52
CA LYS I 46 -63.03 18.13 22.26
C LYS I 46 -64.03 17.02 22.50
N GLY I 47 -63.82 16.29 23.58
CA GLY I 47 -64.70 15.20 23.91
C GLY I 47 -64.42 13.99 23.08
N GLY I 48 -63.51 13.14 23.55
CA GLY I 48 -63.21 11.97 22.79
C GLY I 48 -62.26 11.01 23.42
N LEU I 49 -62.23 9.83 22.83
CA LEU I 49 -61.23 8.80 23.05
C LEU I 49 -61.56 8.01 24.28
N GLU I 50 -62.12 8.67 25.28
CA GLU I 50 -62.45 7.96 26.49
C GLU I 50 -63.43 6.87 26.14
N GLY I 51 -63.06 5.63 26.40
CA GLY I 51 -63.96 4.53 26.13
C GLY I 51 -63.89 4.01 24.72
N LEU I 52 -63.34 4.82 23.82
CA LEU I 52 -63.28 4.45 22.42
C LEU I 52 -62.35 3.28 22.17
N ILE I 53 -62.84 2.30 21.43
CA ILE I 53 -62.06 1.11 21.13
C ILE I 53 -60.95 1.38 20.16
N HIS I 54 -59.78 0.83 20.47
CA HIS I 54 -58.58 1.09 19.73
C HIS I 54 -58.44 0.21 18.50
N SER I 55 -58.09 0.82 17.38
CA SER I 55 -57.76 0.10 16.18
C SER I 55 -56.62 0.84 15.53
N GLN I 56 -55.80 0.17 14.75
CA GLN I 56 -54.65 0.83 14.16
C GLN I 56 -55.09 1.96 13.23
N ARG I 57 -56.16 1.74 12.50
CA ARG I 57 -56.70 2.75 11.60
C ARG I 57 -57.11 3.97 12.36
N ARG I 58 -57.71 3.73 13.51
CA ARG I 58 -58.22 4.80 14.31
C ARG I 58 -57.07 5.68 14.73
N GLN I 59 -56.05 5.08 15.29
CA GLN I 59 -54.91 5.84 15.77
C GLN I 59 -54.18 6.55 14.67
N ASP I 60 -54.08 5.92 13.51
CA ASP I 60 -53.36 6.51 12.40
C ASP I 60 -53.99 7.83 12.04
N ILE I 61 -55.32 7.83 11.99
CA ILE I 61 -56.07 9.04 11.71
C ILE I 61 -55.82 10.09 12.77
N LEU I 62 -55.83 9.68 14.02
CA LEU I 62 -55.60 10.61 15.10
C LEU I 62 -54.22 11.20 14.98
N ASP I 63 -53.21 10.37 14.75
CA ASP I 63 -51.84 10.84 14.64
C ASP I 63 -51.71 11.77 13.46
N LEU I 64 -52.34 11.39 12.37
CA LEU I 64 -52.33 12.19 11.17
C LEU I 64 -52.98 13.53 11.37
N TRP I 65 -54.09 13.56 12.09
CA TRP I 65 -54.78 14.80 12.23
C TRP I 65 -53.90 15.76 13.01
N ILE I 66 -53.33 15.27 14.10
CA ILE I 66 -52.47 16.10 14.93
C ILE I 66 -51.26 16.53 14.15
N TYR I 67 -50.72 15.64 13.36
CA TYR I 67 -49.54 15.95 12.59
C TYR I 67 -49.79 17.07 11.61
N HIS I 68 -50.87 16.95 10.86
CA HIS I 68 -51.13 17.94 9.85
C HIS I 68 -51.56 19.25 10.48
N THR I 69 -52.42 19.16 11.48
CA THR I 69 -52.95 20.32 12.17
C THR I 69 -51.95 20.97 13.10
N GLN I 70 -51.25 20.16 13.89
CA GLN I 70 -50.39 20.68 14.95
C GLN I 70 -48.92 20.50 14.69
N GLY I 71 -48.57 19.89 13.56
CA GLY I 71 -47.18 19.70 13.21
C GLY I 71 -46.33 18.87 14.14
N TYR I 72 -46.86 17.79 14.68
CA TYR I 72 -46.06 16.87 15.49
C TYR I 72 -45.87 15.60 14.69
N PHE I 73 -44.64 15.21 14.44
CA PHE I 73 -44.40 14.07 13.58
C PHE I 73 -44.96 12.83 14.30
N PRO I 74 -45.72 11.98 13.59
CA PRO I 74 -46.46 10.88 14.20
C PRO I 74 -45.68 9.65 14.59
N ASP I 75 -44.70 9.80 15.47
CA ASP I 75 -44.04 8.63 16.05
C ASP I 75 -44.25 8.65 17.56
N TRP I 76 -44.65 9.81 18.07
CA TRP I 76 -44.73 10.05 19.51
C TRP I 76 -45.69 9.15 20.25
N GLN I 77 -46.79 8.80 19.62
CA GLN I 77 -47.82 8.04 20.32
C GLN I 77 -47.45 6.58 20.36
N ASN I 78 -46.64 6.22 21.34
CA ASN I 78 -46.27 4.83 21.48
C ASN I 78 -46.57 4.38 22.88
N TYR I 79 -46.87 3.10 23.04
CA TYR I 79 -47.28 2.56 24.31
C TYR I 79 -46.44 1.33 24.62
N THR I 80 -46.34 0.97 25.88
CA THR I 80 -45.56 -0.18 26.31
C THR I 80 -46.16 -1.51 25.82
N PRO I 81 -45.34 -2.57 25.78
CA PRO I 81 -45.87 -3.84 25.29
C PRO I 81 -46.89 -4.48 26.19
N GLY I 82 -47.74 -5.31 25.60
CA GLY I 82 -48.70 -6.07 26.35
C GLY I 82 -48.09 -7.34 26.88
N PRO I 83 -48.88 -8.16 27.57
CA PRO I 83 -50.30 -7.96 27.83
C PRO I 83 -50.51 -6.96 28.95
N GLY I 84 -51.76 -6.59 29.19
CA GLY I 84 -52.11 -5.64 30.24
C GLY I 84 -52.18 -4.22 29.75
N VAL I 85 -52.26 -3.28 30.69
CA VAL I 85 -52.44 -1.88 30.38
C VAL I 85 -51.26 -1.36 29.59
N ARG I 86 -51.50 -0.53 28.61
CA ARG I 86 -50.41 -0.03 27.80
C ARG I 86 -50.22 1.41 28.14
N TYR I 87 -49.02 1.80 28.57
CA TYR I 87 -48.80 3.15 29.06
C TYR I 87 -48.06 3.95 28.04
N PRO I 88 -48.43 5.21 27.86
CA PRO I 88 -47.76 5.99 26.84
C PRO I 88 -46.33 6.26 27.23
N LEU I 89 -45.44 6.08 26.27
CA LEU I 89 -44.03 6.44 26.42
C LEU I 89 -43.83 7.93 26.44
N THR I 90 -44.63 8.67 25.67
CA THR I 90 -44.49 10.11 25.66
C THR I 90 -45.04 10.67 26.95
N PHE I 91 -44.18 11.33 27.72
CA PHE I 91 -44.59 11.85 29.01
C PHE I 91 -45.52 13.02 28.80
N GLY I 92 -46.58 13.07 29.58
CA GLY I 92 -47.53 14.13 29.43
C GLY I 92 -48.60 13.78 28.43
N TRP I 93 -48.56 12.56 27.92
CA TRP I 93 -49.67 12.10 27.12
C TRP I 93 -50.54 11.38 28.10
N CYS I 94 -51.78 11.83 28.21
CA CYS I 94 -52.61 11.44 29.31
C CYS I 94 -53.58 10.35 28.97
N TYR I 95 -53.28 9.59 27.93
CA TYR I 95 -54.16 8.52 27.56
C TYR I 95 -53.43 7.18 27.65
N LYS I 96 -54.07 6.18 28.24
CA LYS I 96 -53.52 4.84 28.28
C LYS I 96 -54.45 3.83 27.60
N LEU I 97 -53.90 2.79 27.00
CA LEU I 97 -54.75 1.73 26.47
C LEU I 97 -54.94 0.65 27.54
N VAL I 98 -56.19 0.34 27.92
CA VAL I 98 -56.44 -0.73 28.87
C VAL I 98 -57.28 -1.84 28.26
N PRO I 99 -56.93 -3.09 28.55
CA PRO I 99 -57.63 -4.21 27.94
C PRO I 99 -59.06 -4.32 28.38
N VAL I 100 -59.94 -4.59 27.43
CA VAL I 100 -61.36 -4.80 27.71
C VAL I 100 -61.65 -6.23 28.19
N GLU I 101 -62.52 -6.36 29.17
CA GLU I 101 -62.86 -7.66 29.72
C GLU I 101 -63.54 -8.46 28.63
N PRO I 102 -63.27 -9.74 28.56
CA PRO I 102 -63.76 -10.60 27.50
C PRO I 102 -65.27 -10.60 27.46
N ASP I 103 -65.89 -10.58 28.63
CA ASP I 103 -67.34 -10.65 28.74
C ASP I 103 -67.94 -9.50 27.98
N LYS I 104 -67.28 -8.36 28.08
CA LYS I 104 -67.69 -7.18 27.34
C LYS I 104 -67.38 -7.38 25.88
N VAL I 105 -66.23 -8.00 25.61
CA VAL I 105 -65.81 -8.17 24.23
C VAL I 105 -66.81 -9.05 23.52
N GLU I 106 -67.37 -10.02 24.23
CA GLU I 106 -68.36 -10.91 23.63
C GLU I 106 -69.75 -10.28 23.56
N GLU I 107 -70.14 -9.57 24.60
CA GLU I 107 -71.45 -8.95 24.60
C GLU I 107 -71.52 -7.89 23.51
N ALA I 108 -70.41 -7.22 23.28
CA ALA I 108 -70.35 -6.20 22.25
C ALA I 108 -70.54 -6.80 20.86
N ASN I 109 -69.97 -7.97 20.66
CA ASN I 109 -70.05 -8.63 19.36
C ASN I 109 -71.30 -9.46 19.21
N LYS I 110 -72.12 -9.51 20.25
CA LYS I 110 -73.37 -10.24 20.14
C LYS I 110 -74.26 -9.52 19.15
N GLY I 111 -75.07 -10.30 18.45
CA GLY I 111 -75.92 -9.78 17.41
C GLY I 111 -75.35 -10.10 16.05
N GLU I 112 -76.23 -10.23 15.08
CA GLU I 112 -75.87 -10.63 13.74
C GLU I 112 -75.82 -9.42 12.85
N ASN I 113 -75.96 -8.26 13.45
CA ASN I 113 -75.92 -7.02 12.69
C ASN I 113 -74.70 -6.16 12.89
N THR I 114 -73.85 -6.52 13.83
CA THR I 114 -72.64 -5.73 14.08
C THR I 114 -71.64 -5.94 12.94
N SER I 115 -71.06 -4.84 12.46
CA SER I 115 -70.19 -4.89 11.30
C SER I 115 -68.96 -5.69 11.57
N LEU I 116 -68.49 -6.40 10.55
CA LEU I 116 -67.29 -7.20 10.69
C LEU I 116 -66.04 -6.37 10.84
N LEU I 117 -66.00 -5.23 10.21
CA LEU I 117 -64.75 -4.51 10.21
C LEU I 117 -64.73 -3.40 11.25
N HIS I 118 -65.75 -3.35 12.10
CA HIS I 118 -65.75 -2.40 13.20
C HIS I 118 -64.66 -2.80 14.14
N PRO I 119 -64.02 -1.82 14.77
CA PRO I 119 -62.87 -2.11 15.64
C PRO I 119 -63.17 -3.12 16.72
N VAL I 120 -64.38 -3.13 17.27
CA VAL I 120 -64.74 -4.11 18.29
C VAL I 120 -64.75 -5.50 17.71
N SER I 121 -65.14 -5.59 16.44
CA SER I 121 -65.24 -6.86 15.78
C SER I 121 -63.90 -7.50 15.49
N LEU I 122 -62.85 -6.70 15.45
CA LEU I 122 -61.51 -7.13 15.10
C LEU I 122 -60.81 -8.04 16.12
N HIS I 123 -61.26 -8.03 17.36
CA HIS I 123 -60.73 -8.95 18.36
C HIS I 123 -59.23 -8.89 18.58
N GLY I 124 -58.69 -7.69 18.63
CA GLY I 124 -57.28 -7.53 18.91
C GLY I 124 -56.37 -8.00 17.80
N MET I 125 -56.82 -7.84 16.58
CA MET I 125 -56.02 -8.18 15.43
C MET I 125 -54.83 -7.24 15.32
N ASP I 126 -55.06 -5.96 15.56
CA ASP I 126 -54.01 -4.95 15.50
C ASP I 126 -53.00 -5.11 16.62
N ASP I 127 -53.42 -5.69 17.72
CA ASP I 127 -52.53 -5.92 18.83
C ASP I 127 -51.75 -7.21 18.74
N PRO I 128 -50.44 -7.15 18.90
CA PRO I 128 -49.59 -8.33 18.89
C PRO I 128 -49.99 -9.35 19.95
N GLU I 129 -50.42 -8.86 21.10
CA GLU I 129 -50.85 -9.75 22.16
C GLU I 129 -52.33 -10.04 22.04
N ARG I 130 -52.92 -9.61 20.93
CA ARG I 130 -54.26 -10.01 20.56
C ARG I 130 -55.32 -9.57 21.56
N GLU I 131 -54.98 -8.55 22.34
CA GLU I 131 -55.85 -8.03 23.37
C GLU I 131 -56.72 -6.89 22.84
N VAL I 132 -58.00 -6.83 23.24
CA VAL I 132 -58.88 -5.71 22.88
C VAL I 132 -58.65 -4.54 23.80
N LEU I 133 -58.49 -3.36 23.25
CA LEU I 133 -58.05 -2.22 24.03
C LEU I 133 -58.94 -1.00 23.97
N GLU I 134 -58.99 -0.25 25.07
CA GLU I 134 -59.68 1.02 25.10
C GLU I 134 -58.78 2.16 25.48
N TRP I 135 -58.98 3.30 24.87
CA TRP I 135 -58.36 4.52 25.33
C TRP I 135 -59.05 4.86 26.63
N ARG I 136 -58.29 5.22 27.64
CA ARG I 136 -58.89 5.73 28.85
C ARG I 136 -58.00 6.85 29.31
N PHE I 137 -58.56 7.83 30.00
CA PHE I 137 -57.81 9.01 30.40
C PHE I 137 -57.31 8.82 31.80
N ASP I 138 -56.04 9.08 32.00
CA ASP I 138 -55.43 9.04 33.31
C ASP I 138 -54.67 10.33 33.59
N SER I 139 -55.04 11.02 34.66
CA SER I 139 -54.38 12.25 35.07
C SER I 139 -52.99 12.02 35.58
N ARG I 140 -52.81 10.90 36.24
CA ARG I 140 -51.56 10.64 36.92
C ARG I 140 -50.41 10.66 35.96
N LEU I 141 -50.71 10.35 34.71
CA LEU I 141 -49.70 10.29 33.68
C LEU I 141 -49.00 11.62 33.48
N ALA I 142 -49.68 12.70 33.78
CA ALA I 142 -49.09 14.00 33.65
C ALA I 142 -47.98 14.24 34.66
N PHE I 143 -48.22 13.81 35.88
CA PHE I 143 -47.26 13.99 36.95
C PHE I 143 -46.15 12.95 37.09
N HIS I 144 -46.51 11.69 36.93
CA HIS I 144 -45.55 10.60 37.09
C HIS I 144 -45.42 9.83 35.79
N HIS I 145 -44.18 9.71 35.30
CA HIS I 145 -43.90 9.06 34.03
C HIS I 145 -43.87 7.55 34.15
N VAL I 146 -45.03 6.94 34.15
CA VAL I 146 -45.18 5.52 34.46
C VAL I 146 -44.41 4.60 33.54
N ALA I 147 -44.33 4.96 32.28
CA ALA I 147 -43.65 4.09 31.33
C ALA I 147 -42.19 3.90 31.68
N ARG I 148 -41.52 5.01 32.00
CA ARG I 148 -40.10 4.99 32.24
C ARG I 148 -39.74 4.13 33.41
N GLU I 149 -40.55 4.18 34.45
CA GLU I 149 -40.29 3.39 35.62
C GLU I 149 -40.40 1.90 35.29
N LEU I 150 -41.44 1.52 34.56
CA LEU I 150 -41.64 0.13 34.21
C LEU I 150 -40.65 -0.30 33.16
N HIS I 151 -40.32 0.59 32.24
CA HIS I 151 -39.43 0.21 31.17
C HIS I 151 -38.27 1.17 30.93
N PRO I 152 -37.29 1.16 31.82
CA PRO I 152 -36.13 2.04 31.70
C PRO I 152 -35.36 1.76 30.42
N GLU I 153 -35.53 0.56 29.89
CA GLU I 153 -34.80 0.14 28.71
C GLU I 153 -35.07 1.04 27.54
N TYR I 154 -36.31 1.50 27.44
CA TYR I 154 -36.75 2.31 26.33
C TYR I 154 -36.15 3.70 26.40
N PHE I 155 -35.60 4.04 27.55
CA PHE I 155 -35.03 5.36 27.72
C PHE I 155 -33.54 5.33 28.05
N UNK J 3 31.34 34.32 27.40
CA UNK J 3 31.76 33.07 26.80
C UNK J 3 32.79 33.35 25.70
N UNK J 4 32.58 32.77 24.53
CA UNK J 4 33.41 33.08 23.39
C UNK J 4 33.13 34.50 23.01
N UNK J 5 31.90 34.91 23.25
CA UNK J 5 31.49 36.28 23.00
C UNK J 5 32.24 37.23 23.91
N UNK J 6 32.42 36.82 25.16
CA UNK J 6 33.15 37.63 26.12
C UNK J 6 34.59 37.76 25.69
N UNK J 7 35.15 36.66 25.20
CA UNK J 7 36.52 36.67 24.72
C UNK J 7 36.69 37.55 23.51
N UNK J 8 35.76 37.48 22.58
CA UNK J 8 35.87 38.23 21.34
C UNK J 8 35.74 39.71 21.66
N UNK J 9 34.99 40.02 22.70
CA UNK J 9 34.87 41.41 23.13
C UNK J 9 36.21 41.95 23.61
N UNK J 10 36.95 41.16 24.37
CA UNK J 10 38.26 41.57 24.87
C UNK J 10 39.21 41.81 23.71
N UNK J 11 39.12 40.96 22.71
CA UNK J 11 39.94 41.07 21.50
C UNK J 11 39.65 42.41 20.85
N UNK J 12 38.39 42.82 20.91
CA UNK J 12 37.90 44.10 20.41
C UNK J 12 37.85 45.22 21.46
N UNK J 13 38.96 45.85 21.84
CA UNK J 13 40.27 45.66 21.23
C UNK J 13 41.39 45.77 22.26
N UNK J 14 41.71 47.03 22.52
CA UNK J 14 42.79 47.56 23.37
C UNK J 14 43.92 48.07 22.47
N VAL J 26 48.93 41.93 33.13
CA VAL J 26 48.70 41.28 34.42
C VAL J 26 49.87 40.36 34.77
N PRO J 27 50.20 40.24 36.06
CA PRO J 27 51.31 39.37 36.47
C PRO J 27 51.13 37.89 36.14
N LEU J 28 52.25 37.22 35.89
CA LEU J 28 52.32 35.82 35.47
C LEU J 28 51.86 34.82 36.51
N ARG J 29 51.21 33.75 36.05
CA ARG J 29 50.76 32.67 36.92
C ARG J 29 51.09 31.33 36.27
N PRO J 30 51.63 30.38 37.04
CA PRO J 30 51.93 29.05 36.50
C PRO J 30 50.67 28.24 36.37
N MET J 31 50.67 27.21 35.52
CA MET J 31 49.46 26.40 35.38
C MET J 31 49.45 25.15 36.22
N THR J 32 48.45 25.06 37.11
CA THR J 32 48.34 23.97 38.06
C THR J 32 46.93 23.41 38.08
N TYR J 33 46.77 22.26 38.74
CA TYR J 33 45.48 21.59 38.81
C TYR J 33 44.44 22.45 39.49
N LYS J 34 44.83 23.10 40.58
CA LYS J 34 43.93 23.96 41.30
C LYS J 34 43.51 25.10 40.36
N ALA J 35 44.46 25.62 39.60
CA ALA J 35 44.19 26.69 38.67
C ALA J 35 43.26 26.24 37.56
N ALA J 36 43.52 25.07 37.01
CA ALA J 36 42.76 24.57 35.86
C ALA J 36 41.28 24.32 36.13
N VAL J 37 40.96 23.70 37.24
CA VAL J 37 39.57 23.47 37.56
C VAL J 37 38.95 24.83 37.81
N ASP J 38 39.75 25.73 38.36
CA ASP J 38 39.25 27.07 38.60
C ASP J 38 38.87 27.73 37.28
N LEU J 39 39.70 27.55 36.26
CA LEU J 39 39.38 28.07 34.93
C LEU J 39 38.21 27.36 34.31
N SER J 40 38.17 26.05 34.47
CA SER J 40 37.14 25.26 33.84
C SER J 40 35.80 25.80 34.26
N HIS J 41 35.64 25.97 35.57
CA HIS J 41 34.41 26.52 36.10
C HIS J 41 34.26 28.00 35.78
N PHE J 42 35.36 28.73 35.73
CA PHE J 42 35.27 30.14 35.41
C PHE J 42 34.64 30.36 34.06
N LEU J 43 35.03 29.53 33.10
CA LEU J 43 34.47 29.60 31.76
C LEU J 43 33.01 29.20 31.74
N LYS J 44 32.65 28.21 32.53
CA LYS J 44 31.26 27.82 32.63
C LYS J 44 30.49 28.96 33.26
N GLU J 45 31.09 29.61 34.23
CA GLU J 45 30.42 30.72 34.86
C GLU J 45 30.28 31.89 33.93
N LYS J 46 31.34 32.25 33.24
CA LYS J 46 31.30 33.43 32.41
C LYS J 46 30.60 33.15 31.09
N GLY J 47 29.34 32.76 31.14
CA GLY J 47 28.65 32.38 29.94
C GLY J 47 29.12 30.97 29.70
N GLY J 48 28.89 30.41 28.52
CA GLY J 48 29.30 29.03 28.29
C GLY J 48 30.16 28.76 27.09
N LEU J 49 30.85 27.62 27.11
CA LEU J 49 31.64 27.13 26.00
C LEU J 49 31.01 25.90 25.41
N GLU J 50 30.13 25.30 26.17
CA GLU J 50 29.45 24.07 25.79
C GLU J 50 28.83 24.21 24.41
N GLY J 51 29.11 23.28 23.53
CA GLY J 51 28.52 23.31 22.21
C GLY J 51 29.27 24.08 21.15
N LEU J 52 30.24 24.88 21.56
CA LEU J 52 30.93 25.74 20.63
C LEU J 52 31.73 24.97 19.62
N ILE J 53 31.59 25.32 18.36
CA ILE J 53 32.33 24.66 17.29
C ILE J 53 33.79 25.09 17.36
N HIS J 54 34.71 24.14 17.19
CA HIS J 54 36.12 24.44 17.34
C HIS J 54 36.73 24.95 16.06
N SER J 55 37.50 26.01 16.16
CA SER J 55 38.29 26.49 15.04
C SER J 55 39.60 26.95 15.60
N GLN J 56 40.66 26.87 14.83
CA GLN J 56 41.97 27.22 15.38
C GLN J 56 42.02 28.68 15.78
N ARG J 57 41.41 29.54 14.98
CA ARG J 57 41.38 30.94 15.33
C ARG J 57 40.62 31.14 16.63
N ARG J 58 39.50 30.44 16.78
CA ARG J 58 38.69 30.61 17.98
C ARG J 58 39.47 30.25 19.20
N GLN J 59 40.12 29.10 19.17
CA GLN J 59 40.89 28.68 20.32
C GLN J 59 42.03 29.64 20.57
N ASP J 60 42.61 30.16 19.50
CA ASP J 60 43.70 31.11 19.61
C ASP J 60 43.20 32.34 20.36
N ILE J 61 42.00 32.79 20.02
CA ILE J 61 41.41 33.93 20.70
C ILE J 61 41.17 33.63 22.18
N LEU J 62 40.65 32.45 22.49
CA LEU J 62 40.41 32.11 23.89
C LEU J 62 41.71 32.04 24.69
N ASP J 63 42.71 31.38 24.14
CA ASP J 63 43.96 31.23 24.88
C ASP J 63 44.58 32.58 25.12
N LEU J 64 44.52 33.44 24.11
CA LEU J 64 45.12 34.76 24.22
C LEU J 64 44.45 35.58 25.30
N TRP J 65 43.13 35.54 25.31
CA TRP J 65 42.35 36.27 26.29
C TRP J 65 42.63 35.84 27.70
N ILE J 66 42.71 34.53 27.90
CA ILE J 66 43.06 34.02 29.20
C ILE J 66 44.43 34.52 29.58
N TYR J 67 45.34 34.57 28.63
CA TYR J 67 46.70 34.97 28.93
C TYR J 67 46.74 36.39 29.48
N HIS J 68 46.08 37.32 28.82
CA HIS J 68 46.02 38.68 29.30
C HIS J 68 45.03 38.85 30.47
N THR J 69 43.89 38.18 30.43
CA THR J 69 42.95 38.33 31.52
C THR J 69 43.42 37.64 32.78
N GLN J 70 43.88 36.40 32.64
CA GLN J 70 44.13 35.56 33.79
C GLN J 70 45.60 35.26 34.04
N GLY J 71 46.48 35.82 33.20
CA GLY J 71 47.90 35.60 33.36
C GLY J 71 48.33 34.15 33.28
N TYR J 72 47.68 33.41 32.38
CA TYR J 72 48.08 32.03 32.10
C TYR J 72 48.67 31.88 30.71
N PHE J 73 49.89 31.35 30.64
CA PHE J 73 50.60 31.20 29.39
C PHE J 73 49.88 30.24 28.45
N PRO J 74 49.76 30.60 27.16
CA PRO J 74 48.99 29.82 26.19
C PRO J 74 49.70 28.53 25.78
N ASP J 75 49.98 27.66 26.73
CA ASP J 75 50.56 26.38 26.41
C ASP J 75 49.68 25.23 26.86
N TRP J 76 48.85 25.51 27.84
CA TRP J 76 48.09 24.47 28.54
C TRP J 76 47.04 23.76 27.72
N GLN J 77 46.38 24.46 26.82
CA GLN J 77 45.25 23.83 26.19
C GLN J 77 45.60 22.90 25.05
N ASN J 78 45.91 21.65 25.36
CA ASN J 78 46.16 20.67 24.33
C ASN J 78 45.31 19.45 24.54
N TYR J 79 44.99 18.78 23.44
CA TYR J 79 44.08 17.65 23.44
C TYR J 79 44.72 16.49 22.72
N THR J 80 44.27 15.28 23.01
CA THR J 80 44.84 14.11 22.35
C THR J 80 44.46 14.12 20.87
N PRO J 81 45.23 13.43 20.04
CA PRO J 81 44.97 13.35 18.61
C PRO J 81 43.72 12.58 18.30
N GLY J 82 43.17 12.83 17.12
CA GLY J 82 41.98 12.14 16.64
C GLY J 82 42.28 10.79 16.04
N PRO J 83 41.26 10.15 15.46
CA PRO J 83 39.89 10.62 15.34
C PRO J 83 39.15 10.43 16.64
N GLY J 84 37.92 10.91 16.72
CA GLY J 84 37.12 10.73 17.91
C GLY J 84 37.31 11.82 18.93
N VAL J 85 36.82 11.57 20.13
CA VAL J 85 36.85 12.53 21.20
C VAL J 85 38.29 12.88 21.57
N ARG J 86 38.55 14.16 21.82
CA ARG J 86 39.88 14.61 22.15
C ARG J 86 39.90 15.00 23.61
N TYR J 87 40.81 14.45 24.39
CA TYR J 87 40.80 14.66 25.81
C TYR J 87 41.90 15.63 26.15
N PRO J 88 41.67 16.48 27.15
CA PRO J 88 42.63 17.52 27.53
C PRO J 88 43.87 16.94 28.18
N LEU J 89 45.04 17.40 27.77
CA LEU J 89 46.26 16.97 28.40
C LEU J 89 46.38 17.50 29.80
N THR J 90 45.97 18.75 30.01
CA THR J 90 46.10 19.35 31.34
C THR J 90 45.05 18.88 32.33
N PHE J 91 45.51 18.38 33.48
CA PHE J 91 44.58 17.84 34.46
C PHE J 91 43.81 18.97 35.13
N GLY J 92 42.52 18.78 35.29
CA GLY J 92 41.67 19.80 35.86
C GLY J 92 41.08 20.77 34.87
N TRP J 93 41.37 20.54 33.59
CA TRP J 93 40.69 21.27 32.54
C TRP J 93 39.54 20.39 32.17
N CYS J 94 38.33 20.90 32.30
CA CYS J 94 37.19 20.02 32.29
C CYS J 94 36.46 20.02 30.97
N TYR J 95 37.16 20.40 29.92
CA TYR J 95 36.55 20.44 28.61
C TYR J 95 37.19 19.44 27.68
N LYS J 96 36.39 18.89 26.77
CA LYS J 96 36.90 17.98 25.77
C LYS J 96 36.29 18.32 24.42
N LEU J 97 37.04 18.12 23.35
CA LEU J 97 36.50 18.33 22.02
C LEU J 97 35.85 17.06 21.52
N VAL J 98 34.56 17.08 21.21
CA VAL J 98 33.94 15.86 20.68
C VAL J 98 33.46 16.13 19.27
N PRO J 99 33.64 15.15 18.38
CA PRO J 99 33.28 15.27 16.99
C PRO J 99 31.80 15.37 16.76
N VAL J 100 31.43 16.28 15.86
CA VAL J 100 30.06 16.48 15.45
C VAL J 100 29.64 15.51 14.35
N GLU J 101 28.41 15.00 14.45
CA GLU J 101 27.88 14.05 13.47
C GLU J 101 27.78 14.73 12.12
N PRO J 102 28.03 13.98 11.04
CA PRO J 102 28.00 14.60 9.72
C PRO J 102 26.63 15.17 9.38
N ASP J 103 25.56 14.46 9.73
CA ASP J 103 24.23 14.94 9.44
C ASP J 103 23.99 16.25 10.15
N LYS J 104 24.58 16.38 11.33
CA LYS J 104 24.47 17.62 12.08
C LYS J 104 25.21 18.70 11.35
N VAL J 105 26.37 18.39 10.78
CA VAL J 105 27.14 19.42 10.09
C VAL J 105 26.43 19.92 8.85
N GLU J 106 25.88 19.00 8.08
CA GLU J 106 25.25 19.35 6.82
C GLU J 106 24.08 20.30 7.03
N GLU J 107 23.33 20.10 8.09
CA GLU J 107 22.20 20.96 8.38
C GLU J 107 22.65 22.35 8.67
N ALA J 108 23.77 22.44 9.36
CA ALA J 108 24.29 23.74 9.73
C ALA J 108 24.67 24.52 8.48
N ASN J 109 25.20 23.80 7.50
CA ASN J 109 25.71 24.41 6.29
C ASN J 109 24.64 24.61 5.23
N LYS J 110 23.40 24.23 5.51
CA LYS J 110 22.31 24.46 4.59
C LYS J 110 22.00 25.93 4.44
N GLY J 111 21.56 26.33 3.25
CA GLY J 111 21.26 27.72 3.05
C GLY J 111 22.39 28.40 2.33
N GLU J 112 22.07 29.46 1.61
CA GLU J 112 23.06 30.14 0.82
C GLU J 112 23.57 31.40 1.51
N ASN J 113 23.17 31.63 2.75
CA ASN J 113 23.64 32.80 3.49
C ASN J 113 24.62 32.54 4.60
N THR J 114 24.97 31.29 4.81
CA THR J 114 25.94 30.98 5.84
C THR J 114 27.31 31.41 5.39
N SER J 115 28.07 32.07 6.25
CA SER J 115 29.37 32.58 5.87
C SER J 115 30.33 31.46 5.54
N LEU J 116 31.21 31.69 4.59
CA LEU J 116 32.15 30.68 4.17
C LEU J 116 33.21 30.37 5.21
N LEU J 117 33.68 31.39 5.91
CA LEU J 117 34.79 31.22 6.85
C LEU J 117 34.33 31.06 8.30
N HIS J 118 33.04 30.82 8.46
CA HIS J 118 32.54 30.47 9.76
C HIS J 118 33.08 29.11 10.13
N PRO J 119 33.38 28.91 11.41
CA PRO J 119 34.02 27.65 11.79
C PRO J 119 33.27 26.40 11.34
N VAL J 120 31.94 26.41 11.33
CA VAL J 120 31.17 25.27 10.89
C VAL J 120 31.37 25.01 9.43
N SER J 121 31.52 26.09 8.69
CA SER J 121 31.67 26.05 7.26
C SER J 121 33.02 25.50 6.85
N LEU J 122 33.98 25.53 7.75
CA LEU J 122 35.32 25.07 7.46
C LEU J 122 35.44 23.56 7.26
N HIS J 123 34.48 22.81 7.78
CA HIS J 123 34.47 21.36 7.63
C HIS J 123 35.71 20.67 8.16
N GLY J 124 36.15 21.07 9.34
CA GLY J 124 37.26 20.42 9.99
C GLY J 124 38.55 20.68 9.28
N MET J 125 38.68 21.87 8.74
CA MET J 125 39.90 22.27 8.07
C MET J 125 41.05 22.38 9.05
N ASP J 126 40.77 22.93 10.23
CA ASP J 126 41.77 23.10 11.28
C ASP J 126 42.23 21.79 11.89
N ASP J 127 41.40 20.76 11.86
CA ASP J 127 41.76 19.46 12.40
C ASP J 127 42.45 18.55 11.37
N PRO J 128 43.60 17.96 11.73
CA PRO J 128 44.32 17.03 10.84
C PRO J 128 43.52 15.79 10.46
N GLU J 129 42.70 15.31 11.38
CA GLU J 129 41.87 14.15 11.12
C GLU J 129 40.59 14.60 10.45
N ARG J 130 40.53 15.88 10.11
CA ARG J 130 39.46 16.43 9.28
C ARG J 130 38.10 16.32 9.95
N GLU J 131 38.08 16.02 11.23
CA GLU J 131 36.83 15.87 11.95
C GLU J 131 36.36 17.22 12.44
N VAL J 132 35.05 17.44 12.40
CA VAL J 132 34.44 18.63 12.96
C VAL J 132 34.29 18.44 14.45
N LEU J 133 34.68 19.43 15.24
CA LEU J 133 34.75 19.25 16.68
C LEU J 133 33.94 20.28 17.43
N GLU J 134 33.29 19.87 18.51
CA GLU J 134 32.60 20.83 19.34
C GLU J 134 33.09 20.70 20.76
N TRP J 135 33.19 21.82 21.47
CA TRP J 135 33.54 21.82 22.86
C TRP J 135 32.45 21.22 23.73
N ARG J 136 32.83 20.39 24.67
CA ARG J 136 31.87 19.91 25.64
C ARG J 136 32.51 19.90 27.01
N PHE J 137 31.68 20.05 28.03
CA PHE J 137 32.13 20.12 29.39
C PHE J 137 31.95 18.74 29.99
N ASP J 138 32.99 18.21 30.60
CA ASP J 138 32.88 16.94 31.31
C ASP J 138 33.40 17.06 32.72
N SER J 139 32.56 16.74 33.68
CA SER J 139 32.91 16.78 35.09
C SER J 139 33.94 15.74 35.48
N ARG J 140 33.87 14.57 34.86
CA ARG J 140 34.70 13.43 35.23
C ARG J 140 36.17 13.75 35.08
N LEU J 141 36.47 14.65 34.17
CA LEU J 141 37.84 14.98 33.83
C LEU J 141 38.62 15.54 35.00
N ALA J 142 37.91 16.15 35.95
CA ALA J 142 38.54 16.65 37.15
C ALA J 142 39.04 15.48 37.98
N PHE J 143 38.25 14.42 37.98
CA PHE J 143 38.57 13.20 38.71
C PHE J 143 39.47 12.23 37.93
N HIS J 144 39.26 12.07 36.64
CA HIS J 144 40.11 11.15 35.88
C HIS J 144 40.85 11.84 34.75
N HIS J 145 42.16 11.70 34.78
CA HIS J 145 43.00 12.26 33.76
C HIS J 145 43.07 11.34 32.58
N VAL J 146 42.06 11.39 31.72
CA VAL J 146 41.92 10.42 30.65
C VAL J 146 43.09 10.50 29.68
N ALA J 147 43.66 11.68 29.54
CA ALA J 147 44.76 11.85 28.60
C ALA J 147 45.95 10.99 28.98
N ARG J 148 46.31 10.97 30.26
CA ARG J 148 47.47 10.22 30.71
C ARG J 148 47.22 8.74 30.50
N GLU J 149 45.99 8.32 30.75
CA GLU J 149 45.60 6.94 30.57
C GLU J 149 45.72 6.52 29.11
N LEU J 150 45.24 7.38 28.21
CA LEU J 150 45.24 7.06 26.76
C LEU J 150 46.60 7.06 26.06
N HIS J 151 47.45 8.02 26.42
CA HIS J 151 48.81 8.19 25.84
C HIS J 151 49.92 8.43 26.92
N PRO J 152 50.34 7.33 27.62
CA PRO J 152 51.30 7.59 28.71
C PRO J 152 52.58 8.27 28.27
N GLU J 153 52.90 8.12 26.98
CA GLU J 153 54.10 8.69 26.41
C GLU J 153 54.12 10.20 26.56
N TYR J 154 52.96 10.83 26.54
CA TYR J 154 52.92 12.29 26.61
C TYR J 154 53.41 12.81 27.94
N PHE J 155 53.42 11.90 28.91
CA PHE J 155 53.80 12.28 30.25
C PHE J 155 54.99 11.48 30.74
N UNK K 2 3.90 -8.56 -7.32
CA UNK K 2 3.15 -9.80 -7.20
C UNK K 2 3.78 -10.85 -8.09
N UNK K 3 4.87 -10.49 -8.73
CA UNK K 3 5.53 -11.37 -9.67
C UNK K 3 6.00 -12.62 -8.96
N UNK K 4 6.75 -12.43 -7.88
CA UNK K 4 7.26 -13.54 -7.07
C UNK K 4 6.10 -14.28 -6.46
N UNK K 5 5.00 -13.58 -6.20
CA UNK K 5 3.81 -14.25 -5.73
C UNK K 5 3.27 -15.17 -6.80
N UNK K 6 3.28 -14.68 -8.04
CA UNK K 6 2.81 -15.46 -9.17
C UNK K 6 3.74 -16.64 -9.34
N UNK K 7 5.02 -16.40 -9.18
CA UNK K 7 6.02 -17.46 -9.26
C UNK K 7 5.86 -18.50 -8.16
N UNK K 8 5.61 -18.03 -6.93
CA UNK K 8 5.53 -18.95 -5.82
C UNK K 8 4.31 -19.84 -5.99
N UNK K 9 3.26 -19.31 -6.61
CA UNK K 9 2.08 -20.11 -6.86
C UNK K 9 2.33 -21.28 -7.80
N UNK K 10 3.02 -21.05 -8.90
CA UNK K 10 3.32 -22.12 -9.85
C UNK K 10 4.20 -23.17 -9.21
N UNK K 11 5.19 -22.73 -8.47
CA UNK K 11 6.11 -23.63 -7.79
C UNK K 11 5.39 -24.49 -6.77
N UNK K 12 4.45 -23.91 -6.05
CA UNK K 12 3.76 -24.66 -5.01
C UNK K 12 2.63 -25.48 -5.60
N UNK K 13 2.95 -26.16 -6.69
CA UNK K 13 2.16 -27.25 -7.23
C UNK K 13 3.20 -28.27 -7.71
N UNK K 14 2.85 -29.55 -7.66
CA UNK K 14 3.77 -30.67 -7.95
C UNK K 14 4.83 -30.39 -9.03
N GLN K 25 9.81 -27.83 -20.70
CA GLN K 25 8.38 -28.14 -20.78
C GLN K 25 7.74 -27.47 -21.99
N VAL K 26 8.04 -26.20 -22.13
CA VAL K 26 7.53 -25.38 -23.21
C VAL K 26 8.67 -25.41 -24.21
N PRO K 27 8.37 -25.29 -25.50
CA PRO K 27 9.47 -25.41 -26.45
C PRO K 27 10.58 -24.40 -26.20
N LEU K 28 11.80 -24.80 -26.51
CA LEU K 28 12.95 -23.98 -26.21
C LEU K 28 12.98 -22.66 -26.99
N ARG K 29 13.39 -21.60 -26.32
CA ARG K 29 13.61 -20.32 -26.98
C ARG K 29 14.91 -19.73 -26.47
N PRO K 30 15.70 -19.18 -27.38
CA PRO K 30 16.95 -18.51 -27.08
C PRO K 30 16.69 -17.15 -26.49
N MET K 31 17.66 -16.58 -25.80
CA MET K 31 17.45 -15.26 -25.22
C MET K 31 18.00 -14.14 -26.10
N THR K 32 17.12 -13.24 -26.49
CA THR K 32 17.47 -12.15 -27.39
C THR K 32 16.99 -10.85 -26.80
N TYR K 33 17.40 -9.74 -27.41
CA TYR K 33 17.04 -8.43 -26.89
C TYR K 33 15.54 -8.26 -26.86
N LYS K 34 14.86 -8.66 -27.91
CA LYS K 34 13.42 -8.53 -27.95
C LYS K 34 12.81 -9.34 -26.83
N ALA K 35 13.35 -10.54 -26.62
CA ALA K 35 12.83 -11.45 -25.61
C ALA K 35 12.94 -10.85 -24.23
N ALA K 36 14.09 -10.26 -23.94
CA ALA K 36 14.36 -9.66 -22.65
C ALA K 36 13.47 -8.45 -22.38
N VAL K 37 13.29 -7.59 -23.38
CA VAL K 37 12.46 -6.43 -23.18
C VAL K 37 10.99 -6.81 -22.97
N ASP K 38 10.50 -7.75 -23.76
CA ASP K 38 9.14 -8.19 -23.62
C ASP K 38 8.95 -8.85 -22.25
N LEU K 39 9.96 -9.59 -21.82
CA LEU K 39 9.89 -10.25 -20.53
C LEU K 39 9.75 -9.27 -19.40
N SER K 40 10.47 -8.17 -19.47
CA SER K 40 10.46 -7.21 -18.39
C SER K 40 9.06 -6.72 -18.14
N HIS K 41 8.38 -6.37 -19.21
CA HIS K 41 7.04 -5.87 -19.10
C HIS K 41 6.07 -6.94 -18.63
N PHE K 42 6.30 -8.18 -19.06
CA PHE K 42 5.47 -9.28 -18.59
C PHE K 42 5.59 -9.35 -17.08
N LEU K 43 6.79 -9.14 -16.59
CA LEU K 43 7.04 -9.10 -15.16
C LEU K 43 6.34 -7.92 -14.54
N LYS K 44 6.27 -6.82 -15.29
CA LYS K 44 5.55 -5.66 -14.81
C LYS K 44 4.04 -5.93 -14.79
N GLU K 45 3.54 -6.72 -15.73
CA GLU K 45 2.11 -6.99 -15.75
C GLU K 45 1.71 -7.78 -14.53
N LYS K 46 2.48 -8.79 -14.17
CA LYS K 46 2.19 -9.54 -12.95
C LYS K 46 2.78 -8.71 -11.81
N GLY K 47 3.11 -7.47 -12.15
CA GLY K 47 3.81 -6.53 -11.29
C GLY K 47 3.58 -6.56 -9.81
N GLY K 48 4.68 -6.41 -9.09
CA GLY K 48 5.93 -6.18 -9.77
C GLY K 48 7.09 -6.58 -8.89
N LEU K 49 8.24 -6.76 -9.52
CA LEU K 49 9.46 -7.01 -8.79
C LEU K 49 9.93 -5.77 -8.07
N GLU K 50 9.45 -4.62 -8.50
CA GLU K 50 9.90 -3.36 -7.93
C GLU K 50 9.80 -3.39 -6.44
N GLY K 51 10.91 -3.08 -5.77
CA GLY K 51 10.94 -3.02 -4.33
C GLY K 51 11.25 -4.30 -3.61
N LEU K 52 11.08 -5.43 -4.29
CA LEU K 52 11.30 -6.72 -3.67
C LEU K 52 12.74 -7.00 -3.29
N ILE K 53 12.96 -7.47 -2.07
CA ILE K 53 14.30 -7.79 -1.59
C ILE K 53 14.84 -9.04 -2.26
N HIS K 54 16.10 -8.99 -2.64
CA HIS K 54 16.68 -10.11 -3.37
C HIS K 54 17.23 -11.18 -2.46
N SER K 55 16.93 -12.41 -2.82
CA SER K 55 17.48 -13.55 -2.16
C SER K 55 17.78 -14.57 -3.23
N GLN K 56 18.78 -15.42 -3.03
CA GLN K 56 19.17 -16.35 -4.07
C GLN K 56 18.03 -17.32 -4.38
N ARG K 57 17.31 -17.74 -3.37
CA ARG K 57 16.16 -18.60 -3.57
C ARG K 57 15.07 -17.93 -4.39
N ARG K 58 14.84 -16.64 -4.15
CA ARG K 58 13.80 -15.93 -4.87
C ARG K 58 14.08 -15.88 -6.35
N GLN K 59 15.30 -15.52 -6.72
CA GLN K 59 15.65 -15.43 -8.12
C GLN K 59 15.53 -16.79 -8.76
N ASP K 60 15.90 -17.82 -8.02
CA ASP K 60 15.86 -19.18 -8.52
C ASP K 60 14.43 -19.56 -8.89
N ILE K 61 13.50 -19.25 -8.01
CA ILE K 61 12.09 -19.56 -8.24
C ILE K 61 11.58 -18.83 -9.45
N LEU K 62 11.94 -17.58 -9.55
CA LEU K 62 11.48 -16.74 -10.63
C LEU K 62 11.96 -17.32 -11.94
N ASP K 63 13.22 -17.72 -11.94
CA ASP K 63 13.87 -18.24 -13.11
C ASP K 63 13.22 -19.54 -13.58
N LEU K 64 12.89 -20.41 -12.65
CA LEU K 64 12.20 -21.65 -13.00
C LEU K 64 10.82 -21.34 -13.55
N TRP K 65 10.14 -20.42 -12.90
CA TRP K 65 8.81 -20.06 -13.31
C TRP K 65 8.86 -19.56 -14.72
N ILE K 66 9.88 -18.76 -15.00
CA ILE K 66 10.10 -18.29 -16.34
C ILE K 66 10.42 -19.43 -17.29
N TYR K 67 11.27 -20.33 -16.85
CA TYR K 67 11.73 -21.43 -17.67
C TYR K 67 10.59 -22.33 -18.11
N HIS K 68 9.74 -22.70 -17.17
CA HIS K 68 8.63 -23.58 -17.47
C HIS K 68 7.50 -22.87 -18.21
N THR K 69 7.16 -21.67 -17.75
CA THR K 69 6.09 -20.92 -18.38
C THR K 69 6.48 -20.32 -19.71
N GLN K 70 7.67 -19.72 -19.77
CA GLN K 70 8.05 -18.95 -20.94
C GLN K 70 9.16 -19.60 -21.78
N GLY K 71 9.66 -20.75 -21.34
CA GLY K 71 10.69 -21.43 -22.09
C GLY K 71 12.00 -20.72 -22.32
N TYR K 72 12.49 -20.01 -21.31
CA TYR K 72 13.82 -19.40 -21.38
C TYR K 72 14.76 -20.10 -20.42
N PHE K 73 15.86 -20.62 -20.94
CA PHE K 73 16.79 -21.36 -20.09
C PHE K 73 17.34 -20.38 -19.06
N PRO K 74 17.33 -20.76 -17.78
CA PRO K 74 17.67 -19.84 -16.70
C PRO K 74 19.15 -19.57 -16.51
N ASP K 75 19.80 -19.01 -17.52
CA ASP K 75 21.18 -18.61 -17.38
C ASP K 75 21.34 -17.12 -17.55
N TRP K 76 20.35 -16.50 -18.17
CA TRP K 76 20.41 -15.08 -18.50
C TRP K 76 20.44 -14.12 -17.30
N GLN K 77 19.78 -14.43 -16.20
CA GLN K 77 19.70 -13.41 -15.17
C GLN K 77 20.97 -13.33 -14.35
N ASN K 78 21.95 -12.61 -14.85
CA ASN K 78 23.18 -12.42 -14.13
C ASN K 78 23.43 -10.95 -14.03
N TYR K 79 24.14 -10.55 -12.99
CA TYR K 79 24.35 -9.13 -12.75
C TYR K 79 25.82 -8.86 -12.50
N THR K 80 26.22 -7.61 -12.68
CA THR K 80 27.60 -7.25 -12.46
C THR K 80 27.92 -7.38 -10.98
N PRO K 81 29.20 -7.55 -10.65
CA PRO K 81 29.60 -7.68 -9.25
C PRO K 81 29.45 -6.39 -8.49
N GLY K 82 29.35 -6.50 -7.18
CA GLY K 82 29.29 -5.37 -6.28
C GLY K 82 30.66 -4.85 -5.98
N PRO K 83 30.76 -3.92 -5.02
CA PRO K 83 29.62 -3.40 -4.29
C PRO K 83 28.82 -2.37 -5.07
N GLY K 84 27.67 -2.00 -4.55
CA GLY K 84 26.84 -1.01 -5.22
C GLY K 84 25.86 -1.64 -6.16
N VAL K 85 25.28 -0.82 -7.01
CA VAL K 85 24.23 -1.25 -7.91
C VAL K 85 24.74 -2.35 -8.82
N ARG K 86 23.90 -3.35 -9.08
CA ARG K 86 24.27 -4.45 -9.95
C ARG K 86 23.46 -4.34 -11.23
N TYR K 87 24.13 -4.34 -12.37
CA TYR K 87 23.50 -4.11 -13.65
C TYR K 87 23.37 -5.44 -14.40
N PRO K 88 22.30 -5.63 -15.15
CA PRO K 88 22.04 -6.88 -15.86
C PRO K 88 23.00 -7.11 -17.00
N LEU K 89 23.53 -8.31 -17.12
CA LEU K 89 24.39 -8.61 -18.25
C LEU K 89 23.54 -8.67 -19.51
N THR K 90 22.35 -9.22 -19.39
CA THR K 90 21.47 -9.39 -20.54
C THR K 90 20.89 -8.07 -20.97
N PHE K 91 21.10 -7.71 -22.23
CA PHE K 91 20.60 -6.43 -22.73
C PHE K 91 19.12 -6.47 -22.95
N GLY K 92 18.43 -5.43 -22.54
CA GLY K 92 17.00 -5.37 -22.67
C GLY K 92 16.27 -5.95 -21.48
N TRP K 93 17.03 -6.34 -20.47
CA TRP K 93 16.45 -6.73 -19.21
C TRP K 93 16.45 -5.49 -18.35
N CYS K 94 15.28 -5.05 -17.91
CA CYS K 94 15.15 -3.71 -17.37
C CYS K 94 15.12 -3.62 -15.85
N TYR K 95 15.62 -4.65 -15.18
CA TYR K 95 15.65 -4.68 -13.73
C TYR K 95 17.08 -4.71 -13.24
N LYS K 96 17.47 -3.78 -12.39
CA LYS K 96 18.80 -3.81 -11.81
C LYS K 96 18.66 -4.15 -10.34
N LEU K 97 19.69 -4.69 -9.72
CA LEU K 97 19.67 -4.87 -8.29
C LEU K 97 20.28 -3.67 -7.58
N VAL K 98 19.57 -3.06 -6.66
CA VAL K 98 20.08 -1.90 -5.94
C VAL K 98 20.23 -2.16 -4.45
N PRO K 99 21.35 -1.75 -3.85
CA PRO K 99 21.57 -1.97 -2.43
C PRO K 99 20.68 -1.16 -1.55
N VAL K 100 20.14 -1.78 -0.52
CA VAL K 100 19.30 -1.09 0.43
C VAL K 100 20.14 -0.38 1.49
N GLU K 101 19.74 0.83 1.84
CA GLU K 101 20.48 1.60 2.83
C GLU K 101 20.34 0.86 4.14
N PRO K 102 21.39 0.87 4.97
CA PRO K 102 21.40 0.09 6.22
C PRO K 102 20.34 0.46 7.24
N ASP K 103 20.07 1.74 7.45
CA ASP K 103 19.09 2.09 8.46
C ASP K 103 17.72 1.52 8.15
N LYS K 104 17.36 1.45 6.88
CA LYS K 104 16.09 0.84 6.51
C LYS K 104 16.06 -0.64 6.79
N VAL K 105 17.20 -1.30 6.59
CA VAL K 105 17.29 -2.73 6.85
C VAL K 105 17.07 -3.02 8.31
N GLU K 106 17.66 -2.21 9.17
CA GLU K 106 17.49 -2.42 10.60
C GLU K 106 16.04 -2.27 11.04
N GLU K 107 15.34 -1.29 10.48
CA GLU K 107 13.94 -1.11 10.81
C GLU K 107 13.15 -2.31 10.38
N ALA K 108 13.52 -2.90 9.25
CA ALA K 108 12.81 -4.07 8.76
C ALA K 108 12.97 -5.23 9.72
N ASN K 109 14.16 -5.34 10.30
CA ASN K 109 14.50 -6.43 11.18
C ASN K 109 14.12 -6.16 12.61
N LYS K 110 13.54 -5.00 12.84
CA LYS K 110 13.01 -4.64 14.14
C LYS K 110 11.84 -5.58 14.36
N GLY K 111 11.63 -5.98 15.61
CA GLY K 111 10.54 -6.87 15.90
C GLY K 111 11.00 -8.31 16.05
N GLU K 112 10.28 -9.05 16.88
CA GLU K 112 10.64 -10.40 17.23
C GLU K 112 9.81 -11.43 16.48
N ASN K 113 8.94 -10.97 15.58
CA ASN K 113 8.12 -11.89 14.81
C ASN K 113 8.52 -12.01 13.36
N THR K 114 9.52 -11.27 12.96
CA THR K 114 10.00 -11.38 11.59
C THR K 114 10.73 -12.69 11.43
N SER K 115 10.43 -13.41 10.35
CA SER K 115 10.98 -14.74 10.16
C SER K 115 12.49 -14.70 10.02
N LEU K 116 13.15 -15.71 10.54
CA LEU K 116 14.59 -15.75 10.48
C LEU K 116 15.11 -15.92 9.06
N LEU K 117 14.41 -16.66 8.22
CA LEU K 117 14.91 -16.97 6.90
C LEU K 117 14.28 -16.13 5.81
N HIS K 118 13.58 -15.07 6.18
CA HIS K 118 13.01 -14.15 5.21
C HIS K 118 14.15 -13.41 4.53
N PRO K 119 14.00 -13.09 3.25
CA PRO K 119 15.11 -12.53 2.50
C PRO K 119 15.74 -11.29 3.11
N VAL K 120 14.96 -10.40 3.67
CA VAL K 120 15.54 -9.24 4.30
C VAL K 120 16.32 -9.64 5.53
N SER K 121 15.92 -10.74 6.16
CA SER K 121 16.56 -11.22 7.38
C SER K 121 17.94 -11.84 7.17
N LEU K 122 18.25 -12.24 5.96
CA LEU K 122 19.53 -12.86 5.68
C LEU K 122 20.70 -11.90 5.77
N HIS K 123 20.43 -10.62 5.66
CA HIS K 123 21.47 -9.59 5.73
C HIS K 123 22.51 -9.79 4.66
N GLY K 124 22.05 -10.14 3.47
CA GLY K 124 22.92 -10.29 2.33
C GLY K 124 23.90 -11.44 2.38
N MET K 125 23.50 -12.54 3.00
CA MET K 125 24.35 -13.71 3.03
C MET K 125 24.49 -14.27 1.62
N ASP K 126 23.44 -14.17 0.82
CA ASP K 126 23.48 -14.65 -0.55
C ASP K 126 24.43 -13.84 -1.42
N ASP K 127 24.66 -12.59 -1.04
CA ASP K 127 25.54 -11.72 -1.79
C ASP K 127 27.00 -11.85 -1.39
N PRO K 128 27.90 -12.03 -2.36
CA PRO K 128 29.32 -12.07 -2.10
C PRO K 128 29.86 -10.82 -1.45
N GLU K 129 29.30 -9.65 -1.78
CA GLU K 129 29.73 -8.41 -1.15
C GLU K 129 28.88 -8.16 0.10
N ARG K 130 28.03 -9.11 0.42
CA ARG K 130 27.26 -9.12 1.67
C ARG K 130 26.30 -7.95 1.77
N GLU K 131 25.93 -7.38 0.62
CA GLU K 131 25.01 -6.25 0.55
C GLU K 131 23.56 -6.69 0.45
N VAL K 132 22.65 -5.97 1.10
CA VAL K 132 21.24 -6.25 0.93
C VAL K 132 20.73 -5.61 -0.34
N LEU K 133 20.01 -6.36 -1.15
CA LEU K 133 19.63 -5.87 -2.46
C LEU K 133 18.15 -5.90 -2.67
N GLU K 134 17.64 -4.91 -3.40
CA GLU K 134 16.25 -4.89 -3.80
C GLU K 134 16.17 -4.76 -5.30
N TRP K 135 15.20 -5.40 -5.91
CA TRP K 135 14.94 -5.25 -7.32
C TRP K 135 14.42 -3.88 -7.61
N ARG K 136 14.92 -3.27 -8.67
CA ARG K 136 14.41 -1.99 -9.14
C ARG K 136 14.30 -2.00 -10.64
N PHE K 137 13.34 -1.26 -11.17
CA PHE K 137 13.10 -1.19 -12.61
C PHE K 137 13.76 0.07 -13.10
N ASP K 138 14.54 -0.04 -14.17
CA ASP K 138 15.12 1.13 -14.79
C ASP K 138 14.73 1.07 -16.23
N SER K 139 14.05 2.10 -16.72
CA SER K 139 13.66 2.13 -18.11
C SER K 139 14.87 2.26 -19.01
N ARG K 140 15.86 3.02 -18.54
CA ARG K 140 17.03 3.36 -19.34
C ARG K 140 17.80 2.15 -19.82
N LEU K 141 17.76 1.08 -19.05
CA LEU K 141 18.53 -0.11 -19.32
C LEU K 141 18.17 -0.70 -20.67
N ALA K 142 16.97 -0.40 -21.14
CA ALA K 142 16.50 -0.86 -22.44
C ALA K 142 17.27 -0.23 -23.59
N PHE K 143 17.56 1.05 -23.47
CA PHE K 143 18.27 1.79 -24.50
C PHE K 143 19.78 1.68 -24.43
N HIS K 144 20.32 1.67 -23.23
CA HIS K 144 21.77 1.58 -23.06
C HIS K 144 22.21 0.35 -22.27
N HIS K 145 23.14 -0.38 -22.85
CA HIS K 145 23.67 -1.59 -22.26
C HIS K 145 24.75 -1.26 -21.25
N VAL K 146 24.33 -0.86 -20.05
CA VAL K 146 25.23 -0.33 -19.04
C VAL K 146 26.29 -1.30 -18.56
N ALA K 147 25.94 -2.57 -18.46
CA ALA K 147 26.87 -3.54 -17.96
C ALA K 147 28.08 -3.58 -18.85
N ARG K 148 27.85 -3.58 -20.16
CA ARG K 148 28.94 -3.66 -21.12
C ARG K 148 29.82 -2.45 -21.00
N GLU K 149 29.23 -1.29 -20.72
CA GLU K 149 30.05 -0.11 -20.55
C GLU K 149 30.97 -0.21 -19.35
N LEU K 150 30.42 -0.63 -18.22
CA LEU K 150 31.19 -0.72 -16.98
C LEU K 150 32.15 -1.89 -16.92
N HIS K 151 31.76 -3.03 -17.47
CA HIS K 151 32.62 -4.20 -17.40
C HIS K 151 32.71 -4.86 -18.76
N PRO K 152 33.48 -4.26 -19.67
CA PRO K 152 33.61 -4.76 -21.04
C PRO K 152 34.16 -6.16 -21.11
N GLU K 153 34.90 -6.57 -20.08
CA GLU K 153 35.55 -7.87 -20.09
C GLU K 153 34.56 -9.01 -20.27
N TYR K 154 33.36 -8.85 -19.72
CA TYR K 154 32.36 -9.89 -19.83
C TYR K 154 31.91 -10.09 -21.25
N PHE K 155 32.23 -9.12 -22.10
CA PHE K 155 31.79 -9.20 -23.49
C PHE K 155 32.97 -9.19 -24.46
N UNK L 8 4.69 -14.80 0.87
CA UNK L 8 3.88 -14.90 2.09
C UNK L 8 2.48 -15.41 1.82
N UNK L 9 1.76 -15.75 2.89
CA UNK L 9 0.43 -16.38 2.80
C UNK L 9 -0.57 -15.61 1.95
N UNK L 10 -0.37 -14.30 1.81
CA UNK L 10 -1.26 -13.50 1.00
C UNK L 10 -1.16 -13.96 -0.44
N UNK L 11 0.00 -14.42 -0.84
CA UNK L 11 0.17 -15.01 -2.16
C UNK L 11 -0.59 -16.33 -2.24
N UNK L 12 -0.56 -17.11 -1.15
CA UNK L 12 -1.25 -18.40 -1.09
C UNK L 12 -2.76 -18.27 -1.22
N UNK L 13 -3.32 -17.28 -0.53
CA UNK L 13 -4.73 -17.02 -0.68
C UNK L 13 -4.98 -16.51 -2.09
N UNK L 14 -4.14 -15.57 -2.54
CA UNK L 14 -4.30 -14.98 -3.87
C UNK L 14 -3.93 -15.98 -4.94
N PRO L 24 -18.18 -22.03 2.22
CA PRO L 24 -18.98 -22.53 1.11
C PRO L 24 -18.59 -23.94 0.74
N GLN L 25 -17.35 -24.17 0.32
CA GLN L 25 -16.93 -25.53 0.02
C GLN L 25 -17.06 -26.31 1.34
N VAL L 26 -16.62 -25.69 2.43
CA VAL L 26 -16.65 -26.29 3.76
C VAL L 26 -17.78 -25.80 4.67
N PRO L 27 -18.30 -26.69 5.54
CA PRO L 27 -19.37 -26.41 6.50
C PRO L 27 -19.06 -25.31 7.50
N LEU L 28 -20.07 -24.61 7.97
CA LEU L 28 -19.88 -23.48 8.89
C LEU L 28 -19.34 -23.88 10.25
N ARG L 29 -18.47 -23.05 10.81
CA ARG L 29 -17.96 -23.27 12.13
C ARG L 29 -17.95 -21.96 12.89
N PRO L 30 -18.24 -21.98 14.20
CA PRO L 30 -18.28 -20.78 15.02
C PRO L 30 -16.90 -20.26 15.31
N MET L 31 -16.79 -18.99 15.63
CA MET L 31 -15.51 -18.42 15.96
C MET L 31 -15.38 -18.40 17.45
N THR L 32 -14.37 -19.07 17.95
CA THR L 32 -14.21 -19.20 19.38
C THR L 32 -12.80 -18.80 19.71
N TYR L 33 -12.52 -18.66 21.00
CA TYR L 33 -11.21 -18.25 21.40
C TYR L 33 -10.23 -19.27 20.85
N LYS L 34 -10.56 -20.54 20.97
CA LYS L 34 -9.72 -21.59 20.42
C LYS L 34 -9.64 -21.46 18.92
N ALA L 35 -10.74 -21.13 18.29
CA ALA L 35 -10.74 -21.01 16.84
C ALA L 35 -9.83 -19.89 16.40
N ALA L 36 -9.92 -18.77 17.06
CA ALA L 36 -9.10 -17.61 16.73
C ALA L 36 -7.62 -17.82 17.03
N VAL L 37 -7.32 -18.46 18.15
CA VAL L 37 -5.93 -18.66 18.51
C VAL L 37 -5.26 -19.63 17.57
N ASP L 38 -5.95 -20.71 17.25
CA ASP L 38 -5.40 -21.68 16.35
C ASP L 38 -5.22 -21.05 14.99
N LEU L 39 -6.19 -20.25 14.59
CA LEU L 39 -6.16 -19.60 13.28
C LEU L 39 -4.99 -18.66 13.17
N SER L 40 -4.74 -17.89 14.23
CA SER L 40 -3.64 -16.95 14.23
C SER L 40 -2.35 -17.70 13.94
N HIS L 41 -2.14 -18.78 14.66
CA HIS L 41 -0.94 -19.56 14.47
C HIS L 41 -0.90 -20.27 13.16
N PHE L 42 -2.05 -20.70 12.68
CA PHE L 42 -2.10 -21.38 11.41
C PHE L 42 -1.58 -20.46 10.31
N LEU L 43 -1.98 -19.19 10.32
CA LEU L 43 -1.46 -18.22 9.38
C LEU L 43 0.01 -17.89 9.58
N LYS L 44 0.46 -17.82 10.83
CA LYS L 44 1.87 -17.55 11.07
C LYS L 44 2.75 -18.69 10.58
N GLU L 45 2.29 -19.90 10.80
CA GLU L 45 3.04 -21.06 10.36
C GLU L 45 3.10 -21.10 8.87
N LYS L 46 2.05 -20.66 8.22
CA LYS L 46 2.13 -20.66 6.78
C LYS L 46 2.92 -19.50 6.27
N GLY L 47 3.60 -18.79 7.16
CA GLY L 47 4.37 -17.63 6.76
C GLY L 47 3.45 -16.48 6.47
N GLY L 48 3.83 -15.25 6.77
CA GLY L 48 3.03 -14.17 6.24
C GLY L 48 2.20 -13.44 7.25
N LEU L 49 1.68 -12.33 6.76
CA LEU L 49 0.75 -11.43 7.43
C LEU L 49 1.58 -10.43 8.19
N GLU L 50 2.53 -10.90 8.97
CA GLU L 50 3.33 -9.97 9.73
C GLU L 50 4.11 -9.02 8.85
N GLY L 51 3.91 -7.73 9.09
CA GLY L 51 4.60 -6.72 8.34
C GLY L 51 3.88 -6.28 7.09
N LEU L 52 2.90 -7.06 6.66
CA LEU L 52 2.15 -6.82 5.44
C LEU L 52 1.25 -5.59 5.52
N ILE L 53 1.29 -4.74 4.50
CA ILE L 53 0.43 -3.55 4.48
C ILE L 53 -1.05 -3.84 4.28
N HIS L 54 -1.89 -3.21 5.08
CA HIS L 54 -3.31 -3.50 5.06
C HIS L 54 -4.09 -2.75 4.00
N SER L 55 -4.92 -3.50 3.30
CA SER L 55 -5.84 -2.94 2.35
C SER L 55 -7.10 -3.74 2.48
N GLN L 56 -8.24 -3.13 2.19
CA GLN L 56 -9.51 -3.81 2.34
C GLN L 56 -9.60 -4.99 1.40
N ARG L 57 -9.05 -4.84 0.21
CA ARG L 57 -9.12 -5.93 -0.74
C ARG L 57 -8.37 -7.13 -0.21
N ARG L 58 -7.23 -6.89 0.41
CA ARG L 58 -6.41 -7.97 0.94
C ARG L 58 -7.15 -8.73 2.01
N GLN L 59 -7.69 -8.00 2.97
CA GLN L 59 -8.42 -8.64 4.04
C GLN L 59 -9.65 -9.34 3.51
N ASP L 60 -10.28 -8.76 2.50
CA ASP L 60 -11.44 -9.40 1.91
C ASP L 60 -11.00 -10.73 1.33
N ILE L 61 -9.87 -10.73 0.64
CA ILE L 61 -9.33 -11.96 0.07
C ILE L 61 -9.02 -12.97 1.16
N LEU L 62 -8.42 -12.49 2.24
CA LEU L 62 -8.10 -13.34 3.37
C LEU L 62 -9.33 -13.89 4.07
N ASP L 63 -10.30 -13.02 4.33
CA ASP L 63 -11.49 -13.38 5.05
C ASP L 63 -12.24 -14.45 4.29
N LEU L 64 -12.28 -14.29 2.99
CA LEU L 64 -12.95 -15.25 2.14
C LEU L 64 -12.29 -16.61 2.16
N TRP L 65 -10.97 -16.65 2.09
CA TRP L 65 -10.27 -17.92 2.03
C TRP L 65 -10.53 -18.69 3.31
N ILE L 66 -10.44 -18.00 4.44
CA ILE L 66 -10.69 -18.62 5.73
C ILE L 66 -12.11 -19.13 5.72
N TYR L 67 -12.99 -18.32 5.16
CA TYR L 67 -14.39 -18.64 5.08
C TYR L 67 -14.67 -19.85 4.22
N HIS L 68 -14.05 -19.92 3.05
CA HIS L 68 -14.31 -21.07 2.18
C HIS L 68 -13.64 -22.33 2.64
N THR L 69 -12.39 -22.24 3.04
CA THR L 69 -11.68 -23.42 3.46
C THR L 69 -12.09 -23.87 4.84
N GLN L 70 -12.21 -22.93 5.76
CA GLN L 70 -12.38 -23.28 7.15
C GLN L 70 -13.73 -22.94 7.75
N GLY L 71 -14.63 -22.42 6.92
CA GLY L 71 -16.00 -22.15 7.34
C GLY L 71 -16.22 -21.18 8.47
N TYR L 72 -15.45 -20.11 8.52
CA TYR L 72 -15.70 -19.08 9.49
C TYR L 72 -16.27 -17.88 8.77
N PHE L 73 -17.48 -17.48 9.12
CA PHE L 73 -18.17 -16.45 8.37
C PHE L 73 -17.40 -15.15 8.51
N PRO L 74 -17.21 -14.43 7.41
CA PRO L 74 -16.31 -13.28 7.44
C PRO L 74 -16.86 -12.11 8.19
N ASP L 75 -17.19 -12.28 9.46
CA ASP L 75 -17.66 -11.19 10.29
C ASP L 75 -16.76 -10.95 11.48
N TRP L 76 -15.98 -11.98 11.80
CA TRP L 76 -15.16 -11.98 12.99
C TRP L 76 -14.03 -10.95 13.02
N GLN L 77 -13.39 -10.71 11.89
CA GLN L 77 -12.20 -9.88 11.89
C GLN L 77 -12.47 -8.38 11.87
N ASN L 78 -12.69 -7.80 13.05
CA ASN L 78 -12.93 -6.38 13.19
C ASN L 78 -11.96 -5.78 14.18
N TYR L 79 -11.66 -4.50 14.03
CA TYR L 79 -10.67 -3.86 14.85
C TYR L 79 -11.18 -2.56 15.47
N THR L 80 -10.54 -2.10 16.55
CA THR L 80 -10.97 -0.87 17.18
C THR L 80 -10.66 0.27 16.25
N PRO L 81 -11.38 1.40 16.38
CA PRO L 81 -11.15 2.56 15.52
C PRO L 81 -9.84 3.23 15.79
N GLY L 82 -9.35 3.94 14.79
CA GLY L 82 -8.14 4.71 14.91
C GLY L 82 -8.37 6.07 15.53
N PRO L 83 -7.33 6.90 15.57
CA PRO L 83 -6.02 6.52 15.05
C PRO L 83 -5.26 5.66 16.03
N GLY L 84 -4.10 5.18 15.60
CA GLY L 84 -3.27 4.34 16.43
C GLY L 84 -3.56 2.88 16.17
N VAL L 85 -3.02 2.02 17.03
CA VAL L 85 -3.11 0.61 16.85
C VAL L 85 -4.55 0.21 16.89
N ARG L 86 -4.96 -0.71 16.03
CA ARG L 86 -6.33 -1.13 15.96
C ARG L 86 -6.36 -2.53 16.52
N TYR L 87 -7.18 -2.78 17.53
CA TYR L 87 -7.13 -4.05 18.24
C TYR L 87 -8.29 -4.94 17.84
N PRO L 88 -8.05 -6.25 17.72
CA PRO L 88 -9.07 -7.19 17.28
C PRO L 88 -10.20 -7.39 18.28
N LEU L 89 -11.44 -7.39 17.82
CA LEU L 89 -12.58 -7.67 18.69
C LEU L 89 -12.64 -9.13 19.11
N THR L 90 -12.32 -10.02 18.20
CA THR L 90 -12.39 -11.42 18.52
C THR L 90 -11.23 -11.81 19.41
N PHE L 91 -11.53 -12.36 20.58
CA PHE L 91 -10.49 -12.68 21.53
C PHE L 91 -9.72 -13.86 21.01
N GLY L 92 -8.41 -13.83 21.15
CA GLY L 92 -7.60 -14.91 20.67
C GLY L 92 -7.18 -14.74 19.24
N TRP L 93 -7.50 -13.61 18.66
CA TRP L 93 -6.94 -13.28 17.37
C TRP L 93 -5.72 -12.44 17.65
N CYS L 94 -4.55 -12.88 17.20
CA CYS L 94 -3.32 -12.29 17.69
C CYS L 94 -2.71 -11.28 16.77
N TYR L 95 -3.51 -10.72 15.88
CA TYR L 95 -2.98 -9.76 14.93
C TYR L 95 -3.58 -8.41 15.10
N LYS L 96 -2.77 -7.41 15.41
CA LYS L 96 -3.24 -6.06 15.49
C LYS L 96 -2.75 -5.27 14.31
N LEU L 97 -3.49 -4.25 13.87
CA LEU L 97 -3.02 -3.33 12.83
C LEU L 97 -2.37 -2.10 13.42
N VAL L 98 -1.13 -1.79 13.08
CA VAL L 98 -0.49 -0.59 13.60
C VAL L 98 -0.13 0.40 12.49
N PRO L 99 -0.29 1.70 12.76
CA PRO L 99 0.01 2.73 11.77
C PRO L 99 1.47 2.82 11.40
N VAL L 100 1.75 2.98 10.12
CA VAL L 100 3.11 3.17 9.64
C VAL L 100 3.50 4.63 9.80
N GLU L 101 4.72 4.88 10.24
CA GLU L 101 5.17 6.25 10.41
C GLU L 101 5.23 6.96 9.08
N PRO L 102 4.98 8.27 9.08
CA PRO L 102 4.85 8.98 7.81
C PRO L 102 6.09 8.88 6.94
N ASP L 103 7.24 9.01 7.56
CA ASP L 103 8.51 9.00 6.85
C ASP L 103 8.74 7.66 6.19
N LYS L 104 8.27 6.60 6.84
CA LYS L 104 8.35 5.27 6.27
C LYS L 104 7.44 5.13 5.05
N VAL L 105 6.28 5.75 5.10
CA VAL L 105 5.35 5.69 3.97
C VAL L 105 5.91 6.40 2.76
N GLU L 106 6.47 7.57 2.99
CA GLU L 106 7.04 8.40 1.93
C GLU L 106 8.24 7.75 1.25
N GLU L 107 9.10 7.11 2.02
CA GLU L 107 10.28 6.49 1.47
C GLU L 107 9.83 5.32 0.61
N ALA L 108 8.79 4.61 1.05
CA ALA L 108 8.25 3.49 0.29
C ALA L 108 7.64 3.93 -1.03
N ASN L 109 7.01 5.10 -1.04
CA ASN L 109 6.37 5.63 -2.23
C ASN L 109 7.30 6.37 -3.14
N LYS L 110 8.56 6.45 -2.74
CA LYS L 110 9.54 7.12 -3.56
C LYS L 110 9.77 6.32 -4.83
N GLY L 111 10.07 6.99 -5.93
CA GLY L 111 10.26 6.32 -7.19
C GLY L 111 9.07 6.43 -8.10
N GLU L 112 9.33 6.35 -9.41
CA GLU L 112 8.31 6.55 -10.43
C GLU L 112 7.82 5.23 -10.97
N ASN L 113 8.29 4.13 -10.40
CA ASN L 113 7.91 2.78 -10.83
C ASN L 113 7.00 2.03 -9.88
N THR L 114 6.65 2.67 -8.78
CA THR L 114 5.74 2.07 -7.83
C THR L 114 4.32 2.07 -8.37
N SER L 115 3.63 0.95 -8.21
CA SER L 115 2.28 0.82 -8.75
C SER L 115 1.34 1.79 -8.10
N LEU L 116 0.42 2.35 -8.89
CA LEU L 116 -0.55 3.30 -8.39
C LEU L 116 -1.54 2.70 -7.43
N LEU L 117 -1.90 1.45 -7.68
CA LEU L 117 -2.93 0.81 -6.90
C LEU L 117 -2.37 -0.18 -5.89
N HIS L 118 -1.07 -0.18 -5.66
CA HIS L 118 -0.52 -1.03 -4.62
C HIS L 118 -0.97 -0.50 -3.26
N PRO L 119 -1.13 -1.39 -2.26
CA PRO L 119 -1.66 -1.00 -0.96
C PRO L 119 -0.91 0.11 -0.25
N VAL L 120 0.41 0.16 -0.34
CA VAL L 120 1.15 1.25 0.27
C VAL L 120 0.91 2.58 -0.43
N SER L 121 0.65 2.53 -1.74
CA SER L 121 0.39 3.72 -2.51
C SER L 121 -0.97 4.36 -2.25
N LEU L 122 -1.92 3.59 -1.75
CA LEU L 122 -3.28 4.05 -1.50
C LEU L 122 -3.40 5.02 -0.34
N HIS L 123 -2.39 5.00 0.51
CA HIS L 123 -2.31 5.92 1.63
C HIS L 123 -3.49 5.82 2.56
N GLY L 124 -3.95 4.61 2.82
CA GLY L 124 -5.02 4.42 3.77
C GLY L 124 -6.37 4.97 3.35
N MET L 125 -6.67 4.86 2.07
CA MET L 125 -7.98 5.28 1.62
C MET L 125 -9.01 4.37 2.24
N ASP L 126 -8.68 3.11 2.42
CA ASP L 126 -9.60 2.15 3.00
C ASP L 126 -9.92 2.46 4.44
N ASP L 127 -9.00 3.12 5.12
CA ASP L 127 -9.16 3.50 6.50
C ASP L 127 -9.89 4.81 6.68
N PRO L 128 -10.93 4.85 7.52
CA PRO L 128 -11.61 6.12 7.74
C PRO L 128 -10.70 7.20 8.29
N GLU L 129 -9.77 6.82 9.14
CA GLU L 129 -8.85 7.80 9.71
C GLU L 129 -7.67 7.99 8.79
N ARG L 130 -7.75 7.36 7.63
CA ARG L 130 -6.83 7.63 6.54
C ARG L 130 -5.39 7.31 6.91
N GLU L 131 -5.22 6.40 7.86
CA GLU L 131 -3.89 6.00 8.28
C GLU L 131 -3.42 4.77 7.51
N VAL L 132 -2.14 4.72 7.17
CA VAL L 132 -1.58 3.52 6.55
C VAL L 132 -1.29 2.50 7.63
N LEU L 133 -1.74 1.27 7.47
CA LEU L 133 -1.65 0.29 8.55
C LEU L 133 -0.95 -0.98 8.12
N GLU L 134 -0.21 -1.58 9.05
CA GLU L 134 0.37 -2.89 8.79
C GLU L 134 -0.02 -3.89 9.86
N TRP L 135 -0.18 -5.14 9.49
CA TRP L 135 -0.40 -6.21 10.44
C TRP L 135 0.83 -6.47 11.27
N ARG L 136 0.64 -6.68 12.55
CA ARG L 136 1.73 -7.14 13.39
C ARG L 136 1.15 -8.19 14.34
N PHE L 137 1.97 -9.13 14.76
CA PHE L 137 1.53 -10.24 15.59
C PHE L 137 1.81 -9.92 17.06
N ASP L 138 0.83 -10.13 17.93
CA ASP L 138 1.05 -9.94 19.37
C ASP L 138 0.65 -11.15 20.20
N SER L 139 1.59 -11.64 21.00
CA SER L 139 1.36 -12.78 21.85
C SER L 139 0.34 -12.44 22.90
N ARG L 140 0.43 -11.20 23.37
CA ARG L 140 -0.38 -10.73 24.46
C ARG L 140 -1.87 -10.80 24.18
N LEU L 141 -2.25 -10.68 22.92
CA LEU L 141 -3.65 -10.63 22.57
C LEU L 141 -4.39 -11.90 22.96
N ALA L 142 -3.69 -13.02 23.02
CA ALA L 142 -4.29 -14.28 23.44
C ALA L 142 -4.65 -14.28 24.91
N PHE L 143 -3.79 -13.70 25.72
CA PHE L 143 -3.99 -13.58 27.15
C PHE L 143 -4.83 -12.39 27.56
N HIS L 144 -4.65 -11.26 26.90
CA HIS L 144 -5.40 -10.05 27.22
C HIS L 144 -6.28 -9.56 26.08
N HIS L 145 -7.57 -9.40 26.35
CA HIS L 145 -8.50 -8.91 25.36
C HIS L 145 -8.50 -7.40 25.32
N VAL L 146 -7.52 -6.82 24.64
CA VAL L 146 -7.31 -5.39 24.71
C VAL L 146 -8.49 -4.59 24.22
N ALA L 147 -9.17 -5.10 23.21
CA ALA L 147 -10.31 -4.40 22.64
C ALA L 147 -11.41 -4.16 23.68
N ARG L 148 -11.72 -5.19 24.46
CA ARG L 148 -12.78 -5.06 25.47
C ARG L 148 -12.44 -4.04 26.50
N GLU L 149 -11.18 -4.02 26.91
CA GLU L 149 -10.75 -3.08 27.92
C GLU L 149 -10.88 -1.66 27.41
N LEU L 150 -10.42 -1.45 26.20
CA LEU L 150 -10.39 -0.12 25.63
C LEU L 150 -11.79 0.36 25.25
N HIS L 151 -12.61 -0.54 24.71
CA HIS L 151 -13.95 -0.18 24.28
C HIS L 151 -15.05 -1.13 24.72
N PRO L 152 -15.42 -1.10 26.00
CA PRO L 152 -16.46 -1.98 26.52
C PRO L 152 -17.78 -1.80 25.79
N GLU L 153 -17.96 -0.64 25.16
CA GLU L 153 -19.19 -0.32 24.47
C GLU L 153 -19.50 -1.35 23.42
N TYR L 154 -18.44 -1.79 22.76
CA TYR L 154 -18.54 -2.75 21.68
C TYR L 154 -18.89 -4.12 22.24
N PHE L 155 -18.66 -4.27 23.53
CA PHE L 155 -18.95 -5.52 24.24
C PHE L 155 -19.97 -5.28 25.34
#